data_6PK2
#
_entry.id   6PK2
#
_cell.length_a   102.120
_cell.length_b   149.797
_cell.length_c   152.958
_cell.angle_alpha   90.000
_cell.angle_beta   90.040
_cell.angle_gamma   90.000
#
_symmetry.space_group_name_H-M   'P 1 21 1'
#
loop_
_entity.id
_entity.type
_entity.pdbx_description
1 polymer 'Propionyl-CoA carboxylase subunit beta'
2 non-polymer 2-{4-[(6-fluoro-1,3-benzothiazol-2-yl)oxy]-2-hydroxyphenyl}-N-methylacetamide
3 water water
#
_entity_poly.entity_id   1
_entity_poly.type   'polypeptide(L)'
_entity_poly.pdbx_seq_one_letter_code
;MTIMAPEAVGESLDPRDPLLRLSNFFDDGSVELLHERDRSGVLAAAGTVNGVRTIAFCTDGTVMGGAMGVEGCTHIVNAY
DTAIEDQSPIVGIWHSGGARLAEGVRALHAVGQVFEAMIRASGYIPQISVVVGFAAGGAAYGPALTDVVVMAPESRVFVT
GPDVVRSVTGEDVDMASLGGPETHHKKSGVCHIVADDELDAYDRGRRLVGLFCQQGHFDRSKAEAGDTDIHALLPESSRR
AYDVRPIVTAILDADTPFDEFQANWAPSMVVGLGRLSGRTVGVLANNPLRLGGCLNSESAEKAARFVRLCDAFGIPLVVV
VDVPGYLPGVDQEWGGVVRRGAKLLHAFGECTVPRVTLVTRKTYGGAYIAMNSRSLNATKVFAWPDAEVAVMGAKAAVGI
LHKKKLAAAPEHEREALHDQLAAEHERIAGGVDSALDIGVVDEKIDPAHTRSKLTEALAQAPARRGRHKNIPL
;
_entity_poly.pdbx_strand_id   A,B,C,D,E,F,G,H
#
loop_
_chem_comp.id
_chem_comp.type
_chem_comp.name
_chem_comp.formula
ORJ non-polymer 2-{4-[(6-fluoro-1,3-benzothiazol-2-yl)oxy]-2-hydroxyphenyl}-N-methylacetamide 'C16 H13 F N2 O3 S'
#
# COMPACT_ATOMS: atom_id res chain seq x y z
N LEU A 13 -17.26 -75.66 -38.57
CA LEU A 13 -16.71 -75.50 -37.23
C LEU A 13 -17.77 -75.60 -36.13
N ASP A 14 -18.22 -76.82 -35.87
CA ASP A 14 -19.37 -77.16 -35.01
C ASP A 14 -19.88 -76.12 -33.98
N PRO A 15 -19.08 -75.77 -32.96
CA PRO A 15 -19.65 -74.94 -31.89
C PRO A 15 -20.22 -73.59 -32.36
N ARG A 16 -19.65 -73.05 -33.44
CA ARG A 16 -20.09 -71.78 -33.99
C ARG A 16 -21.08 -71.96 -35.14
N ASP A 17 -21.61 -73.17 -35.29
CA ASP A 17 -22.66 -73.42 -36.27
C ASP A 17 -23.94 -72.67 -35.87
N PRO A 18 -24.49 -71.86 -36.79
CA PRO A 18 -25.60 -70.96 -36.52
C PRO A 18 -26.89 -71.69 -36.14
N LEU A 19 -27.18 -72.82 -36.79
CA LEU A 19 -28.34 -73.63 -36.42
C LEU A 19 -28.24 -74.08 -34.97
N LEU A 20 -27.05 -74.49 -34.56
CA LEU A 20 -26.86 -74.97 -33.20
C LEU A 20 -27.04 -73.82 -32.21
N ARG A 21 -26.38 -72.69 -32.49
CA ARG A 21 -26.49 -71.52 -31.61
C ARG A 21 -27.95 -71.06 -31.49
N LEU A 22 -28.65 -71.03 -32.62
CA LEU A 22 -30.06 -70.68 -32.65
C LEU A 22 -30.89 -71.71 -31.90
N SER A 23 -30.45 -72.96 -31.92
CA SER A 23 -31.19 -74.04 -31.24
C SER A 23 -31.00 -73.99 -29.74
N ASN A 24 -29.78 -73.69 -29.31
CA ASN A 24 -29.50 -73.53 -27.89
C ASN A 24 -30.24 -72.34 -27.30
N PHE A 25 -30.50 -71.33 -28.13
CA PHE A 25 -31.20 -70.14 -27.67
C PHE A 25 -32.72 -70.32 -27.62
N PHE A 26 -33.29 -70.91 -28.67
CA PHE A 26 -34.74 -71.09 -28.71
C PHE A 26 -35.22 -72.23 -27.80
N ASP A 27 -36.52 -72.28 -27.54
CA ASP A 27 -37.13 -73.40 -26.84
C ASP A 27 -36.89 -74.63 -27.68
N ASP A 28 -36.55 -75.74 -27.03
CA ASP A 28 -36.31 -77.00 -27.76
C ASP A 28 -37.44 -77.33 -28.70
N GLY A 29 -37.09 -77.61 -29.95
CA GLY A 29 -38.07 -78.02 -30.95
C GLY A 29 -38.94 -76.94 -31.53
N SER A 30 -38.52 -75.68 -31.41
CA SER A 30 -39.36 -74.58 -31.93
C SER A 30 -38.74 -73.89 -33.13
N VAL A 31 -37.48 -74.18 -33.41
CA VAL A 31 -36.78 -73.52 -34.51
C VAL A 31 -37.44 -73.80 -35.86
N GLU A 32 -37.71 -72.72 -36.60
CA GLU A 32 -38.31 -72.79 -37.92
C GLU A 32 -37.65 -71.77 -38.85
N LEU A 33 -36.82 -72.27 -39.76
CA LEU A 33 -35.97 -71.42 -40.59
C LEU A 33 -36.78 -70.47 -41.44
N LEU A 34 -36.25 -69.26 -41.64
CA LEU A 34 -36.97 -68.23 -42.39
C LEU A 34 -36.55 -68.27 -43.85
N HIS A 35 -35.48 -69.02 -44.12
CA HIS A 35 -34.95 -69.19 -45.45
C HIS A 35 -34.08 -70.43 -45.42
N GLU A 36 -33.68 -70.92 -46.59
CA GLU A 36 -32.81 -72.08 -46.67
C GLU A 36 -31.40 -71.73 -46.28
N ARG A 37 -30.69 -72.66 -45.65
CA ARG A 37 -29.31 -72.43 -45.28
C ARG A 37 -28.49 -72.18 -46.53
N ASP A 38 -27.32 -71.57 -46.37
CA ASP A 38 -26.48 -71.21 -47.50
C ASP A 38 -25.15 -70.76 -46.95
N ARG A 39 -24.31 -70.16 -47.78
CA ARG A 39 -23.01 -69.68 -47.29
C ARG A 39 -23.00 -68.15 -47.25
N SER A 40 -24.16 -67.56 -46.95
CA SER A 40 -24.27 -66.09 -46.89
C SER A 40 -23.55 -65.52 -45.69
N GLY A 41 -23.54 -66.29 -44.60
CA GLY A 41 -22.92 -65.82 -43.37
C GLY A 41 -23.97 -65.45 -42.33
N VAL A 42 -25.25 -65.54 -42.69
CA VAL A 42 -26.27 -65.53 -41.64
C VAL A 42 -27.36 -66.57 -41.83
N LEU A 43 -27.89 -67.04 -40.70
CA LEU A 43 -29.08 -67.87 -40.66
C LEU A 43 -30.12 -67.15 -39.80
N ALA A 44 -31.32 -67.00 -40.35
CA ALA A 44 -32.40 -66.35 -39.62
C ALA A 44 -33.51 -67.35 -39.36
N ALA A 45 -34.09 -67.29 -38.16
CA ALA A 45 -35.15 -68.22 -37.78
C ALA A 45 -36.22 -67.63 -36.88
N ALA A 46 -37.43 -68.15 -37.02
CA ALA A 46 -38.52 -67.92 -36.08
C ALA A 46 -38.46 -69.02 -35.01
N GLY A 47 -39.04 -68.75 -33.84
CA GLY A 47 -39.01 -69.69 -32.74
C GLY A 47 -39.82 -69.18 -31.56
N THR A 48 -39.61 -69.76 -30.38
CA THR A 48 -40.26 -69.30 -29.16
C THR A 48 -39.30 -69.27 -28.00
N VAL A 49 -39.56 -68.35 -27.07
CA VAL A 49 -38.78 -68.21 -25.86
C VAL A 49 -39.79 -68.23 -24.73
N ASN A 50 -39.77 -69.32 -23.95
CA ASN A 50 -40.81 -69.60 -22.98
C ASN A 50 -42.19 -69.24 -23.48
N GLY A 51 -42.50 -69.69 -24.69
CA GLY A 51 -43.81 -69.50 -25.28
C GLY A 51 -43.94 -68.26 -26.15
N VAL A 52 -43.05 -67.30 -26.00
CA VAL A 52 -43.16 -66.06 -26.75
C VAL A 52 -42.59 -66.19 -28.15
N ARG A 53 -43.40 -65.85 -29.15
CA ARG A 53 -42.94 -65.92 -30.54
C ARG A 53 -41.83 -64.90 -30.82
N THR A 54 -40.66 -65.41 -31.21
CA THR A 54 -39.43 -64.62 -31.29
C THR A 54 -38.71 -64.83 -32.61
N ILE A 55 -38.23 -63.76 -33.20
CA ILE A 55 -37.37 -63.86 -34.39
C ILE A 55 -35.90 -63.78 -33.97
N ALA A 56 -35.03 -64.55 -34.61
CA ALA A 56 -33.61 -64.45 -34.30
C ALA A 56 -32.74 -64.63 -35.54
N PHE A 57 -31.55 -64.08 -35.50
CA PHE A 57 -30.63 -64.27 -36.61
C PHE A 57 -29.22 -64.47 -36.06
N CYS A 58 -28.47 -65.35 -36.69
CA CYS A 58 -27.13 -65.68 -36.21
C CYS A 58 -26.12 -65.47 -37.30
N THR A 59 -25.04 -64.76 -37.02
CA THR A 59 -23.99 -64.64 -38.01
C THR A 59 -23.23 -65.96 -38.01
N ASP A 60 -22.74 -66.37 -39.18
CA ASP A 60 -22.12 -67.68 -39.35
C ASP A 60 -20.60 -67.57 -39.23
N GLY A 61 -20.08 -67.74 -38.02
CA GLY A 61 -18.65 -67.70 -37.76
C GLY A 61 -17.84 -68.80 -38.43
N THR A 62 -18.52 -69.79 -39.00
CA THR A 62 -17.83 -70.87 -39.73
C THR A 62 -17.64 -70.53 -41.21
N VAL A 63 -18.19 -69.41 -41.66
CA VAL A 63 -18.02 -68.94 -43.04
C VAL A 63 -17.35 -67.58 -43.08
N MET A 64 -16.08 -67.56 -43.47
CA MET A 64 -15.31 -66.32 -43.67
C MET A 64 -15.31 -65.41 -42.45
N GLY A 65 -15.21 -66.02 -41.27
CA GLY A 65 -15.17 -65.26 -40.04
C GLY A 65 -16.52 -64.67 -39.67
N GLY A 66 -17.55 -64.99 -40.44
CA GLY A 66 -18.86 -64.42 -40.21
C GLY A 66 -18.99 -63.07 -40.87
N ALA A 67 -18.03 -62.74 -41.74
CA ALA A 67 -18.04 -61.48 -42.47
C ALA A 67 -19.36 -61.25 -43.20
N MET A 68 -19.83 -60.00 -43.15
CA MET A 68 -21.15 -59.66 -43.65
C MET A 68 -21.12 -59.30 -45.12
N GLY A 69 -22.06 -59.85 -45.88
CA GLY A 69 -22.17 -59.55 -47.29
C GLY A 69 -23.61 -59.24 -47.65
N VAL A 70 -23.81 -58.83 -48.90
CA VAL A 70 -25.13 -58.48 -49.39
C VAL A 70 -26.19 -59.55 -49.09
N GLU A 71 -25.89 -60.80 -49.39
CA GLU A 71 -26.87 -61.88 -49.20
C GLU A 71 -27.23 -62.09 -47.72
N GLY A 72 -26.23 -62.10 -46.86
CA GLY A 72 -26.45 -62.27 -45.42
C GLY A 72 -27.21 -61.10 -44.83
N CYS A 73 -26.72 -59.89 -45.08
CA CYS A 73 -27.43 -58.67 -44.70
C CYS A 73 -28.89 -58.69 -45.13
N THR A 74 -29.16 -59.27 -46.30
CA THR A 74 -30.52 -59.33 -46.80
C THR A 74 -31.39 -60.21 -45.91
N HIS A 75 -30.81 -61.30 -45.41
CA HIS A 75 -31.51 -62.19 -44.51
C HIS A 75 -31.87 -61.50 -43.18
N ILE A 76 -30.94 -60.68 -42.69
CA ILE A 76 -31.17 -59.92 -41.47
C ILE A 76 -32.30 -58.91 -41.69
N VAL A 77 -32.25 -58.20 -42.82
CA VAL A 77 -33.28 -57.21 -43.13
C VAL A 77 -34.63 -57.89 -43.23
N ASN A 78 -34.69 -59.00 -43.94
CA ASN A 78 -35.93 -59.76 -44.02
C ASN A 78 -36.40 -60.20 -42.63
N ALA A 79 -35.48 -60.70 -41.81
CA ALA A 79 -35.80 -61.05 -40.43
C ALA A 79 -36.43 -59.86 -39.69
N TYR A 80 -35.79 -58.69 -39.79
CA TYR A 80 -36.33 -57.47 -39.17
C TYR A 80 -37.71 -57.14 -39.71
N ASP A 81 -37.88 -57.22 -41.02
CA ASP A 81 -39.18 -56.94 -41.65
C ASP A 81 -40.23 -57.91 -41.10
N THR A 82 -39.85 -59.17 -40.94
CA THR A 82 -40.77 -60.16 -40.39
C THR A 82 -41.15 -59.86 -38.93
N ALA A 83 -40.17 -59.58 -38.09
CA ALA A 83 -40.46 -59.31 -36.68
C ALA A 83 -41.30 -58.04 -36.52
N ILE A 84 -40.99 -57.04 -37.33
CA ILE A 84 -41.73 -55.78 -37.30
C ILE A 84 -43.19 -55.99 -37.62
N GLU A 85 -43.44 -56.68 -38.73
CA GLU A 85 -44.80 -56.99 -39.16
C GLU A 85 -45.61 -57.75 -38.10
N ASP A 86 -45.00 -58.74 -37.45
CA ASP A 86 -45.73 -59.52 -36.45
C ASP A 86 -45.60 -58.97 -35.02
N GLN A 87 -44.90 -57.83 -34.87
CA GLN A 87 -44.57 -57.27 -33.56
C GLN A 87 -43.94 -58.29 -32.59
N SER A 88 -42.89 -58.95 -33.06
CA SER A 88 -42.17 -59.93 -32.26
C SER A 88 -40.84 -59.33 -31.88
N PRO A 89 -40.31 -59.71 -30.70
CA PRO A 89 -38.93 -59.32 -30.36
C PRO A 89 -37.95 -60.01 -31.31
N ILE A 90 -36.80 -59.39 -31.51
CA ILE A 90 -35.83 -59.94 -32.44
C ILE A 90 -34.46 -59.94 -31.79
N VAL A 91 -33.82 -61.10 -31.83
CA VAL A 91 -32.55 -61.32 -31.17
C VAL A 91 -31.49 -61.61 -32.23
N GLY A 92 -30.36 -60.91 -32.14
CA GLY A 92 -29.24 -61.19 -33.02
C GLY A 92 -28.12 -61.80 -32.22
N ILE A 93 -27.55 -62.90 -32.74
CA ILE A 93 -26.38 -63.52 -32.13
C ILE A 93 -25.17 -63.19 -33.00
N TRP A 94 -24.19 -62.53 -32.40
CA TRP A 94 -23.14 -61.90 -33.18
C TRP A 94 -21.77 -62.54 -33.02
N HIS A 95 -21.15 -62.80 -34.17
CA HIS A 95 -19.78 -63.32 -34.25
C HIS A 95 -19.31 -63.01 -35.67
N SER A 96 -18.53 -61.95 -35.85
CA SER A 96 -18.26 -61.46 -37.20
C SER A 96 -17.14 -60.42 -37.27
N GLY A 97 -16.27 -60.57 -38.28
CA GLY A 97 -15.14 -59.68 -38.45
C GLY A 97 -15.45 -58.39 -39.19
N GLY A 98 -16.68 -58.27 -39.68
CA GLY A 98 -17.11 -57.05 -40.34
C GLY A 98 -17.71 -57.30 -41.71
N ALA A 99 -17.66 -56.28 -42.56
CA ALA A 99 -18.17 -56.39 -43.93
C ALA A 99 -17.19 -57.20 -44.80
N ARG A 100 -17.73 -57.97 -45.75
CA ARG A 100 -16.90 -58.67 -46.74
C ARG A 100 -16.24 -57.69 -47.72
N LEU A 101 -14.99 -57.36 -47.44
CA LEU A 101 -14.22 -56.42 -48.24
C LEU A 101 -14.23 -56.67 -49.76
N ALA A 102 -14.30 -57.94 -50.17
CA ALA A 102 -14.24 -58.24 -51.60
C ALA A 102 -15.53 -57.86 -52.32
N GLU A 103 -16.61 -57.67 -51.57
CA GLU A 103 -17.86 -57.20 -52.16
C GLU A 103 -17.87 -55.67 -52.31
N GLY A 104 -16.86 -55.01 -51.74
CA GLY A 104 -16.72 -53.57 -51.87
C GLY A 104 -17.94 -52.79 -51.37
N VAL A 105 -18.14 -51.61 -51.97
CA VAL A 105 -19.24 -50.71 -51.64
C VAL A 105 -20.61 -51.40 -51.53
N ARG A 106 -20.84 -52.43 -52.34
CA ARG A 106 -22.10 -53.16 -52.29
C ARG A 106 -22.39 -53.72 -50.89
N ALA A 107 -21.35 -54.13 -50.18
CA ALA A 107 -21.49 -54.68 -48.84
C ALA A 107 -21.68 -53.58 -47.79
N LEU A 108 -20.98 -52.47 -48.00
CA LEU A 108 -21.14 -51.28 -47.16
C LEU A 108 -22.61 -50.87 -47.16
N HIS A 109 -23.18 -50.80 -48.37
CA HIS A 109 -24.56 -50.37 -48.54
C HIS A 109 -25.53 -51.32 -47.84
N ALA A 110 -25.25 -52.61 -47.94
CA ALA A 110 -26.10 -53.64 -47.34
C ALA A 110 -26.04 -53.60 -45.81
N VAL A 111 -24.84 -53.37 -45.29
CA VAL A 111 -24.63 -53.22 -43.86
C VAL A 111 -25.46 -52.03 -43.37
N GLY A 112 -25.38 -50.92 -44.11
CA GLY A 112 -26.21 -49.76 -43.87
C GLY A 112 -27.69 -50.10 -43.82
N GLN A 113 -28.13 -51.00 -44.70
CA GLN A 113 -29.55 -51.38 -44.73
C GLN A 113 -29.92 -52.15 -43.47
N VAL A 114 -28.97 -52.90 -42.92
CA VAL A 114 -29.16 -53.54 -41.64
C VAL A 114 -29.36 -52.48 -40.55
N PHE A 115 -28.44 -51.51 -40.48
CA PHE A 115 -28.60 -50.38 -39.59
C PHE A 115 -29.99 -49.75 -39.73
N GLU A 116 -30.37 -49.44 -40.97
CA GLU A 116 -31.65 -48.77 -41.27
C GLU A 116 -32.86 -49.57 -40.76
N ALA A 117 -32.77 -50.89 -40.83
CA ALA A 117 -33.85 -51.74 -40.33
C ALA A 117 -33.92 -51.71 -38.81
N MET A 118 -32.76 -51.68 -38.16
CA MET A 118 -32.70 -51.64 -36.71
C MET A 118 -33.27 -50.33 -36.20
N ILE A 119 -33.10 -49.29 -37.01
CA ILE A 119 -33.59 -47.97 -36.65
C ILE A 119 -35.11 -47.91 -36.83
N ARG A 120 -35.63 -48.55 -37.88
CA ARG A 120 -37.08 -48.64 -38.06
C ARG A 120 -37.72 -49.37 -36.89
N ALA A 121 -37.02 -50.38 -36.36
CA ALA A 121 -37.56 -51.21 -35.28
C ALA A 121 -37.49 -50.52 -33.92
N SER A 122 -36.60 -49.55 -33.79
CA SER A 122 -36.29 -48.89 -32.53
C SER A 122 -37.52 -48.41 -31.77
N GLY A 123 -37.71 -48.91 -30.55
CA GLY A 123 -38.83 -48.49 -29.73
C GLY A 123 -40.16 -49.07 -30.19
N TYR A 124 -40.11 -49.95 -31.19
CA TYR A 124 -41.33 -50.58 -31.70
C TYR A 124 -41.37 -52.06 -31.31
N ILE A 125 -40.26 -52.77 -31.54
CA ILE A 125 -40.10 -54.12 -31.03
C ILE A 125 -38.80 -54.17 -30.23
N PRO A 126 -38.76 -54.99 -29.19
CA PRO A 126 -37.51 -55.09 -28.41
C PRO A 126 -36.43 -55.69 -29.29
N GLN A 127 -35.20 -55.19 -29.18
CA GLN A 127 -34.08 -55.73 -29.93
C GLN A 127 -32.99 -56.13 -28.97
N ILE A 128 -32.65 -57.41 -28.96
CA ILE A 128 -31.61 -57.93 -28.08
C ILE A 128 -30.43 -58.50 -28.89
N SER A 129 -29.22 -58.05 -28.56
CA SER A 129 -28.02 -58.59 -29.17
C SER A 129 -27.31 -59.49 -28.17
N VAL A 130 -26.87 -60.65 -28.66
CA VAL A 130 -26.02 -61.53 -27.87
C VAL A 130 -24.70 -61.70 -28.60
N VAL A 131 -23.64 -61.10 -28.07
CA VAL A 131 -22.35 -61.15 -28.73
C VAL A 131 -21.57 -62.32 -28.14
N VAL A 132 -21.37 -63.37 -28.94
CA VAL A 132 -20.77 -64.61 -28.45
C VAL A 132 -19.36 -64.81 -28.95
N GLY A 133 -18.87 -63.86 -29.76
CA GLY A 133 -17.54 -63.95 -30.31
C GLY A 133 -17.07 -62.57 -30.74
N PHE A 134 -15.94 -62.53 -31.43
CA PHE A 134 -15.39 -61.28 -31.95
C PHE A 134 -16.43 -60.54 -32.79
N ALA A 135 -16.55 -59.22 -32.56
CA ALA A 135 -17.50 -58.38 -33.28
C ALA A 135 -16.85 -57.04 -33.68
N ALA A 136 -16.59 -56.90 -34.97
CA ALA A 136 -15.85 -55.75 -35.49
C ALA A 136 -16.54 -55.08 -36.67
N GLY A 137 -16.14 -53.85 -36.93
CA GLY A 137 -16.68 -53.07 -38.04
C GLY A 137 -18.18 -52.88 -37.92
N GLY A 138 -18.90 -53.28 -38.96
CA GLY A 138 -20.34 -53.17 -38.95
C GLY A 138 -20.95 -54.04 -37.87
N ALA A 139 -20.25 -55.12 -37.52
CA ALA A 139 -20.77 -56.06 -36.54
C ALA A 139 -20.59 -55.54 -35.12
N ALA A 140 -19.85 -54.46 -34.96
CA ALA A 140 -19.80 -53.80 -33.67
C ALA A 140 -20.95 -52.79 -33.56
N TYR A 141 -21.26 -52.09 -34.65
CA TYR A 141 -22.26 -51.01 -34.63
C TYR A 141 -23.71 -51.53 -34.59
N GLY A 142 -23.96 -52.64 -35.29
CA GLY A 142 -25.26 -53.30 -35.25
C GLY A 142 -25.81 -53.46 -33.85
N PRO A 143 -25.11 -54.23 -32.99
CA PRO A 143 -25.48 -54.35 -31.59
C PRO A 143 -25.64 -53.00 -30.86
N ALA A 144 -24.82 -52.02 -31.20
CA ALA A 144 -24.91 -50.71 -30.56
C ALA A 144 -26.25 -50.01 -30.82
N LEU A 145 -26.93 -50.44 -31.88
CA LEU A 145 -28.23 -49.87 -32.24
C LEU A 145 -29.38 -50.60 -31.55
N THR A 146 -29.10 -51.75 -30.96
CA THR A 146 -30.16 -52.50 -30.32
C THR A 146 -30.37 -52.01 -28.89
N ASP A 147 -31.39 -52.55 -28.23
CA ASP A 147 -31.78 -52.04 -26.92
C ASP A 147 -30.93 -52.59 -25.79
N VAL A 148 -30.72 -53.91 -25.78
CA VAL A 148 -29.86 -54.52 -24.78
C VAL A 148 -28.82 -55.43 -25.43
N VAL A 149 -27.58 -55.28 -24.99
CA VAL A 149 -26.49 -56.09 -25.50
C VAL A 149 -25.93 -57.01 -24.41
N VAL A 150 -26.01 -58.32 -24.65
CA VAL A 150 -25.40 -59.34 -23.80
C VAL A 150 -24.06 -59.81 -24.38
N MET A 151 -23.01 -59.80 -23.56
CA MET A 151 -21.70 -60.24 -24.03
C MET A 151 -21.16 -61.46 -23.28
N ALA A 152 -20.81 -62.49 -24.04
CA ALA A 152 -20.10 -63.64 -23.50
C ALA A 152 -18.63 -63.28 -23.45
N PRO A 153 -17.90 -63.80 -22.45
CA PRO A 153 -16.49 -63.49 -22.25
C PRO A 153 -15.57 -63.90 -23.41
N GLU A 154 -16.00 -64.82 -24.27
CA GLU A 154 -15.23 -65.11 -25.48
C GLU A 154 -15.54 -64.10 -26.59
N SER A 155 -15.76 -62.83 -26.20
CA SER A 155 -16.09 -61.78 -27.17
C SER A 155 -15.39 -60.45 -26.85
N ARG A 156 -15.42 -59.54 -27.84
CA ARG A 156 -14.92 -58.17 -27.71
C ARG A 156 -15.51 -57.33 -28.85
N VAL A 157 -16.08 -56.17 -28.51
CA VAL A 157 -16.72 -55.30 -29.51
C VAL A 157 -15.75 -54.19 -29.95
N PHE A 158 -15.19 -54.33 -31.14
CA PHE A 158 -14.09 -53.47 -31.59
C PHE A 158 -14.31 -52.91 -33.00
N VAL A 159 -13.58 -51.86 -33.36
CA VAL A 159 -13.64 -51.35 -34.72
C VAL A 159 -12.31 -50.75 -35.16
N SER A 188 -17.40 -50.14 -20.98
CA SER A 188 -17.25 -48.82 -21.58
C SER A 188 -18.61 -48.14 -21.74
N GLY A 189 -19.69 -48.91 -21.60
CA GLY A 189 -21.04 -48.40 -21.78
C GLY A 189 -21.84 -49.16 -22.83
N VAL A 190 -21.11 -49.68 -23.82
CA VAL A 190 -21.73 -50.33 -24.97
C VAL A 190 -22.37 -51.66 -24.58
N CYS A 191 -21.69 -52.39 -23.70
CA CYS A 191 -22.18 -53.68 -23.24
C CYS A 191 -23.05 -53.52 -21.98
N HIS A 192 -24.30 -53.97 -22.04
CA HIS A 192 -25.19 -53.90 -20.88
C HIS A 192 -24.98 -55.04 -19.91
N ILE A 193 -24.87 -56.26 -20.42
CA ILE A 193 -24.78 -57.43 -19.58
C ILE A 193 -23.61 -58.32 -20.00
N VAL A 194 -22.79 -58.73 -19.04
CA VAL A 194 -21.69 -59.64 -19.29
C VAL A 194 -22.07 -61.01 -18.73
N ALA A 195 -22.09 -62.03 -19.58
CA ALA A 195 -22.46 -63.38 -19.11
C ALA A 195 -21.25 -64.23 -18.68
N ASP A 196 -21.53 -65.35 -18.01
CA ASP A 196 -20.49 -66.26 -17.57
C ASP A 196 -19.91 -67.04 -18.74
N ASP A 197 -20.78 -67.44 -19.66
CA ASP A 197 -20.39 -68.24 -20.82
C ASP A 197 -21.45 -68.09 -21.90
N GLU A 198 -21.21 -68.69 -23.06
CA GLU A 198 -22.14 -68.63 -24.17
C GLU A 198 -23.54 -69.15 -23.82
N LEU A 199 -23.62 -70.20 -23.01
CA LEU A 199 -24.93 -70.74 -22.61
C LEU A 199 -25.65 -69.81 -21.62
N ASP A 200 -24.87 -69.19 -20.74
CA ASP A 200 -25.39 -68.22 -19.80
C ASP A 200 -25.89 -66.99 -20.55
N ALA A 201 -25.16 -66.62 -21.59
CA ALA A 201 -25.57 -65.49 -22.44
C ALA A 201 -26.94 -65.74 -23.03
N TYR A 202 -27.17 -66.95 -23.53
CA TYR A 202 -28.47 -67.28 -24.11
C TYR A 202 -29.55 -67.25 -23.03
N ASP A 203 -29.15 -67.62 -21.83
CA ASP A 203 -30.12 -67.73 -20.75
C ASP A 203 -30.58 -66.32 -20.32
N ARG A 204 -29.61 -65.41 -20.19
CA ARG A 204 -29.90 -64.01 -19.94
C ARG A 204 -30.66 -63.35 -21.09
N GLY A 205 -30.31 -63.70 -22.32
CA GLY A 205 -31.05 -63.21 -23.47
C GLY A 205 -32.51 -63.63 -23.36
N ARG A 206 -32.73 -64.90 -23.01
CA ARG A 206 -34.07 -65.45 -22.90
C ARG A 206 -34.85 -64.72 -21.82
N ARG A 207 -34.18 -64.41 -20.71
CA ARG A 207 -34.87 -63.76 -19.60
C ARG A 207 -35.27 -62.36 -20.03
N LEU A 208 -34.34 -61.66 -20.68
CA LEU A 208 -34.62 -60.35 -21.25
C LEU A 208 -35.85 -60.31 -22.18
N VAL A 209 -36.06 -61.29 -23.05
CA VAL A 209 -37.28 -61.21 -23.87
C VAL A 209 -38.52 -61.48 -23.00
N GLY A 210 -38.34 -62.21 -21.91
CA GLY A 210 -39.40 -62.37 -20.94
C GLY A 210 -39.75 -61.07 -20.22
N LEU A 211 -38.73 -60.26 -19.93
CA LEU A 211 -38.93 -59.04 -19.16
C LEU A 211 -39.67 -58.01 -20.04
N PHE A 212 -39.37 -58.04 -21.33
CA PHE A 212 -39.97 -57.11 -22.29
C PHE A 212 -41.31 -57.57 -22.82
N CYS A 213 -41.48 -58.87 -22.98
CA CYS A 213 -42.65 -59.40 -23.69
C CYS A 213 -43.66 -60.12 -22.82
N GLN A 214 -43.26 -60.46 -21.60
CA GLN A 214 -44.20 -60.95 -20.59
C GLN A 214 -44.03 -60.08 -19.35
N GLN A 215 -44.53 -58.85 -19.44
CA GLN A 215 -44.34 -57.88 -18.37
C GLN A 215 -45.20 -58.15 -17.14
N GLY A 216 -46.29 -58.89 -17.30
CA GLY A 216 -47.16 -59.24 -16.20
C GLY A 216 -47.99 -58.09 -15.65
N HIS A 217 -48.37 -58.20 -14.39
CA HIS A 217 -49.19 -57.19 -13.75
C HIS A 217 -48.79 -57.11 -12.30
N PHE A 218 -49.10 -56.00 -11.64
CA PHE A 218 -48.79 -55.90 -10.21
C PHE A 218 -49.77 -56.75 -9.38
N ASP A 219 -49.30 -57.27 -8.26
CA ASP A 219 -50.15 -58.05 -7.36
C ASP A 219 -49.92 -57.56 -5.93
N ARG A 220 -50.95 -56.96 -5.35
CA ARG A 220 -50.84 -56.37 -4.01
C ARG A 220 -50.51 -57.40 -2.94
N SER A 221 -51.12 -58.58 -3.06
CA SER A 221 -50.90 -59.63 -2.08
C SER A 221 -49.43 -60.03 -2.07
N LYS A 222 -48.88 -60.22 -3.26
CA LYS A 222 -47.47 -60.54 -3.41
C LYS A 222 -46.56 -59.40 -2.99
N ALA A 223 -46.97 -58.17 -3.24
CA ALA A 223 -46.14 -57.03 -2.84
C ALA A 223 -45.99 -57.00 -1.32
N GLU A 224 -47.12 -57.18 -0.61
CA GLU A 224 -47.16 -57.12 0.85
C GLU A 224 -46.44 -58.31 1.52
N ALA A 225 -46.70 -59.52 1.00
CA ALA A 225 -45.99 -60.71 1.48
C ALA A 225 -44.47 -60.55 1.42
N GLY A 226 -43.97 -59.78 0.46
CA GLY A 226 -42.53 -59.60 0.32
C GLY A 226 -41.94 -58.41 1.08
N ASP A 227 -42.79 -57.70 1.82
CA ASP A 227 -42.39 -56.52 2.58
C ASP A 227 -41.43 -56.88 3.70
N THR A 228 -40.38 -56.07 3.90
CA THR A 228 -39.45 -56.18 5.02
C THR A 228 -38.99 -54.77 5.37
N ASP A 229 -38.26 -54.63 6.47
CA ASP A 229 -37.76 -53.32 6.88
C ASP A 229 -36.49 -52.97 6.10
N ILE A 230 -36.66 -52.38 4.92
CA ILE A 230 -35.56 -52.05 4.05
C ILE A 230 -34.59 -51.06 4.71
N HIS A 231 -35.12 -50.19 5.56
CA HIS A 231 -34.31 -49.23 6.31
C HIS A 231 -33.20 -49.88 7.14
N ALA A 232 -33.44 -51.10 7.61
CA ALA A 232 -32.44 -51.79 8.40
C ALA A 232 -31.16 -52.08 7.61
N LEU A 233 -31.24 -52.01 6.28
CA LEU A 233 -30.09 -52.29 5.43
C LEU A 233 -29.11 -51.11 5.35
N LEU A 234 -29.51 -49.97 5.88
CA LEU A 234 -28.64 -48.80 5.88
C LEU A 234 -27.69 -48.87 7.05
N PRO A 235 -26.56 -48.16 6.94
CA PRO A 235 -25.65 -48.00 8.08
C PRO A 235 -26.31 -47.19 9.19
N GLU A 236 -25.78 -47.32 10.40
CA GLU A 236 -26.25 -46.55 11.55
C GLU A 236 -26.01 -45.05 11.39
N SER A 237 -24.89 -44.68 10.77
CA SER A 237 -24.56 -43.27 10.59
C SER A 237 -24.87 -42.74 9.20
N SER A 238 -25.47 -41.56 9.16
CA SER A 238 -25.83 -40.90 7.91
C SER A 238 -24.64 -40.57 7.03
N ARG A 239 -23.44 -40.62 7.60
CA ARG A 239 -22.23 -40.24 6.89
C ARG A 239 -21.59 -41.42 6.17
N ARG A 240 -22.02 -42.63 6.49
CA ARG A 240 -21.36 -43.82 5.96
C ARG A 240 -21.88 -44.26 4.59
N ALA A 241 -20.97 -44.59 3.70
CA ALA A 241 -21.34 -45.12 2.39
C ALA A 241 -21.78 -46.60 2.51
N TYR A 242 -22.53 -47.07 1.51
CA TYR A 242 -23.04 -48.45 1.46
C TYR A 242 -23.42 -48.75 0.01
N ASP A 243 -23.39 -50.01 -0.38
CA ASP A 243 -23.82 -50.41 -1.71
C ASP A 243 -25.34 -50.39 -1.70
N VAL A 244 -25.94 -49.68 -2.64
CA VAL A 244 -27.40 -49.58 -2.71
C VAL A 244 -28.05 -50.88 -3.21
N ARG A 245 -27.26 -51.73 -3.86
CA ARG A 245 -27.85 -52.92 -4.49
C ARG A 245 -28.72 -53.87 -3.61
N PRO A 246 -28.33 -54.07 -2.34
CA PRO A 246 -29.21 -54.85 -1.44
C PRO A 246 -30.56 -54.20 -1.14
N ILE A 247 -30.59 -52.88 -1.03
CA ILE A 247 -31.87 -52.17 -0.96
C ILE A 247 -32.76 -52.47 -2.18
N VAL A 248 -32.18 -52.37 -3.37
CA VAL A 248 -32.88 -52.67 -4.59
C VAL A 248 -33.44 -54.10 -4.58
N THR A 249 -32.59 -55.07 -4.25
CA THR A 249 -33.03 -56.46 -4.28
C THR A 249 -34.08 -56.77 -3.22
N ALA A 250 -34.04 -56.03 -2.12
CA ALA A 250 -35.06 -56.16 -1.06
C ALA A 250 -36.41 -55.64 -1.53
N ILE A 251 -36.40 -54.58 -2.33
CA ILE A 251 -37.64 -54.10 -2.96
C ILE A 251 -38.17 -55.08 -4.00
N LEU A 252 -37.28 -55.58 -4.85
CA LEU A 252 -37.66 -56.49 -5.93
C LEU A 252 -38.00 -57.89 -5.41
N ASP A 253 -38.70 -58.66 -6.24
CA ASP A 253 -39.12 -60.01 -5.84
C ASP A 253 -37.94 -60.90 -5.50
N ALA A 254 -37.99 -61.52 -4.33
CA ALA A 254 -36.90 -62.35 -3.82
C ALA A 254 -36.46 -63.47 -4.79
N ASP A 255 -37.41 -64.07 -5.50
CA ASP A 255 -37.08 -65.20 -6.37
C ASP A 255 -36.76 -64.82 -7.82
N THR A 256 -36.63 -63.53 -8.10
CA THR A 256 -36.31 -63.12 -9.46
C THR A 256 -34.97 -62.37 -9.49
N PRO A 257 -34.12 -62.72 -10.47
CA PRO A 257 -32.88 -61.98 -10.70
C PRO A 257 -33.12 -60.50 -10.97
N PHE A 258 -32.20 -59.67 -10.48
CA PHE A 258 -32.15 -58.28 -10.86
C PHE A 258 -31.14 -58.21 -11.98
N ASP A 259 -31.59 -57.90 -13.18
CA ASP A 259 -30.66 -57.80 -14.29
C ASP A 259 -30.08 -56.41 -14.42
N GLU A 260 -29.00 -56.16 -13.69
CA GLU A 260 -28.33 -54.86 -13.71
C GLU A 260 -27.67 -54.58 -15.06
N PHE A 261 -27.81 -53.35 -15.57
CA PHE A 261 -27.19 -52.95 -16.84
C PHE A 261 -25.92 -52.15 -16.56
N GLN A 262 -24.86 -52.43 -17.33
CA GLN A 262 -23.66 -51.61 -17.33
C GLN A 262 -23.07 -51.40 -15.94
N ALA A 263 -22.99 -52.48 -15.16
CA ALA A 263 -22.58 -52.40 -13.75
C ALA A 263 -21.24 -51.71 -13.53
N ASN A 264 -20.29 -51.93 -14.43
CA ASN A 264 -18.95 -51.37 -14.27
C ASN A 264 -18.74 -49.99 -14.91
N TRP A 265 -19.78 -49.47 -15.55
CA TRP A 265 -19.75 -48.14 -16.12
C TRP A 265 -20.64 -47.20 -15.32
N ALA A 266 -20.12 -46.03 -15.00
CA ALA A 266 -20.81 -45.04 -14.18
C ALA A 266 -21.38 -45.67 -12.90
N PRO A 267 -20.49 -46.13 -12.01
CA PRO A 267 -20.93 -46.91 -10.84
C PRO A 267 -21.58 -46.07 -9.73
N SER A 268 -21.63 -44.75 -9.89
CA SER A 268 -22.37 -43.94 -8.92
C SER A 268 -23.88 -44.09 -9.13
N MET A 269 -24.25 -44.77 -10.21
CA MET A 269 -25.65 -44.93 -10.60
C MET A 269 -25.89 -46.40 -10.92
N VAL A 270 -26.90 -46.98 -10.28
CA VAL A 270 -27.30 -48.34 -10.62
C VAL A 270 -28.61 -48.32 -11.41
N VAL A 271 -28.64 -49.04 -12.52
CA VAL A 271 -29.88 -49.22 -13.31
C VAL A 271 -30.07 -50.68 -13.71
N GLY A 272 -31.34 -51.10 -13.82
CA GLY A 272 -31.62 -52.43 -14.33
C GLY A 272 -33.06 -52.86 -14.28
N LEU A 273 -33.31 -54.05 -14.84
CA LEU A 273 -34.65 -54.61 -14.89
C LEU A 273 -34.83 -55.71 -13.85
N GLY A 274 -36.01 -55.74 -13.21
CA GLY A 274 -36.34 -56.76 -12.23
C GLY A 274 -37.85 -56.94 -12.23
N ARG A 275 -38.36 -57.71 -11.27
CA ARG A 275 -39.80 -57.85 -11.15
C ARG A 275 -40.27 -57.35 -9.79
N LEU A 276 -41.38 -56.62 -9.80
CA LEU A 276 -41.97 -56.09 -8.58
C LEU A 276 -43.38 -56.67 -8.47
N SER A 277 -43.53 -57.68 -7.62
CA SER A 277 -44.77 -58.46 -7.50
C SER A 277 -45.14 -59.10 -8.84
N GLY A 278 -44.11 -59.50 -9.59
CA GLY A 278 -44.28 -60.22 -10.84
C GLY A 278 -44.29 -59.33 -12.07
N ARG A 279 -44.38 -58.03 -11.83
CA ARG A 279 -44.45 -57.05 -12.91
C ARG A 279 -43.04 -56.54 -13.26
N THR A 280 -42.70 -56.55 -14.55
CA THR A 280 -41.42 -55.98 -14.98
C THR A 280 -41.32 -54.50 -14.61
N VAL A 281 -40.30 -54.12 -13.85
CA VAL A 281 -40.04 -52.72 -13.59
C VAL A 281 -38.59 -52.38 -13.87
N GLY A 282 -38.33 -51.11 -14.16
CA GLY A 282 -36.96 -50.63 -14.25
C GLY A 282 -36.61 -49.93 -12.96
N VAL A 283 -35.37 -50.09 -12.51
CA VAL A 283 -34.94 -49.40 -11.30
C VAL A 283 -33.78 -48.46 -11.59
N LEU A 284 -33.85 -47.22 -11.12
CA LEU A 284 -32.67 -46.36 -11.08
C LEU A 284 -32.38 -46.02 -9.63
N ALA A 285 -31.12 -46.09 -9.23
CA ALA A 285 -30.75 -45.78 -7.86
C ALA A 285 -29.33 -45.24 -7.75
N ASN A 286 -29.16 -44.12 -7.06
CA ASN A 286 -27.83 -43.63 -6.76
C ASN A 286 -27.17 -44.62 -5.81
N ASN A 287 -25.89 -44.88 -6.05
CA ASN A 287 -25.13 -45.80 -5.23
C ASN A 287 -24.08 -45.01 -4.45
N PRO A 288 -24.34 -44.80 -3.16
CA PRO A 288 -23.47 -43.96 -2.33
C PRO A 288 -22.07 -44.53 -2.16
N LEU A 289 -21.88 -45.82 -2.47
CA LEU A 289 -20.59 -46.47 -2.35
C LEU A 289 -19.54 -45.92 -3.34
N ARG A 290 -20.01 -45.36 -4.45
CA ARG A 290 -19.13 -44.84 -5.48
C ARG A 290 -19.40 -43.35 -5.65
N LEU A 291 -18.35 -42.53 -5.55
CA LEU A 291 -18.46 -41.08 -5.74
C LEU A 291 -19.51 -40.45 -4.85
N GLY A 292 -19.65 -40.95 -3.63
CA GLY A 292 -20.62 -40.40 -2.70
C GLY A 292 -22.05 -40.58 -3.16
N GLY A 293 -22.23 -41.34 -4.24
CA GLY A 293 -23.51 -41.47 -4.90
C GLY A 293 -23.84 -40.26 -5.78
N CYS A 294 -22.85 -39.44 -6.08
CA CYS A 294 -23.08 -38.22 -6.85
C CYS A 294 -23.42 -38.47 -8.31
N LEU A 295 -24.16 -37.54 -8.90
CA LEU A 295 -24.41 -37.61 -10.32
C LEU A 295 -23.18 -37.04 -11.02
N ASN A 296 -22.95 -37.52 -12.23
CA ASN A 296 -21.92 -36.92 -13.06
C ASN A 296 -22.24 -37.20 -14.51
N SER A 297 -21.33 -36.82 -15.38
CA SER A 297 -21.48 -37.04 -16.80
C SER A 297 -22.02 -38.43 -17.16
N GLU A 298 -21.29 -39.48 -16.80
CA GLU A 298 -21.68 -40.82 -17.26
C GLU A 298 -22.90 -41.37 -16.53
N SER A 299 -23.06 -41.01 -15.26
CA SER A 299 -24.21 -41.50 -14.50
C SER A 299 -25.48 -40.86 -15.05
N ALA A 300 -25.41 -39.57 -15.35
CA ALA A 300 -26.56 -38.90 -15.99
C ALA A 300 -26.92 -39.58 -17.32
N GLU A 301 -25.93 -39.85 -18.17
CA GLU A 301 -26.22 -40.47 -19.47
C GLU A 301 -26.78 -41.89 -19.32
N LYS A 302 -26.16 -42.65 -18.43
CA LYS A 302 -26.60 -43.99 -18.09
C LYS A 302 -28.07 -43.97 -17.67
N ALA A 303 -28.41 -43.09 -16.74
CA ALA A 303 -29.78 -42.97 -16.30
C ALA A 303 -30.71 -42.50 -17.43
N ALA A 304 -30.24 -41.54 -18.23
CA ALA A 304 -31.10 -41.01 -19.29
C ALA A 304 -31.44 -42.08 -20.33
N ARG A 305 -30.44 -42.83 -20.75
CA ARG A 305 -30.66 -43.89 -21.73
C ARG A 305 -31.66 -44.89 -21.19
N PHE A 306 -31.50 -45.25 -19.91
CA PHE A 306 -32.34 -46.31 -19.34
C PHE A 306 -33.79 -45.87 -19.18
N VAL A 307 -33.99 -44.60 -18.82
CA VAL A 307 -35.34 -44.03 -18.77
C VAL A 307 -36.05 -44.07 -20.11
N ARG A 308 -35.40 -43.63 -21.20
CA ARG A 308 -36.03 -43.63 -22.52
CA ARG A 308 -36.01 -43.64 -22.52
C ARG A 308 -36.34 -45.06 -22.97
N LEU A 309 -35.55 -46.03 -22.51
CA LEU A 309 -35.77 -47.42 -22.90
C LEU A 309 -37.00 -47.99 -22.22
N CYS A 310 -37.13 -47.78 -20.92
CA CYS A 310 -38.33 -48.21 -20.21
C CYS A 310 -39.57 -47.49 -20.71
N ASP A 311 -39.43 -46.20 -21.00
CA ASP A 311 -40.56 -45.42 -21.47
C ASP A 311 -41.09 -45.97 -22.81
N ALA A 312 -40.16 -46.33 -23.68
CA ALA A 312 -40.53 -46.85 -25.00
C ALA A 312 -41.35 -48.14 -24.95
N PHE A 313 -41.13 -48.99 -23.93
CA PHE A 313 -41.79 -50.31 -23.91
C PHE A 313 -42.81 -50.50 -22.81
N GLY A 314 -43.21 -49.40 -22.18
CA GLY A 314 -44.29 -49.45 -21.21
C GLY A 314 -43.88 -49.99 -19.85
N ILE A 315 -42.58 -49.87 -19.52
CA ILE A 315 -42.02 -50.38 -18.27
C ILE A 315 -41.90 -49.32 -17.16
N PRO A 316 -42.72 -49.43 -16.11
CA PRO A 316 -42.75 -48.45 -15.01
C PRO A 316 -41.40 -48.36 -14.27
N LEU A 317 -41.14 -47.22 -13.65
CA LEU A 317 -39.85 -46.97 -13.02
C LEU A 317 -39.92 -46.76 -11.51
N VAL A 318 -38.98 -47.40 -10.81
CA VAL A 318 -38.72 -47.13 -9.41
C VAL A 318 -37.40 -46.37 -9.32
N VAL A 319 -37.46 -45.14 -8.80
CA VAL A 319 -36.27 -44.31 -8.66
C VAL A 319 -35.91 -44.16 -7.18
N VAL A 320 -34.82 -44.79 -6.76
CA VAL A 320 -34.39 -44.76 -5.36
C VAL A 320 -33.34 -43.67 -5.15
N VAL A 321 -33.72 -42.62 -4.45
CA VAL A 321 -32.88 -41.43 -4.36
C VAL A 321 -32.10 -41.30 -3.05
N ASP A 322 -30.78 -41.19 -3.18
CA ASP A 322 -29.85 -40.86 -2.10
C ASP A 322 -28.64 -40.14 -2.73
N VAL A 323 -28.83 -38.87 -3.07
CA VAL A 323 -27.85 -38.13 -3.88
C VAL A 323 -27.54 -36.78 -3.26
N PRO A 324 -26.25 -36.55 -2.95
CA PRO A 324 -25.85 -35.33 -2.22
C PRO A 324 -25.34 -34.20 -3.12
N GLY A 325 -25.16 -34.47 -4.42
CA GLY A 325 -24.69 -33.47 -5.36
C GLY A 325 -24.26 -34.05 -6.69
N TYR A 326 -23.54 -33.25 -7.47
CA TYR A 326 -23.06 -33.69 -8.78
C TYR A 326 -21.62 -33.22 -9.01
N LEU A 327 -20.96 -33.78 -10.02
CA LEU A 327 -19.53 -33.64 -10.16
C LEU A 327 -19.11 -33.39 -11.59
N PRO A 328 -18.01 -32.63 -11.76
CA PRO A 328 -17.39 -32.45 -13.06
C PRO A 328 -16.43 -33.60 -13.30
N GLY A 329 -15.83 -33.66 -14.49
CA GLY A 329 -14.74 -34.58 -14.74
C GLY A 329 -13.55 -34.24 -13.85
N VAL A 330 -12.58 -35.14 -13.81
CA VAL A 330 -11.39 -34.99 -12.96
C VAL A 330 -10.61 -33.70 -13.29
N ASP A 331 -10.79 -33.21 -14.51
CA ASP A 331 -10.10 -32.05 -15.03
C ASP A 331 -10.91 -30.77 -14.88
N GLN A 332 -11.95 -30.83 -14.05
CA GLN A 332 -12.88 -29.70 -13.87
C GLN A 332 -13.68 -29.36 -15.14
N GLU A 333 -13.85 -30.34 -16.02
CA GLU A 333 -14.73 -30.17 -17.18
C GLU A 333 -16.21 -30.38 -16.79
N TRP A 334 -16.98 -29.30 -16.82
CA TRP A 334 -18.39 -29.35 -16.44
C TRP A 334 -19.31 -29.59 -17.63
N GLY A 335 -18.77 -29.47 -18.84
CA GLY A 335 -19.56 -29.60 -20.05
C GLY A 335 -20.30 -30.92 -20.18
N GLY A 336 -19.68 -31.99 -19.67
CA GLY A 336 -20.27 -33.31 -19.76
C GLY A 336 -21.52 -33.41 -18.90
N VAL A 337 -21.38 -33.07 -17.63
CA VAL A 337 -22.50 -33.22 -16.72
C VAL A 337 -23.64 -32.26 -17.10
N VAL A 338 -23.31 -31.09 -17.60
CA VAL A 338 -24.32 -30.16 -18.11
C VAL A 338 -25.13 -30.75 -19.26
N ARG A 339 -24.43 -31.15 -20.32
CA ARG A 339 -25.06 -31.74 -21.49
C ARG A 339 -25.82 -33.01 -21.14
N ARG A 340 -25.19 -33.89 -20.37
CA ARG A 340 -25.81 -35.17 -20.04
C ARG A 340 -26.92 -34.96 -19.01
N GLY A 341 -26.67 -34.06 -18.06
CA GLY A 341 -27.68 -33.73 -17.07
C GLY A 341 -28.94 -33.21 -17.74
N ALA A 342 -28.74 -32.39 -18.78
CA ALA A 342 -29.91 -31.84 -19.47
C ALA A 342 -30.64 -32.98 -20.15
N LYS A 343 -29.89 -33.95 -20.66
CA LYS A 343 -30.51 -35.08 -21.33
C LYS A 343 -31.37 -35.89 -20.36
N LEU A 344 -30.91 -35.98 -19.12
CA LEU A 344 -31.63 -36.68 -18.06
C LEU A 344 -32.92 -35.96 -17.67
N LEU A 345 -32.84 -34.63 -17.51
CA LEU A 345 -34.02 -33.80 -17.25
C LEU A 345 -35.04 -34.04 -18.35
N HIS A 346 -34.54 -34.05 -19.58
CA HIS A 346 -35.38 -34.23 -20.75
C HIS A 346 -36.02 -35.61 -20.78
N ALA A 347 -35.28 -36.63 -20.31
CA ALA A 347 -35.81 -38.00 -20.32
C ALA A 347 -36.93 -38.21 -19.29
N PHE A 348 -36.70 -37.81 -18.05
CA PHE A 348 -37.77 -37.84 -17.05
C PHE A 348 -38.93 -36.95 -17.43
N GLY A 349 -38.62 -35.72 -17.84
CA GLY A 349 -39.63 -34.76 -18.25
C GLY A 349 -40.58 -35.29 -19.30
N GLU A 350 -40.07 -35.95 -20.32
CA GLU A 350 -40.91 -36.49 -21.40
C GLU A 350 -41.48 -37.86 -21.10
N CYS A 351 -41.09 -38.43 -19.97
CA CYS A 351 -41.49 -39.81 -19.67
C CYS A 351 -43.00 -39.90 -19.39
N THR A 352 -43.64 -40.95 -19.88
CA THR A 352 -45.09 -41.10 -19.69
C THR A 352 -45.52 -42.36 -18.93
N VAL A 353 -44.60 -43.31 -18.77
CA VAL A 353 -44.89 -44.48 -17.94
C VAL A 353 -44.90 -44.06 -16.48
N PRO A 354 -45.57 -44.85 -15.61
CA PRO A 354 -45.54 -44.54 -14.18
C PRO A 354 -44.10 -44.59 -13.67
N ARG A 355 -43.75 -43.62 -12.85
CA ARG A 355 -42.41 -43.50 -12.32
C ARG A 355 -42.50 -42.94 -10.92
N VAL A 356 -42.15 -43.76 -9.93
CA VAL A 356 -42.30 -43.34 -8.56
C VAL A 356 -40.94 -43.10 -7.93
N THR A 357 -40.84 -42.14 -7.02
CA THR A 357 -39.57 -41.78 -6.40
C THR A 357 -39.56 -42.08 -4.91
N LEU A 358 -38.44 -42.64 -4.43
CA LEU A 358 -38.30 -42.92 -3.00
C LEU A 358 -37.03 -42.27 -2.50
N VAL A 359 -37.18 -41.31 -1.59
CA VAL A 359 -36.02 -40.71 -0.97
C VAL A 359 -35.70 -41.52 0.27
N THR A 360 -34.52 -42.13 0.29
CA THR A 360 -34.08 -42.95 1.43
C THR A 360 -33.40 -42.08 2.50
N ARG A 361 -32.23 -41.54 2.18
CA ARG A 361 -31.53 -40.68 3.16
C ARG A 361 -31.56 -39.18 2.81
N LYS A 362 -30.99 -38.82 1.67
CA LYS A 362 -30.91 -37.41 1.34
C LYS A 362 -31.04 -37.16 -0.16
N THR A 363 -31.49 -35.96 -0.51
CA THR A 363 -31.54 -35.57 -1.90
C THR A 363 -31.36 -34.05 -1.92
N TYR A 364 -30.31 -33.60 -2.61
CA TYR A 364 -29.81 -32.22 -2.50
C TYR A 364 -29.75 -31.48 -3.84
N GLY A 365 -30.11 -30.20 -3.81
CA GLY A 365 -29.85 -29.27 -4.90
C GLY A 365 -30.34 -29.69 -6.26
N GLY A 366 -29.50 -29.45 -7.26
CA GLY A 366 -29.83 -29.73 -8.63
C GLY A 366 -30.04 -31.20 -8.90
N ALA A 367 -29.32 -32.06 -8.17
CA ALA A 367 -29.45 -33.51 -8.35
C ALA A 367 -30.82 -33.97 -7.85
N TYR A 368 -31.32 -33.32 -6.81
CA TYR A 368 -32.67 -33.56 -6.36
C TYR A 368 -33.68 -33.36 -7.52
N ILE A 369 -33.54 -32.26 -8.26
CA ILE A 369 -34.53 -31.94 -9.28
C ILE A 369 -34.51 -33.02 -10.36
N ALA A 370 -33.29 -33.39 -10.75
CA ALA A 370 -33.04 -34.35 -11.81
C ALA A 370 -33.54 -35.76 -11.51
N MET A 371 -33.39 -36.20 -10.27
CA MET A 371 -33.79 -37.56 -9.92
C MET A 371 -35.30 -37.72 -9.76
N ASN A 372 -36.05 -37.51 -10.85
CA ASN A 372 -37.51 -37.71 -10.84
C ASN A 372 -38.26 -36.94 -9.74
N SER A 373 -38.01 -35.64 -9.65
CA SER A 373 -38.69 -34.79 -8.68
C SER A 373 -40.12 -34.51 -9.08
N ARG A 374 -40.89 -33.98 -8.13
CA ARG A 374 -42.23 -33.50 -8.42
C ARG A 374 -42.26 -32.51 -9.59
N SER A 375 -41.24 -31.65 -9.69
CA SER A 375 -41.22 -30.63 -10.76
C SER A 375 -41.15 -31.25 -12.18
N LEU A 376 -40.65 -32.48 -12.28
CA LEU A 376 -40.65 -33.17 -13.57
C LEU A 376 -41.83 -34.16 -13.70
N ASN A 377 -42.85 -33.96 -12.87
CA ASN A 377 -44.08 -34.76 -12.92
C ASN A 377 -43.90 -36.24 -12.61
N ALA A 378 -43.11 -36.53 -11.58
CA ALA A 378 -43.06 -37.87 -11.02
C ALA A 378 -44.48 -38.30 -10.63
N THR A 379 -44.78 -39.58 -10.80
CA THR A 379 -46.11 -40.10 -10.47
C THR A 379 -46.42 -39.88 -9.00
N LYS A 380 -45.46 -40.22 -8.15
CA LYS A 380 -45.58 -40.02 -6.74
C LYS A 380 -44.18 -39.97 -6.11
N VAL A 381 -44.03 -39.12 -5.09
CA VAL A 381 -42.76 -39.06 -4.37
C VAL A 381 -42.93 -39.50 -2.94
N PHE A 382 -42.16 -40.51 -2.56
CA PHE A 382 -42.21 -41.08 -1.22
C PHE A 382 -40.93 -40.74 -0.47
N ALA A 383 -41.01 -40.69 0.85
CA ALA A 383 -39.82 -40.50 1.67
C ALA A 383 -39.86 -41.31 2.96
N TRP A 384 -38.71 -41.86 3.34
CA TRP A 384 -38.53 -42.42 4.68
C TRP A 384 -38.47 -41.27 5.71
N PRO A 385 -38.96 -41.52 6.93
CA PRO A 385 -39.14 -40.46 7.94
C PRO A 385 -37.88 -39.59 8.23
N ASP A 386 -36.69 -40.19 8.24
CA ASP A 386 -35.48 -39.41 8.54
C ASP A 386 -34.78 -38.84 7.30
N ALA A 387 -35.47 -38.84 6.17
CA ALA A 387 -34.88 -38.37 4.92
C ALA A 387 -34.70 -36.85 4.91
N GLU A 388 -33.70 -36.39 4.16
CA GLU A 388 -33.54 -34.96 3.95
C GLU A 388 -33.82 -34.56 2.50
N VAL A 389 -34.63 -33.51 2.34
CA VAL A 389 -34.81 -32.89 1.04
C VAL A 389 -34.43 -31.42 1.20
N ALA A 390 -33.28 -31.04 0.66
CA ALA A 390 -32.80 -29.68 0.90
C ALA A 390 -31.91 -29.19 -0.21
N VAL A 391 -31.50 -27.92 -0.13
CA VAL A 391 -30.57 -27.37 -1.12
C VAL A 391 -29.21 -28.01 -0.95
N MET A 392 -28.83 -28.21 0.32
CA MET A 392 -27.56 -28.85 0.67
C MET A 392 -27.62 -29.10 2.17
N GLY A 393 -26.59 -29.76 2.71
CA GLY A 393 -26.53 -30.00 4.15
C GLY A 393 -26.61 -28.69 4.92
N ALA A 394 -27.15 -28.74 6.12
CA ALA A 394 -27.45 -27.54 6.89
C ALA A 394 -26.18 -26.76 7.19
N LYS A 395 -25.16 -27.47 7.63
CA LYS A 395 -23.88 -26.86 7.96
C LYS A 395 -23.29 -26.14 6.73
N ALA A 396 -23.36 -26.81 5.58
CA ALA A 396 -22.89 -26.18 4.34
C ALA A 396 -23.73 -24.95 4.02
N ALA A 397 -25.04 -25.08 4.16
CA ALA A 397 -25.98 -23.99 3.88
C ALA A 397 -25.71 -22.78 4.77
N VAL A 398 -25.64 -23.06 6.06
CA VAL A 398 -25.43 -22.02 7.07
C VAL A 398 -24.04 -21.38 6.90
N GLY A 399 -23.06 -22.19 6.52
CA GLY A 399 -21.72 -21.69 6.28
C GLY A 399 -21.60 -20.74 5.11
N ILE A 400 -22.63 -20.70 4.26
CA ILE A 400 -22.69 -19.74 3.16
C ILE A 400 -23.53 -18.51 3.54
N LEU A 401 -24.72 -18.77 4.05
CA LEU A 401 -25.65 -17.72 4.44
C LEU A 401 -25.11 -16.82 5.55
N HIS A 402 -24.22 -17.36 6.38
CA HIS A 402 -23.66 -16.57 7.47
C HIS A 402 -22.14 -16.57 7.51
N LYS A 403 -21.52 -16.65 6.32
CA LYS A 403 -20.07 -16.60 6.18
C LYS A 403 -19.47 -15.45 7.00
N LYS A 404 -20.08 -14.27 6.93
CA LYS A 404 -19.58 -13.10 7.65
C LYS A 404 -19.66 -13.25 9.16
N LYS A 405 -20.80 -13.72 9.68
CA LYS A 405 -20.93 -13.93 11.13
C LYS A 405 -19.94 -14.99 11.63
N LEU A 406 -19.76 -16.05 10.85
CA LEU A 406 -18.86 -17.13 11.25
C LEU A 406 -17.41 -16.65 11.29
N ALA A 407 -17.01 -15.86 10.29
CA ALA A 407 -15.63 -15.40 10.19
C ALA A 407 -15.32 -14.32 11.22
N ALA A 408 -16.36 -13.69 11.73
CA ALA A 408 -16.21 -12.64 12.73
C ALA A 408 -16.10 -13.27 14.09
N ALA A 409 -16.48 -14.54 14.19
CA ALA A 409 -16.45 -15.24 15.47
C ALA A 409 -15.02 -15.56 15.88
N PRO A 410 -14.76 -15.58 17.20
CA PRO A 410 -13.48 -16.03 17.76
C PRO A 410 -13.21 -17.47 17.35
N GLU A 411 -11.97 -17.77 16.97
CA GLU A 411 -11.61 -19.07 16.44
C GLU A 411 -12.10 -20.27 17.26
N HIS A 412 -12.02 -20.14 18.59
CA HIS A 412 -12.36 -21.26 19.45
C HIS A 412 -13.85 -21.34 19.74
N GLU A 413 -14.60 -20.36 19.23
CA GLU A 413 -16.05 -20.34 19.40
C GLU A 413 -16.79 -20.65 18.09
N ARG A 414 -16.05 -20.57 16.98
CA ARG A 414 -16.61 -20.68 15.65
C ARG A 414 -17.41 -21.95 15.38
N GLU A 415 -16.87 -23.12 15.76
CA GLU A 415 -17.53 -24.38 15.45
C GLU A 415 -18.83 -24.53 16.23
N ALA A 416 -18.82 -24.05 17.46
CA ALA A 416 -20.03 -24.10 18.29
C ALA A 416 -21.11 -23.21 17.69
N LEU A 417 -20.70 -22.03 17.19
CA LEU A 417 -21.63 -21.12 16.54
C LEU A 417 -22.15 -21.74 15.24
N HIS A 418 -21.27 -22.43 14.51
CA HIS A 418 -21.65 -23.07 13.26
C HIS A 418 -22.70 -24.15 13.51
N ASP A 419 -22.44 -24.98 14.52
CA ASP A 419 -23.35 -26.05 14.93
C ASP A 419 -24.71 -25.54 15.38
N GLN A 420 -24.71 -24.39 16.04
CA GLN A 420 -25.94 -23.85 16.58
C GLN A 420 -26.79 -23.26 15.46
N LEU A 421 -26.15 -22.57 14.54
CA LEU A 421 -26.80 -22.02 13.35
C LEU A 421 -27.39 -23.14 12.51
N ALA A 422 -26.65 -24.25 12.40
CA ALA A 422 -27.09 -25.39 11.61
C ALA A 422 -28.33 -26.05 12.22
N ALA A 423 -28.36 -26.13 13.55
CA ALA A 423 -29.48 -26.74 14.28
C ALA A 423 -30.78 -25.97 14.10
N GLU A 424 -30.69 -24.65 14.08
CA GLU A 424 -31.88 -23.83 13.85
C GLU A 424 -32.29 -23.91 12.38
N HIS A 425 -31.30 -23.94 11.50
CA HIS A 425 -31.59 -24.01 10.08
C HIS A 425 -32.35 -25.31 9.74
N GLU A 426 -31.99 -26.42 10.40
CA GLU A 426 -32.69 -27.67 10.13
C GLU A 426 -33.98 -27.85 10.95
N ARG A 427 -34.17 -27.00 11.95
CA ARG A 427 -35.43 -26.97 12.65
C ARG A 427 -36.54 -26.60 11.67
N ILE A 428 -36.21 -25.72 10.73
CA ILE A 428 -37.18 -25.10 9.83
C ILE A 428 -37.16 -25.66 8.40
N ALA A 429 -36.07 -26.35 8.04
CA ALA A 429 -35.85 -26.72 6.65
C ALA A 429 -35.10 -28.06 6.50
N GLY A 430 -35.37 -28.77 5.41
CA GLY A 430 -34.65 -29.97 5.10
C GLY A 430 -35.35 -31.28 5.41
N GLY A 431 -36.39 -31.23 6.25
CA GLY A 431 -37.04 -32.45 6.70
C GLY A 431 -38.25 -32.86 5.88
N VAL A 432 -38.72 -34.09 6.09
CA VAL A 432 -39.84 -34.61 5.30
C VAL A 432 -41.14 -33.84 5.56
N ASP A 433 -41.40 -33.51 6.82
CA ASP A 433 -42.58 -32.69 7.17
C ASP A 433 -42.61 -31.39 6.37
N SER A 434 -41.49 -30.67 6.34
CA SER A 434 -41.38 -29.47 5.54
C SER A 434 -41.61 -29.76 4.04
N ALA A 435 -41.05 -30.86 3.56
CA ALA A 435 -41.21 -31.25 2.17
C ALA A 435 -42.67 -31.60 1.84
N LEU A 436 -43.37 -32.17 2.81
CA LEU A 436 -44.80 -32.44 2.64
C LEU A 436 -45.63 -31.14 2.58
N ASP A 437 -45.25 -30.15 3.38
CA ASP A 437 -45.91 -28.84 3.38
C ASP A 437 -45.77 -28.17 2.03
N ILE A 438 -44.53 -28.11 1.55
CA ILE A 438 -44.23 -27.56 0.22
C ILE A 438 -44.95 -28.35 -0.86
N GLY A 439 -45.01 -29.67 -0.70
CA GLY A 439 -45.70 -30.52 -1.67
C GLY A 439 -44.75 -31.20 -2.67
N VAL A 440 -43.46 -31.23 -2.36
CA VAL A 440 -42.51 -31.93 -3.21
C VAL A 440 -42.35 -33.40 -2.78
N VAL A 441 -42.85 -33.72 -1.59
CA VAL A 441 -43.02 -35.11 -1.21
C VAL A 441 -44.51 -35.34 -1.01
N ASP A 442 -45.00 -36.48 -1.49
CA ASP A 442 -46.43 -36.79 -1.38
C ASP A 442 -46.77 -37.50 -0.10
N GLU A 443 -45.88 -38.38 0.37
CA GLU A 443 -46.19 -39.22 1.52
C GLU A 443 -44.92 -39.66 2.25
N LYS A 444 -44.92 -39.49 3.57
CA LYS A 444 -43.91 -40.11 4.42
C LYS A 444 -44.36 -41.54 4.72
N ILE A 445 -43.50 -42.51 4.46
CA ILE A 445 -43.90 -43.90 4.69
C ILE A 445 -43.01 -44.64 5.68
N ASP A 446 -43.58 -45.70 6.23
CA ASP A 446 -42.87 -46.63 7.08
C ASP A 446 -42.00 -47.47 6.16
N PRO A 447 -40.69 -47.47 6.40
CA PRO A 447 -39.75 -48.25 5.57
C PRO A 447 -40.16 -49.72 5.43
N ALA A 448 -40.86 -50.24 6.43
CA ALA A 448 -41.29 -51.62 6.39
C ALA A 448 -42.40 -51.86 5.36
N HIS A 449 -43.00 -50.79 4.85
CA HIS A 449 -44.02 -50.91 3.79
C HIS A 449 -43.57 -50.38 2.41
N THR A 450 -42.27 -50.21 2.26
CA THR A 450 -41.69 -49.61 1.06
C THR A 450 -42.14 -50.34 -0.18
N ARG A 451 -41.94 -51.65 -0.16
CA ARG A 451 -42.21 -52.46 -1.32
C ARG A 451 -43.68 -52.41 -1.70
N SER A 452 -44.56 -52.37 -0.72
CA SER A 452 -45.99 -52.38 -1.04
C SER A 452 -46.51 -50.97 -1.35
N LYS A 453 -45.93 -49.96 -0.72
CA LYS A 453 -46.28 -48.59 -1.05
C LYS A 453 -45.87 -48.17 -2.49
N LEU A 454 -44.64 -48.52 -2.90
CA LEU A 454 -44.23 -48.28 -4.30
C LEU A 454 -45.17 -48.99 -5.29
N THR A 455 -45.42 -50.27 -5.04
CA THR A 455 -46.32 -51.06 -5.87
C THR A 455 -47.70 -50.43 -6.02
N GLU A 456 -48.27 -50.01 -4.90
CA GLU A 456 -49.60 -49.39 -4.92
C GLU A 456 -49.61 -48.14 -5.84
N ALA A 457 -48.59 -47.30 -5.71
CA ALA A 457 -48.52 -46.09 -6.56
C ALA A 457 -48.38 -46.41 -8.05
N LEU A 458 -47.53 -47.38 -8.38
CA LEU A 458 -47.32 -47.70 -9.78
C LEU A 458 -48.56 -48.36 -10.41
N ALA A 459 -49.19 -49.24 -9.64
CA ALA A 459 -50.32 -50.01 -10.16
C ALA A 459 -51.52 -49.13 -10.48
N GLN A 460 -51.68 -48.05 -9.70
CA GLN A 460 -52.89 -47.24 -9.77
C GLN A 460 -52.72 -46.00 -10.63
N ALA A 461 -51.49 -45.78 -11.09
CA ALA A 461 -51.24 -44.70 -12.03
C ALA A 461 -51.80 -45.06 -13.42
N PRO A 462 -52.01 -44.05 -14.29
CA PRO A 462 -52.36 -44.34 -15.69
C PRO A 462 -51.15 -44.97 -16.42
N ALA A 463 -51.40 -45.89 -17.35
CA ALA A 463 -50.31 -46.48 -18.14
C ALA A 463 -49.49 -45.39 -18.83
N ARG A 464 -50.17 -44.33 -19.28
CA ARG A 464 -49.51 -43.18 -19.91
C ARG A 464 -50.03 -41.85 -19.38
N ARG A 465 -49.10 -40.95 -19.02
CA ARG A 465 -49.25 -39.47 -18.87
C ARG A 465 -48.50 -38.84 -17.67
N GLY A 466 -47.44 -38.12 -17.98
CA GLY A 466 -46.60 -37.41 -17.05
C GLY A 466 -46.04 -36.23 -17.83
N LEU B 13 -28.61 4.71 -15.85
CA LEU B 13 -29.14 3.35 -16.02
C LEU B 13 -28.06 2.28 -16.10
N ASP B 14 -28.14 1.30 -15.21
CA ASP B 14 -27.19 0.19 -15.14
C ASP B 14 -27.28 -0.70 -16.39
N PRO B 15 -26.12 -1.09 -16.94
CA PRO B 15 -26.04 -2.00 -18.10
C PRO B 15 -26.82 -3.32 -17.92
N ARG B 16 -26.86 -3.82 -16.68
CA ARG B 16 -27.53 -5.08 -16.38
C ARG B 16 -29.05 -4.97 -16.29
N ASP B 17 -29.56 -3.74 -16.35
CA ASP B 17 -31.00 -3.54 -16.28
C ASP B 17 -31.80 -4.39 -17.28
N PRO B 18 -32.74 -5.21 -16.77
CA PRO B 18 -33.46 -6.17 -17.63
C PRO B 18 -34.32 -5.53 -18.72
N LEU B 19 -34.98 -4.41 -18.43
CA LEU B 19 -35.74 -3.69 -19.46
C LEU B 19 -34.80 -3.14 -20.55
N LEU B 20 -33.64 -2.64 -20.14
CA LEU B 20 -32.67 -2.18 -21.11
C LEU B 20 -32.24 -3.33 -22.02
N ARG B 21 -31.84 -4.45 -21.42
CA ARG B 21 -31.40 -5.63 -22.19
C ARG B 21 -32.49 -6.14 -23.12
N LEU B 22 -33.73 -6.18 -22.63
CA LEU B 22 -34.85 -6.60 -23.47
C LEU B 22 -35.06 -5.63 -24.66
N SER B 23 -34.85 -4.34 -24.40
CA SER B 23 -35.11 -3.30 -25.39
C SER B 23 -34.05 -3.29 -26.47
N ASN B 24 -32.82 -3.55 -26.06
CA ASN B 24 -31.73 -3.74 -27.02
C ASN B 24 -31.97 -4.95 -27.90
N PHE B 25 -32.59 -6.00 -27.34
CA PHE B 25 -32.82 -7.21 -28.11
C PHE B 25 -33.97 -7.06 -29.11
N PHE B 26 -35.10 -6.56 -28.63
CA PHE B 26 -36.30 -6.45 -29.45
C PHE B 26 -36.21 -5.30 -30.45
N ASP B 27 -37.09 -5.34 -31.46
CA ASP B 27 -37.27 -4.20 -32.39
C ASP B 27 -37.64 -2.96 -31.58
N ASP B 28 -37.04 -1.83 -31.91
CA ASP B 28 -37.30 -0.57 -31.20
C ASP B 28 -38.79 -0.27 -31.08
N GLY B 29 -39.22 0.12 -29.88
CA GLY B 29 -40.62 0.42 -29.63
C GLY B 29 -41.59 -0.76 -29.59
N SER B 30 -41.10 -1.99 -29.76
CA SER B 30 -42.02 -3.14 -29.78
C SER B 30 -42.30 -3.77 -28.41
N VAL B 31 -41.49 -3.44 -27.41
CA VAL B 31 -41.57 -4.12 -26.11
C VAL B 31 -42.92 -3.94 -25.40
N GLU B 32 -43.51 -5.05 -24.95
CA GLU B 32 -44.72 -5.03 -24.13
C GLU B 32 -44.58 -6.04 -22.96
N LEU B 33 -44.54 -5.52 -21.75
CA LEU B 33 -44.30 -6.36 -20.57
C LEU B 33 -45.45 -7.33 -20.33
N LEU B 34 -45.11 -8.51 -19.80
CA LEU B 34 -46.10 -9.56 -19.57
C LEU B 34 -46.58 -9.55 -18.12
N HIS B 35 -45.92 -8.76 -17.29
CA HIS B 35 -46.26 -8.63 -15.89
C HIS B 35 -45.71 -7.31 -15.38
N GLU B 36 -46.21 -6.84 -14.24
CA GLU B 36 -45.67 -5.64 -13.59
C GLU B 36 -44.22 -5.88 -13.14
N ARG B 37 -43.35 -4.94 -13.45
CA ARG B 37 -41.96 -5.02 -12.97
C ARG B 37 -41.88 -5.13 -11.43
N ASP B 38 -40.93 -5.93 -10.93
CA ASP B 38 -40.86 -6.22 -9.48
C ASP B 38 -39.46 -6.61 -9.01
N ARG B 39 -39.38 -7.16 -7.80
CA ARG B 39 -38.10 -7.58 -7.24
C ARG B 39 -37.85 -9.08 -7.41
N SER B 40 -38.57 -9.72 -8.33
CA SER B 40 -38.50 -11.17 -8.47
C SER B 40 -37.20 -11.67 -9.10
N GLY B 41 -36.49 -10.80 -9.80
CA GLY B 41 -35.26 -11.21 -10.49
C GLY B 41 -35.47 -11.57 -11.97
N VAL B 42 -36.72 -11.50 -12.42
CA VAL B 42 -37.03 -11.76 -13.83
C VAL B 42 -37.98 -10.72 -14.41
N LEU B 43 -37.67 -10.24 -15.61
CA LEU B 43 -38.64 -9.46 -16.37
C LEU B 43 -38.92 -10.18 -17.70
N ALA B 44 -40.20 -10.39 -17.99
CA ALA B 44 -40.57 -11.05 -19.25
C ALA B 44 -41.47 -10.16 -20.10
N ALA B 45 -41.24 -10.17 -21.42
CA ALA B 45 -41.99 -9.33 -22.35
C ALA B 45 -42.28 -9.99 -23.69
N ALA B 46 -43.31 -9.45 -24.37
CA ALA B 46 -43.55 -9.70 -25.78
C ALA B 46 -42.91 -8.59 -26.60
N GLY B 47 -42.67 -8.86 -27.89
CA GLY B 47 -42.02 -7.91 -28.78
C GLY B 47 -41.93 -8.48 -30.19
N THR B 48 -41.17 -7.82 -31.07
CA THR B 48 -40.94 -8.37 -32.40
C THR B 48 -39.45 -8.41 -32.71
N VAL B 49 -39.07 -9.36 -33.55
CA VAL B 49 -37.70 -9.43 -34.05
C VAL B 49 -37.86 -9.41 -35.55
N ASN B 50 -37.52 -8.28 -36.17
CA ASN B 50 -37.76 -8.10 -37.61
C ASN B 50 -39.16 -8.52 -38.03
N GLY B 51 -40.15 -8.14 -37.24
CA GLY B 51 -41.53 -8.37 -37.61
C GLY B 51 -42.18 -9.57 -36.95
N VAL B 52 -41.41 -10.60 -36.62
CA VAL B 52 -42.04 -11.77 -36.02
C VAL B 52 -42.25 -11.64 -34.51
N ARG B 53 -43.44 -11.97 -34.02
CA ARG B 53 -43.80 -11.97 -32.61
C ARG B 53 -42.93 -12.91 -31.84
N THR B 54 -42.27 -12.42 -30.83
CA THR B 54 -41.33 -13.20 -30.05
C THR B 54 -41.61 -12.95 -28.58
N ILE B 55 -41.40 -13.95 -27.73
CA ILE B 55 -41.46 -13.76 -26.30
C ILE B 55 -40.04 -13.75 -25.78
N ALA B 56 -39.74 -12.90 -24.79
CA ALA B 56 -38.43 -12.95 -24.16
C ALA B 56 -38.50 -12.73 -22.66
N PHE B 57 -37.56 -13.31 -21.93
CA PHE B 57 -37.42 -13.02 -20.50
C PHE B 57 -35.98 -12.73 -20.24
N CYS B 58 -35.73 -11.88 -19.25
CA CYS B 58 -34.38 -11.52 -18.88
C CYS B 58 -34.20 -11.65 -17.38
N THR B 59 -33.18 -12.39 -16.95
CA THR B 59 -32.86 -12.40 -15.52
C THR B 59 -32.31 -11.02 -15.09
N ASP B 60 -32.61 -10.63 -13.86
CA ASP B 60 -32.22 -9.31 -13.38
C ASP B 60 -30.92 -9.40 -12.59
N GLY B 61 -29.79 -9.16 -13.24
CA GLY B 61 -28.49 -9.20 -12.57
C GLY B 61 -28.29 -8.18 -11.46
N THR B 62 -29.21 -7.21 -11.35
CA THR B 62 -29.10 -6.19 -10.30
C THR B 62 -29.68 -6.65 -8.98
N VAL B 63 -30.54 -7.67 -9.02
CA VAL B 63 -31.17 -8.19 -7.80
C VAL B 63 -30.58 -9.56 -7.44
N MET B 64 -29.78 -9.60 -6.37
CA MET B 64 -29.16 -10.84 -5.88
C MET B 64 -28.35 -11.56 -6.96
N GLY B 65 -27.68 -10.80 -7.82
CA GLY B 65 -26.90 -11.38 -8.89
C GLY B 65 -27.74 -12.12 -9.93
N GLY B 66 -29.05 -11.89 -9.93
CA GLY B 66 -29.95 -12.58 -10.84
C GLY B 66 -30.38 -13.95 -10.35
N ALA B 67 -30.12 -14.26 -9.08
CA ALA B 67 -30.46 -15.56 -8.54
C ALA B 67 -31.94 -15.89 -8.75
N MET B 68 -32.22 -17.14 -9.11
CA MET B 68 -33.58 -17.55 -9.46
C MET B 68 -34.41 -17.91 -8.24
N GLY B 69 -35.57 -17.27 -8.12
CA GLY B 69 -36.45 -17.54 -6.99
C GLY B 69 -37.83 -17.96 -7.44
N VAL B 70 -38.71 -18.21 -6.46
CA VAL B 70 -40.03 -18.74 -6.78
C VAL B 70 -40.82 -17.82 -7.71
N GLU B 71 -40.80 -16.53 -7.43
CA GLU B 71 -41.64 -15.62 -8.20
C GLU B 71 -41.04 -15.34 -9.58
N GLY B 72 -39.72 -15.20 -9.64
CA GLY B 72 -39.06 -15.04 -10.92
C GLY B 72 -39.29 -16.27 -11.81
N CYS B 73 -39.13 -17.46 -11.25
CA CYS B 73 -39.37 -18.68 -12.02
C CYS B 73 -40.81 -18.74 -12.51
N THR B 74 -41.74 -18.21 -11.73
CA THR B 74 -43.13 -18.20 -12.14
C THR B 74 -43.31 -17.29 -13.37
N HIS B 75 -42.61 -16.17 -13.43
CA HIS B 75 -42.69 -15.31 -14.61
C HIS B 75 -42.16 -16.03 -15.85
N ILE B 76 -41.06 -16.76 -15.69
CA ILE B 76 -40.49 -17.53 -16.79
C ILE B 76 -41.48 -18.59 -17.30
N VAL B 77 -42.09 -19.34 -16.38
CA VAL B 77 -43.05 -20.36 -16.75
C VAL B 77 -44.26 -19.77 -17.49
N ASN B 78 -44.76 -18.63 -17.01
CA ASN B 78 -45.86 -17.94 -17.66
C ASN B 78 -45.52 -17.51 -19.08
N ALA B 79 -44.30 -16.99 -19.25
CA ALA B 79 -43.80 -16.60 -20.55
C ALA B 79 -43.73 -17.81 -21.48
N TYR B 80 -43.22 -18.93 -20.96
CA TYR B 80 -43.23 -20.16 -21.75
C TYR B 80 -44.65 -20.53 -22.15
N ASP B 81 -45.58 -20.47 -21.21
CA ASP B 81 -46.97 -20.86 -21.52
C ASP B 81 -47.58 -19.94 -22.59
N THR B 82 -47.28 -18.66 -22.47
CA THR B 82 -47.72 -17.66 -23.44
C THR B 82 -47.14 -17.99 -24.81
N ALA B 83 -45.84 -18.27 -24.86
CA ALA B 83 -45.18 -18.57 -26.11
C ALA B 83 -45.75 -19.87 -26.73
N ILE B 84 -45.89 -20.91 -25.91
CA ILE B 84 -46.45 -22.16 -26.38
C ILE B 84 -47.85 -21.98 -26.99
N GLU B 85 -48.64 -21.10 -26.39
CA GLU B 85 -49.99 -20.84 -26.87
C GLU B 85 -50.02 -20.15 -28.23
N ASP B 86 -49.19 -19.13 -28.39
CA ASP B 86 -49.17 -18.36 -29.62
C ASP B 86 -48.22 -18.97 -30.66
N GLN B 87 -47.57 -20.08 -30.30
CA GLN B 87 -46.49 -20.64 -31.10
C GLN B 87 -45.44 -19.59 -31.50
N SER B 88 -44.89 -18.90 -30.50
CA SER B 88 -43.89 -17.87 -30.77
C SER B 88 -42.54 -18.41 -30.36
N PRO B 89 -41.48 -17.95 -31.03
CA PRO B 89 -40.14 -18.24 -30.50
C PRO B 89 -39.96 -17.60 -29.13
N ILE B 90 -39.11 -18.19 -28.29
CA ILE B 90 -38.88 -17.63 -26.96
C ILE B 90 -37.39 -17.55 -26.65
N VAL B 91 -36.99 -16.35 -26.24
CA VAL B 91 -35.59 -16.02 -26.05
C VAL B 91 -35.34 -15.71 -24.58
N GLY B 92 -34.38 -16.39 -23.97
CA GLY B 92 -33.98 -16.11 -22.61
C GLY B 92 -32.64 -15.39 -22.58
N ILE B 93 -32.59 -14.28 -21.84
CA ILE B 93 -31.34 -13.56 -21.64
C ILE B 93 -30.86 -13.83 -20.23
N TRP B 94 -29.69 -14.45 -20.11
CA TRP B 94 -29.29 -15.04 -18.84
C TRP B 94 -28.12 -14.37 -18.18
N HIS B 95 -28.30 -14.05 -16.91
CA HIS B 95 -27.25 -13.48 -16.09
C HIS B 95 -27.66 -13.80 -14.66
N SER B 96 -27.09 -14.86 -14.10
CA SER B 96 -27.63 -15.42 -12.86
C SER B 96 -26.71 -16.43 -12.18
N GLY B 97 -26.61 -16.33 -10.86
CA GLY B 97 -25.79 -17.24 -10.08
C GLY B 97 -26.46 -18.57 -9.76
N GLY B 98 -27.75 -18.69 -10.08
CA GLY B 98 -28.47 -19.93 -9.87
C GLY B 98 -29.67 -19.73 -8.97
N ALA B 99 -30.06 -20.79 -8.26
CA ALA B 99 -31.23 -20.72 -7.39
C ALA B 99 -30.92 -19.88 -6.15
N ARG B 100 -31.90 -19.12 -5.65
CA ARG B 100 -31.71 -18.39 -4.39
C ARG B 100 -31.63 -19.38 -3.24
N LEU B 101 -30.45 -19.50 -2.65
CA LEU B 101 -30.21 -20.42 -1.55
C LEU B 101 -31.22 -20.24 -0.40
N ALA B 102 -31.59 -19.00 -0.11
CA ALA B 102 -32.40 -18.75 1.08
C ALA B 102 -33.88 -19.12 0.93
N GLU B 103 -34.36 -19.22 -0.31
CA GLU B 103 -35.72 -19.67 -0.52
C GLU B 103 -35.84 -21.20 -0.39
N GLY B 104 -34.69 -21.88 -0.30
CA GLY B 104 -34.66 -23.30 -0.02
C GLY B 104 -35.27 -24.16 -1.11
N VAL B 105 -35.98 -25.21 -0.70
CA VAL B 105 -36.50 -26.22 -1.60
C VAL B 105 -37.55 -25.64 -2.56
N ARG B 106 -38.35 -24.71 -2.07
CA ARG B 106 -39.29 -23.99 -2.95
C ARG B 106 -38.65 -23.41 -4.21
N ALA B 107 -37.44 -22.86 -4.07
CA ALA B 107 -36.77 -22.28 -5.24
C ALA B 107 -36.29 -23.38 -6.19
N LEU B 108 -35.74 -24.45 -5.62
CA LEU B 108 -35.39 -25.67 -6.36
C LEU B 108 -36.61 -26.16 -7.14
N HIS B 109 -37.75 -26.21 -6.47
CA HIS B 109 -38.94 -26.72 -7.10
C HIS B 109 -39.34 -25.83 -8.28
N ALA B 110 -39.29 -24.52 -8.08
CA ALA B 110 -39.68 -23.57 -9.12
C ALA B 110 -38.69 -23.61 -10.29
N VAL B 111 -37.41 -23.81 -9.98
CA VAL B 111 -36.42 -23.96 -11.04
C VAL B 111 -36.73 -25.21 -11.88
N GLY B 112 -37.08 -26.30 -11.21
CA GLY B 112 -37.51 -27.50 -11.90
C GLY B 112 -38.73 -27.27 -12.78
N GLN B 113 -39.62 -26.38 -12.35
CA GLN B 113 -40.80 -26.07 -13.14
C GLN B 113 -40.42 -25.30 -14.40
N VAL B 114 -39.31 -24.55 -14.32
CA VAL B 114 -38.76 -23.86 -15.48
C VAL B 114 -38.21 -24.90 -16.47
N PHE B 115 -37.41 -25.83 -15.98
CA PHE B 115 -36.96 -26.96 -16.78
C PHE B 115 -38.10 -27.67 -17.50
N GLU B 116 -39.17 -27.95 -16.77
CA GLU B 116 -40.30 -28.71 -17.29
C GLU B 116 -41.03 -27.97 -18.41
N ALA B 117 -41.13 -26.64 -18.29
CA ALA B 117 -41.71 -25.80 -19.33
C ALA B 117 -40.84 -25.80 -20.57
N MET B 118 -39.53 -25.76 -20.38
CA MET B 118 -38.58 -25.80 -21.50
C MET B 118 -38.68 -27.13 -22.24
N ILE B 119 -38.86 -28.21 -21.48
CA ILE B 119 -38.99 -29.53 -22.07
C ILE B 119 -40.30 -29.63 -22.84
N ARG B 120 -41.37 -29.09 -22.28
CA ARG B 120 -42.66 -29.09 -22.97
C ARG B 120 -42.54 -28.29 -24.28
N ALA B 121 -41.74 -27.23 -24.26
CA ALA B 121 -41.55 -26.43 -25.48
C ALA B 121 -40.67 -27.13 -26.50
N SER B 122 -39.94 -28.15 -26.07
CA SER B 122 -38.87 -28.71 -26.91
C SER B 122 -39.38 -29.28 -28.25
N GLY B 123 -38.79 -28.81 -29.35
CA GLY B 123 -39.20 -29.21 -30.69
C GLY B 123 -40.54 -28.64 -31.12
N TYR B 124 -41.15 -27.80 -30.28
CA TYR B 124 -42.44 -27.20 -30.59
C TYR B 124 -42.32 -25.70 -30.98
N ILE B 125 -41.62 -24.91 -30.17
CA ILE B 125 -41.26 -23.55 -30.56
C ILE B 125 -39.77 -23.43 -30.43
N PRO B 126 -39.15 -22.58 -31.26
CA PRO B 126 -37.70 -22.38 -31.13
C PRO B 126 -37.36 -21.77 -29.78
N GLN B 127 -36.25 -22.21 -29.18
CA GLN B 127 -35.77 -21.64 -27.93
C GLN B 127 -34.32 -21.17 -28.06
N ILE B 128 -34.11 -19.88 -27.85
CA ILE B 128 -32.79 -19.30 -27.94
C ILE B 128 -32.34 -18.76 -26.57
N SER B 129 -31.10 -19.04 -26.22
CA SER B 129 -30.55 -18.53 -24.96
C SER B 129 -29.45 -17.56 -25.29
N VAL B 130 -29.52 -16.36 -24.70
CA VAL B 130 -28.43 -15.41 -24.82
C VAL B 130 -27.80 -15.19 -23.45
N VAL B 131 -26.60 -15.73 -23.26
CA VAL B 131 -25.92 -15.66 -21.98
C VAL B 131 -24.96 -14.46 -21.94
N VAL B 132 -25.38 -13.40 -21.26
CA VAL B 132 -24.63 -12.15 -21.28
C VAL B 132 -23.88 -11.86 -19.98
N GLY B 133 -24.09 -12.71 -18.98
CA GLY B 133 -23.38 -12.58 -17.72
C GLY B 133 -23.13 -13.95 -17.13
N PHE B 134 -22.39 -13.99 -16.04
CA PHE B 134 -22.15 -15.23 -15.29
C PHE B 134 -23.44 -16.07 -15.16
N ALA B 135 -23.31 -17.37 -15.43
CA ALA B 135 -24.46 -18.26 -15.41
C ALA B 135 -24.08 -19.58 -14.77
N ALA B 136 -24.73 -19.91 -13.66
CA ALA B 136 -24.34 -21.06 -12.86
C ALA B 136 -25.54 -21.78 -12.25
N GLY B 137 -25.29 -23.02 -11.82
CA GLY B 137 -26.32 -23.87 -11.24
C GLY B 137 -27.47 -24.04 -12.21
N GLY B 138 -28.66 -23.68 -11.75
CA GLY B 138 -29.86 -23.83 -12.56
C GLY B 138 -29.81 -22.93 -13.78
N ALA B 139 -29.02 -21.86 -13.69
CA ALA B 139 -28.91 -20.91 -14.78
C ALA B 139 -27.94 -21.40 -15.84
N ALA B 140 -27.20 -22.45 -15.55
CA ALA B 140 -26.43 -23.08 -16.61
C ALA B 140 -27.28 -24.17 -17.27
N TYR B 141 -28.18 -24.78 -16.51
CA TYR B 141 -28.95 -25.88 -17.07
C TYR B 141 -30.12 -25.40 -17.92
N GLY B 142 -30.73 -24.30 -17.52
CA GLY B 142 -31.74 -23.64 -18.34
C GLY B 142 -31.32 -23.56 -19.80
N PRO B 143 -30.25 -22.80 -20.08
CA PRO B 143 -29.75 -22.70 -21.46
C PRO B 143 -29.44 -24.05 -22.09
N ALA B 144 -28.88 -24.96 -21.31
CA ALA B 144 -28.54 -26.29 -21.81
C ALA B 144 -29.75 -27.06 -22.36
N LEU B 145 -30.96 -26.72 -21.92
CA LEU B 145 -32.17 -27.32 -22.47
C LEU B 145 -32.73 -26.58 -23.69
N THR B 146 -32.11 -25.49 -24.11
CA THR B 146 -32.68 -24.79 -25.24
C THR B 146 -32.05 -25.31 -26.53
N ASP B 147 -32.44 -24.73 -27.66
CA ASP B 147 -31.99 -25.24 -28.94
C ASP B 147 -30.67 -24.59 -29.37
N VAL B 148 -30.53 -23.28 -29.15
CA VAL B 148 -29.28 -22.60 -29.49
C VAL B 148 -28.86 -21.64 -28.39
N VAL B 149 -27.59 -21.76 -27.99
CA VAL B 149 -27.04 -20.92 -26.94
C VAL B 149 -26.00 -19.91 -27.50
N VAL B 150 -26.27 -18.62 -27.36
CA VAL B 150 -25.30 -17.58 -27.74
C VAL B 150 -24.63 -17.02 -26.48
N MET B 151 -23.31 -16.99 -26.46
CA MET B 151 -22.59 -16.42 -25.30
C MET B 151 -21.81 -15.15 -25.61
N ALA B 152 -22.05 -14.11 -24.83
CA ALA B 152 -21.19 -12.92 -24.85
C ALA B 152 -19.93 -13.22 -24.04
N PRO B 153 -18.76 -12.75 -24.52
CA PRO B 153 -17.48 -12.93 -23.84
C PRO B 153 -17.50 -12.47 -22.37
N GLU B 154 -18.22 -11.39 -22.11
CA GLU B 154 -18.31 -10.84 -20.75
C GLU B 154 -18.93 -11.82 -19.73
N SER B 155 -19.50 -12.92 -20.23
CA SER B 155 -20.06 -13.93 -19.34
C SER B 155 -19.00 -14.96 -18.99
N LYS B 186 -13.95 -25.17 -17.50
CA LYS B 186 -14.27 -25.75 -18.82
C LYS B 186 -15.74 -26.20 -18.95
N LYS B 187 -16.40 -25.73 -20.01
CA LYS B 187 -17.76 -26.18 -20.34
C LYS B 187 -17.90 -26.42 -21.86
N SER B 188 -17.07 -27.32 -22.38
CA SER B 188 -16.98 -27.55 -23.82
C SER B 188 -18.25 -28.20 -24.42
N GLY B 189 -18.64 -27.71 -25.58
CA GLY B 189 -19.79 -28.25 -26.30
C GLY B 189 -21.13 -27.67 -25.91
N VAL B 190 -21.17 -26.82 -24.89
CA VAL B 190 -22.45 -26.35 -24.36
C VAL B 190 -22.90 -25.09 -25.09
N CYS B 191 -21.91 -24.25 -25.37
CA CYS B 191 -22.14 -23.02 -26.10
C CYS B 191 -22.13 -23.32 -27.59
N HIS B 192 -23.13 -22.83 -28.31
CA HIS B 192 -23.15 -22.99 -29.77
C HIS B 192 -22.44 -21.87 -30.49
N ILE B 193 -22.62 -20.64 -30.02
CA ILE B 193 -22.11 -19.47 -30.70
C ILE B 193 -21.45 -18.49 -29.73
N VAL B 194 -20.22 -18.10 -30.01
CA VAL B 194 -19.56 -17.04 -29.23
C VAL B 194 -19.63 -15.70 -29.98
N ALA B 195 -20.30 -14.73 -29.37
CA ALA B 195 -20.42 -13.38 -29.93
C ALA B 195 -19.20 -12.53 -29.61
N ASP B 196 -19.17 -11.33 -30.17
CA ASP B 196 -18.04 -10.42 -29.99
C ASP B 196 -18.21 -9.64 -28.69
N ASP B 197 -19.46 -9.31 -28.38
CA ASP B 197 -19.82 -8.69 -27.12
C ASP B 197 -21.33 -8.78 -26.94
N GLU B 198 -21.84 -8.12 -25.92
CA GLU B 198 -23.25 -8.25 -25.57
C GLU B 198 -24.19 -7.82 -26.69
N LEU B 199 -23.87 -6.71 -27.33
CA LEU B 199 -24.70 -6.19 -28.41
C LEU B 199 -24.69 -7.12 -29.62
N ASP B 200 -23.51 -7.62 -29.98
CA ASP B 200 -23.37 -8.61 -31.05
C ASP B 200 -24.17 -9.88 -30.71
N ALA B 201 -24.21 -10.23 -29.43
CA ALA B 201 -24.94 -11.40 -28.98
C ALA B 201 -26.43 -11.27 -29.26
N TYR B 202 -26.99 -10.09 -29.00
CA TYR B 202 -28.39 -9.83 -29.36
C TYR B 202 -28.58 -9.86 -30.87
N ASP B 203 -27.57 -9.41 -31.61
CA ASP B 203 -27.63 -9.40 -33.06
C ASP B 203 -27.67 -10.81 -33.64
N ARG B 204 -26.86 -11.71 -33.07
CA ARG B 204 -26.86 -13.10 -33.50
C ARG B 204 -28.12 -13.82 -33.09
N GLY B 205 -28.56 -13.58 -31.86
CA GLY B 205 -29.86 -14.06 -31.42
C GLY B 205 -30.99 -13.62 -32.33
N ARG B 206 -30.98 -12.36 -32.75
CA ARG B 206 -32.06 -11.85 -33.61
C ARG B 206 -32.05 -12.60 -34.93
N ARG B 207 -30.86 -12.82 -35.46
CA ARG B 207 -30.70 -13.55 -36.69
C ARG B 207 -31.20 -15.00 -36.54
N LEU B 208 -30.99 -15.57 -35.37
CA LEU B 208 -31.42 -16.96 -35.14
C LEU B 208 -32.93 -17.07 -35.16
N VAL B 209 -33.62 -16.06 -34.64
CA VAL B 209 -35.07 -16.03 -34.72
C VAL B 209 -35.52 -16.05 -36.19
N GLY B 210 -34.80 -15.33 -37.03
CA GLY B 210 -35.13 -15.25 -38.44
C GLY B 210 -34.88 -16.57 -39.15
N LEU B 211 -33.80 -17.24 -38.76
CA LEU B 211 -33.46 -18.50 -39.40
C LEU B 211 -34.52 -19.55 -39.08
N PHE B 212 -35.02 -19.52 -37.85
CA PHE B 212 -36.01 -20.50 -37.42
C PHE B 212 -37.45 -20.14 -37.77
N CYS B 213 -37.76 -18.84 -37.86
CA CYS B 213 -39.16 -18.44 -37.98
C CYS B 213 -39.50 -17.72 -39.29
N GLN B 214 -38.46 -17.38 -40.04
CA GLN B 214 -38.63 -16.93 -41.41
C GLN B 214 -37.75 -17.79 -42.31
N GLN B 215 -38.09 -19.07 -42.39
CA GLN B 215 -37.28 -20.01 -43.17
C GLN B 215 -37.31 -19.78 -44.68
N GLY B 216 -38.42 -19.25 -45.18
CA GLY B 216 -38.55 -18.96 -46.61
C GLY B 216 -38.71 -20.18 -47.51
N HIS B 217 -38.55 -19.92 -48.80
CA HIS B 217 -38.68 -20.94 -49.83
C HIS B 217 -37.38 -21.00 -50.59
N PHE B 218 -37.00 -22.17 -51.10
CA PHE B 218 -35.92 -22.24 -52.09
C PHE B 218 -36.31 -21.44 -53.33
N ASP B 219 -35.32 -20.79 -53.94
CA ASP B 219 -35.54 -20.03 -55.17
C ASP B 219 -34.53 -20.47 -56.23
N ARG B 220 -34.98 -21.25 -57.20
CA ARG B 220 -34.12 -21.84 -58.21
C ARG B 220 -33.32 -20.80 -59.00
N SER B 221 -33.90 -19.62 -59.20
CA SER B 221 -33.21 -18.59 -59.98
C SER B 221 -32.05 -18.00 -59.16
N LYS B 222 -32.26 -17.80 -57.87
CA LYS B 222 -31.17 -17.32 -57.02
C LYS B 222 -30.06 -18.35 -56.85
N ALA B 223 -30.44 -19.64 -56.84
CA ALA B 223 -29.46 -20.73 -56.79
C ALA B 223 -28.47 -20.60 -57.94
N GLU B 224 -29.00 -20.57 -59.16
CA GLU B 224 -28.22 -20.41 -60.39
C GLU B 224 -27.39 -19.13 -60.41
N ALA B 225 -28.00 -18.01 -60.07
CA ALA B 225 -27.28 -16.72 -60.04
C ALA B 225 -26.01 -16.77 -59.17
N GLY B 226 -26.04 -17.61 -58.12
CA GLY B 226 -24.90 -17.76 -57.22
C GLY B 226 -23.93 -18.89 -57.54
N ASP B 227 -24.22 -19.68 -58.56
CA ASP B 227 -23.32 -20.76 -58.97
C ASP B 227 -21.91 -20.26 -59.30
N THR B 228 -20.90 -20.95 -58.75
CA THR B 228 -19.50 -20.74 -59.10
C THR B 228 -18.84 -22.11 -59.14
N ASP B 229 -17.60 -22.15 -59.61
CA ASP B 229 -16.84 -23.40 -59.62
C ASP B 229 -16.24 -23.60 -58.23
N ILE B 230 -16.97 -24.34 -57.41
CA ILE B 230 -16.57 -24.56 -56.04
C ILE B 230 -15.35 -25.47 -56.00
N HIS B 231 -15.27 -26.37 -56.98
CA HIS B 231 -14.14 -27.32 -57.07
C HIS B 231 -12.80 -26.62 -57.11
N ALA B 232 -12.78 -25.39 -57.62
CA ALA B 232 -11.54 -24.63 -57.74
C ALA B 232 -10.97 -24.23 -56.39
N LEU B 233 -11.74 -24.48 -55.33
CA LEU B 233 -11.31 -24.14 -53.96
C LEU B 233 -10.54 -25.29 -53.32
N LEU B 234 -10.67 -26.47 -53.92
CA LEU B 234 -9.91 -27.63 -53.47
C LEU B 234 -8.44 -27.46 -53.83
N PRO B 235 -7.54 -28.00 -52.97
CA PRO B 235 -6.12 -28.00 -53.30
C PRO B 235 -5.82 -28.91 -54.48
N GLU B 236 -4.70 -28.67 -55.16
CA GLU B 236 -4.32 -29.43 -56.35
C GLU B 236 -4.21 -30.92 -56.05
N SER B 237 -3.47 -31.27 -55.00
CA SER B 237 -3.29 -32.67 -54.60
C SER B 237 -4.48 -33.19 -53.81
N SER B 238 -4.89 -34.42 -54.11
CA SER B 238 -6.00 -35.05 -53.40
C SER B 238 -5.56 -35.56 -52.03
N ARG B 239 -4.26 -35.51 -51.77
CA ARG B 239 -3.71 -35.96 -50.49
C ARG B 239 -3.48 -34.82 -49.51
N ARG B 240 -3.75 -33.59 -49.97
CA ARG B 240 -3.54 -32.40 -49.16
C ARG B 240 -4.78 -32.04 -48.36
N ALA B 241 -4.58 -31.58 -47.12
CA ALA B 241 -5.68 -31.17 -46.24
C ALA B 241 -6.06 -29.70 -46.48
N TYR B 242 -7.33 -29.38 -46.25
CA TYR B 242 -7.83 -28.03 -46.46
C TYR B 242 -8.94 -27.73 -45.48
N ASP B 243 -9.16 -26.45 -45.19
CA ASP B 243 -10.33 -26.01 -44.42
C ASP B 243 -11.57 -26.05 -45.33
N VAL B 244 -12.60 -26.76 -44.89
CA VAL B 244 -13.79 -26.97 -45.70
C VAL B 244 -14.70 -25.74 -45.69
N ARG B 245 -14.48 -24.83 -44.74
CA ARG B 245 -15.37 -23.68 -44.58
C ARG B 245 -15.56 -22.78 -45.82
N PRO B 246 -14.50 -22.53 -46.60
CA PRO B 246 -14.78 -21.77 -47.82
C PRO B 246 -15.66 -22.52 -48.83
N ILE B 247 -15.62 -23.85 -48.84
CA ILE B 247 -16.53 -24.64 -49.66
C ILE B 247 -17.97 -24.39 -49.22
N VAL B 248 -18.20 -24.53 -47.92
CA VAL B 248 -19.51 -24.29 -47.32
C VAL B 248 -20.01 -22.88 -47.67
N THR B 249 -19.11 -21.91 -47.54
CA THR B 249 -19.38 -20.51 -47.85
C THR B 249 -19.77 -20.24 -49.30
N ALA B 250 -19.12 -20.95 -50.22
CA ALA B 250 -19.39 -20.78 -51.65
C ALA B 250 -20.73 -21.40 -52.00
N ILE B 251 -21.12 -22.45 -51.29
CA ILE B 251 -22.42 -23.08 -51.52
C ILE B 251 -23.54 -22.19 -51.00
N LEU B 252 -23.35 -21.62 -49.82
CA LEU B 252 -24.38 -20.76 -49.23
C LEU B 252 -24.43 -19.39 -49.89
N ASP B 253 -25.53 -18.69 -49.67
CA ASP B 253 -25.74 -17.35 -50.22
C ASP B 253 -24.66 -16.38 -49.81
N ALA B 254 -24.14 -15.67 -50.80
CA ALA B 254 -22.94 -14.85 -50.66
C ALA B 254 -23.15 -13.71 -49.68
N ASP B 255 -24.38 -13.21 -49.62
CA ASP B 255 -24.74 -12.15 -48.67
C ASP B 255 -24.86 -12.66 -47.24
N THR B 256 -25.63 -13.74 -47.05
CA THR B 256 -25.98 -14.22 -45.71
C THR B 256 -24.79 -14.78 -44.93
N PRO B 257 -24.71 -14.47 -43.63
CA PRO B 257 -23.65 -15.05 -42.80
C PRO B 257 -23.86 -16.55 -42.58
N PHE B 258 -22.77 -17.27 -42.35
CA PHE B 258 -22.84 -18.67 -41.97
C PHE B 258 -22.73 -18.78 -40.44
N ASP B 259 -23.83 -19.12 -39.77
CA ASP B 259 -23.77 -19.24 -38.33
C ASP B 259 -23.30 -20.63 -37.86
N GLU B 260 -21.99 -20.75 -37.69
CA GLU B 260 -21.37 -22.01 -37.31
C GLU B 260 -21.67 -22.32 -35.87
N PHE B 261 -22.03 -23.56 -35.58
CA PHE B 261 -22.27 -23.97 -34.19
C PHE B 261 -21.02 -24.66 -33.65
N GLN B 262 -20.62 -24.30 -32.44
CA GLN B 262 -19.55 -25.02 -31.73
C GLN B 262 -18.27 -25.17 -32.55
N ALA B 263 -17.77 -24.07 -33.11
CA ALA B 263 -16.58 -24.13 -33.95
C ALA B 263 -15.40 -24.80 -33.27
N ASN B 264 -15.22 -24.60 -31.97
CA ASN B 264 -14.05 -25.12 -31.26
C ASN B 264 -14.16 -26.52 -30.67
N TRP B 265 -15.36 -27.08 -30.73
CA TRP B 265 -15.59 -28.42 -30.24
C TRP B 265 -15.72 -29.38 -31.43
N ALA B 266 -15.03 -30.52 -31.36
CA ALA B 266 -15.02 -31.51 -32.45
C ALA B 266 -14.69 -30.89 -33.82
N PRO B 267 -13.47 -30.35 -33.96
CA PRO B 267 -13.17 -29.55 -35.15
C PRO B 267 -13.05 -30.33 -36.46
N SER B 268 -13.11 -31.65 -36.42
CA SER B 268 -13.10 -32.40 -37.67
C SER B 268 -14.49 -32.36 -38.34
N MET B 269 -15.46 -31.78 -37.64
CA MET B 269 -16.81 -31.69 -38.14
C MET B 269 -17.26 -30.23 -38.09
N VAL B 270 -17.84 -29.76 -39.18
CA VAL B 270 -18.35 -28.40 -39.24
C VAL B 270 -19.86 -28.48 -39.42
N VAL B 271 -20.60 -27.80 -38.54
CA VAL B 271 -22.04 -27.70 -38.69
C VAL B 271 -22.49 -26.27 -38.44
N GLY B 272 -23.64 -25.92 -39.01
CA GLY B 272 -24.22 -24.62 -38.79
C GLY B 272 -25.40 -24.33 -39.69
N LEU B 273 -26.03 -23.19 -39.40
CA LEU B 273 -27.16 -22.74 -40.18
C LEU B 273 -26.74 -21.63 -41.13
N GLY B 274 -27.45 -21.54 -42.24
CA GLY B 274 -27.23 -20.50 -43.23
C GLY B 274 -28.41 -20.49 -44.17
N ARG B 275 -28.27 -19.79 -45.28
CA ARG B 275 -29.34 -19.78 -46.28
C ARG B 275 -28.82 -20.22 -47.64
N LEU B 276 -29.58 -21.11 -48.27
CA LEU B 276 -29.30 -21.56 -49.62
C LEU B 276 -30.45 -21.08 -50.52
N SER B 277 -30.11 -20.14 -51.41
CA SER B 277 -31.12 -19.50 -52.27
C SER B 277 -32.24 -18.86 -51.44
N GLY B 278 -31.88 -18.34 -50.27
CA GLY B 278 -32.83 -17.62 -49.42
C GLY B 278 -33.54 -18.49 -48.40
N ARG B 279 -33.39 -19.80 -48.51
CA ARG B 279 -34.07 -20.72 -47.59
C ARG B 279 -33.07 -21.20 -46.53
N THR B 280 -33.52 -21.20 -45.29
CA THR B 280 -32.69 -21.66 -44.18
C THR B 280 -32.32 -23.11 -44.38
N VAL B 281 -31.03 -23.40 -44.38
CA VAL B 281 -30.60 -24.79 -44.45
C VAL B 281 -29.59 -25.11 -43.34
N GLY B 282 -29.52 -26.39 -42.97
CA GLY B 282 -28.48 -26.86 -42.08
C GLY B 282 -27.35 -27.43 -42.91
N VAL B 283 -26.11 -27.18 -42.50
CA VAL B 283 -24.96 -27.73 -43.21
C VAL B 283 -24.14 -28.60 -42.26
N LEU B 284 -23.77 -29.80 -42.71
CA LEU B 284 -22.76 -30.61 -42.02
C LEU B 284 -21.64 -30.91 -43.02
N ALA B 285 -20.40 -30.74 -42.60
CA ALA B 285 -19.27 -30.95 -43.49
C ALA B 285 -18.04 -31.47 -42.76
N ASN B 286 -17.55 -32.64 -43.15
CA ASN B 286 -16.26 -33.10 -42.68
C ASN B 286 -15.23 -32.00 -42.95
N ASN B 287 -14.32 -31.81 -42.01
CA ASN B 287 -13.26 -30.83 -42.19
C ASN B 287 -11.88 -31.48 -42.22
N PRO B 288 -11.34 -31.75 -43.43
CA PRO B 288 -10.05 -32.40 -43.69
C PRO B 288 -8.88 -31.72 -42.97
N LEU B 289 -9.05 -30.45 -42.61
CA LEU B 289 -8.04 -29.70 -41.85
C LEU B 289 -7.76 -30.25 -40.44
N ARG B 290 -8.75 -30.89 -39.81
CA ARG B 290 -8.52 -31.45 -38.47
C ARG B 290 -8.79 -32.94 -38.44
N LEU B 291 -7.84 -33.69 -37.89
CA LEU B 291 -7.92 -35.15 -37.81
C LEU B 291 -8.13 -35.78 -39.19
N GLY B 292 -7.63 -35.12 -40.23
CA GLY B 292 -7.83 -35.59 -41.59
C GLY B 292 -9.29 -35.61 -42.00
N GLY B 293 -10.13 -34.93 -41.23
CA GLY B 293 -11.57 -34.90 -41.49
C GLY B 293 -12.28 -36.15 -41.01
N CYS B 294 -11.60 -36.96 -40.21
CA CYS B 294 -12.20 -38.18 -39.70
C CYS B 294 -13.37 -37.96 -38.74
N LEU B 295 -14.28 -38.92 -38.72
CA LEU B 295 -15.27 -39.01 -37.68
C LEU B 295 -14.62 -39.56 -36.42
N ASN B 296 -15.12 -39.12 -35.28
CA ASN B 296 -14.69 -39.66 -34.00
C ASN B 296 -15.83 -39.46 -33.03
N SER B 297 -15.58 -39.79 -31.76
CA SER B 297 -16.63 -39.75 -30.75
C SER B 297 -17.37 -38.41 -30.70
N GLU B 298 -16.63 -37.31 -30.63
CA GLU B 298 -17.31 -36.04 -30.45
C GLU B 298 -17.81 -35.40 -31.75
N SER B 299 -17.20 -35.73 -32.88
CA SER B 299 -17.74 -35.23 -34.14
C SER B 299 -19.05 -35.92 -34.50
N ALA B 300 -19.16 -37.21 -34.18
CA ALA B 300 -20.42 -37.91 -34.38
C ALA B 300 -21.51 -37.33 -33.49
N GLU B 301 -21.13 -36.94 -32.27
CA GLU B 301 -22.10 -36.37 -31.35
C GLU B 301 -22.58 -35.02 -31.84
N LYS B 302 -21.63 -34.21 -32.29
CA LYS B 302 -21.91 -32.86 -32.76
C LYS B 302 -22.84 -32.93 -33.96
N ALA B 303 -22.53 -33.81 -34.90
CA ALA B 303 -23.37 -33.97 -36.08
C ALA B 303 -24.77 -34.48 -35.72
N ALA B 304 -24.85 -35.51 -34.87
CA ALA B 304 -26.15 -36.08 -34.48
C ALA B 304 -27.08 -35.08 -33.79
N ARG B 305 -26.55 -34.25 -32.91
CA ARG B 305 -27.39 -33.30 -32.17
C ARG B 305 -27.95 -32.25 -33.13
N PHE B 306 -27.10 -31.83 -34.05
CA PHE B 306 -27.45 -30.83 -35.04
C PHE B 306 -28.50 -31.36 -36.01
N VAL B 307 -28.31 -32.58 -36.49
CA VAL B 307 -29.30 -33.24 -37.32
C VAL B 307 -30.67 -33.27 -36.66
N ARG B 308 -30.72 -33.63 -35.37
CA ARG B 308 -31.97 -33.73 -34.62
C ARG B 308 -32.63 -32.37 -34.47
N LEU B 309 -31.81 -31.33 -34.43
CA LEU B 309 -32.33 -29.97 -34.25
C LEU B 309 -33.03 -29.52 -35.53
N CYS B 310 -32.32 -29.64 -36.65
CA CYS B 310 -32.88 -29.29 -37.96
C CYS B 310 -34.15 -30.09 -38.30
N ASP B 311 -34.12 -31.37 -37.98
CA ASP B 311 -35.26 -32.24 -38.22
C ASP B 311 -36.46 -31.77 -37.42
N ALA B 312 -36.20 -31.28 -36.22
CA ALA B 312 -37.29 -30.84 -35.35
C ALA B 312 -38.02 -29.64 -35.94
N PHE B 313 -37.31 -28.78 -36.64
CA PHE B 313 -37.89 -27.52 -37.11
C PHE B 313 -38.08 -27.44 -38.62
N GLY B 314 -37.98 -28.57 -39.29
CA GLY B 314 -38.26 -28.61 -40.72
C GLY B 314 -37.17 -27.98 -41.56
N ILE B 315 -35.94 -28.00 -41.05
CA ILE B 315 -34.82 -27.39 -41.78
C ILE B 315 -34.04 -28.46 -42.56
N PRO B 316 -34.03 -28.33 -43.91
CA PRO B 316 -33.38 -29.29 -44.82
C PRO B 316 -31.87 -29.29 -44.61
N LEU B 317 -31.23 -30.43 -44.87
CA LEU B 317 -29.80 -30.57 -44.64
C LEU B 317 -29.01 -30.69 -45.92
N VAL B 318 -27.84 -30.08 -45.93
CA VAL B 318 -26.87 -30.26 -47.00
C VAL B 318 -25.68 -30.93 -46.33
N VAL B 319 -25.31 -32.11 -46.80
CA VAL B 319 -24.21 -32.85 -46.18
C VAL B 319 -23.00 -32.94 -47.12
N VAL B 320 -21.96 -32.18 -46.80
CA VAL B 320 -20.74 -32.13 -47.60
C VAL B 320 -19.66 -33.09 -47.11
N VAL B 321 -19.46 -34.16 -47.87
CA VAL B 321 -18.72 -35.32 -47.38
C VAL B 321 -17.32 -35.44 -47.95
N ASP B 322 -16.34 -35.54 -47.06
CA ASP B 322 -14.97 -35.77 -47.44
C ASP B 322 -14.30 -36.41 -46.23
N VAL B 323 -14.48 -37.71 -46.12
CA VAL B 323 -14.13 -38.42 -44.90
C VAL B 323 -13.38 -39.72 -45.24
N PRO B 324 -12.20 -39.88 -44.65
CA PRO B 324 -11.32 -41.03 -44.95
C PRO B 324 -11.52 -42.21 -43.98
N GLY B 325 -12.24 -41.97 -42.88
CA GLY B 325 -12.51 -43.03 -41.92
C GLY B 325 -12.90 -42.48 -40.55
N TYR B 326 -12.77 -43.33 -39.53
CA TYR B 326 -13.07 -42.88 -38.17
C TYR B 326 -11.97 -43.21 -37.17
N LEU B 327 -11.97 -42.49 -36.05
CA LEU B 327 -10.91 -42.59 -35.06
C LEU B 327 -11.43 -43.03 -33.71
N PRO B 328 -10.62 -43.80 -32.98
CA PRO B 328 -10.91 -44.19 -31.60
C PRO B 328 -10.55 -43.07 -30.62
N GLY B 329 -10.79 -43.30 -29.33
CA GLY B 329 -10.54 -42.28 -28.32
C GLY B 329 -9.10 -41.97 -27.98
N VAL B 330 -8.69 -42.29 -26.75
CA VAL B 330 -7.56 -41.60 -26.13
C VAL B 330 -6.13 -42.22 -26.11
N ASP B 331 -5.86 -43.44 -25.61
CA ASP B 331 -6.76 -44.56 -25.25
C ASP B 331 -7.56 -45.11 -26.41
N GLN B 332 -6.94 -46.03 -27.15
CA GLN B 332 -7.56 -46.66 -28.32
C GLN B 332 -8.87 -47.40 -28.02
N GLU B 333 -9.70 -46.78 -27.19
CA GLU B 333 -11.02 -47.29 -26.82
C GLU B 333 -12.03 -46.90 -27.90
N TRP B 334 -12.79 -47.88 -28.37
CA TRP B 334 -13.78 -47.61 -29.39
C TRP B 334 -15.15 -47.25 -28.82
N GLY B 335 -15.29 -47.34 -27.50
CA GLY B 335 -16.58 -47.14 -26.86
C GLY B 335 -17.31 -45.86 -27.24
N GLY B 336 -16.59 -44.75 -27.25
CA GLY B 336 -17.18 -43.47 -27.54
C GLY B 336 -17.65 -43.37 -28.98
N VAL B 337 -16.78 -43.77 -29.91
CA VAL B 337 -17.14 -43.69 -31.32
C VAL B 337 -18.24 -44.70 -31.68
N VAL B 338 -18.24 -45.85 -31.02
CA VAL B 338 -19.30 -46.83 -31.28
C VAL B 338 -20.65 -46.28 -30.80
N ARG B 339 -20.67 -45.72 -29.60
CA ARG B 339 -21.91 -45.19 -29.04
C ARG B 339 -22.39 -43.94 -29.77
N ARG B 340 -21.51 -42.96 -29.95
CA ARG B 340 -21.92 -41.72 -30.63
C ARG B 340 -22.20 -41.98 -32.10
N GLY B 341 -21.41 -42.84 -32.74
CA GLY B 341 -21.62 -43.17 -34.13
C GLY B 341 -22.99 -43.77 -34.33
N ALA B 342 -23.36 -44.70 -33.45
CA ALA B 342 -24.69 -45.29 -33.43
C ALA B 342 -25.77 -44.21 -33.33
N LYS B 343 -25.51 -43.20 -32.51
CA LYS B 343 -26.48 -42.12 -32.33
C LYS B 343 -26.60 -41.29 -33.60
N LEU B 344 -25.48 -41.09 -34.29
CA LEU B 344 -25.47 -40.43 -35.59
C LEU B 344 -26.28 -41.24 -36.62
N LEU B 345 -26.07 -42.56 -36.65
CA LEU B 345 -26.87 -43.44 -37.51
C LEU B 345 -28.34 -43.27 -37.24
N HIS B 346 -28.68 -43.22 -35.96
CA HIS B 346 -30.07 -43.10 -35.54
C HIS B 346 -30.66 -41.78 -35.98
N ALA B 347 -29.87 -40.71 -35.84
CA ALA B 347 -30.30 -39.37 -36.21
C ALA B 347 -30.62 -39.27 -37.71
N PHE B 348 -29.68 -39.67 -38.58
CA PHE B 348 -29.94 -39.67 -40.02
C PHE B 348 -31.08 -40.62 -40.40
N GLY B 349 -31.05 -41.84 -39.85
CA GLY B 349 -32.07 -42.84 -40.14
C GLY B 349 -33.49 -42.36 -39.94
N GLU B 350 -33.73 -41.77 -38.77
CA GLU B 350 -35.06 -41.31 -38.37
C GLU B 350 -35.42 -39.95 -38.96
N CYS B 351 -34.44 -39.27 -39.55
CA CYS B 351 -34.65 -37.93 -40.08
C CYS B 351 -35.66 -37.93 -41.22
N THR B 352 -36.58 -36.96 -41.20
CA THR B 352 -37.60 -36.87 -42.24
C THR B 352 -37.56 -35.60 -43.12
N VAL B 353 -36.67 -34.66 -42.82
CA VAL B 353 -36.52 -33.48 -43.66
C VAL B 353 -35.64 -33.85 -44.84
N PRO B 354 -35.75 -33.06 -45.92
CA PRO B 354 -34.85 -33.26 -47.06
C PRO B 354 -33.40 -33.21 -46.60
N ARG B 355 -32.59 -34.14 -47.09
CA ARG B 355 -31.17 -34.20 -46.72
C ARG B 355 -30.38 -34.78 -47.88
N VAL B 356 -29.56 -33.93 -48.47
CA VAL B 356 -28.85 -34.27 -49.68
C VAL B 356 -27.36 -34.30 -49.38
N THR B 357 -26.69 -35.29 -49.95
CA THR B 357 -25.28 -35.50 -49.71
C THR B 357 -24.50 -35.12 -50.96
N LEU B 358 -23.37 -34.46 -50.75
CA LEU B 358 -22.45 -34.15 -51.83
C LEU B 358 -21.09 -34.66 -51.43
N VAL B 359 -20.60 -35.66 -52.16
CA VAL B 359 -19.24 -36.15 -51.98
C VAL B 359 -18.29 -35.34 -52.83
N THR B 360 -17.40 -34.58 -52.19
CA THR B 360 -16.42 -33.78 -52.89
C THR B 360 -15.20 -34.59 -53.34
N ARG B 361 -14.49 -35.21 -52.39
CA ARG B 361 -13.34 -36.06 -52.72
C ARG B 361 -13.49 -37.50 -52.26
N LYS B 362 -13.40 -37.73 -50.94
CA LYS B 362 -13.41 -39.09 -50.40
C LYS B 362 -14.65 -39.41 -49.58
N THR B 363 -15.05 -40.67 -49.61
CA THR B 363 -15.98 -41.19 -48.62
C THR B 363 -15.69 -42.70 -48.46
N TYR B 364 -15.09 -43.07 -47.32
CA TYR B 364 -14.63 -44.44 -47.10
C TYR B 364 -15.35 -45.20 -46.00
N GLY B 365 -15.59 -46.48 -46.24
CA GLY B 365 -15.97 -47.43 -45.20
C GLY B 365 -17.20 -47.11 -44.37
N GLY B 366 -17.11 -47.44 -43.07
CA GLY B 366 -18.19 -47.21 -42.14
C GLY B 366 -18.58 -45.75 -42.06
N ALA B 367 -17.61 -44.84 -42.20
CA ALA B 367 -17.93 -43.42 -42.13
C ALA B 367 -18.75 -43.00 -43.34
N TYR B 368 -18.50 -43.65 -44.47
CA TYR B 368 -19.30 -43.42 -45.67
C TYR B 368 -20.79 -43.66 -45.35
N ILE B 369 -21.07 -44.72 -44.61
CA ILE B 369 -22.43 -45.11 -44.30
C ILE B 369 -23.11 -44.01 -43.47
N ALA B 370 -22.36 -43.52 -42.48
CA ALA B 370 -22.89 -42.64 -41.47
C ALA B 370 -23.16 -41.24 -42.01
N MET B 371 -22.34 -40.77 -42.94
CA MET B 371 -22.49 -39.43 -43.50
C MET B 371 -23.60 -39.37 -44.54
N ASN B 372 -24.83 -39.61 -44.10
CA ASN B 372 -26.00 -39.51 -44.95
C ASN B 372 -25.92 -40.31 -46.27
N SER B 373 -25.72 -41.61 -46.15
CA SER B 373 -25.67 -42.52 -47.30
C SER B 373 -27.06 -42.93 -47.77
N ARG B 374 -27.10 -43.54 -48.96
CA ARG B 374 -28.33 -44.01 -49.56
C ARG B 374 -29.02 -45.05 -48.66
N SER B 375 -28.22 -45.82 -47.93
CA SER B 375 -28.79 -46.87 -47.10
C SER B 375 -29.57 -46.30 -45.91
N LEU B 376 -29.15 -45.13 -45.42
CA LEU B 376 -29.94 -44.44 -44.41
C LEU B 376 -31.00 -43.50 -45.02
N ASN B 377 -31.38 -43.73 -46.29
CA ASN B 377 -32.44 -42.97 -46.96
C ASN B 377 -32.15 -41.48 -47.18
N ALA B 378 -30.90 -41.13 -47.47
CA ALA B 378 -30.55 -39.79 -47.94
C ALA B 378 -31.47 -39.39 -49.09
N THR B 379 -31.93 -38.15 -49.13
CA THR B 379 -32.87 -37.71 -50.17
C THR B 379 -32.26 -37.97 -51.55
N LYS B 380 -31.00 -37.56 -51.69
CA LYS B 380 -30.29 -37.72 -52.94
C LYS B 380 -28.81 -37.62 -52.65
N VAL B 381 -28.00 -38.36 -53.41
CA VAL B 381 -26.55 -38.35 -53.24
C VAL B 381 -25.85 -37.89 -54.50
N PHE B 382 -25.05 -36.84 -54.38
CA PHE B 382 -24.34 -36.24 -55.49
C PHE B 382 -22.87 -36.48 -55.30
N ALA B 383 -22.13 -36.47 -56.39
CA ALA B 383 -20.67 -36.58 -56.33
C ALA B 383 -20.03 -35.74 -57.43
N TRP B 384 -18.94 -35.08 -57.09
CA TRP B 384 -18.08 -34.42 -58.06
C TRP B 384 -17.36 -35.51 -58.85
N PRO B 385 -16.88 -35.19 -60.08
CA PRO B 385 -16.30 -36.20 -60.99
C PRO B 385 -15.11 -37.01 -60.45
N ASP B 386 -14.20 -36.37 -59.72
CA ASP B 386 -13.01 -37.05 -59.20
C ASP B 386 -13.21 -37.75 -57.86
N ALA B 387 -14.43 -37.73 -57.34
CA ALA B 387 -14.69 -38.27 -56.01
C ALA B 387 -14.53 -39.78 -55.91
N GLU B 388 -14.00 -40.24 -54.79
CA GLU B 388 -13.91 -41.67 -54.52
C GLU B 388 -14.92 -42.13 -53.46
N VAL B 389 -15.73 -43.11 -53.85
CA VAL B 389 -16.66 -43.78 -52.96
C VAL B 389 -16.18 -45.22 -52.88
N ALA B 390 -15.61 -45.60 -51.73
CA ALA B 390 -14.87 -46.86 -51.62
C ALA B 390 -14.80 -47.37 -50.19
N VAL B 391 -14.33 -48.60 -50.02
CA VAL B 391 -14.18 -49.16 -48.67
C VAL B 391 -12.96 -48.57 -47.95
N MET B 392 -11.88 -48.36 -48.68
CA MET B 392 -10.72 -47.66 -48.17
C MET B 392 -9.88 -47.26 -49.37
N GLY B 393 -8.69 -46.72 -49.13
CA GLY B 393 -7.74 -46.44 -50.21
C GLY B 393 -7.34 -47.70 -50.97
N ALA B 394 -7.02 -47.55 -52.25
CA ALA B 394 -6.73 -48.70 -53.12
C ALA B 394 -5.54 -49.53 -52.65
N LYS B 395 -4.47 -48.83 -52.26
CA LYS B 395 -3.29 -49.46 -51.70
C LYS B 395 -3.65 -50.28 -50.47
N ALA B 396 -4.37 -49.66 -49.54
CA ALA B 396 -4.80 -50.35 -48.33
C ALA B 396 -5.74 -51.50 -48.67
N ALA B 397 -6.66 -51.28 -49.60
CA ALA B 397 -7.64 -52.30 -49.93
C ALA B 397 -6.97 -53.57 -50.46
N VAL B 398 -6.03 -53.38 -51.38
CA VAL B 398 -5.28 -54.48 -51.98
C VAL B 398 -4.44 -55.24 -50.94
N GLY B 399 -3.81 -54.52 -50.02
CA GLY B 399 -3.00 -55.13 -48.98
C GLY B 399 -3.73 -56.18 -48.14
N ILE B 400 -5.06 -56.06 -48.07
CA ILE B 400 -5.92 -57.02 -47.37
C ILE B 400 -6.57 -58.04 -48.32
N LEU B 401 -7.12 -57.56 -49.45
CA LEU B 401 -7.75 -58.44 -50.44
C LEU B 401 -6.79 -59.49 -51.01
N HIS B 402 -5.51 -59.16 -51.03
CA HIS B 402 -4.51 -59.99 -51.68
C HIS B 402 -3.32 -60.25 -50.77
N LYS B 403 -3.57 -60.29 -49.46
CA LYS B 403 -2.46 -60.38 -48.52
C LYS B 403 -1.68 -61.70 -48.59
N LYS B 404 -2.38 -62.80 -48.81
CA LYS B 404 -1.75 -64.12 -48.90
C LYS B 404 -0.90 -64.20 -50.16
N LYS B 405 -1.43 -63.66 -51.24
CA LYS B 405 -0.73 -63.65 -52.53
C LYS B 405 0.44 -62.64 -52.52
N LEU B 406 0.26 -61.51 -51.85
CA LEU B 406 1.36 -60.58 -51.65
C LEU B 406 2.44 -61.19 -50.75
N ALA B 407 2.02 -61.93 -49.72
CA ALA B 407 2.99 -62.54 -48.81
C ALA B 407 3.81 -63.64 -49.49
N ALA B 408 3.18 -64.37 -50.40
CA ALA B 408 3.82 -65.50 -51.06
C ALA B 408 4.81 -65.08 -52.15
N ALA B 409 4.83 -63.78 -52.46
CA ALA B 409 5.71 -63.27 -53.52
C ALA B 409 7.07 -62.89 -52.96
N PRO B 410 8.14 -63.15 -53.74
CA PRO B 410 9.51 -62.81 -53.37
C PRO B 410 9.62 -61.39 -52.82
N GLU B 411 10.34 -61.21 -51.71
CA GLU B 411 10.39 -59.92 -51.01
C GLU B 411 10.85 -58.77 -51.90
N HIS B 412 11.63 -59.08 -52.94
CA HIS B 412 12.15 -58.06 -53.84
C HIS B 412 11.11 -57.59 -54.86
N GLU B 413 10.24 -58.49 -55.33
CA GLU B 413 9.24 -58.12 -56.31
C GLU B 413 7.81 -58.00 -55.75
N ARG B 414 7.70 -57.80 -54.43
CA ARG B 414 6.40 -57.68 -53.78
C ARG B 414 5.90 -56.24 -53.81
N GLU B 415 6.73 -55.30 -53.37
CA GLU B 415 6.38 -53.89 -53.31
C GLU B 415 6.07 -53.30 -54.69
N ALA B 416 6.28 -54.08 -55.74
CA ALA B 416 5.97 -53.69 -57.11
C ALA B 416 4.70 -54.39 -57.60
N LEU B 417 4.48 -55.60 -57.10
CA LEU B 417 3.22 -56.32 -57.34
C LEU B 417 2.04 -55.65 -56.64
N HIS B 418 2.31 -55.11 -55.45
CA HIS B 418 1.32 -54.40 -54.66
C HIS B 418 0.79 -53.22 -55.47
N ASP B 419 1.72 -52.47 -56.04
CA ASP B 419 1.38 -51.35 -56.91
C ASP B 419 0.60 -51.78 -58.15
N GLN B 420 0.98 -52.92 -58.73
CA GLN B 420 0.27 -53.40 -59.93
C GLN B 420 -1.18 -53.74 -59.61
N LEU B 421 -1.40 -54.45 -58.51
CA LEU B 421 -2.75 -54.88 -58.10
C LEU B 421 -3.63 -53.70 -57.68
N ALA B 422 -3.02 -52.72 -57.02
CA ALA B 422 -3.72 -51.50 -56.64
C ALA B 422 -4.18 -50.76 -57.89
N ALA B 423 -3.31 -50.73 -58.90
CA ALA B 423 -3.62 -50.10 -60.19
C ALA B 423 -4.83 -50.74 -60.89
N GLU B 424 -4.93 -52.05 -60.84
CA GLU B 424 -6.07 -52.74 -61.44
C GLU B 424 -7.34 -52.52 -60.61
N HIS B 425 -7.17 -52.53 -59.29
CA HIS B 425 -8.26 -52.29 -58.36
C HIS B 425 -8.85 -50.89 -58.56
N GLU B 426 -7.97 -49.91 -58.75
CA GLU B 426 -8.37 -48.53 -58.90
C GLU B 426 -9.15 -48.30 -60.19
N ARG B 427 -8.95 -49.19 -61.17
CA ARG B 427 -9.56 -49.04 -62.48
C ARG B 427 -10.98 -49.60 -62.53
N ILE B 428 -11.31 -50.48 -61.59
CA ILE B 428 -12.60 -51.16 -61.64
C ILE B 428 -13.49 -50.83 -60.43
N ALA B 429 -12.89 -50.28 -59.38
CA ALA B 429 -13.67 -49.93 -58.20
C ALA B 429 -13.31 -48.53 -57.67
N GLY B 430 -14.21 -47.93 -56.89
CA GLY B 430 -13.93 -46.68 -56.22
C GLY B 430 -14.42 -45.41 -56.91
N GLY B 431 -14.59 -45.46 -58.23
CA GLY B 431 -15.01 -44.30 -58.99
C GLY B 431 -16.48 -43.99 -58.88
N VAL B 432 -16.86 -42.78 -59.29
CA VAL B 432 -18.25 -42.35 -59.28
C VAL B 432 -19.08 -43.23 -60.20
N ASP B 433 -18.49 -43.56 -61.34
CA ASP B 433 -19.13 -44.42 -62.35
C ASP B 433 -19.52 -45.77 -61.74
N SER B 434 -18.59 -46.35 -60.98
CA SER B 434 -18.88 -47.57 -60.24
C SER B 434 -20.04 -47.36 -59.24
N ALA B 435 -19.93 -46.34 -58.42
CA ALA B 435 -20.96 -46.00 -57.44
C ALA B 435 -22.33 -45.75 -58.10
N LEU B 436 -22.31 -45.08 -59.24
CA LEU B 436 -23.52 -44.82 -60.02
C LEU B 436 -24.20 -46.12 -60.41
N ASP B 437 -23.40 -47.07 -60.90
CA ASP B 437 -23.90 -48.36 -61.32
C ASP B 437 -24.50 -49.12 -60.14
N ILE B 438 -23.78 -49.12 -59.04
CA ILE B 438 -24.27 -49.73 -57.81
C ILE B 438 -25.58 -49.06 -57.39
N GLY B 439 -25.62 -47.73 -57.47
CA GLY B 439 -26.82 -46.99 -57.11
C GLY B 439 -26.69 -46.20 -55.80
N VAL B 440 -25.48 -46.08 -55.27
CA VAL B 440 -25.28 -45.34 -54.02
C VAL B 440 -24.95 -43.88 -54.29
N VAL B 441 -24.64 -43.58 -55.54
CA VAL B 441 -24.65 -42.19 -55.98
C VAL B 441 -25.75 -42.06 -57.02
N ASP B 442 -26.54 -41.00 -56.90
CA ASP B 442 -27.64 -40.78 -57.82
C ASP B 442 -27.17 -40.07 -59.09
N GLU B 443 -26.22 -39.15 -58.94
CA GLU B 443 -25.81 -38.32 -60.06
C GLU B 443 -24.42 -37.72 -59.87
N LYS B 444 -23.59 -37.80 -60.90
CA LYS B 444 -22.31 -37.09 -60.94
C LYS B 444 -22.61 -35.69 -61.46
N ILE B 445 -22.02 -34.67 -60.86
CA ILE B 445 -22.35 -33.29 -61.24
C ILE B 445 -21.16 -32.38 -61.51
N ASP B 446 -21.40 -31.43 -62.41
CA ASP B 446 -20.49 -30.34 -62.68
C ASP B 446 -20.42 -29.46 -61.43
N PRO B 447 -19.23 -29.38 -60.81
CA PRO B 447 -19.06 -28.58 -59.59
C PRO B 447 -19.43 -27.12 -59.77
N ALA B 448 -19.55 -26.66 -61.01
CA ALA B 448 -19.96 -25.29 -61.26
C ALA B 448 -21.47 -25.15 -61.08
N HIS B 449 -22.16 -26.28 -61.03
CA HIS B 449 -23.61 -26.28 -60.82
C HIS B 449 -24.02 -26.87 -59.45
N THR B 450 -23.13 -26.82 -58.47
CA THR B 450 -23.42 -27.39 -57.15
C THR B 450 -24.68 -26.79 -56.50
N ARG B 451 -24.69 -25.47 -56.33
CA ARG B 451 -25.83 -24.76 -55.74
C ARG B 451 -27.18 -25.14 -56.35
N SER B 452 -27.28 -25.07 -57.68
CA SER B 452 -28.58 -25.30 -58.31
C SER B 452 -28.98 -26.77 -58.26
N LYS B 453 -28.00 -27.68 -58.40
CA LYS B 453 -28.27 -29.10 -58.21
C LYS B 453 -28.77 -29.44 -56.80
N LEU B 454 -28.08 -28.95 -55.77
CA LEU B 454 -28.53 -29.15 -54.40
C LEU B 454 -29.91 -28.57 -54.22
N THR B 455 -30.12 -27.37 -54.77
CA THR B 455 -31.38 -26.69 -54.59
C THR B 455 -32.51 -27.43 -55.30
N GLU B 456 -32.23 -27.96 -56.48
CA GLU B 456 -33.21 -28.78 -57.18
C GLU B 456 -33.57 -30.02 -56.37
N ALA B 457 -32.58 -30.72 -55.84
CA ALA B 457 -32.87 -31.94 -55.07
C ALA B 457 -33.65 -31.66 -53.76
N LEU B 458 -33.32 -30.56 -53.09
CA LEU B 458 -33.99 -30.21 -51.84
C LEU B 458 -35.44 -29.80 -52.08
N ALA B 459 -35.67 -29.01 -53.13
CA ALA B 459 -37.01 -28.59 -53.55
C ALA B 459 -37.94 -29.74 -53.93
N GLN B 460 -37.41 -30.73 -54.64
CA GLN B 460 -38.25 -31.82 -55.14
C GLN B 460 -38.67 -32.83 -54.06
N ALA B 461 -37.92 -32.88 -52.98
CA ALA B 461 -38.25 -33.77 -51.85
C ALA B 461 -39.51 -33.30 -51.12
N PRO B 462 -40.21 -34.24 -50.47
CA PRO B 462 -41.32 -33.80 -49.64
C PRO B 462 -40.78 -33.14 -48.39
N ALA B 463 -41.55 -32.25 -47.78
CA ALA B 463 -41.15 -31.66 -46.51
C ALA B 463 -40.88 -32.75 -45.46
N ARG B 464 -41.60 -33.88 -45.54
CA ARG B 464 -41.47 -34.97 -44.58
C ARG B 464 -41.65 -36.38 -45.19
N ARG B 465 -40.54 -37.09 -45.37
CA ARG B 465 -40.50 -38.53 -45.70
C ARG B 465 -39.01 -38.94 -45.83
N GLY B 466 -38.72 -40.23 -45.78
CA GLY B 466 -37.33 -40.70 -45.79
C GLY B 466 -36.87 -41.20 -44.42
N LEU C 13 25.49 10.47 15.60
CA LEU C 13 26.55 9.60 15.08
C LEU C 13 27.09 8.67 16.15
N ASP C 14 28.08 9.16 16.89
CA ASP C 14 28.74 8.49 18.03
C ASP C 14 27.98 7.43 18.86
N PRO C 15 26.69 7.66 19.22
CA PRO C 15 26.01 6.59 19.97
C PRO C 15 25.85 5.29 19.18
N ARG C 16 26.08 5.33 17.88
CA ARG C 16 26.05 4.16 17.02
C ARG C 16 27.45 3.63 16.74
N ASP C 17 28.43 4.15 17.47
CA ASP C 17 29.80 3.70 17.30
C ASP C 17 29.91 2.24 17.73
N PRO C 18 30.46 1.38 16.85
CA PRO C 18 30.45 -0.06 17.09
C PRO C 18 31.26 -0.47 18.33
N LEU C 19 32.37 0.21 18.61
CA LEU C 19 33.17 -0.12 19.78
C LEU C 19 32.36 0.21 21.04
N LEU C 20 31.65 1.32 21.01
CA LEU C 20 30.79 1.70 22.13
C LEU C 20 29.71 0.64 22.36
N ARG C 21 29.06 0.21 21.29
CA ARG C 21 28.02 -0.81 21.40
C ARG C 21 28.59 -2.13 21.95
N LEU C 22 29.68 -2.61 21.37
CA LEU C 22 30.35 -3.83 21.84
C LEU C 22 30.77 -3.75 23.32
N SER C 23 31.30 -2.60 23.73
CA SER C 23 31.73 -2.39 25.11
C SER C 23 30.58 -2.35 26.10
N ASN C 24 29.46 -1.77 25.68
CA ASN C 24 28.23 -1.84 26.47
C ASN C 24 27.69 -3.27 26.61
N PHE C 25 27.95 -4.12 25.63
CA PHE C 25 27.44 -5.48 25.71
C PHE C 25 28.34 -6.40 26.53
N PHE C 26 29.64 -6.31 26.30
CA PHE C 26 30.61 -7.14 26.99
C PHE C 26 30.84 -6.71 28.43
N ASP C 27 31.44 -7.61 29.22
CA ASP C 27 31.93 -7.27 30.56
C ASP C 27 32.96 -6.16 30.42
N ASP C 28 32.89 -5.18 31.31
CA ASP C 28 33.81 -4.04 31.26
C ASP C 28 35.25 -4.52 31.29
N GLY C 29 36.06 -3.97 30.38
CA GLY C 29 37.47 -4.29 30.30
C GLY C 29 37.82 -5.54 29.50
N SER C 30 36.80 -6.30 29.07
CA SER C 30 37.07 -7.59 28.42
C SER C 30 37.25 -7.55 26.88
N VAL C 31 36.87 -6.44 26.24
CA VAL C 31 36.93 -6.34 24.77
C VAL C 31 38.34 -6.53 24.15
N GLU C 32 38.44 -7.43 23.18
CA GLU C 32 39.64 -7.57 22.36
C GLU C 32 39.21 -7.66 20.89
N LEU C 33 39.61 -6.68 20.08
CA LEU C 33 39.22 -6.65 18.68
C LEU C 33 39.79 -7.84 17.92
N LEU C 34 39.00 -8.38 17.00
CA LEU C 34 39.46 -9.53 16.22
C LEU C 34 40.24 -9.10 14.98
N HIS C 35 40.14 -7.81 14.65
CA HIS C 35 40.79 -7.27 13.47
C HIS C 35 40.98 -5.78 13.70
N GLU C 36 41.86 -5.19 12.91
CA GLU C 36 42.06 -3.73 12.91
C GLU C 36 40.77 -3.04 12.49
N ARG C 37 40.42 -2.00 13.20
CA ARG C 37 39.27 -1.18 12.89
C ARG C 37 39.44 -0.55 11.49
N ASP C 38 38.32 -0.28 10.81
CA ASP C 38 38.36 0.19 9.42
C ASP C 38 37.03 0.77 8.93
N ARG C 39 36.84 0.82 7.62
CA ARG C 39 35.60 1.38 7.06
C ARG C 39 34.64 0.32 6.50
N SER C 40 34.57 -0.84 7.18
CA SER C 40 33.87 -2.07 6.73
C SER C 40 32.39 -2.09 6.32
N GLY C 41 31.44 -1.60 7.12
CA GLY C 41 31.57 -1.31 8.52
C GLY C 41 30.95 -2.41 9.39
N VAL C 42 31.80 -3.33 9.82
CA VAL C 42 31.52 -4.12 11.00
C VAL C 42 32.78 -4.10 11.85
N LEU C 43 32.60 -4.28 13.15
CA LEU C 43 33.71 -4.50 14.04
C LEU C 43 33.42 -5.79 14.78
N ALA C 44 34.38 -6.71 14.76
CA ALA C 44 34.24 -7.96 15.48
C ALA C 44 35.24 -8.00 16.63
N ALA C 45 34.81 -8.56 17.77
CA ALA C 45 35.67 -8.67 18.94
C ALA C 45 35.38 -9.90 19.81
N ALA C 46 36.34 -10.28 20.64
CA ALA C 46 36.12 -11.27 21.69
C ALA C 46 35.95 -10.54 23.02
N GLY C 47 35.35 -11.21 23.99
CA GLY C 47 35.17 -10.62 25.29
C GLY C 47 34.56 -11.65 26.21
N THR C 48 34.10 -11.24 27.38
CA THR C 48 33.38 -12.16 28.24
C THR C 48 32.03 -11.59 28.59
N VAL C 49 31.11 -12.51 28.87
CA VAL C 49 29.78 -12.18 29.37
C VAL C 49 29.63 -12.95 30.68
N ASN C 50 29.78 -12.24 31.79
CA ASN C 50 29.81 -12.85 33.12
C ASN C 50 30.77 -14.02 33.14
N GLY C 51 31.96 -13.81 32.57
CA GLY C 51 33.01 -14.80 32.61
C GLY C 51 33.06 -15.71 31.39
N VAL C 52 31.92 -15.87 30.74
CA VAL C 52 31.86 -16.74 29.56
C VAL C 52 32.50 -16.07 28.35
N ARG C 53 33.50 -16.73 27.78
CA ARG C 53 34.18 -16.22 26.59
C ARG C 53 33.22 -16.22 25.40
N THR C 54 33.04 -15.05 24.77
CA THR C 54 32.00 -14.82 23.77
C THR C 54 32.53 -14.02 22.58
N ILE C 55 32.09 -14.36 21.37
CA ILE C 55 32.46 -13.57 20.20
C ILE C 55 31.30 -12.68 19.85
N ALA C 56 31.57 -11.43 19.49
CA ALA C 56 30.48 -10.56 19.03
C ALA C 56 30.90 -9.71 17.84
N PHE C 57 29.93 -9.35 17.02
CA PHE C 57 30.18 -8.41 15.92
C PHE C 57 29.09 -7.36 15.88
N CYS C 58 29.48 -6.15 15.51
CA CYS C 58 28.54 -5.04 15.40
C CYS C 58 28.57 -4.45 14.00
N THR C 59 27.40 -4.28 13.39
CA THR C 59 27.35 -3.52 12.15
C THR C 59 27.57 -2.03 12.51
N ASP C 60 28.26 -1.30 11.64
CA ASP C 60 28.66 0.07 11.94
C ASP C 60 27.71 1.09 11.33
N GLY C 61 26.72 1.52 12.13
CA GLY C 61 25.73 2.48 11.65
C GLY C 61 26.31 3.80 11.17
N THR C 62 27.55 4.09 11.57
CA THR C 62 28.20 5.35 11.21
C THR C 62 28.81 5.30 9.80
N VAL C 63 28.94 4.10 9.25
CA VAL C 63 29.48 3.95 7.90
C VAL C 63 28.41 3.43 6.93
N MET C 64 28.02 4.28 5.97
CA MET C 64 26.98 3.95 4.99
C MET C 64 25.71 3.38 5.62
N GLY C 65 25.32 3.92 6.77
CA GLY C 65 24.15 3.43 7.50
C GLY C 65 24.28 1.97 7.90
N GLY C 66 25.50 1.45 7.93
CA GLY C 66 25.75 0.07 8.31
C GLY C 66 25.59 -0.94 7.20
N ALA C 67 25.53 -0.47 5.96
CA ALA C 67 25.33 -1.37 4.82
C ALA C 67 26.42 -2.44 4.70
N MET C 68 26.00 -3.68 4.46
CA MET C 68 26.92 -4.81 4.42
C MET C 68 27.66 -4.89 3.10
N GLY C 69 29.00 -4.93 3.16
CA GLY C 69 29.79 -5.06 1.96
C GLY C 69 30.77 -6.20 2.08
N VAL C 70 31.65 -6.33 1.10
CA VAL C 70 32.54 -7.48 1.02
C VAL C 70 33.47 -7.60 2.22
N GLU C 71 34.16 -6.51 2.56
CA GLU C 71 35.11 -6.57 3.68
C GLU C 71 34.42 -6.77 5.03
N GLY C 72 33.31 -6.07 5.26
CA GLY C 72 32.54 -6.26 6.47
C GLY C 72 32.07 -7.69 6.66
N CYS C 73 31.45 -8.24 5.63
CA CYS C 73 30.98 -9.61 5.65
C CYS C 73 32.11 -10.58 5.96
N THR C 74 33.29 -10.31 5.43
CA THR C 74 34.43 -11.17 5.69
C THR C 74 34.81 -11.13 7.18
N HIS C 75 34.65 -9.97 7.82
CA HIS C 75 34.94 -9.88 9.23
C HIS C 75 33.96 -10.75 10.00
N ILE C 76 32.72 -10.79 9.53
CA ILE C 76 31.67 -11.57 10.20
C ILE C 76 31.94 -13.07 10.05
N VAL C 77 32.23 -13.50 8.82
CA VAL C 77 32.63 -14.88 8.56
C VAL C 77 33.81 -15.28 9.45
N ASN C 78 34.81 -14.41 9.55
CA ASN C 78 35.98 -14.70 10.40
C ASN C 78 35.60 -14.85 11.87
N ALA C 79 34.71 -14.00 12.33
CA ALA C 79 34.19 -14.08 13.69
C ALA C 79 33.53 -15.43 13.92
N TYR C 80 32.72 -15.86 12.95
CA TYR C 80 32.03 -17.14 13.05
C TYR C 80 33.01 -18.29 13.13
N ASP C 81 34.05 -18.24 12.29
CA ASP C 81 35.05 -19.31 12.25
C ASP C 81 35.79 -19.39 13.57
N THR C 82 36.17 -18.22 14.09
CA THR C 82 36.76 -18.13 15.41
C THR C 82 35.83 -18.69 16.49
N ALA C 83 34.54 -18.34 16.42
CA ALA C 83 33.60 -18.81 17.44
C ALA C 83 33.38 -20.31 17.33
N ILE C 84 33.31 -20.81 16.10
CA ILE C 84 33.08 -22.23 15.86
C ILE C 84 34.26 -23.01 16.43
N GLU C 85 35.44 -22.51 16.15
CA GLU C 85 36.69 -23.11 16.62
C GLU C 85 36.78 -23.17 18.15
N ASP C 86 36.37 -22.10 18.84
CA ASP C 86 36.46 -22.05 20.29
C ASP C 86 35.25 -22.68 20.98
N GLN C 87 34.23 -23.02 20.19
CA GLN C 87 32.90 -23.36 20.70
C GLN C 87 32.36 -22.27 21.62
N SER C 88 32.49 -21.03 21.17
CA SER C 88 32.01 -19.89 21.93
C SER C 88 30.68 -19.45 21.39
N PRO C 89 29.80 -18.92 22.24
CA PRO C 89 28.59 -18.34 21.67
C PRO C 89 28.97 -17.14 20.81
N ILE C 90 28.15 -16.80 19.82
CA ILE C 90 28.42 -15.62 19.03
C ILE C 90 27.20 -14.68 18.97
N VAL C 91 27.45 -13.40 19.25
CA VAL C 91 26.38 -12.42 19.32
C VAL C 91 26.52 -11.36 18.22
N GLY C 92 25.45 -11.13 17.45
CA GLY C 92 25.44 -10.08 16.44
C GLY C 92 24.66 -8.85 16.89
N ILE C 93 25.28 -7.68 16.75
CA ILE C 93 24.59 -6.41 17.02
C ILE C 93 24.29 -5.72 15.67
N TRP C 94 23.00 -5.55 15.39
CA TRP C 94 22.53 -5.25 14.04
C TRP C 94 21.94 -3.85 13.88
N HIS C 95 22.48 -3.14 12.89
CA HIS C 95 22.02 -1.79 12.53
C HIS C 95 22.50 -1.58 11.10
N SER C 96 21.63 -1.85 10.13
CA SER C 96 22.06 -1.99 8.74
C SER C 96 20.89 -1.96 7.76
N GLY C 97 21.08 -1.21 6.67
CA GLY C 97 20.09 -1.18 5.61
C GLY C 97 20.18 -2.34 4.65
N GLY C 98 21.17 -3.20 4.84
CA GLY C 98 21.31 -4.36 3.99
C GLY C 98 22.59 -4.33 3.18
N ALA C 99 22.59 -4.97 2.01
CA ALA C 99 23.81 -5.06 1.22
C ALA C 99 24.14 -3.72 0.59
N ARG C 100 25.44 -3.49 0.38
CA ARG C 100 25.89 -2.31 -0.35
C ARG C 100 25.60 -2.50 -1.83
N LEU C 101 24.56 -1.81 -2.32
CA LEU C 101 24.17 -1.83 -3.74
C LEU C 101 25.37 -1.61 -4.66
N ALA C 102 26.11 -0.53 -4.42
CA ALA C 102 27.27 -0.16 -5.22
C ALA C 102 28.35 -1.24 -5.36
N GLU C 103 28.37 -2.21 -4.44
CA GLU C 103 29.36 -3.27 -4.54
C GLU C 103 28.82 -4.43 -5.38
N GLY C 104 27.56 -4.29 -5.81
CA GLY C 104 26.96 -5.23 -6.74
C GLY C 104 26.84 -6.68 -6.29
N VAL C 105 26.98 -7.57 -7.26
CA VAL C 105 26.90 -9.00 -7.04
C VAL C 105 27.94 -9.46 -6.03
N ARG C 106 29.13 -8.86 -6.03
CA ARG C 106 30.15 -9.17 -5.02
C ARG C 106 29.61 -9.08 -3.57
N ALA C 107 28.77 -8.08 -3.32
CA ALA C 107 28.21 -7.89 -1.99
C ALA C 107 27.13 -8.94 -1.70
N LEU C 108 26.28 -9.20 -2.70
CA LEU C 108 25.31 -10.29 -2.62
C LEU C 108 26.01 -11.56 -2.20
N HIS C 109 27.08 -11.88 -2.91
CA HIS C 109 27.83 -13.10 -2.64
C HIS C 109 28.43 -13.12 -1.22
N ALA C 110 28.97 -11.98 -0.78
CA ALA C 110 29.55 -11.89 0.56
C ALA C 110 28.46 -12.00 1.64
N VAL C 111 27.28 -11.47 1.35
CA VAL C 111 26.16 -11.63 2.26
C VAL C 111 25.79 -13.11 2.37
N GLY C 112 25.76 -13.79 1.23
CA GLY C 112 25.47 -15.21 1.20
C GLY C 112 26.43 -15.99 2.06
N GLN C 113 27.71 -15.59 2.02
CA GLN C 113 28.74 -16.25 2.81
C GLN C 113 28.54 -16.08 4.32
N VAL C 114 27.89 -14.99 4.72
CA VAL C 114 27.54 -14.81 6.13
C VAL C 114 26.43 -15.79 6.48
N PHE C 115 25.40 -15.85 5.65
CA PHE C 115 24.34 -16.83 5.80
C PHE C 115 24.95 -18.23 5.93
N GLU C 116 25.86 -18.57 5.03
CA GLU C 116 26.48 -19.88 5.05
C GLU C 116 27.24 -20.15 6.36
N ALA C 117 27.93 -19.14 6.88
CA ALA C 117 28.61 -19.28 8.17
C ALA C 117 27.62 -19.52 9.30
N MET C 118 26.52 -18.77 9.29
CA MET C 118 25.45 -18.97 10.28
C MET C 118 24.88 -20.39 10.23
N ILE C 119 24.61 -20.88 9.03
CA ILE C 119 24.10 -22.24 8.84
C ILE C 119 25.08 -23.30 9.35
N ARG C 120 26.37 -23.15 9.06
CA ARG C 120 27.39 -24.02 9.66
C ARG C 120 27.37 -24.03 11.21
N ALA C 121 27.12 -22.87 11.81
CA ALA C 121 27.17 -22.76 13.27
C ALA C 121 25.89 -23.29 13.91
N SER C 122 24.87 -23.45 13.07
CA SER C 122 23.52 -23.75 13.54
C SER C 122 23.48 -25.03 14.36
N GLY C 123 22.98 -24.94 15.59
CA GLY C 123 22.88 -26.09 16.46
C GLY C 123 24.22 -26.47 17.05
N TYR C 124 25.27 -25.72 16.72
CA TYR C 124 26.62 -26.05 17.17
C TYR C 124 27.14 -25.07 18.22
N ILE C 125 26.94 -23.77 17.99
CA ILE C 125 27.20 -22.78 19.03
C ILE C 125 25.97 -21.92 19.13
N PRO C 126 25.73 -21.34 20.31
CA PRO C 126 24.57 -20.45 20.41
C PRO C 126 24.77 -19.16 19.60
N GLN C 127 23.72 -18.77 18.87
CA GLN C 127 23.73 -17.55 18.08
C GLN C 127 22.63 -16.60 18.56
N ILE C 128 23.05 -15.46 19.08
CA ILE C 128 22.10 -14.47 19.60
C ILE C 128 22.18 -13.17 18.76
N SER C 129 21.03 -12.67 18.33
CA SER C 129 21.02 -11.42 17.57
C SER C 129 20.42 -10.29 18.39
N VAL C 130 21.11 -9.16 18.46
CA VAL C 130 20.56 -7.98 19.11
C VAL C 130 20.34 -6.86 18.09
N VAL C 131 19.07 -6.61 17.78
CA VAL C 131 18.76 -5.65 16.74
C VAL C 131 18.50 -4.30 17.37
N VAL C 132 19.42 -3.37 17.17
CA VAL C 132 19.34 -2.05 17.82
C VAL C 132 18.99 -0.89 16.89
N GLY C 133 19.21 -1.05 15.59
CA GLY C 133 18.75 -0.06 14.62
C GLY C 133 17.88 -0.70 13.56
N PHE C 134 17.57 0.05 12.49
CA PHE C 134 16.88 -0.51 11.34
C PHE C 134 17.66 -1.70 10.75
N ALA C 135 16.93 -2.74 10.35
CA ALA C 135 17.56 -3.96 9.83
C ALA C 135 16.78 -4.49 8.65
N ALA C 136 17.33 -4.30 7.45
CA ALA C 136 16.60 -4.64 6.22
C ALA C 136 17.44 -5.47 5.25
N GLY C 137 16.77 -6.11 4.30
CA GLY C 137 17.44 -6.90 3.28
C GLY C 137 18.19 -8.06 3.91
N GLY C 138 19.47 -8.21 3.58
CA GLY C 138 20.28 -9.25 4.18
C GLY C 138 20.45 -9.08 5.67
N ALA C 139 20.17 -7.88 6.17
CA ALA C 139 20.36 -7.60 7.59
C ALA C 139 19.11 -7.99 8.37
N ALA C 140 18.01 -8.26 7.67
CA ALA C 140 16.85 -8.86 8.31
C ALA C 140 16.97 -10.40 8.29
N TYR C 141 17.47 -10.94 7.17
CA TYR C 141 17.64 -12.38 7.04
C TYR C 141 18.73 -12.96 7.93
N GLY C 142 19.80 -12.19 8.19
CA GLY C 142 20.85 -12.63 9.09
C GLY C 142 20.34 -13.08 10.45
N PRO C 143 19.70 -12.16 11.18
CA PRO C 143 19.14 -12.51 12.49
C PRO C 143 18.16 -13.67 12.40
N ALA C 144 17.39 -13.73 11.32
CA ALA C 144 16.42 -14.82 11.11
C ALA C 144 17.08 -16.20 11.11
N LEU C 145 18.37 -16.25 10.82
CA LEU C 145 19.13 -17.52 10.87
C LEU C 145 19.69 -17.85 12.26
N THR C 146 19.58 -16.92 13.21
CA THR C 146 20.15 -17.21 14.53
C THR C 146 19.11 -17.87 15.43
N ASP C 147 19.49 -18.14 16.68
CA ASP C 147 18.64 -18.90 17.57
C ASP C 147 17.65 -18.02 18.31
N VAL C 148 18.13 -16.87 18.78
CA VAL C 148 17.26 -15.94 19.47
C VAL C 148 17.53 -14.52 19.00
N VAL C 149 16.45 -13.82 18.66
CA VAL C 149 16.53 -12.42 18.24
C VAL C 149 15.91 -11.52 19.30
N VAL C 150 16.70 -10.56 19.76
CA VAL C 150 16.27 -9.55 20.71
C VAL C 150 16.15 -8.22 19.97
N MET C 151 15.00 -7.56 20.06
CA MET C 151 14.82 -6.26 19.41
C MET C 151 14.61 -5.13 20.39
N ALA C 152 15.42 -4.08 20.24
CA ALA C 152 15.18 -2.84 20.95
C ALA C 152 14.10 -2.09 20.18
N PRO C 153 13.20 -1.40 20.90
CA PRO C 153 12.06 -0.71 20.27
C PRO C 153 12.49 0.36 19.26
N GLU C 154 13.69 0.91 19.44
CA GLU C 154 14.23 1.91 18.51
C GLU C 154 14.36 1.44 17.04
N SER C 155 14.26 0.13 16.79
CA SER C 155 14.21 -0.39 15.43
C SER C 155 12.94 0.03 14.70
N SER C 188 3.84 -11.46 12.48
CA SER C 188 5.26 -11.75 12.33
C SER C 188 5.65 -12.92 13.23
N GLY C 189 6.68 -12.73 14.05
CA GLY C 189 7.18 -13.79 14.91
C GLY C 189 8.66 -14.06 14.73
N VAL C 190 9.32 -13.23 13.91
CA VAL C 190 10.76 -13.31 13.72
C VAL C 190 11.46 -12.93 15.01
N CYS C 191 10.98 -11.86 15.63
CA CYS C 191 11.51 -11.39 16.89
C CYS C 191 11.09 -12.30 18.05
N HIS C 192 12.04 -12.74 18.85
CA HIS C 192 11.72 -13.58 20.01
C HIS C 192 11.51 -12.74 21.25
N ILE C 193 12.33 -11.70 21.40
CA ILE C 193 12.30 -10.90 22.61
C ILE C 193 12.32 -9.40 22.34
N VAL C 194 11.33 -8.70 22.88
CA VAL C 194 11.29 -7.24 22.78
C VAL C 194 11.78 -6.62 24.09
N ALA C 195 12.92 -5.92 24.03
CA ALA C 195 13.48 -5.25 25.20
C ALA C 195 12.83 -3.89 25.45
N ASP C 196 13.18 -3.26 26.57
CA ASP C 196 12.71 -1.91 26.90
C ASP C 196 13.45 -0.79 26.16
N ASP C 197 14.73 -1.03 25.84
CA ASP C 197 15.57 -0.07 25.10
C ASP C 197 16.87 -0.78 24.71
N GLU C 198 17.81 -0.03 24.15
CA GLU C 198 19.05 -0.62 23.68
C GLU C 198 19.82 -1.27 24.83
N LEU C 199 19.88 -0.58 25.98
CA LEU C 199 20.68 -1.10 27.09
C LEU C 199 20.03 -2.34 27.70
N ASP C 200 18.71 -2.31 27.83
CA ASP C 200 17.93 -3.48 28.20
C ASP C 200 18.11 -4.65 27.20
N ALA C 201 18.29 -4.31 25.92
CA ALA C 201 18.48 -5.33 24.89
C ALA C 201 19.79 -6.08 25.12
N TYR C 202 20.85 -5.34 25.43
CA TYR C 202 22.12 -5.95 25.80
C TYR C 202 22.01 -6.75 27.08
N ASP C 203 21.26 -6.24 28.05
CA ASP C 203 21.07 -6.96 29.30
C ASP C 203 20.42 -8.32 29.05
N ARG C 204 19.34 -8.31 28.29
CA ARG C 204 18.64 -9.54 27.96
CA ARG C 204 18.64 -9.55 27.98
C ARG C 204 19.49 -10.44 27.07
N GLY C 205 20.29 -9.84 26.19
CA GLY C 205 21.22 -10.58 25.37
C GLY C 205 22.20 -11.31 26.28
N ARG C 206 22.73 -10.61 27.28
CA ARG C 206 23.65 -11.19 28.25
C ARG C 206 23.02 -12.36 29.04
N ARG C 207 21.79 -12.19 29.50
CA ARG C 207 21.11 -13.25 30.23
C ARG C 207 20.96 -14.49 29.32
N LEU C 208 20.71 -14.25 28.04
CA LEU C 208 20.55 -15.35 27.10
C LEU C 208 21.83 -16.14 26.94
N VAL C 209 22.99 -15.50 26.86
CA VAL C 209 24.21 -16.32 26.77
C VAL C 209 24.47 -17.08 28.06
N GLY C 210 24.04 -16.51 29.18
CA GLY C 210 24.06 -17.23 30.44
C GLY C 210 23.13 -18.44 30.37
N LEU C 211 21.98 -18.27 29.75
CA LEU C 211 21.01 -19.37 29.71
C LEU C 211 21.55 -20.52 28.86
N PHE C 212 22.31 -20.19 27.83
CA PHE C 212 22.80 -21.19 26.91
C PHE C 212 24.13 -21.78 27.34
N CYS C 213 24.98 -20.95 27.93
CA CYS C 213 26.37 -21.32 28.18
C CYS C 213 26.72 -21.49 29.65
N GLN C 214 25.83 -21.07 30.53
CA GLN C 214 25.90 -21.43 31.95
C GLN C 214 24.60 -22.12 32.33
N GLN C 215 24.38 -23.29 31.72
CA GLN C 215 23.17 -24.06 31.97
C GLN C 215 23.05 -24.60 33.41
N GLY C 216 24.19 -24.81 34.06
CA GLY C 216 24.18 -25.26 35.44
C GLY C 216 23.74 -26.71 35.60
N HIS C 217 23.48 -27.08 36.86
CA HIS C 217 23.06 -28.43 37.20
C HIS C 217 21.72 -28.35 37.92
N PHE C 218 20.95 -29.43 37.90
CA PHE C 218 19.81 -29.52 38.81
C PHE C 218 20.28 -29.66 40.26
N ASP C 219 19.59 -28.97 41.15
CA ASP C 219 19.90 -29.04 42.57
C ASP C 219 18.64 -29.48 43.32
N ARG C 220 18.61 -30.73 43.73
CA ARG C 220 17.39 -31.28 44.33
C ARG C 220 16.92 -30.59 45.63
N SER C 221 17.85 -30.10 46.44
CA SER C 221 17.48 -29.46 47.70
C SER C 221 16.89 -28.07 47.45
N LYS C 222 17.42 -27.37 46.45
CA LYS C 222 16.86 -26.08 46.04
C LYS C 222 15.45 -26.24 45.48
N ALA C 223 15.22 -27.36 44.80
CA ALA C 223 13.91 -27.65 44.22
C ALA C 223 12.86 -27.77 45.29
N GLU C 224 13.17 -28.56 46.33
CA GLU C 224 12.27 -28.78 47.46
C GLU C 224 12.00 -27.48 48.25
N ALA C 225 13.05 -26.69 48.46
CA ALA C 225 12.96 -25.42 49.17
C ALA C 225 12.05 -24.41 48.48
N GLY C 226 11.79 -24.64 47.19
CA GLY C 226 10.98 -23.73 46.38
C GLY C 226 9.57 -24.24 46.13
N ASP C 227 9.28 -25.47 46.56
CA ASP C 227 7.93 -26.03 46.48
C ASP C 227 6.87 -25.11 47.09
N THR C 228 5.73 -24.99 46.40
CA THR C 228 4.52 -24.33 46.91
C THR C 228 3.30 -25.09 46.37
N ASP C 229 2.10 -24.67 46.76
CA ASP C 229 0.91 -25.24 46.11
C ASP C 229 0.58 -24.50 44.81
N ILE C 230 0.98 -25.08 43.68
CA ILE C 230 0.75 -24.45 42.39
C ILE C 230 -0.75 -24.49 42.09
N HIS C 231 -1.39 -25.59 42.47
CA HIS C 231 -2.82 -25.83 42.21
C HIS C 231 -3.70 -24.68 42.65
N ALA C 232 -3.29 -24.03 43.73
CA ALA C 232 -4.02 -22.91 44.31
C ALA C 232 -4.21 -21.73 43.35
N LEU C 233 -3.38 -21.65 42.31
CA LEU C 233 -3.46 -20.58 41.32
C LEU C 233 -4.47 -20.87 40.21
N LEU C 234 -4.98 -22.10 40.15
CA LEU C 234 -6.06 -22.44 39.22
C LEU C 234 -7.36 -21.81 39.70
N PRO C 235 -8.24 -21.43 38.75
CA PRO C 235 -9.54 -20.91 39.18
C PRO C 235 -10.37 -22.02 39.84
N GLU C 236 -11.39 -21.64 40.61
CA GLU C 236 -12.24 -22.62 41.29
C GLU C 236 -12.95 -23.53 40.28
N SER C 237 -13.65 -22.93 39.33
CA SER C 237 -14.35 -23.70 38.30
C SER C 237 -13.40 -24.20 37.22
N SER C 238 -13.52 -25.48 36.88
CA SER C 238 -12.69 -26.09 35.84
C SER C 238 -13.01 -25.54 34.45
N ARG C 239 -14.02 -24.67 34.38
CA ARG C 239 -14.47 -24.15 33.09
C ARG C 239 -13.96 -22.75 32.82
N ARG C 240 -13.44 -22.07 33.83
CA ARG C 240 -12.97 -20.70 33.64
C ARG C 240 -11.56 -20.67 33.02
N ALA C 241 -11.38 -19.87 31.99
CA ALA C 241 -10.06 -19.64 31.43
C ALA C 241 -9.22 -18.90 32.47
N TYR C 242 -7.90 -19.03 32.38
CA TYR C 242 -6.94 -18.35 33.26
C TYR C 242 -5.63 -18.18 32.49
N ASP C 243 -4.75 -17.30 32.98
CA ASP C 243 -3.42 -17.12 32.40
C ASP C 243 -2.47 -18.16 33.01
N VAL C 244 -1.78 -18.91 32.14
CA VAL C 244 -0.92 -20.00 32.60
C VAL C 244 0.43 -19.49 33.15
N ARG C 245 0.79 -18.26 32.81
CA ARG C 245 2.13 -17.77 33.17
C ARG C 245 2.46 -17.73 34.67
N PRO C 246 1.49 -17.42 35.54
CA PRO C 246 1.81 -17.55 36.97
C PRO C 246 2.08 -19.00 37.42
N ILE C 247 1.40 -19.98 36.82
CA ILE C 247 1.68 -21.39 37.08
C ILE C 247 3.15 -21.70 36.74
N VAL C 248 3.60 -21.18 35.61
CA VAL C 248 4.97 -21.34 35.16
C VAL C 248 5.93 -20.64 36.12
N THR C 249 5.55 -19.43 36.50
CA THR C 249 6.35 -18.62 37.43
C THR C 249 6.54 -19.29 38.79
N ALA C 250 5.47 -19.87 39.31
CA ALA C 250 5.54 -20.64 40.55
C ALA C 250 6.51 -21.83 40.46
N ILE C 251 6.43 -22.57 39.35
CA ILE C 251 7.32 -23.71 39.13
C ILE C 251 8.80 -23.30 39.04
N LEU C 252 9.09 -22.28 38.25
CA LEU C 252 10.47 -21.84 38.06
C LEU C 252 11.02 -21.12 39.29
N ASP C 253 12.33 -20.92 39.31
CA ASP C 253 12.98 -20.33 40.47
C ASP C 253 12.44 -18.93 40.74
N ALA C 254 12.09 -18.67 41.99
CA ALA C 254 11.40 -17.44 42.40
C ALA C 254 12.21 -16.18 42.11
N ASP C 255 13.53 -16.33 42.04
CA ASP C 255 14.40 -15.18 41.88
C ASP C 255 14.70 -14.90 40.40
N THR C 256 14.54 -15.91 39.56
CA THR C 256 14.99 -15.82 38.17
C THR C 256 13.91 -15.34 37.20
N PRO C 257 14.29 -14.44 36.27
CA PRO C 257 13.38 -14.02 35.21
C PRO C 257 12.89 -15.21 34.38
N PHE C 258 11.65 -15.16 33.90
CA PHE C 258 11.24 -16.13 32.89
C PHE C 258 11.30 -15.41 31.56
N ASP C 259 12.16 -15.88 30.67
CA ASP C 259 12.32 -15.21 29.40
C ASP C 259 11.42 -15.82 28.31
N GLU C 260 10.22 -15.26 28.20
CA GLU C 260 9.21 -15.74 27.26
C GLU C 260 9.61 -15.39 25.83
N PHE C 261 9.51 -16.35 24.92
CA PHE C 261 9.78 -16.09 23.50
C PHE C 261 8.47 -15.83 22.78
N GLN C 262 8.47 -14.82 21.91
CA GLN C 262 7.34 -14.56 21.00
C GLN C 262 5.99 -14.45 21.72
N ALA C 263 5.91 -13.60 22.73
CA ALA C 263 4.75 -13.58 23.62
C ALA C 263 3.46 -13.23 22.88
N ASN C 264 3.60 -12.43 21.83
CA ASN C 264 2.45 -11.94 21.07
C ASN C 264 2.07 -12.78 19.87
N TRP C 265 3.00 -13.63 19.44
CA TRP C 265 2.76 -14.55 18.35
C TRP C 265 2.23 -15.89 18.89
N ALA C 266 1.11 -16.37 18.35
CA ALA C 266 0.47 -17.61 18.79
C ALA C 266 0.23 -17.64 20.31
N PRO C 267 -0.65 -16.78 20.79
CA PRO C 267 -0.77 -16.60 22.26
C PRO C 267 -1.42 -17.79 22.97
N SER C 268 -1.94 -18.78 22.26
CA SER C 268 -2.47 -19.97 22.93
C SER C 268 -1.36 -20.89 23.47
N MET C 269 -0.14 -20.61 23.03
CA MET C 269 1.05 -21.36 23.44
C MET C 269 2.06 -20.40 24.07
N VAL C 270 2.54 -20.74 25.26
CA VAL C 270 3.61 -19.99 25.94
C VAL C 270 4.89 -20.82 25.92
N VAL C 271 5.97 -20.24 25.38
CA VAL C 271 7.29 -20.89 25.42
C VAL C 271 8.36 -19.93 25.94
N GLY C 272 9.36 -20.47 26.61
CA GLY C 272 10.44 -19.65 27.12
C GLY C 272 11.49 -20.36 27.94
N LEU C 273 12.58 -19.65 28.21
CA LEU C 273 13.66 -20.20 29.01
C LEU C 273 13.58 -19.66 30.41
N GLY C 274 13.88 -20.52 31.37
CA GLY C 274 13.99 -20.11 32.77
C GLY C 274 14.90 -21.06 33.49
N ARG C 275 14.94 -20.93 34.82
CA ARG C 275 15.76 -21.82 35.63
C ARG C 275 14.92 -22.55 36.65
N LEU C 276 15.18 -23.86 36.76
CA LEU C 276 14.53 -24.71 37.73
C LEU C 276 15.60 -25.28 38.64
N SER C 277 15.59 -24.87 39.90
CA SER C 277 16.68 -25.17 40.84
C SER C 277 18.04 -24.78 40.23
N GLY C 278 18.05 -23.66 39.51
CA GLY C 278 19.27 -23.07 39.00
C GLY C 278 19.67 -23.55 37.61
N ARG C 279 19.00 -24.61 37.14
CA ARG C 279 19.31 -25.22 35.86
C ARG C 279 18.43 -24.65 34.74
N THR C 280 19.04 -24.31 33.61
CA THR C 280 18.27 -23.84 32.45
C THR C 280 17.32 -24.90 31.94
N VAL C 281 16.01 -24.60 31.93
CA VAL C 281 15.02 -25.46 31.31
C VAL C 281 14.15 -24.64 30.34
N GLY C 282 13.61 -25.32 29.34
CA GLY C 282 12.61 -24.72 28.46
C GLY C 282 11.22 -25.09 28.94
N VAL C 283 10.29 -24.15 28.85
CA VAL C 283 8.92 -24.44 29.23
C VAL C 283 7.99 -24.23 28.04
N LEU C 284 7.16 -25.22 27.74
CA LEU C 284 6.04 -25.03 26.82
C LEU C 284 4.75 -25.22 27.62
N ALA C 285 3.83 -24.26 27.52
CA ALA C 285 2.56 -24.36 28.25
C ALA C 285 1.38 -23.86 27.42
N ASN C 286 0.33 -24.68 27.31
CA ASN C 286 -0.91 -24.25 26.71
C ASN C 286 -1.45 -23.12 27.57
N ASN C 287 -1.94 -22.06 26.95
CA ASN C 287 -2.47 -20.94 27.71
C ASN C 287 -3.97 -20.75 27.48
N PRO C 288 -4.81 -21.26 28.41
CA PRO C 288 -6.27 -21.23 28.30
C PRO C 288 -6.86 -19.82 28.12
N LEU C 289 -6.07 -18.80 28.44
CA LEU C 289 -6.53 -17.42 28.35
C LEU C 289 -6.78 -17.01 26.90
N ARG C 290 -6.07 -17.64 25.98
CA ARG C 290 -6.20 -17.33 24.55
C ARG C 290 -6.64 -18.57 23.76
N LEU C 291 -7.68 -18.40 22.95
CA LEU C 291 -8.24 -19.50 22.14
C LEU C 291 -8.52 -20.78 22.91
N GLY C 292 -8.97 -20.66 24.16
CA GLY C 292 -9.24 -21.82 24.98
C GLY C 292 -8.02 -22.66 25.31
N GLY C 293 -6.84 -22.16 24.94
CA GLY C 293 -5.61 -22.93 25.11
C GLY C 293 -5.45 -23.99 24.04
N CYS C 294 -6.22 -23.86 22.96
CA CYS C 294 -6.20 -24.79 21.84
C CYS C 294 -4.95 -24.69 20.96
N LEU C 295 -4.56 -25.83 20.39
CA LEU C 295 -3.52 -25.82 19.39
C LEU C 295 -4.08 -25.32 18.06
N ASN C 296 -3.22 -24.74 17.24
CA ASN C 296 -3.59 -24.33 15.89
C ASN C 296 -2.29 -24.28 15.08
N SER C 297 -2.34 -23.87 13.83
CA SER C 297 -1.13 -23.94 13.01
C SER C 297 -0.01 -23.12 13.65
N GLU C 298 -0.33 -21.91 14.09
CA GLU C 298 0.68 -21.01 14.60
C GLU C 298 1.30 -21.51 15.93
N SER C 299 0.46 -21.90 16.89
CA SER C 299 0.98 -22.43 18.15
C SER C 299 1.79 -23.73 17.96
N ALA C 300 1.33 -24.62 17.07
CA ALA C 300 2.12 -25.82 16.77
C ALA C 300 3.53 -25.49 16.22
N GLU C 301 3.60 -24.54 15.29
CA GLU C 301 4.89 -24.16 14.73
C GLU C 301 5.81 -23.54 15.80
N LYS C 302 5.20 -22.74 16.69
CA LYS C 302 5.92 -22.05 17.76
C LYS C 302 6.49 -23.05 18.77
N ALA C 303 5.69 -24.02 19.16
CA ALA C 303 6.17 -25.09 20.03
C ALA C 303 7.26 -25.91 19.32
N ALA C 304 7.01 -26.28 18.07
CA ALA C 304 7.95 -27.13 17.32
C ALA C 304 9.37 -26.54 17.22
N ARG C 305 9.45 -25.27 16.82
CA ARG C 305 10.75 -24.62 16.67
C ARG C 305 11.45 -24.55 18.01
N PHE C 306 10.68 -24.36 19.08
CA PHE C 306 11.25 -24.19 20.41
C PHE C 306 11.78 -25.51 20.98
N VAL C 307 11.05 -26.59 20.73
CA VAL C 307 11.54 -27.93 21.08
C VAL C 307 12.86 -28.21 20.38
N ARG C 308 12.92 -27.93 19.08
CA ARG C 308 14.14 -28.22 18.33
CA ARG C 308 14.12 -28.17 18.28
C ARG C 308 15.31 -27.38 18.82
N LEU C 309 15.04 -26.16 19.29
CA LEU C 309 16.08 -25.30 19.83
C LEU C 309 16.66 -25.85 21.15
N CYS C 310 15.79 -26.25 22.06
CA CYS C 310 16.26 -26.77 23.35
C CYS C 310 16.96 -28.11 23.17
N ASP C 311 16.45 -28.94 22.26
CA ASP C 311 17.04 -30.25 21.99
C ASP C 311 18.47 -30.10 21.47
N ALA C 312 18.69 -29.11 20.60
CA ALA C 312 20.03 -28.88 20.05
C ALA C 312 21.07 -28.51 21.11
N PHE C 313 20.64 -27.80 22.15
CA PHE C 313 21.62 -27.30 23.11
C PHE C 313 21.62 -27.99 24.48
N GLY C 314 20.94 -29.14 24.59
CA GLY C 314 20.98 -29.91 25.81
C GLY C 314 20.10 -29.34 26.91
N ILE C 315 19.07 -28.58 26.53
CA ILE C 315 18.19 -27.92 27.50
C ILE C 315 16.89 -28.74 27.70
N PRO C 316 16.71 -29.30 28.91
CA PRO C 316 15.53 -30.11 29.26
C PRO C 316 14.21 -29.33 29.19
N LEU C 317 13.12 -30.05 28.92
CA LEU C 317 11.83 -29.40 28.72
C LEU C 317 10.83 -29.75 29.81
N VAL C 318 10.09 -28.72 30.23
CA VAL C 318 8.90 -28.88 31.05
C VAL C 318 7.69 -28.51 30.23
N VAL C 319 6.82 -29.49 30.00
CA VAL C 319 5.62 -29.29 29.21
C VAL C 319 4.36 -29.24 30.11
N VAL C 320 3.79 -28.05 30.25
CA VAL C 320 2.61 -27.88 31.13
C VAL C 320 1.34 -27.93 30.28
N VAL C 321 0.59 -29.03 30.42
CA VAL C 321 -0.51 -29.33 29.51
C VAL C 321 -1.90 -29.00 30.05
N ASP C 322 -2.62 -28.16 29.31
CA ASP C 322 -4.04 -27.90 29.53
C ASP C 322 -4.70 -27.53 28.20
N VAL C 323 -5.01 -28.54 27.38
CA VAL C 323 -5.42 -28.30 26.00
C VAL C 323 -6.67 -29.14 25.69
N PRO C 324 -7.72 -28.48 25.18
CA PRO C 324 -9.03 -29.11 24.96
C PRO C 324 -9.23 -29.58 23.51
N GLY C 325 -8.38 -29.11 22.61
CA GLY C 325 -8.49 -29.52 21.22
C GLY C 325 -7.60 -28.67 20.35
N TYR C 326 -7.88 -28.71 19.05
CA TYR C 326 -7.10 -27.97 18.08
C TYR C 326 -8.04 -27.36 17.06
N LEU C 327 -7.58 -26.31 16.37
CA LEU C 327 -8.42 -25.48 15.54
C LEU C 327 -7.86 -25.26 14.14
N PRO C 328 -8.74 -25.12 13.14
CA PRO C 328 -8.37 -24.76 11.76
C PRO C 328 -8.10 -23.26 11.63
N GLY C 329 -7.71 -22.83 10.43
CA GLY C 329 -7.33 -21.44 10.21
C GLY C 329 -8.39 -20.58 9.55
N VAL C 330 -7.99 -19.92 8.46
CA VAL C 330 -8.81 -18.93 7.75
C VAL C 330 -10.24 -19.37 7.46
N ASP C 331 -10.41 -20.13 6.39
CA ASP C 331 -11.73 -20.57 5.95
C ASP C 331 -12.09 -21.92 6.57
N GLN C 332 -11.81 -22.08 7.86
CA GLN C 332 -11.93 -23.36 8.54
C GLN C 332 -11.15 -24.45 7.77
N GLU C 333 -9.97 -24.06 7.25
CA GLU C 333 -9.10 -24.96 6.51
C GLU C 333 -7.98 -25.56 7.38
N TRP C 334 -7.82 -26.88 7.27
CA TRP C 334 -7.02 -27.63 8.23
C TRP C 334 -5.56 -27.83 7.80
N GLY C 335 -5.23 -27.43 6.58
CA GLY C 335 -3.91 -27.65 6.04
C GLY C 335 -2.80 -27.23 6.98
N GLY C 336 -2.90 -26.03 7.53
CA GLY C 336 -1.87 -25.48 8.39
C GLY C 336 -1.64 -26.28 9.67
N VAL C 337 -2.73 -26.62 10.37
CA VAL C 337 -2.58 -27.30 11.66
C VAL C 337 -2.13 -28.74 11.44
N VAL C 338 -2.48 -29.31 10.29
CA VAL C 338 -2.00 -30.64 9.94
C VAL C 338 -0.52 -30.60 9.63
N ARG C 339 -0.10 -29.66 8.81
CA ARG C 339 1.28 -29.58 8.49
C ARG C 339 2.12 -29.19 9.65
N ARG C 340 1.72 -28.19 10.41
CA ARG C 340 2.50 -27.78 11.55
C ARG C 340 2.41 -28.70 12.69
N GLY C 341 1.24 -29.22 12.91
CA GLY C 341 1.04 -30.25 13.93
C GLY C 341 1.96 -31.43 13.70
N ALA C 342 2.07 -31.84 12.44
CA ALA C 342 2.96 -32.92 12.07
C ALA C 342 4.39 -32.59 12.45
N LYS C 343 4.77 -31.36 12.26
CA LYS C 343 6.07 -30.87 12.59
C LYS C 343 6.30 -30.90 14.09
N LEU C 344 5.28 -30.63 14.86
CA LEU C 344 5.37 -30.68 16.32
C LEU C 344 5.57 -32.12 16.81
N LEU C 345 4.80 -33.06 16.28
CA LEU C 345 5.02 -34.48 16.55
C LEU C 345 6.46 -34.89 16.25
N HIS C 346 6.97 -34.49 15.09
CA HIS C 346 8.34 -34.81 14.73
C HIS C 346 9.29 -34.31 15.79
N ALA C 347 9.11 -33.05 16.20
CA ALA C 347 10.01 -32.40 17.16
C ALA C 347 10.07 -33.13 18.49
N PHE C 348 8.90 -33.50 19.03
CA PHE C 348 8.90 -34.24 20.28
C PHE C 348 9.43 -35.65 20.06
N GLY C 349 8.91 -36.33 19.03
CA GLY C 349 9.36 -37.68 18.71
C GLY C 349 10.86 -37.85 18.56
N GLU C 350 11.53 -36.93 17.87
CA GLU C 350 12.98 -37.01 17.66
C GLU C 350 13.79 -36.46 18.83
N CYS C 351 13.12 -35.78 19.75
CA CYS C 351 13.79 -35.11 20.86
C CYS C 351 14.50 -36.09 21.80
N THR C 352 15.72 -35.74 22.21
CA THR C 352 16.54 -36.63 23.03
C THR C 352 16.93 -36.06 24.40
N VAL C 353 16.68 -34.77 24.65
CA VAL C 353 16.88 -34.20 25.97
C VAL C 353 15.72 -34.65 26.86
N PRO C 354 15.92 -34.64 28.18
CA PRO C 354 14.80 -34.94 29.09
C PRO C 354 13.62 -33.99 28.86
N ARG C 355 12.42 -34.55 28.84
CA ARG C 355 11.20 -33.77 28.63
C ARG C 355 10.06 -34.37 29.43
N VAL C 356 9.66 -33.64 30.46
CA VAL C 356 8.67 -34.11 31.40
C VAL C 356 7.33 -33.42 31.16
N THR C 357 6.24 -34.20 31.19
CA THR C 357 4.91 -33.65 30.98
C THR C 357 4.14 -33.56 32.30
N LEU C 358 3.46 -32.43 32.48
CA LEU C 358 2.59 -32.22 33.61
C LEU C 358 1.19 -31.84 33.12
N VAL C 359 0.22 -32.73 33.33
CA VAL C 359 -1.19 -32.39 33.06
C VAL C 359 -1.80 -31.74 34.29
N THR C 360 -2.25 -30.50 34.13
CA THR C 360 -2.82 -29.75 35.24
C THR C 360 -4.35 -29.92 35.32
N ARG C 361 -5.04 -29.49 34.27
CA ARG C 361 -6.50 -29.66 34.23
C ARG C 361 -6.91 -30.73 33.23
N LYS C 362 -6.74 -30.46 31.94
CA LYS C 362 -7.25 -31.40 30.94
C LYS C 362 -6.35 -31.55 29.73
N THR C 363 -6.53 -32.68 29.06
CA THR C 363 -5.85 -32.92 27.79
C THR C 363 -6.68 -33.90 26.98
N TYR C 364 -7.13 -33.46 25.80
CA TYR C 364 -8.07 -34.22 24.96
C TYR C 364 -7.54 -34.55 23.56
N GLY C 365 -7.90 -35.72 23.07
CA GLY C 365 -7.77 -36.03 21.66
C GLY C 365 -6.37 -36.05 21.13
N GLY C 366 -6.22 -35.63 19.87
CA GLY C 366 -4.93 -35.59 19.23
C GLY C 366 -4.02 -34.55 19.84
N ALA C 367 -4.61 -33.48 20.38
CA ALA C 367 -3.82 -32.46 21.05
C ALA C 367 -3.12 -33.12 22.23
N TYR C 368 -3.81 -34.05 22.87
CA TYR C 368 -3.20 -34.76 23.98
C TYR C 368 -1.95 -35.51 23.47
N ILE C 369 -2.07 -36.11 22.28
CA ILE C 369 -0.97 -36.89 21.74
C ILE C 369 0.22 -35.98 21.45
N ALA C 370 -0.06 -34.84 20.83
CA ALA C 370 0.95 -33.88 20.41
C ALA C 370 1.73 -33.25 21.57
N MET C 371 1.08 -33.01 22.70
CA MET C 371 1.74 -32.34 23.81
C MET C 371 2.62 -33.30 24.65
N ASN C 372 3.67 -33.84 24.03
CA ASN C 372 4.64 -34.68 24.74
C ASN C 372 4.03 -35.87 25.48
N SER C 373 3.15 -36.60 24.81
CA SER C 373 2.56 -37.80 25.38
C SER C 373 3.56 -38.94 25.53
N ARG C 374 3.14 -39.96 26.26
CA ARG C 374 3.93 -41.17 26.46
C ARG C 374 4.23 -41.86 25.13
N SER C 375 3.28 -41.84 24.20
CA SER C 375 3.51 -42.44 22.88
C SER C 375 4.65 -41.77 22.09
N LEU C 376 4.94 -40.50 22.37
CA LEU C 376 6.08 -39.85 21.74
C LEU C 376 7.35 -39.94 22.61
N ASN C 377 7.34 -40.85 23.57
CA ASN C 377 8.49 -41.11 24.45
C ASN C 377 8.87 -39.99 25.42
N ALA C 378 7.87 -39.32 25.98
CA ALA C 378 8.09 -38.40 27.07
C ALA C 378 8.89 -39.08 28.19
N THR C 379 9.83 -38.36 28.77
CA THR C 379 10.62 -38.89 29.88
C THR C 379 9.70 -39.34 31.01
N LYS C 380 8.77 -38.47 31.42
CA LYS C 380 7.80 -38.85 32.43
C LYS C 380 6.55 -37.98 32.29
N VAL C 381 5.40 -38.58 32.56
CA VAL C 381 4.13 -37.86 32.55
C VAL C 381 3.52 -37.83 33.95
N PHE C 382 3.34 -36.62 34.47
CA PHE C 382 2.69 -36.40 35.77
C PHE C 382 1.31 -35.79 35.53
N ALA C 383 0.38 -36.04 36.45
CA ALA C 383 -0.90 -35.33 36.46
C ALA C 383 -1.27 -34.93 37.88
N TRP C 384 -1.92 -33.77 38.03
CA TRP C 384 -2.55 -33.37 39.27
C TRP C 384 -3.77 -34.27 39.48
N PRO C 385 -4.24 -34.41 40.74
CA PRO C 385 -5.30 -35.39 41.08
C PRO C 385 -6.59 -35.20 40.29
N ASP C 386 -6.99 -33.96 40.07
CA ASP C 386 -8.26 -33.71 39.39
C ASP C 386 -8.13 -33.55 37.87
N ALA C 387 -6.98 -33.92 37.32
CA ALA C 387 -6.75 -33.76 35.88
C ALA C 387 -7.54 -34.77 35.03
N GLU C 388 -8.00 -34.31 33.88
CA GLU C 388 -8.78 -35.14 32.96
C GLU C 388 -7.99 -35.51 31.69
N VAL C 389 -7.81 -36.80 31.47
CA VAL C 389 -7.15 -37.31 30.26
C VAL C 389 -8.16 -38.14 29.49
N ALA C 390 -8.69 -37.60 28.40
CA ALA C 390 -9.71 -38.34 27.64
C ALA C 390 -9.70 -38.03 26.15
N VAL C 391 -10.56 -38.71 25.41
CA VAL C 391 -10.73 -38.45 23.98
C VAL C 391 -11.36 -37.08 23.72
N MET C 392 -12.33 -36.72 24.57
CA MET C 392 -12.97 -35.40 24.52
C MET C 392 -13.67 -35.14 25.85
N GLY C 393 -14.27 -33.97 26.00
CA GLY C 393 -15.07 -33.69 27.19
C GLY C 393 -16.29 -34.60 27.25
N ALA C 394 -16.65 -35.04 28.45
CA ALA C 394 -17.81 -35.93 28.60
C ALA C 394 -19.08 -35.21 28.13
N LYS C 395 -19.13 -33.90 28.36
CA LYS C 395 -20.22 -33.05 27.90
C LYS C 395 -20.47 -33.18 26.39
N ALA C 396 -19.42 -33.55 25.65
CA ALA C 396 -19.50 -33.74 24.21
C ALA C 396 -19.52 -35.21 23.82
N ALA C 397 -18.91 -36.05 24.65
CA ALA C 397 -18.81 -37.49 24.37
C ALA C 397 -20.16 -38.19 24.57
N VAL C 398 -21.09 -37.53 25.24
CA VAL C 398 -22.41 -38.09 25.46
C VAL C 398 -23.22 -38.20 24.16
N GLY C 399 -23.53 -37.07 23.53
CA GLY C 399 -24.34 -37.01 22.33
C GLY C 399 -23.83 -37.89 21.19
N ILE C 400 -22.52 -37.91 20.98
CA ILE C 400 -21.89 -38.76 19.96
C ILE C 400 -22.01 -40.25 20.33
N LEU C 401 -22.22 -40.53 21.61
CA LEU C 401 -22.45 -41.90 22.05
C LEU C 401 -23.86 -42.07 22.63
N HIS C 402 -24.84 -41.58 21.88
CA HIS C 402 -26.25 -41.72 22.24
C HIS C 402 -27.01 -42.53 21.17
N LYS C 403 -26.50 -43.72 20.88
CA LYS C 403 -27.21 -44.68 20.03
C LYS C 403 -28.23 -45.43 20.89
N LYS C 404 -28.05 -45.34 22.20
CA LYS C 404 -29.01 -45.86 23.17
C LYS C 404 -29.72 -44.71 23.88
N LYS C 405 -29.98 -43.63 23.15
CA LYS C 405 -30.68 -42.46 23.67
C LYS C 405 -31.00 -41.45 22.58
N LEU C 406 -30.51 -40.22 22.74
CA LEU C 406 -30.87 -39.07 21.90
C LEU C 406 -32.38 -38.77 21.93
N ALA C 407 -33.18 -39.73 21.48
CA ALA C 407 -34.64 -39.59 21.46
C ALA C 407 -35.28 -40.25 22.68
N GLN C 420 -26.57 -32.26 30.84
CA GLN C 420 -27.31 -32.79 31.99
C GLN C 420 -26.78 -34.16 32.40
N LEU C 421 -27.02 -35.15 31.54
CA LEU C 421 -26.62 -36.52 31.80
C LEU C 421 -25.18 -36.77 31.36
N ALA C 422 -24.29 -35.85 31.74
CA ALA C 422 -22.89 -35.90 31.28
C ALA C 422 -21.93 -36.42 32.36
N ALA C 423 -22.15 -36.00 33.60
CA ALA C 423 -21.29 -36.39 34.72
C ALA C 423 -21.29 -37.90 34.99
N GLU C 424 -22.05 -38.63 34.18
CA GLU C 424 -22.15 -40.08 34.26
C GLU C 424 -20.91 -40.75 33.68
N HIS C 425 -20.55 -40.36 32.46
CA HIS C 425 -19.31 -40.81 31.84
C HIS C 425 -18.13 -40.27 32.65
N GLU C 426 -18.18 -38.97 32.95
CA GLU C 426 -17.15 -38.29 33.74
C GLU C 426 -17.06 -38.86 35.16
N ARG C 427 -16.86 -40.17 35.24
CA ARG C 427 -16.89 -40.92 36.48
C ARG C 427 -16.56 -42.36 36.12
N ILE C 428 -17.10 -42.79 34.98
CA ILE C 428 -16.79 -44.10 34.43
C ILE C 428 -15.32 -44.19 34.03
N ALA C 429 -14.84 -43.14 33.36
CA ALA C 429 -13.45 -43.05 32.92
C ALA C 429 -13.02 -41.60 32.67
N GLY C 430 -11.79 -41.41 32.17
CA GLY C 430 -11.24 -40.09 31.96
C GLY C 430 -10.35 -39.62 33.10
N GLY C 431 -10.48 -40.28 34.25
CA GLY C 431 -9.70 -39.92 35.43
C GLY C 431 -8.23 -40.25 35.34
N VAL C 432 -7.45 -39.69 36.27
CA VAL C 432 -6.03 -39.99 36.38
C VAL C 432 -5.81 -41.47 36.74
N ASP C 433 -6.67 -41.99 37.61
CA ASP C 433 -6.62 -43.39 38.01
C ASP C 433 -6.74 -44.32 36.80
N SER C 434 -7.63 -43.93 35.89
CA SER C 434 -7.80 -44.63 34.61
C SER C 434 -6.52 -44.52 33.78
N ALA C 435 -6.00 -43.30 33.66
CA ALA C 435 -4.82 -43.05 32.84
C ALA C 435 -3.57 -43.76 33.37
N LEU C 436 -3.45 -43.84 34.70
CA LEU C 436 -2.38 -44.60 35.34
C LEU C 436 -2.48 -46.07 34.98
N ASP C 437 -3.69 -46.61 35.09
CA ASP C 437 -3.95 -48.02 34.76
C ASP C 437 -3.54 -48.33 33.32
N ILE C 438 -3.94 -47.45 32.40
CA ILE C 438 -3.58 -47.61 31.00
C ILE C 438 -2.05 -47.51 30.82
N GLY C 439 -1.44 -46.53 31.50
CA GLY C 439 0.00 -46.34 31.44
C GLY C 439 0.44 -45.08 30.71
N VAL C 440 -0.50 -44.17 30.44
CA VAL C 440 -0.16 -42.96 29.71
C VAL C 440 0.19 -41.82 30.68
N VAL C 441 -0.09 -42.06 31.96
CA VAL C 441 0.38 -41.18 33.02
C VAL C 441 1.18 -42.07 33.96
N ASP C 442 2.33 -41.58 34.44
CA ASP C 442 3.22 -42.38 35.29
C ASP C 442 2.99 -42.18 36.78
N GLU C 443 2.50 -41.00 37.14
CA GLU C 443 2.29 -40.68 38.55
C GLU C 443 1.32 -39.52 38.78
N LYS C 444 0.33 -39.74 39.65
CA LYS C 444 -0.49 -38.66 40.17
C LYS C 444 0.31 -38.04 41.31
N ILE C 445 0.40 -36.72 41.36
CA ILE C 445 1.22 -36.06 42.39
C ILE C 445 0.47 -34.98 43.15
N ASP C 446 0.93 -34.72 44.38
CA ASP C 446 0.50 -33.57 45.16
C ASP C 446 1.04 -32.33 44.47
N PRO C 447 0.15 -31.41 44.08
CA PRO C 447 0.58 -30.21 43.36
C PRO C 447 1.53 -29.33 44.18
N ALA C 448 1.60 -29.57 45.49
CA ALA C 448 2.53 -28.84 46.36
C ALA C 448 3.94 -29.39 46.24
N HIS C 449 4.08 -30.50 45.52
CA HIS C 449 5.40 -31.08 45.27
C HIS C 449 5.77 -31.05 43.78
N THR C 450 5.01 -30.29 42.99
CA THR C 450 5.19 -30.20 41.55
C THR C 450 6.65 -29.95 41.18
N ARG C 451 7.18 -28.87 41.72
CA ARG C 451 8.54 -28.43 41.48
C ARG C 451 9.61 -29.49 41.81
N SER C 452 9.53 -30.12 42.97
CA SER C 452 10.56 -31.10 43.33
C SER C 452 10.38 -32.41 42.54
N LYS C 453 9.14 -32.79 42.29
CA LYS C 453 8.85 -33.96 41.44
C LYS C 453 9.36 -33.78 40.02
N LEU C 454 9.15 -32.59 39.43
CA LEU C 454 9.65 -32.32 38.10
C LEU C 454 11.16 -32.35 38.09
N THR C 455 11.76 -31.75 39.11
CA THR C 455 13.22 -31.67 39.17
C THR C 455 13.84 -33.04 39.36
N GLU C 456 13.21 -33.87 40.18
CA GLU C 456 13.71 -35.22 40.38
C GLU C 456 13.65 -36.04 39.08
N ALA C 457 12.54 -35.96 38.35
CA ALA C 457 12.42 -36.72 37.11
C ALA C 457 13.43 -36.27 36.02
N LEU C 458 13.69 -34.95 35.94
CA LEU C 458 14.65 -34.41 34.98
C LEU C 458 16.11 -34.74 35.32
N ALA C 459 16.45 -34.67 36.61
CA ALA C 459 17.78 -35.05 37.09
C ALA C 459 18.09 -36.54 36.88
N GLN C 460 17.07 -37.37 37.02
CA GLN C 460 17.26 -38.82 36.91
C GLN C 460 17.39 -39.33 35.48
N ALA C 461 16.92 -38.52 34.52
CA ALA C 461 16.95 -38.89 33.12
C ALA C 461 18.37 -38.70 32.55
N PRO C 462 18.73 -39.50 31.54
CA PRO C 462 20.00 -39.24 30.85
C PRO C 462 19.99 -37.86 30.20
N ALA C 463 21.13 -37.18 30.18
CA ALA C 463 21.22 -35.94 29.42
C ALA C 463 20.76 -36.14 27.96
N ARG C 464 20.95 -37.37 27.43
CA ARG C 464 20.53 -37.74 26.07
C ARG C 464 19.87 -39.13 25.91
N ARG C 465 18.78 -39.14 25.13
CA ARG C 465 18.13 -40.33 24.54
C ARG C 465 16.78 -40.74 25.16
N GLY C 466 15.70 -40.39 24.46
CA GLY C 466 14.35 -40.76 24.84
C GLY C 466 13.36 -40.45 23.72
N LEU D 13 -16.76 -58.41 -4.67
CA LEU D 13 -16.14 -57.87 -3.45
C LEU D 13 -16.42 -56.39 -3.25
N ASP D 14 -16.62 -56.00 -1.99
CA ASP D 14 -16.65 -54.60 -1.59
C ASP D 14 -15.35 -53.94 -2.10
N PRO D 15 -15.47 -52.84 -2.85
CA PRO D 15 -14.27 -52.22 -3.44
C PRO D 15 -13.34 -51.57 -2.40
N ARG D 16 -13.72 -51.61 -1.13
CA ARG D 16 -12.88 -51.08 -0.06
C ARG D 16 -12.13 -52.21 0.63
N ASP D 17 -12.36 -53.45 0.20
CA ASP D 17 -11.69 -54.60 0.82
C ASP D 17 -10.18 -54.41 0.74
N PRO D 18 -9.51 -54.48 1.89
CA PRO D 18 -8.09 -54.14 1.99
C PRO D 18 -7.19 -55.10 1.22
N LEU D 19 -7.51 -56.39 1.21
CA LEU D 19 -6.75 -57.34 0.40
C LEU D 19 -6.86 -56.99 -1.09
N LEU D 20 -8.07 -56.65 -1.54
CA LEU D 20 -8.26 -56.19 -2.92
C LEU D 20 -7.38 -54.98 -3.24
N ARG D 21 -7.40 -53.98 -2.35
CA ARG D 21 -6.59 -52.77 -2.53
C ARG D 21 -5.07 -53.07 -2.54
N LEU D 22 -4.61 -53.89 -1.59
CA LEU D 22 -3.22 -54.33 -1.56
C LEU D 22 -2.79 -55.08 -2.84
N SER D 23 -3.65 -55.98 -3.33
CA SER D 23 -3.35 -56.78 -4.53
C SER D 23 -3.28 -55.91 -5.77
N ASN D 24 -4.12 -54.89 -5.78
CA ASN D 24 -4.11 -53.90 -6.84
C ASN D 24 -2.83 -53.09 -6.87
N PHE D 25 -2.31 -52.79 -5.68
CA PHE D 25 -1.09 -51.99 -5.57
C PHE D 25 0.18 -52.79 -5.89
N PHE D 26 0.28 -53.99 -5.32
CA PHE D 26 1.48 -54.81 -5.50
C PHE D 26 1.51 -55.47 -6.88
N ASP D 27 2.71 -55.92 -7.28
CA ASP D 27 2.88 -56.78 -8.46
C ASP D 27 1.96 -57.99 -8.29
N ASP D 28 1.37 -58.43 -9.39
CA ASP D 28 0.51 -59.60 -9.36
C ASP D 28 1.26 -60.79 -8.77
N GLY D 29 0.65 -61.43 -7.78
CA GLY D 29 1.17 -62.66 -7.21
C GLY D 29 2.18 -62.51 -6.09
N SER D 30 2.48 -61.27 -5.69
CA SER D 30 3.57 -61.04 -4.74
C SER D 30 3.13 -60.95 -3.28
N VAL D 31 1.84 -60.72 -3.06
CA VAL D 31 1.33 -60.40 -1.72
C VAL D 31 1.57 -61.52 -0.71
N GLU D 32 2.19 -61.18 0.42
CA GLU D 32 2.29 -62.10 1.55
C GLU D 32 1.84 -61.33 2.78
N LEU D 33 0.70 -61.74 3.33
CA LEU D 33 0.17 -61.13 4.54
C LEU D 33 1.19 -61.21 5.68
N LEU D 34 1.20 -60.20 6.54
CA LEU D 34 2.17 -60.11 7.62
C LEU D 34 1.55 -60.59 8.91
N HIS D 35 0.25 -60.85 8.84
CA HIS D 35 -0.52 -61.33 9.98
C HIS D 35 -1.83 -61.91 9.45
N GLU D 36 -2.56 -62.59 10.33
CA GLU D 36 -3.86 -63.17 10.02
C GLU D 36 -4.89 -62.07 9.86
N ARG D 37 -5.70 -62.16 8.80
CA ARG D 37 -6.77 -61.19 8.60
C ARG D 37 -7.73 -61.25 9.76
N ASP D 38 -8.17 -60.09 10.23
CA ASP D 38 -9.09 -59.99 11.36
C ASP D 38 -10.02 -58.81 11.10
N ARG D 39 -10.62 -58.28 12.16
CA ARG D 39 -11.44 -57.10 12.02
C ARG D 39 -10.89 -55.87 12.78
N SER D 40 -9.57 -55.83 12.91
CA SER D 40 -8.88 -54.74 13.60
C SER D 40 -8.98 -53.45 12.81
N GLY D 41 -9.27 -53.55 11.53
CA GLY D 41 -9.38 -52.39 10.68
C GLY D 41 -8.11 -52.09 9.89
N VAL D 42 -7.15 -53.01 9.94
CA VAL D 42 -5.91 -52.86 9.19
C VAL D 42 -5.44 -54.20 8.66
N LEU D 43 -5.04 -54.23 7.39
CA LEU D 43 -4.36 -55.38 6.83
C LEU D 43 -2.99 -54.95 6.30
N ALA D 44 -1.94 -55.62 6.75
CA ALA D 44 -0.57 -55.29 6.36
C ALA D 44 0.07 -56.45 5.62
N ALA D 45 0.89 -56.16 4.60
CA ALA D 45 1.51 -57.21 3.80
C ALA D 45 2.89 -56.82 3.26
N ALA D 46 3.71 -57.83 2.96
CA ALA D 46 4.87 -57.65 2.10
C ALA D 46 4.52 -57.96 0.64
N GLY D 47 5.34 -57.48 -0.29
CA GLY D 47 5.09 -57.69 -1.71
C GLY D 47 6.20 -57.04 -2.51
N THR D 48 6.00 -56.94 -3.83
CA THR D 48 6.99 -56.28 -4.66
C THR D 48 6.33 -55.24 -5.55
N VAL D 49 7.11 -54.23 -5.91
CA VAL D 49 6.65 -53.19 -6.80
C VAL D 49 7.74 -53.11 -7.84
N ASN D 50 7.42 -53.54 -9.06
CA ASN D 50 8.40 -53.68 -10.13
C ASN D 50 9.68 -54.35 -9.66
N GLY D 51 9.53 -55.35 -8.79
CA GLY D 51 10.68 -56.11 -8.33
C GLY D 51 11.22 -55.75 -6.96
N VAL D 52 11.09 -54.50 -6.53
CA VAL D 52 11.62 -54.15 -5.19
C VAL D 52 10.68 -54.57 -4.05
N ARG D 53 11.25 -55.23 -3.04
CA ARG D 53 10.48 -55.68 -1.89
C ARG D 53 9.93 -54.49 -1.10
N THR D 54 8.63 -54.53 -0.82
CA THR D 54 7.95 -53.38 -0.29
C THR D 54 6.96 -53.79 0.81
N ILE D 55 6.91 -53.00 1.87
CA ILE D 55 5.89 -53.23 2.88
C ILE D 55 4.72 -52.31 2.61
N ALA D 56 3.50 -52.82 2.78
CA ALA D 56 2.32 -51.98 2.67
C ALA D 56 1.27 -52.35 3.71
N PHE D 57 0.49 -51.36 4.13
CA PHE D 57 -0.66 -51.59 4.99
C PHE D 57 -1.85 -50.81 4.44
N CYS D 58 -3.04 -51.34 4.70
CA CYS D 58 -4.27 -50.73 4.21
C CYS D 58 -5.28 -50.62 5.34
N THR D 59 -5.79 -49.42 5.60
CA THR D 59 -6.88 -49.30 6.58
C THR D 59 -8.14 -49.92 5.94
N ASP D 60 -8.99 -50.51 6.77
CA ASP D 60 -10.08 -51.33 6.25
C ASP D 60 -11.39 -50.55 6.22
N GLY D 61 -11.74 -50.04 5.04
CA GLY D 61 -12.95 -49.26 4.87
C GLY D 61 -14.25 -50.01 5.18
N THR D 62 -14.19 -51.33 5.22
CA THR D 62 -15.41 -52.11 5.43
C THR D 62 -15.68 -52.36 6.91
N VAL D 63 -14.75 -51.96 7.76
CA VAL D 63 -14.94 -52.12 9.19
C VAL D 63 -14.90 -50.77 9.88
N MET D 64 -16.03 -50.40 10.49
CA MET D 64 -16.19 -49.13 11.22
C MET D 64 -15.64 -47.94 10.46
N GLY D 65 -15.85 -47.91 9.15
CA GLY D 65 -15.34 -46.83 8.33
C GLY D 65 -13.82 -46.74 8.29
N GLY D 66 -13.14 -47.79 8.72
CA GLY D 66 -11.68 -47.80 8.74
C GLY D 66 -11.12 -47.16 10.00
N ALA D 67 -12.00 -46.86 10.95
CA ALA D 67 -11.57 -46.25 12.22
C ALA D 67 -10.45 -47.04 12.91
N MET D 68 -9.47 -46.31 13.40
CA MET D 68 -8.25 -46.89 13.95
C MET D 68 -8.39 -47.31 15.43
N GLY D 69 -8.07 -48.56 15.72
CA GLY D 69 -8.10 -49.06 17.08
C GLY D 69 -6.75 -49.61 17.47
N VAL D 70 -6.64 -50.06 18.72
CA VAL D 70 -5.39 -50.60 19.26
C VAL D 70 -4.77 -51.70 18.40
N GLU D 71 -5.57 -52.71 18.06
CA GLU D 71 -5.08 -53.84 17.27
C GLU D 71 -4.65 -53.43 15.87
N GLY D 72 -5.46 -52.62 15.21
CA GLY D 72 -5.13 -52.17 13.87
C GLY D 72 -3.85 -51.38 13.88
N CYS D 73 -3.73 -50.47 14.85
CA CYS D 73 -2.53 -49.65 15.02
C CYS D 73 -1.31 -50.51 15.31
N THR D 74 -1.52 -51.61 16.01
CA THR D 74 -0.39 -52.48 16.32
C THR D 74 0.09 -53.18 15.05
N HIS D 75 -0.84 -53.57 14.17
CA HIS D 75 -0.44 -54.14 12.89
C HIS D 75 0.38 -53.14 12.06
N ILE D 76 0.10 -51.85 12.21
CA ILE D 76 0.84 -50.82 11.49
C ILE D 76 2.24 -50.63 12.06
N VAL D 77 2.34 -50.51 13.38
CA VAL D 77 3.63 -50.43 14.04
C VAL D 77 4.51 -51.63 13.66
N ASN D 78 3.94 -52.83 13.77
CA ASN D 78 4.64 -54.06 13.39
C ASN D 78 5.16 -54.00 11.96
N ALA D 79 4.31 -53.52 11.05
CA ALA D 79 4.69 -53.34 9.65
C ALA D 79 5.83 -52.33 9.52
N TYR D 80 5.76 -51.24 10.28
CA TYR D 80 6.87 -50.30 10.29
C TYR D 80 8.16 -50.95 10.75
N ASP D 81 8.08 -51.75 11.82
CA ASP D 81 9.27 -52.41 12.34
C ASP D 81 9.91 -53.36 11.32
N THR D 82 9.08 -54.10 10.60
CA THR D 82 9.56 -54.99 9.54
C THR D 82 10.30 -54.21 8.43
N ALA D 83 9.64 -53.17 7.92
CA ALA D 83 10.21 -52.35 6.86
C ALA D 83 11.54 -51.72 7.29
N ILE D 84 11.58 -51.21 8.51
CA ILE D 84 12.77 -50.54 9.04
C ILE D 84 13.91 -51.54 9.11
N GLU D 85 13.60 -52.73 9.57
CA GLU D 85 14.58 -53.82 9.66
C GLU D 85 15.14 -54.23 8.30
N ASP D 86 14.27 -54.36 7.30
CA ASP D 86 14.70 -54.82 5.98
C ASP D 86 15.22 -53.68 5.13
N GLN D 87 15.10 -52.46 5.65
CA GLN D 87 15.28 -51.25 4.86
C GLN D 87 14.41 -51.28 3.62
N SER D 88 13.13 -51.54 3.79
CA SER D 88 12.21 -51.54 2.68
C SER D 88 11.35 -50.28 2.67
N PRO D 89 10.94 -49.84 1.48
CA PRO D 89 9.99 -48.73 1.42
C PRO D 89 8.65 -49.19 2.01
N ILE D 90 7.92 -48.29 2.66
CA ILE D 90 6.62 -48.65 3.22
C ILE D 90 5.48 -47.76 2.70
N VAL D 91 4.45 -48.39 2.15
CA VAL D 91 3.32 -47.68 1.57
C VAL D 91 2.04 -47.90 2.38
N GLY D 92 1.44 -46.80 2.83
CA GLY D 92 0.16 -46.87 3.52
C GLY D 92 -0.99 -46.46 2.61
N ILE D 93 -2.02 -47.31 2.58
CA ILE D 93 -3.25 -47.02 1.86
C ILE D 93 -4.32 -46.61 2.87
N TRP D 94 -4.89 -45.41 2.70
CA TRP D 94 -5.68 -44.78 3.75
C TRP D 94 -7.14 -44.56 3.41
N HIS D 95 -8.01 -45.01 4.30
CA HIS D 95 -9.47 -44.84 4.23
C HIS D 95 -9.97 -44.99 5.66
N SER D 96 -10.12 -43.87 6.36
CA SER D 96 -10.35 -43.93 7.80
C SER D 96 -10.89 -42.61 8.38
N GLY D 97 -11.91 -42.74 9.24
CA GLY D 97 -12.48 -41.59 9.92
C GLY D 97 -11.74 -41.20 11.20
N GLY D 98 -10.62 -41.88 11.48
CA GLY D 98 -9.81 -41.55 12.64
C GLY D 98 -9.88 -42.61 13.72
N ALA D 99 -9.60 -42.19 14.96
CA ALA D 99 -9.53 -43.13 16.07
C ALA D 99 -10.90 -43.68 16.46
N ARG D 100 -10.94 -44.95 16.86
CA ARG D 100 -12.16 -45.55 17.37
C ARG D 100 -12.51 -44.93 18.72
N LEU D 101 -13.49 -44.02 18.71
CA LEU D 101 -13.95 -43.32 19.92
C LEU D 101 -14.16 -44.25 21.13
N ALA D 102 -14.80 -45.39 20.90
CA ALA D 102 -15.16 -46.30 21.99
C ALA D 102 -13.97 -46.94 22.71
N GLU D 103 -12.83 -46.99 22.05
CA GLU D 103 -11.64 -47.55 22.70
C GLU D 103 -10.94 -46.52 23.61
N GLY D 104 -11.39 -45.27 23.53
CA GLY D 104 -10.92 -44.23 24.43
C GLY D 104 -9.43 -43.89 24.36
N VAL D 105 -8.87 -43.51 25.50
CA VAL D 105 -7.48 -43.12 25.62
C VAL D 105 -6.52 -44.17 25.04
N ARG D 106 -6.85 -45.45 25.20
CA ARG D 106 -6.06 -46.53 24.62
C ARG D 106 -5.84 -46.42 23.10
N ALA D 107 -6.87 -45.99 22.37
CA ALA D 107 -6.73 -45.82 20.93
C ALA D 107 -5.89 -44.58 20.62
N LEU D 108 -6.05 -43.56 21.43
CA LEU D 108 -5.27 -42.34 21.31
C LEU D 108 -3.80 -42.70 21.39
N HIS D 109 -3.44 -43.50 22.41
CA HIS D 109 -2.08 -43.93 22.63
C HIS D 109 -1.54 -44.73 21.44
N ALA D 110 -2.38 -45.63 20.94
CA ALA D 110 -1.96 -46.51 19.85
C ALA D 110 -1.74 -45.70 18.57
N VAL D 111 -2.59 -44.70 18.36
CA VAL D 111 -2.41 -43.81 17.22
C VAL D 111 -1.06 -43.07 17.36
N GLY D 112 -0.79 -42.54 18.55
CA GLY D 112 0.49 -41.95 18.86
C GLY D 112 1.65 -42.88 18.55
N GLN D 113 1.47 -44.17 18.79
CA GLN D 113 2.52 -45.15 18.53
C GLN D 113 2.76 -45.36 17.04
N VAL D 114 1.70 -45.24 16.24
CA VAL D 114 1.88 -45.22 14.80
C VAL D 114 2.72 -44.00 14.40
N PHE D 115 2.34 -42.82 14.88
CA PHE D 115 3.07 -41.59 14.59
C PHE D 115 4.55 -41.76 14.92
N GLU D 116 4.82 -42.36 16.07
CA GLU D 116 6.20 -42.55 16.55
C GLU D 116 6.99 -43.53 15.67
N ALA D 117 6.32 -44.55 15.13
CA ALA D 117 6.99 -45.42 14.16
C ALA D 117 7.34 -44.66 12.87
N MET D 118 6.43 -43.81 12.41
CA MET D 118 6.69 -43.00 11.23
C MET D 118 7.86 -42.03 11.43
N ILE D 119 7.94 -41.43 12.61
CA ILE D 119 9.07 -40.57 12.94
C ILE D 119 10.37 -41.37 12.98
N ARG D 120 10.35 -42.57 13.55
CA ARG D 120 11.54 -43.42 13.55
C ARG D 120 11.96 -43.77 12.12
N ALA D 121 10.99 -43.97 11.23
CA ALA D 121 11.32 -44.30 9.83
C ALA D 121 11.76 -43.10 9.01
N SER D 122 11.54 -41.90 9.55
CA SER D 122 11.72 -40.67 8.79
C SER D 122 13.14 -40.50 8.28
N GLY D 123 13.28 -40.41 6.96
CA GLY D 123 14.59 -40.20 6.35
C GLY D 123 15.42 -41.47 6.30
N TYR D 124 14.88 -42.55 6.84
CA TYR D 124 15.60 -43.82 6.84
C TYR D 124 15.07 -44.76 5.75
N ILE D 125 13.75 -44.87 5.63
CA ILE D 125 13.13 -45.58 4.51
C ILE D 125 12.08 -44.70 3.88
N PRO D 126 11.87 -44.83 2.57
CA PRO D 126 10.83 -44.04 1.91
C PRO D 126 9.44 -44.37 2.48
N GLN D 127 8.66 -43.34 2.83
CA GLN D 127 7.27 -43.52 3.21
C GLN D 127 6.33 -42.88 2.19
N ILE D 128 5.42 -43.68 1.65
CA ILE D 128 4.48 -43.20 0.65
C ILE D 128 3.05 -43.46 1.13
N SER D 129 2.20 -42.45 0.99
CA SER D 129 0.83 -42.54 1.45
C SER D 129 -0.10 -42.47 0.24
N VAL D 130 -1.01 -43.42 0.14
CA VAL D 130 -2.03 -43.36 -0.91
C VAL D 130 -3.40 -43.22 -0.27
N VAL D 131 -3.96 -42.02 -0.33
CA VAL D 131 -5.25 -41.75 0.29
C VAL D 131 -6.35 -42.03 -0.73
N VAL D 132 -7.13 -43.09 -0.49
CA VAL D 132 -8.12 -43.52 -1.47
C VAL D 132 -9.56 -43.24 -1.03
N GLY D 133 -9.76 -43.05 0.27
CA GLY D 133 -11.06 -42.68 0.80
C GLY D 133 -10.95 -41.57 1.82
N PHE D 134 -12.06 -41.31 2.51
CA PHE D 134 -12.15 -40.34 3.60
C PHE D 134 -11.02 -40.54 4.63
N ALA D 135 -10.31 -39.46 4.99
CA ALA D 135 -9.19 -39.53 5.94
C ALA D 135 -9.18 -38.38 6.94
N ALA D 136 -9.53 -38.67 8.20
CA ALA D 136 -9.70 -37.63 9.20
C ALA D 136 -9.08 -38.00 10.54
N GLY D 137 -8.89 -37.00 11.40
CA GLY D 137 -8.29 -37.20 12.71
C GLY D 137 -6.89 -37.77 12.58
N GLY D 138 -6.60 -38.80 13.37
CA GLY D 138 -5.34 -39.49 13.27
C GLY D 138 -5.01 -39.94 11.86
N ALA D 139 -6.04 -40.26 11.08
CA ALA D 139 -5.82 -40.73 9.71
C ALA D 139 -5.46 -39.59 8.76
N ALA D 140 -5.53 -38.35 9.22
CA ALA D 140 -5.02 -37.24 8.43
C ALA D 140 -3.56 -36.95 8.78
N TYR D 141 -3.20 -37.03 10.07
CA TYR D 141 -1.80 -36.79 10.48
C TYR D 141 -0.85 -37.92 10.07
N GLY D 142 -1.38 -39.13 9.93
CA GLY D 142 -0.59 -40.24 9.42
C GLY D 142 0.13 -39.87 8.13
N PRO D 143 -0.64 -39.70 7.04
CA PRO D 143 -0.07 -39.31 5.76
C PRO D 143 0.84 -38.10 5.87
N ALA D 144 0.44 -37.13 6.69
CA ALA D 144 1.23 -35.90 6.86
C ALA D 144 2.64 -36.14 7.42
N LEU D 145 2.86 -37.29 8.08
CA LEU D 145 4.19 -37.62 8.55
C LEU D 145 5.02 -38.36 7.53
N THR D 146 4.43 -38.69 6.38
CA THR D 146 5.15 -39.46 5.39
C THR D 146 5.85 -38.57 4.37
N ASP D 147 6.61 -39.15 3.45
CA ASP D 147 7.41 -38.33 2.53
C ASP D 147 6.61 -37.83 1.31
N VAL D 148 5.73 -38.69 0.78
CA VAL D 148 4.94 -38.29 -0.39
C VAL D 148 3.50 -38.77 -0.26
N VAL D 149 2.55 -37.84 -0.36
CA VAL D 149 1.12 -38.18 -0.31
C VAL D 149 0.46 -38.17 -1.71
N VAL D 150 -0.15 -39.28 -2.08
CA VAL D 150 -0.94 -39.37 -3.31
C VAL D 150 -2.42 -39.45 -2.92
N MET D 151 -3.23 -38.57 -3.51
CA MET D 151 -4.65 -38.55 -3.22
C MET D 151 -5.48 -38.95 -4.44
N ALA D 152 -6.29 -39.99 -4.26
CA ALA D 152 -7.31 -40.35 -5.25
C ALA D 152 -8.47 -39.37 -5.12
N PRO D 153 -9.09 -39.00 -6.24
CA PRO D 153 -10.11 -37.95 -6.24
C PRO D 153 -11.35 -38.31 -5.42
N GLU D 154 -11.67 -39.60 -5.33
CA GLU D 154 -12.82 -40.03 -4.53
C GLU D 154 -12.61 -39.85 -3.02
N SER D 155 -11.41 -39.47 -2.60
CA SER D 155 -11.17 -39.12 -1.20
C SER D 155 -11.65 -37.70 -0.87
N ARG D 156 -12.11 -36.96 -1.88
CA ARG D 156 -12.67 -35.63 -1.66
C ARG D 156 -14.21 -35.61 -1.68
N VAL D 157 -14.80 -36.66 -2.23
CA VAL D 157 -16.26 -36.73 -2.36
C VAL D 157 -16.92 -37.57 -1.26
N PHE D 158 -17.57 -36.90 -0.33
CA PHE D 158 -18.25 -37.58 0.78
C PHE D 158 -19.74 -37.84 0.47
N VAL D 159 -20.34 -38.83 1.12
CA VAL D 159 -21.76 -39.14 0.94
C VAL D 159 -22.64 -38.09 1.61
N THR D 160 -22.03 -37.01 2.09
CA THR D 160 -22.71 -35.87 2.69
C THR D 160 -22.54 -34.62 1.83
N GLY D 161 -21.58 -34.63 0.92
CA GLY D 161 -21.30 -33.50 0.05
C GLY D 161 -20.27 -33.76 -1.05
N SER D 188 -3.40 -25.54 1.23
CA SER D 188 -3.13 -26.70 2.05
C SER D 188 -1.67 -27.05 1.96
N GLY D 189 -1.36 -27.87 0.96
CA GLY D 189 0.04 -28.25 0.76
C GLY D 189 0.36 -29.64 1.28
N VAL D 190 -0.62 -30.30 1.89
CA VAL D 190 -0.45 -31.62 2.49
C VAL D 190 -0.36 -32.72 1.43
N CYS D 191 -1.18 -32.58 0.40
CA CYS D 191 -1.17 -33.54 -0.68
C CYS D 191 -0.14 -33.13 -1.73
N HIS D 192 0.69 -34.08 -2.16
CA HIS D 192 1.73 -33.79 -3.14
C HIS D 192 1.26 -34.06 -4.55
N ILE D 193 0.52 -35.16 -4.71
CA ILE D 193 0.08 -35.63 -6.00
C ILE D 193 -1.41 -35.96 -6.01
N VAL D 194 -2.12 -35.41 -7.00
CA VAL D 194 -3.53 -35.71 -7.24
C VAL D 194 -3.67 -36.67 -8.41
N ALA D 195 -4.22 -37.85 -8.15
CA ALA D 195 -4.37 -38.87 -9.19
C ALA D 195 -5.72 -38.71 -9.91
N ASP D 196 -5.90 -39.49 -10.99
CA ASP D 196 -7.12 -39.41 -11.79
C ASP D 196 -8.20 -40.32 -11.23
N ASP D 197 -7.77 -41.41 -10.60
CA ASP D 197 -8.65 -42.40 -10.00
C ASP D 197 -7.84 -43.33 -9.10
N GLU D 198 -8.51 -44.29 -8.47
CA GLU D 198 -7.85 -45.14 -7.48
C GLU D 198 -6.72 -45.97 -8.10
N LEU D 199 -6.96 -46.57 -9.25
CA LEU D 199 -5.94 -47.36 -9.93
C LEU D 199 -4.74 -46.49 -10.34
N ASP D 200 -5.03 -45.30 -10.85
CA ASP D 200 -4.00 -44.36 -11.20
C ASP D 200 -3.27 -43.90 -9.94
N ALA D 201 -4.00 -43.78 -8.83
CA ALA D 201 -3.38 -43.51 -7.55
C ALA D 201 -2.32 -44.56 -7.25
N TYR D 202 -2.64 -45.83 -7.46
CA TYR D 202 -1.70 -46.90 -7.15
C TYR D 202 -0.54 -46.85 -8.11
N ASP D 203 -0.82 -46.39 -9.31
CA ASP D 203 0.21 -46.41 -10.34
C ASP D 203 1.27 -45.34 -10.06
N ARG D 204 0.81 -44.16 -9.66
CA ARG D 204 1.74 -43.12 -9.24
C ARG D 204 2.51 -43.54 -7.99
N GLY D 205 1.82 -44.20 -7.06
CA GLY D 205 2.47 -44.70 -5.86
C GLY D 205 3.59 -45.67 -6.22
N ARG D 206 3.32 -46.58 -7.15
CA ARG D 206 4.29 -47.57 -7.59
C ARG D 206 5.49 -46.90 -8.26
N ARG D 207 5.21 -45.85 -9.05
CA ARG D 207 6.27 -45.14 -9.74
C ARG D 207 7.16 -44.42 -8.71
N LEU D 208 6.53 -43.87 -7.67
CA LEU D 208 7.27 -43.21 -6.61
C LEU D 208 8.20 -44.20 -5.90
N VAL D 209 7.73 -45.43 -5.65
CA VAL D 209 8.62 -46.43 -5.06
C VAL D 209 9.87 -46.64 -5.93
N GLY D 210 9.69 -46.62 -7.25
CA GLY D 210 10.81 -46.81 -8.16
C GLY D 210 11.77 -45.64 -8.20
N LEU D 211 11.21 -44.43 -8.13
CA LEU D 211 11.99 -43.20 -8.08
C LEU D 211 12.93 -43.16 -6.87
N PHE D 212 12.47 -43.71 -5.74
CA PHE D 212 13.25 -43.70 -4.49
C PHE D 212 14.17 -44.91 -4.32
N CYS D 213 13.75 -46.06 -4.84
CA CYS D 213 14.44 -47.32 -4.58
C CYS D 213 15.15 -47.91 -5.80
N GLN D 214 14.92 -47.32 -6.98
CA GLN D 214 15.66 -47.69 -8.19
C GLN D 214 16.15 -46.41 -8.85
N GLN D 215 17.07 -45.75 -8.16
CA GLN D 215 17.49 -44.42 -8.55
C GLN D 215 18.28 -44.44 -9.84
N GLY D 216 18.93 -45.56 -10.12
CA GLY D 216 19.69 -45.70 -11.36
C GLY D 216 21.03 -44.99 -11.29
N HIS D 217 21.57 -44.65 -12.45
CA HIS D 217 22.86 -44.00 -12.53
C HIS D 217 22.84 -43.07 -13.73
N PHE D 218 23.73 -42.08 -13.75
CA PHE D 218 23.80 -41.19 -14.90
C PHE D 218 24.48 -41.88 -16.08
N ASP D 219 24.13 -41.44 -17.28
CA ASP D 219 24.64 -42.03 -18.50
C ASP D 219 24.93 -40.92 -19.52
N ARG D 220 26.22 -40.70 -19.78
CA ARG D 220 26.66 -39.63 -20.69
C ARG D 220 26.08 -39.75 -22.10
N SER D 221 26.15 -40.95 -22.68
CA SER D 221 25.58 -41.19 -24.01
C SER D 221 24.10 -40.85 -24.07
N LYS D 222 23.33 -41.42 -23.15
CA LYS D 222 21.89 -41.13 -23.06
C LYS D 222 21.64 -39.65 -22.80
N ALA D 223 22.52 -38.99 -22.05
CA ALA D 223 22.34 -37.55 -21.79
C ALA D 223 22.50 -36.72 -23.06
N GLU D 224 23.55 -37.01 -23.82
CA GLU D 224 23.80 -36.28 -25.07
C GLU D 224 22.76 -36.56 -26.17
N ALA D 225 22.36 -37.82 -26.31
CA ALA D 225 21.31 -38.17 -27.29
C ALA D 225 20.04 -37.35 -27.10
N GLY D 226 19.71 -37.05 -25.84
CA GLY D 226 18.51 -36.28 -25.55
C GLY D 226 18.68 -34.76 -25.62
N ASP D 227 19.87 -34.28 -25.97
CA ASP D 227 20.09 -32.82 -26.04
C ASP D 227 19.21 -32.13 -27.08
N THR D 228 18.71 -30.94 -26.72
CA THR D 228 17.97 -30.08 -27.63
C THR D 228 18.21 -28.62 -27.25
N ASP D 229 17.76 -27.70 -28.09
CA ASP D 229 17.92 -26.29 -27.80
C ASP D 229 16.81 -25.83 -26.87
N ILE D 230 17.04 -26.00 -25.58
CA ILE D 230 16.07 -25.59 -24.57
C ILE D 230 15.78 -24.09 -24.65
N HIS D 231 16.75 -23.30 -25.08
CA HIS D 231 16.59 -21.85 -25.13
C HIS D 231 15.50 -21.40 -26.10
N ALA D 232 15.24 -22.22 -27.11
CA ALA D 232 14.19 -21.92 -28.09
C ALA D 232 12.80 -21.96 -27.45
N LEU D 233 12.67 -22.61 -26.30
CA LEU D 233 11.39 -22.68 -25.59
C LEU D 233 11.05 -21.37 -24.90
N LEU D 234 12.02 -20.46 -24.79
CA LEU D 234 11.79 -19.17 -24.13
C LEU D 234 11.00 -18.20 -25.02
N PRO D 235 10.16 -17.36 -24.42
CA PRO D 235 9.54 -16.28 -25.21
C PRO D 235 10.58 -15.39 -25.87
N GLU D 236 10.14 -14.64 -26.88
CA GLU D 236 11.03 -13.78 -27.63
C GLU D 236 11.46 -12.58 -26.82
N SER D 237 10.58 -12.13 -25.91
CA SER D 237 10.88 -10.98 -25.06
C SER D 237 11.22 -11.32 -23.60
N SER D 238 12.21 -10.61 -23.05
CA SER D 238 12.69 -10.82 -21.70
C SER D 238 11.64 -10.43 -20.67
N ARG D 239 10.70 -9.60 -21.08
CA ARG D 239 9.65 -9.13 -20.19
C ARG D 239 8.42 -10.04 -20.24
N ARG D 240 8.43 -11.04 -21.12
CA ARG D 240 7.25 -11.89 -21.26
C ARG D 240 7.31 -13.05 -20.28
N ALA D 241 6.25 -13.23 -19.51
CA ALA D 241 6.12 -14.40 -18.64
C ALA D 241 5.97 -15.65 -19.51
N TYR D 242 6.13 -16.82 -18.89
CA TYR D 242 6.06 -18.10 -19.59
C TYR D 242 6.03 -19.21 -18.54
N ASP D 243 5.51 -20.38 -18.92
CA ASP D 243 5.52 -21.55 -18.06
C ASP D 243 6.87 -22.25 -18.18
N VAL D 244 7.53 -22.46 -17.05
CA VAL D 244 8.86 -23.08 -17.05
C VAL D 244 8.75 -24.58 -17.28
N ARG D 245 7.56 -25.15 -17.05
CA ARG D 245 7.39 -26.60 -17.11
C ARG D 245 7.90 -27.31 -18.38
N PRO D 246 7.65 -26.74 -19.58
CA PRO D 246 8.25 -27.30 -20.80
C PRO D 246 9.79 -27.32 -20.75
N ILE D 247 10.38 -26.27 -20.20
CA ILE D 247 11.82 -26.24 -20.03
C ILE D 247 12.30 -27.41 -19.16
N VAL D 248 11.61 -27.64 -18.04
CA VAL D 248 11.90 -28.78 -17.17
C VAL D 248 11.81 -30.10 -17.96
N THR D 249 10.70 -30.25 -18.66
CA THR D 249 10.41 -31.42 -19.46
C THR D 249 11.42 -31.63 -20.62
N ALA D 250 11.92 -30.56 -21.20
CA ALA D 250 12.98 -30.66 -22.21
C ALA D 250 14.26 -31.25 -21.62
N ILE D 251 14.59 -30.86 -20.39
CA ILE D 251 15.80 -31.35 -19.71
C ILE D 251 15.70 -32.82 -19.33
N LEU D 252 14.54 -33.20 -18.83
CA LEU D 252 14.31 -34.56 -18.34
C LEU D 252 14.10 -35.55 -19.48
N ASP D 253 14.29 -36.83 -19.16
CA ASP D 253 14.08 -37.90 -20.14
C ASP D 253 12.72 -37.84 -20.82
N ALA D 254 12.74 -37.81 -22.15
CA ALA D 254 11.52 -37.64 -22.95
C ALA D 254 10.47 -38.75 -22.75
N ASP D 255 10.92 -39.96 -22.43
CA ASP D 255 9.99 -41.10 -22.24
C ASP D 255 9.59 -41.33 -20.79
N THR D 256 9.95 -40.41 -19.90
CA THR D 256 9.64 -40.59 -18.48
C THR D 256 8.78 -39.45 -17.94
N PRO D 257 7.74 -39.79 -17.14
CA PRO D 257 6.89 -38.76 -16.52
C PRO D 257 7.68 -37.85 -15.59
N PHE D 258 7.29 -36.58 -15.53
CA PHE D 258 7.77 -35.68 -14.51
C PHE D 258 6.71 -35.63 -13.43
N ASP D 259 7.01 -36.19 -12.28
CA ASP D 259 6.03 -36.23 -11.20
C ASP D 259 6.11 -34.99 -10.33
N GLU D 260 5.36 -33.96 -10.74
CA GLU D 260 5.32 -32.69 -10.02
C GLU D 260 4.62 -32.81 -8.66
N PHE D 261 5.19 -32.17 -7.64
CA PHE D 261 4.60 -32.14 -6.30
C PHE D 261 3.84 -30.82 -6.08
N GLN D 262 2.65 -30.88 -5.48
CA GLN D 262 1.94 -29.67 -5.03
C GLN D 262 1.80 -28.59 -6.11
N ALA D 263 1.33 -29.01 -7.29
CA ALA D 263 1.26 -28.12 -8.46
C ALA D 263 0.39 -26.89 -8.21
N ASN D 264 -0.60 -27.04 -7.33
CA ASN D 264 -1.56 -25.96 -7.06
C ASN D 264 -1.23 -25.10 -5.86
N TRP D 265 -0.21 -25.50 -5.11
CA TRP D 265 0.22 -24.73 -3.97
C TRP D 265 1.54 -24.01 -4.27
N ALA D 266 1.63 -22.74 -3.92
CA ALA D 266 2.80 -21.93 -4.21
C ALA D 266 3.25 -22.08 -5.66
N PRO D 267 2.44 -21.60 -6.61
CA PRO D 267 2.63 -21.86 -8.03
C PRO D 267 3.80 -21.09 -8.68
N SER D 268 4.39 -20.13 -7.97
CA SER D 268 5.57 -19.42 -8.50
C SER D 268 6.80 -20.33 -8.45
N MET D 269 6.67 -21.43 -7.72
CA MET D 269 7.73 -22.42 -7.58
C MET D 269 7.26 -23.79 -8.05
N VAL D 270 8.03 -24.41 -8.94
CA VAL D 270 7.73 -25.76 -9.41
C VAL D 270 8.75 -26.74 -8.82
N VAL D 271 8.29 -27.81 -8.18
CA VAL D 271 9.18 -28.91 -7.74
C VAL D 271 8.63 -30.30 -8.14
N GLY D 272 9.52 -31.29 -8.20
CA GLY D 272 9.10 -32.63 -8.58
C GLY D 272 10.24 -33.59 -8.88
N LEU D 273 9.91 -34.86 -9.03
CA LEU D 273 10.90 -35.88 -9.32
C LEU D 273 10.76 -36.34 -10.78
N GLY D 274 11.89 -36.71 -11.37
CA GLY D 274 11.95 -37.15 -12.76
C GLY D 274 13.22 -37.95 -12.98
N ARG D 275 13.54 -38.21 -14.24
CA ARG D 275 14.76 -38.96 -14.52
C ARG D 275 15.65 -38.22 -15.49
N LEU D 276 16.95 -38.26 -15.19
CA LEU D 276 17.93 -37.60 -16.04
C LEU D 276 18.93 -38.63 -16.54
N SER D 277 18.77 -39.03 -17.79
CA SER D 277 19.52 -40.15 -18.39
C SER D 277 19.36 -41.43 -17.56
N GLY D 278 18.14 -41.64 -17.07
CA GLY D 278 17.81 -42.81 -16.27
C GLY D 278 17.88 -42.58 -14.76
N ARG D 279 18.59 -41.53 -14.34
CA ARG D 279 18.87 -41.31 -12.93
C ARG D 279 17.79 -40.43 -12.28
N THR D 280 17.28 -40.86 -11.14
CA THR D 280 16.28 -40.07 -10.40
C THR D 280 16.86 -38.73 -9.92
N VAL D 281 16.24 -37.63 -10.33
CA VAL D 281 16.66 -36.31 -9.88
C VAL D 281 15.46 -35.55 -9.37
N GLY D 282 15.71 -34.56 -8.51
CA GLY D 282 14.68 -33.62 -8.12
C GLY D 282 14.92 -32.32 -8.89
N VAL D 283 13.84 -31.65 -9.27
CA VAL D 283 13.96 -30.36 -9.93
C VAL D 283 13.22 -29.29 -9.15
N LEU D 284 13.83 -28.12 -9.03
CA LEU D 284 13.15 -26.95 -8.52
C LEU D 284 13.28 -25.83 -9.53
N ALA D 285 12.18 -25.18 -9.88
CA ALA D 285 12.22 -24.14 -10.90
C ALA D 285 11.27 -23.00 -10.61
N ASN D 286 11.79 -21.78 -10.61
CA ASN D 286 10.94 -20.60 -10.55
C ASN D 286 10.03 -20.63 -11.77
N ASN D 287 8.73 -20.43 -11.56
CA ASN D 287 7.78 -20.37 -12.67
C ASN D 287 7.33 -18.95 -12.91
N PRO D 288 7.91 -18.28 -13.91
CA PRO D 288 7.61 -16.87 -14.20
C PRO D 288 6.16 -16.63 -14.60
N LEU D 289 5.42 -17.70 -14.88
CA LEU D 289 4.01 -17.58 -15.20
C LEU D 289 3.15 -17.10 -14.02
N ARG D 290 3.60 -17.38 -12.79
CA ARG D 290 2.86 -16.99 -11.60
C ARG D 290 3.70 -16.05 -10.71
N LEU D 291 3.10 -14.95 -10.27
CA LEU D 291 3.78 -13.94 -9.45
C LEU D 291 5.14 -13.52 -10.02
N GLY D 292 5.25 -13.47 -11.34
CA GLY D 292 6.50 -13.10 -11.99
C GLY D 292 7.63 -14.07 -11.71
N GLY D 293 7.29 -15.24 -11.16
CA GLY D 293 8.31 -16.18 -10.72
C GLY D 293 8.99 -15.76 -9.42
N CYS D 294 8.44 -14.78 -8.73
CA CYS D 294 9.02 -14.32 -7.47
C CYS D 294 8.97 -15.36 -6.36
N LEU D 295 9.97 -15.35 -5.48
CA LEU D 295 9.84 -16.07 -4.22
C LEU D 295 8.86 -15.38 -3.27
N ASN D 296 8.21 -16.18 -2.43
CA ASN D 296 7.43 -15.62 -1.35
C ASN D 296 7.41 -16.63 -0.23
N SER D 297 6.51 -16.43 0.72
CA SER D 297 6.42 -17.30 1.89
C SER D 297 6.13 -18.77 1.53
N GLU D 298 5.15 -19.00 0.70
CA GLU D 298 4.75 -20.31 0.30
C GLU D 298 5.74 -21.01 -0.57
N SER D 299 6.26 -20.29 -1.52
CA SER D 299 7.18 -20.89 -2.45
C SER D 299 8.50 -21.24 -1.78
N ALA D 300 8.95 -20.40 -0.87
CA ALA D 300 10.15 -20.71 -0.07
C ALA D 300 9.97 -21.99 0.73
N GLU D 301 8.85 -22.11 1.41
CA GLU D 301 8.58 -23.30 2.22
C GLU D 301 8.53 -24.56 1.36
N LYS D 302 7.80 -24.46 0.25
CA LYS D 302 7.65 -25.55 -0.70
C LYS D 302 9.01 -26.06 -1.22
N ALA D 303 9.89 -25.13 -1.59
CA ALA D 303 11.21 -25.52 -2.04
C ALA D 303 12.05 -26.12 -0.89
N ALA D 304 11.96 -25.51 0.30
CA ALA D 304 12.75 -25.98 1.44
C ALA D 304 12.39 -27.43 1.85
N ARG D 305 11.10 -27.74 1.85
CA ARG D 305 10.67 -29.09 2.20
C ARG D 305 11.19 -30.08 1.16
N PHE D 306 11.09 -29.71 -0.09
CA PHE D 306 11.52 -30.59 -1.17
C PHE D 306 13.03 -30.80 -1.14
N VAL D 307 13.80 -29.74 -0.93
CA VAL D 307 15.25 -29.89 -0.83
C VAL D 307 15.61 -30.90 0.26
N ARG D 308 14.95 -30.81 1.41
CA ARG D 308 15.23 -31.68 2.55
C ARG D 308 14.83 -33.13 2.25
N LEU D 309 13.80 -33.28 1.44
CA LEU D 309 13.37 -34.61 1.06
C LEU D 309 14.44 -35.26 0.17
N CYS D 310 14.91 -34.54 -0.85
CA CYS D 310 15.91 -35.11 -1.75
C CYS D 310 17.25 -35.37 -1.07
N ASP D 311 17.63 -34.47 -0.17
CA ASP D 311 18.86 -34.61 0.60
C ASP D 311 18.85 -35.90 1.41
N ALA D 312 17.71 -36.18 2.03
CA ALA D 312 17.54 -37.34 2.88
C ALA D 312 17.77 -38.64 2.11
N PHE D 313 17.24 -38.72 0.89
CA PHE D 313 17.31 -39.98 0.16
C PHE D 313 18.35 -40.04 -0.96
N GLY D 314 19.27 -39.07 -0.99
CA GLY D 314 20.41 -39.14 -1.88
C GLY D 314 20.10 -38.78 -3.32
N ILE D 315 19.10 -37.91 -3.51
CA ILE D 315 18.60 -37.58 -4.84
C ILE D 315 19.15 -36.22 -5.26
N PRO D 316 19.94 -36.19 -6.36
CA PRO D 316 20.58 -34.95 -6.81
C PRO D 316 19.56 -33.91 -7.27
N LEU D 317 19.92 -32.63 -7.20
CA LEU D 317 18.99 -31.54 -7.52
C LEU D 317 19.39 -30.75 -8.76
N VAL D 318 18.40 -30.46 -9.59
CA VAL D 318 18.55 -29.50 -10.67
C VAL D 318 17.76 -28.27 -10.29
N VAL D 319 18.42 -27.12 -10.20
CA VAL D 319 17.73 -25.89 -9.83
C VAL D 319 17.72 -24.91 -11.02
N VAL D 320 16.52 -24.66 -11.54
CA VAL D 320 16.36 -23.85 -12.74
C VAL D 320 15.87 -22.46 -12.34
N VAL D 321 16.77 -21.48 -12.43
CA VAL D 321 16.52 -20.17 -11.83
C VAL D 321 16.13 -19.10 -12.85
N ASP D 322 15.01 -18.44 -12.59
CA ASP D 322 14.59 -17.25 -13.32
C ASP D 322 13.71 -16.46 -12.36
N VAL D 323 14.37 -15.75 -11.43
CA VAL D 323 13.67 -15.12 -10.33
C VAL D 323 14.08 -13.65 -10.15
N PRO D 324 13.10 -12.75 -10.26
CA PRO D 324 13.34 -11.30 -10.28
C PRO D 324 13.29 -10.63 -8.90
N GLY D 325 12.77 -11.33 -7.89
CA GLY D 325 12.74 -10.79 -6.54
C GLY D 325 11.89 -11.63 -5.61
N TYR D 326 11.44 -11.03 -4.51
CA TYR D 326 10.58 -11.76 -3.56
C TYR D 326 9.52 -10.83 -2.98
N LEU D 327 8.48 -11.43 -2.39
CA LEU D 327 7.25 -10.70 -2.09
C LEU D 327 6.74 -10.97 -0.68
N PRO D 328 6.11 -9.98 -0.07
CA PRO D 328 5.54 -10.17 1.27
C PRO D 328 4.22 -10.93 1.15
N GLY D 329 3.32 -10.67 2.01
CA GLY D 329 2.13 -11.31 1.80
C GLY D 329 1.09 -10.29 2.01
N VAL D 330 0.37 -10.64 3.08
CA VAL D 330 -0.79 -10.01 3.78
C VAL D 330 -1.10 -8.61 3.39
N ASP D 331 -1.07 -7.71 4.38
CA ASP D 331 -1.21 -6.30 4.05
C ASP D 331 0.21 -5.87 4.26
N GLN D 332 1.07 -6.33 3.37
CA GLN D 332 2.50 -6.14 3.50
C GLN D 332 3.22 -6.83 4.70
N GLU D 333 2.86 -8.06 5.04
CA GLU D 333 3.51 -8.84 6.10
C GLU D 333 4.79 -9.51 5.62
N TRP D 334 5.95 -9.15 6.12
CA TRP D 334 7.20 -9.78 5.68
C TRP D 334 7.61 -10.98 6.53
N GLY D 335 6.96 -11.16 7.68
CA GLY D 335 7.33 -12.21 8.60
C GLY D 335 7.42 -13.58 7.96
N GLY D 336 6.53 -13.86 7.02
CA GLY D 336 6.46 -15.16 6.40
C GLY D 336 7.63 -15.45 5.47
N VAL D 337 7.92 -14.51 4.58
CA VAL D 337 8.99 -14.74 3.62
C VAL D 337 10.35 -14.70 4.32
N VAL D 338 10.43 -13.94 5.41
CA VAL D 338 11.66 -13.91 6.18
C VAL D 338 11.90 -15.25 6.85
N ARG D 339 10.91 -15.72 7.59
CA ARG D 339 11.01 -17.00 8.30
C ARG D 339 11.18 -18.20 7.35
N ARG D 340 10.39 -18.27 6.31
CA ARG D 340 10.47 -19.36 5.37
C ARG D 340 11.63 -19.21 4.50
N GLY D 341 11.93 -17.98 4.17
CA GLY D 341 13.15 -17.68 3.43
C GLY D 341 14.37 -18.20 4.14
N ALA D 342 14.45 -17.96 5.45
CA ALA D 342 15.57 -18.46 6.24
C ALA D 342 15.66 -19.98 6.19
N LYS D 343 14.51 -20.63 6.22
CA LYS D 343 14.44 -22.08 6.15
C LYS D 343 14.98 -22.59 4.81
N LEU D 344 14.69 -21.87 3.73
CA LEU D 344 15.21 -22.22 2.42
C LEU D 344 16.74 -22.07 2.37
N LEU D 345 17.26 -20.99 2.93
CA LEU D 345 18.72 -20.82 3.05
C LEU D 345 19.31 -22.03 3.75
N HIS D 346 18.66 -22.42 4.84
CA HIS D 346 19.13 -23.49 5.68
C HIS D 346 19.08 -24.85 4.96
N ALA D 347 18.03 -25.07 4.18
CA ALA D 347 17.90 -26.32 3.45
C ALA D 347 19.04 -26.48 2.42
N PHE D 348 19.28 -25.44 1.63
CA PHE D 348 20.41 -25.46 0.69
C PHE D 348 21.77 -25.49 1.38
N GLY D 349 21.93 -24.65 2.41
CA GLY D 349 23.19 -24.61 3.13
C GLY D 349 23.67 -25.96 3.62
N GLU D 350 22.77 -26.68 4.30
CA GLU D 350 23.06 -27.98 4.92
C GLU D 350 23.04 -29.14 3.93
N CYS D 351 22.60 -28.87 2.70
CA CYS D 351 22.37 -29.94 1.72
C CYS D 351 23.71 -30.54 1.26
N THR D 352 23.77 -31.86 1.17
CA THR D 352 25.02 -32.55 0.83
C THR D 352 24.98 -33.36 -0.46
N VAL D 353 23.79 -33.50 -1.05
CA VAL D 353 23.65 -34.19 -2.36
C VAL D 353 24.02 -33.20 -3.44
N PRO D 354 24.37 -33.68 -4.65
CA PRO D 354 24.75 -32.74 -5.70
C PRO D 354 23.58 -31.84 -6.07
N ARG D 355 23.87 -30.58 -6.35
CA ARG D 355 22.82 -29.64 -6.70
C ARG D 355 23.39 -28.60 -7.66
N VAL D 356 22.88 -28.64 -8.89
CA VAL D 356 23.38 -27.78 -9.96
C VAL D 356 22.38 -26.70 -10.28
N THR D 357 22.86 -25.47 -10.37
CA THR D 357 22.00 -24.35 -10.69
C THR D 357 22.16 -23.97 -12.16
N LEU D 358 21.04 -23.68 -12.82
CA LEU D 358 21.04 -23.14 -14.17
C LEU D 358 20.29 -21.84 -14.17
N VAL D 359 21.00 -20.74 -14.40
CA VAL D 359 20.35 -19.46 -14.58
C VAL D 359 19.97 -19.34 -16.05
N THR D 360 18.68 -19.16 -16.31
CA THR D 360 18.19 -19.06 -17.70
C THR D 360 18.06 -17.62 -18.21
N ARG D 361 17.23 -16.82 -17.56
CA ARG D 361 17.11 -15.39 -17.91
C ARG D 361 17.68 -14.44 -16.86
N LYS D 362 17.10 -14.41 -15.66
CA LYS D 362 17.55 -13.48 -14.63
C LYS D 362 17.57 -14.07 -13.23
N THR D 363 18.42 -13.49 -12.40
CA THR D 363 18.46 -13.85 -10.99
C THR D 363 18.94 -12.61 -10.20
N TYR D 364 18.05 -12.04 -9.41
CA TYR D 364 18.26 -10.73 -8.79
C TYR D 364 18.28 -10.79 -7.27
N GLY D 365 19.18 -10.02 -6.68
CA GLY D 365 19.11 -9.69 -5.26
C GLY D 365 19.15 -10.85 -4.29
N GLY D 366 18.35 -10.73 -3.22
CA GLY D 366 18.28 -11.74 -2.18
C GLY D 366 17.83 -13.09 -2.71
N ALA D 367 16.90 -13.07 -3.65
CA ALA D 367 16.37 -14.30 -4.22
C ALA D 367 17.46 -15.04 -4.98
N TYR D 368 18.37 -14.29 -5.61
CA TYR D 368 19.54 -14.90 -6.23
C TYR D 368 20.33 -15.74 -5.22
N ILE D 369 20.56 -15.20 -4.02
CA ILE D 369 21.36 -15.91 -3.03
C ILE D 369 20.71 -17.23 -2.62
N ALA D 370 19.39 -17.17 -2.48
CA ALA D 370 18.60 -18.26 -1.95
C ALA D 370 18.43 -19.39 -2.94
N MET D 371 18.35 -19.06 -4.23
CA MET D 371 18.15 -20.10 -5.25
C MET D 371 19.47 -20.81 -5.53
N ASN D 372 19.99 -21.50 -4.53
CA ASN D 372 21.18 -22.34 -4.67
C ASN D 372 22.40 -21.63 -5.29
N SER D 373 22.72 -20.47 -4.75
CA SER D 373 23.89 -19.72 -5.20
C SER D 373 25.16 -20.42 -4.77
N ARG D 374 26.26 -19.97 -5.36
CA ARG D 374 27.59 -20.46 -5.03
C ARG D 374 27.92 -20.19 -3.55
N SER D 375 27.38 -19.11 -2.98
CA SER D 375 27.62 -18.83 -1.58
C SER D 375 27.02 -19.89 -0.66
N LEU D 376 25.98 -20.58 -1.12
CA LEU D 376 25.42 -21.68 -0.34
C LEU D 376 26.02 -23.03 -0.72
N ASN D 377 27.15 -22.99 -1.42
CA ASN D 377 27.88 -24.18 -1.83
C ASN D 377 27.19 -25.03 -2.90
N ALA D 378 26.53 -24.36 -3.86
CA ALA D 378 26.07 -25.04 -5.07
C ALA D 378 27.21 -25.86 -5.69
N THR D 379 26.89 -27.05 -6.19
CA THR D 379 27.89 -27.92 -6.80
C THR D 379 28.51 -27.23 -8.01
N LYS D 380 27.68 -26.60 -8.80
CA LYS D 380 28.06 -25.89 -9.97
C LYS D 380 26.99 -24.92 -10.35
N VAL D 381 27.39 -23.76 -10.84
CA VAL D 381 26.43 -22.77 -11.33
C VAL D 381 26.67 -22.52 -12.83
N PHE D 382 25.63 -22.74 -13.63
CA PHE D 382 25.70 -22.56 -15.08
C PHE D 382 24.79 -21.42 -15.47
N ALA D 383 25.16 -20.67 -16.50
CA ALA D 383 24.26 -19.65 -17.05
C ALA D 383 24.17 -19.74 -18.58
N TRP D 384 22.99 -19.44 -19.11
CA TRP D 384 22.80 -19.23 -20.54
C TRP D 384 23.38 -17.85 -20.92
N PRO D 385 23.84 -17.70 -22.19
CA PRO D 385 24.52 -16.50 -22.70
C PRO D 385 23.90 -15.14 -22.36
N ASP D 386 22.58 -15.02 -22.43
CA ASP D 386 21.95 -13.71 -22.19
C ASP D 386 21.39 -13.59 -20.77
N ALA D 387 21.87 -14.43 -19.87
CA ALA D 387 21.41 -14.40 -18.46
C ALA D 387 21.87 -13.15 -17.73
N GLU D 388 21.04 -12.66 -16.81
CA GLU D 388 21.43 -11.55 -15.95
C GLU D 388 21.61 -12.01 -14.51
N VAL D 389 22.79 -11.76 -13.97
CA VAL D 389 23.03 -11.93 -12.55
C VAL D 389 23.34 -10.55 -11.98
N ALA D 390 22.38 -9.99 -11.23
CA ALA D 390 22.48 -8.60 -10.78
C ALA D 390 21.78 -8.37 -9.44
N VAL D 391 22.03 -7.20 -8.85
CA VAL D 391 21.36 -6.83 -7.60
C VAL D 391 19.89 -6.47 -7.88
N MET D 392 19.64 -5.95 -9.07
CA MET D 392 18.29 -5.66 -9.53
C MET D 392 18.31 -5.30 -11.02
N GLY D 393 17.17 -4.92 -11.56
CA GLY D 393 17.07 -4.63 -12.98
C GLY D 393 17.44 -3.22 -13.43
N ALA D 394 18.72 -3.02 -13.74
CA ALA D 394 19.26 -1.83 -14.42
C ALA D 394 18.59 -0.48 -14.16
N LYS D 395 17.42 -0.27 -14.76
CA LYS D 395 16.65 0.94 -14.54
C LYS D 395 16.42 1.15 -13.06
N ALA D 396 15.92 0.11 -12.40
CA ALA D 396 15.69 0.16 -10.97
C ALA D 396 16.97 0.54 -10.22
N ALA D 397 18.10 -0.02 -10.65
CA ALA D 397 19.37 0.21 -9.98
C ALA D 397 19.87 1.65 -10.13
N VAL D 398 19.69 2.18 -11.34
CA VAL D 398 20.10 3.54 -11.65
C VAL D 398 19.33 4.59 -10.85
N GLY D 399 18.00 4.45 -10.82
CA GLY D 399 17.14 5.38 -10.13
C GLY D 399 17.41 5.48 -8.64
N ILE D 400 18.22 4.56 -8.12
CA ILE D 400 18.57 4.51 -6.70
C ILE D 400 20.01 4.99 -6.47
N LEU D 401 20.94 4.49 -7.29
CA LEU D 401 22.35 4.87 -7.23
C LEU D 401 22.56 6.33 -7.64
N HIS D 402 21.72 6.80 -8.56
CA HIS D 402 21.82 8.16 -9.08
C HIS D 402 20.52 8.94 -8.85
N LYS D 403 19.92 8.71 -7.69
CA LYS D 403 18.71 9.41 -7.27
C LYS D 403 18.91 10.92 -7.34
N LYS D 404 20.10 11.38 -6.97
CA LYS D 404 20.43 12.81 -6.96
C LYS D 404 20.63 13.39 -8.38
N LYS D 405 21.49 12.78 -9.17
CA LYS D 405 21.73 13.21 -10.56
C LYS D 405 20.45 13.18 -11.41
N LEU D 406 19.54 12.28 -11.08
CA LEU D 406 18.27 12.17 -11.79
C LEU D 406 17.29 13.26 -11.34
N ALA D 407 17.24 13.51 -10.05
CA ALA D 407 16.29 14.47 -9.47
C ALA D 407 16.66 15.92 -9.75
N ALA D 408 17.96 16.21 -9.84
CA ALA D 408 18.44 17.57 -10.07
C ALA D 408 18.25 18.03 -11.52
N ALA D 409 18.06 17.05 -12.40
CA ALA D 409 17.80 17.31 -13.81
C ALA D 409 16.35 17.76 -14.04
N PRO D 410 16.13 18.61 -15.06
CA PRO D 410 14.77 19.07 -15.41
C PRO D 410 13.88 17.93 -15.91
N GLU D 411 12.56 18.06 -15.74
CA GLU D 411 11.61 16.99 -16.09
C GLU D 411 11.76 16.47 -17.52
N HIS D 412 12.05 17.37 -18.46
CA HIS D 412 12.22 17.01 -19.87
C HIS D 412 13.39 16.05 -20.09
N GLU D 413 14.45 16.24 -19.30
CA GLU D 413 15.66 15.43 -19.42
C GLU D 413 15.77 14.32 -18.35
N ARG D 414 15.08 14.51 -17.23
CA ARG D 414 15.08 13.54 -16.12
C ARG D 414 14.57 12.17 -16.58
N GLU D 415 13.53 12.18 -17.40
CA GLU D 415 12.94 10.95 -17.95
C GLU D 415 13.66 10.46 -19.21
N ALA D 416 14.93 10.84 -19.36
CA ALA D 416 15.71 10.47 -20.53
C ALA D 416 17.17 10.24 -20.15
N LEU D 417 17.58 10.91 -19.08
CA LEU D 417 18.90 10.73 -18.48
C LEU D 417 19.03 9.31 -17.90
N HIS D 418 17.89 8.72 -17.56
CA HIS D 418 17.84 7.39 -16.98
C HIS D 418 18.21 6.30 -18.00
N ASP D 419 17.58 6.34 -19.18
CA ASP D 419 17.83 5.33 -20.23
C ASP D 419 19.30 5.36 -20.72
N GLN D 420 20.00 6.44 -20.41
CA GLN D 420 21.43 6.57 -20.70
C GLN D 420 22.26 6.00 -19.56
N LEU D 421 21.86 6.32 -18.33
CA LEU D 421 22.48 5.75 -17.15
C LEU D 421 22.20 4.25 -17.08
N ALA D 422 20.99 3.86 -17.50
CA ALA D 422 20.60 2.46 -17.55
C ALA D 422 21.45 1.68 -18.55
N ALA D 423 21.51 2.19 -19.78
CA ALA D 423 22.31 1.57 -20.84
C ALA D 423 23.78 1.47 -20.43
N GLU D 424 24.27 2.47 -19.69
CA GLU D 424 25.65 2.48 -19.20
C GLU D 424 25.85 1.54 -18.02
N HIS D 425 24.88 1.49 -17.12
CA HIS D 425 24.91 0.56 -15.98
C HIS D 425 24.90 -0.89 -16.49
N GLU D 426 24.03 -1.17 -17.44
CA GLU D 426 23.93 -2.49 -18.07
C GLU D 426 25.26 -2.92 -18.69
N ARG D 427 25.94 -1.98 -19.34
CA ARG D 427 27.21 -2.26 -20.00
C ARG D 427 28.32 -2.50 -18.97
N ILE D 428 28.23 -1.82 -17.83
CA ILE D 428 29.21 -1.97 -16.76
C ILE D 428 29.26 -3.42 -16.28
N ALA D 429 28.18 -3.85 -15.64
CA ALA D 429 28.08 -5.22 -15.15
C ALA D 429 26.63 -5.70 -15.10
N GLY D 430 26.45 -7.01 -14.93
CA GLY D 430 25.13 -7.63 -14.90
C GLY D 430 25.09 -8.86 -15.79
N GLY D 431 26.01 -8.91 -16.74
CA GLY D 431 26.08 -10.03 -17.64
C GLY D 431 26.75 -11.23 -17.00
N VAL D 432 26.78 -12.33 -17.75
CA VAL D 432 27.42 -13.56 -17.30
C VAL D 432 28.93 -13.35 -17.23
N ASP D 433 29.44 -12.52 -18.14
CA ASP D 433 30.87 -12.20 -18.17
C ASP D 433 31.35 -11.60 -16.84
N SER D 434 30.62 -10.63 -16.33
CA SER D 434 30.92 -10.07 -15.02
C SER D 434 30.81 -11.15 -13.93
N ALA D 435 29.76 -11.97 -14.02
CA ALA D 435 29.52 -13.03 -13.05
C ALA D 435 30.63 -14.08 -13.01
N LEU D 436 31.19 -14.37 -14.19
CA LEU D 436 32.30 -15.32 -14.29
C LEU D 436 33.54 -14.74 -13.65
N ASP D 437 33.75 -13.44 -13.83
CA ASP D 437 34.92 -12.80 -13.26
C ASP D 437 34.83 -12.79 -11.75
N ILE D 438 33.66 -12.41 -11.25
CA ILE D 438 33.39 -12.42 -9.81
C ILE D 438 33.61 -13.82 -9.27
N GLY D 439 33.10 -14.81 -9.99
CA GLY D 439 33.25 -16.20 -9.60
C GLY D 439 31.95 -16.84 -9.16
N VAL D 440 30.82 -16.13 -9.31
CA VAL D 440 29.53 -16.68 -8.87
C VAL D 440 28.83 -17.56 -9.91
N VAL D 441 29.36 -17.55 -11.14
CA VAL D 441 28.92 -18.49 -12.15
C VAL D 441 30.16 -19.27 -12.57
N ASP D 442 30.01 -20.58 -12.76
CA ASP D 442 31.18 -21.39 -13.08
C ASP D 442 31.41 -21.45 -14.56
N GLU D 443 30.32 -21.35 -15.34
CA GLU D 443 30.43 -21.51 -16.77
C GLU D 443 29.22 -20.99 -17.53
N LYS D 444 29.48 -20.32 -18.64
CA LYS D 444 28.41 -19.95 -19.56
C LYS D 444 28.28 -21.09 -20.57
N ILE D 445 27.06 -21.57 -20.82
CA ILE D 445 26.90 -22.75 -21.64
C ILE D 445 26.01 -22.52 -22.85
N ASP D 446 26.31 -23.26 -23.90
CA ASP D 446 25.44 -23.36 -25.05
C ASP D 446 24.16 -24.04 -24.59
N PRO D 447 23.02 -23.33 -24.66
CA PRO D 447 21.74 -23.89 -24.22
C PRO D 447 21.39 -25.19 -24.94
N ALA D 448 21.99 -25.44 -26.10
CA ALA D 448 21.76 -26.67 -26.85
C ALA D 448 22.32 -27.88 -26.13
N HIS D 449 23.21 -27.65 -25.16
CA HIS D 449 23.81 -28.73 -24.37
C HIS D 449 23.41 -28.66 -22.90
N THR D 450 22.33 -27.94 -22.60
CA THR D 450 21.83 -27.76 -21.23
C THR D 450 21.71 -29.09 -20.52
N ARG D 451 21.05 -30.04 -21.17
CA ARG D 451 20.78 -31.35 -20.57
C ARG D 451 22.05 -32.17 -20.30
N SER D 452 22.98 -32.20 -21.27
CA SER D 452 24.16 -33.03 -21.05
C SER D 452 25.13 -32.40 -20.04
N LYS D 453 25.17 -31.06 -20.01
CA LYS D 453 25.97 -30.29 -19.04
C LYS D 453 25.50 -30.48 -17.58
N LEU D 454 24.19 -30.34 -17.37
CA LEU D 454 23.61 -30.59 -16.05
C LEU D 454 23.94 -32.01 -15.60
N THR D 455 23.81 -32.96 -16.50
CA THR D 455 24.06 -34.37 -16.16
C THR D 455 25.50 -34.59 -15.72
N GLU D 456 26.43 -34.07 -16.52
CA GLU D 456 27.87 -34.15 -16.22
C GLU D 456 28.20 -33.55 -14.84
N ALA D 457 27.70 -32.35 -14.56
CA ALA D 457 27.95 -31.72 -13.25
C ALA D 457 27.46 -32.58 -12.08
N LEU D 458 26.26 -33.17 -12.22
CA LEU D 458 25.72 -34.00 -11.16
C LEU D 458 26.45 -35.33 -11.02
N ALA D 459 26.81 -35.92 -12.15
CA ALA D 459 27.44 -37.24 -12.16
C ALA D 459 28.81 -37.17 -11.52
N GLN D 460 29.45 -36.02 -11.63
CA GLN D 460 30.87 -35.93 -11.29
C GLN D 460 31.09 -35.35 -9.91
N ALA D 461 30.01 -34.83 -9.34
CA ALA D 461 29.98 -34.40 -7.94
C ALA D 461 30.18 -35.58 -6.98
N PRO D 462 30.71 -35.29 -5.78
CA PRO D 462 30.73 -36.31 -4.73
C PRO D 462 29.28 -36.59 -4.31
N ALA D 463 28.93 -37.83 -3.96
CA ALA D 463 27.55 -38.11 -3.61
C ALA D 463 27.15 -37.44 -2.29
N ARG D 464 28.13 -37.22 -1.42
CA ARG D 464 27.95 -36.41 -0.22
C ARG D 464 29.09 -35.44 0.06
N ARG D 465 28.79 -34.15 -0.04
CA ARG D 465 29.55 -33.02 0.57
C ARG D 465 28.97 -31.76 -0.07
N GLY D 466 29.69 -30.63 0.00
CA GLY D 466 29.11 -29.36 -0.45
C GLY D 466 27.96 -28.86 0.43
N LEU E 13 22.38 81.97 4.54
CA LEU E 13 22.08 82.01 5.97
C LEU E 13 23.25 82.50 6.80
N ASP E 14 22.94 82.88 8.04
CA ASP E 14 23.93 83.01 9.09
C ASP E 14 24.22 81.63 9.70
N PRO E 15 23.17 80.88 10.14
CA PRO E 15 23.47 79.62 10.84
C PRO E 15 24.21 78.59 9.99
N ARG E 16 23.99 78.61 8.67
CA ARG E 16 24.69 77.68 7.78
C ARG E 16 26.03 78.21 7.29
N ASP E 17 26.49 79.34 7.83
CA ASP E 17 27.80 79.88 7.48
C ASP E 17 28.93 78.94 7.91
N PRO E 18 29.81 78.57 6.96
CA PRO E 18 30.82 77.54 7.18
C PRO E 18 31.85 77.95 8.23
N LEU E 19 32.18 79.23 8.30
CA LEU E 19 33.13 79.73 9.31
C LEU E 19 32.53 79.61 10.70
N LEU E 20 31.23 79.88 10.81
CA LEU E 20 30.57 79.74 12.09
C LEU E 20 30.55 78.28 12.50
N ARG E 21 30.08 77.44 11.57
CA ARG E 21 30.01 76.00 11.82
C ARG E 21 31.37 75.42 12.24
N LEU E 22 32.42 75.82 11.53
CA LEU E 22 33.77 75.39 11.89
C LEU E 22 34.17 75.92 13.25
N SER E 23 33.74 77.14 13.56
CA SER E 23 34.10 77.78 14.82
C SER E 23 33.43 77.10 16.00
N ASN E 24 32.17 76.71 15.80
CA ASN E 24 31.43 76.00 16.82
C ASN E 24 32.00 74.61 17.09
N PHE E 25 32.69 74.06 16.10
CA PHE E 25 33.25 72.73 16.22
C PHE E 25 34.63 72.74 16.87
N PHE E 26 35.51 73.60 16.37
CA PHE E 26 36.86 73.68 16.90
C PHE E 26 36.89 74.32 18.29
N ASP E 27 37.98 74.07 19.03
CA ASP E 27 38.26 74.78 20.28
C ASP E 27 38.24 76.28 19.98
N ASP E 28 37.64 77.06 20.87
CA ASP E 28 37.54 78.51 20.67
C ASP E 28 38.91 79.12 20.40
N GLY E 29 38.97 79.97 19.37
CA GLY E 29 40.20 80.67 19.02
C GLY E 29 41.30 79.90 18.31
N SER E 30 40.99 78.70 17.82
CA SER E 30 42.05 77.87 17.20
C SER E 30 41.97 77.80 15.68
N VAL E 31 40.88 78.31 15.11
CA VAL E 31 40.65 78.22 13.68
C VAL E 31 41.71 78.95 12.84
N GLU E 32 42.35 78.22 11.91
CA GLU E 32 43.29 78.79 10.95
C GLU E 32 42.93 78.31 9.55
N LEU E 33 42.37 79.20 8.74
CA LEU E 33 41.88 78.83 7.42
C LEU E 33 43.01 78.28 6.54
N LEU E 34 42.69 77.27 5.74
CA LEU E 34 43.68 76.63 4.88
C LEU E 34 43.80 77.34 3.54
N HIS E 35 42.88 78.27 3.31
CA HIS E 35 42.79 79.02 2.06
C HIS E 35 41.84 80.18 2.29
N GLU E 36 41.83 81.14 1.36
CA GLU E 36 40.94 82.29 1.47
C GLU E 36 39.50 81.89 1.20
N ARG E 37 38.57 82.50 1.91
CA ARG E 37 37.16 82.25 1.66
C ARG E 37 36.83 82.64 0.22
N ASP E 38 35.79 82.03 -0.32
CA ASP E 38 35.40 82.29 -1.70
C ASP E 38 33.99 81.74 -1.85
N ARG E 39 33.52 81.59 -3.08
CA ARG E 39 32.18 81.05 -3.29
C ARG E 39 32.24 79.65 -3.91
N SER E 40 33.29 78.90 -3.56
CA SER E 40 33.49 77.55 -4.07
C SER E 40 32.47 76.56 -3.50
N GLY E 41 32.01 76.84 -2.29
CA GLY E 41 31.06 75.93 -1.65
C GLY E 41 31.70 75.14 -0.51
N VAL E 42 33.01 75.25 -0.33
CA VAL E 42 33.61 74.71 0.90
C VAL E 42 34.63 75.66 1.51
N LEU E 43 34.73 75.60 2.83
CA LEU E 43 35.79 76.28 3.55
C LEU E 43 36.53 75.20 4.34
N ALA E 44 37.85 75.17 4.23
CA ALA E 44 38.64 74.20 4.97
C ALA E 44 39.53 74.89 6.00
N ALA E 45 39.68 74.29 7.18
CA ALA E 45 40.52 74.88 8.22
C ALA E 45 41.30 73.88 9.07
N ALA E 46 42.43 74.35 9.61
CA ALA E 46 43.11 73.65 10.69
C ALA E 46 42.56 74.16 12.01
N GLY E 47 42.91 73.50 13.12
CA GLY E 47 42.37 73.87 14.41
C GLY E 47 42.71 72.81 15.44
N THR E 48 42.15 72.93 16.64
CA THR E 48 42.34 71.90 17.65
C THR E 48 41.02 71.47 18.24
N VAL E 49 41.01 70.23 18.73
CA VAL E 49 39.87 69.64 19.44
C VAL E 49 40.47 69.12 20.73
N ASN E 50 40.11 69.77 21.83
CA ASN E 50 40.73 69.51 23.13
C ASN E 50 42.24 69.34 23.03
N GLY E 51 42.87 70.23 22.27
CA GLY E 51 44.31 70.22 22.12
C GLY E 51 44.84 69.49 20.90
N VAL E 52 44.06 68.57 20.34
CA VAL E 52 44.55 67.75 19.23
C VAL E 52 44.49 68.51 17.90
N ARG E 53 45.63 68.56 17.20
CA ARG E 53 45.65 69.20 15.88
C ARG E 53 44.72 68.46 14.91
N THR E 54 43.69 69.17 14.43
CA THR E 54 42.63 68.57 13.62
C THR E 54 42.41 69.39 12.35
N ILE E 55 42.19 68.71 11.23
CA ILE E 55 41.77 69.38 9.99
C ILE E 55 40.25 69.24 9.84
N ALA E 56 39.57 70.30 9.41
CA ALA E 56 38.15 70.18 9.11
C ALA E 56 37.75 70.89 7.82
N PHE E 57 36.67 70.44 7.21
CA PHE E 57 36.18 71.15 6.04
C PHE E 57 34.67 71.23 6.10
N CYS E 58 34.11 72.35 5.67
CA CYS E 58 32.67 72.55 5.75
C CYS E 58 32.10 72.90 4.39
N THR E 59 31.05 72.22 3.98
CA THR E 59 30.37 72.61 2.76
C THR E 59 29.55 73.86 3.08
N ASP E 60 29.44 74.74 2.08
CA ASP E 60 28.86 76.05 2.28
C ASP E 60 27.42 76.04 1.80
N GLY E 61 26.50 75.72 2.70
CA GLY E 61 25.08 75.64 2.40
C GLY E 61 24.43 76.98 2.06
N THR E 62 25.17 78.08 2.19
CA THR E 62 24.65 79.38 1.81
C THR E 62 24.98 79.74 0.36
N VAL E 63 25.67 78.83 -0.32
CA VAL E 63 26.04 79.03 -1.72
C VAL E 63 25.55 77.85 -2.56
N MET E 64 24.49 78.08 -3.34
CA MET E 64 23.93 77.08 -4.24
C MET E 64 23.58 75.76 -3.55
N GLY E 65 23.05 75.84 -2.34
CA GLY E 65 22.67 74.67 -1.59
C GLY E 65 23.86 73.84 -1.13
N GLY E 66 25.05 74.41 -1.19
CA GLY E 66 26.25 73.67 -0.81
C GLY E 66 26.70 72.74 -1.92
N ALA E 67 26.16 72.93 -3.11
CA ALA E 67 26.49 72.08 -4.26
C ALA E 67 28.00 72.04 -4.53
N MET E 68 28.50 70.84 -4.83
CA MET E 68 29.93 70.61 -4.96
C MET E 68 30.42 70.91 -6.37
N GLY E 69 31.53 71.63 -6.46
CA GLY E 69 32.12 71.95 -7.74
C GLY E 69 33.62 71.73 -7.68
N VAL E 70 34.25 71.85 -8.84
CA VAL E 70 35.69 71.68 -8.96
C VAL E 70 36.50 72.45 -7.92
N GLU E 71 36.25 73.75 -7.80
CA GLU E 71 37.00 74.57 -6.86
C GLU E 71 36.84 74.08 -5.41
N GLY E 72 35.60 73.80 -5.01
CA GLY E 72 35.31 73.30 -3.68
C GLY E 72 35.95 71.94 -3.43
N CYS E 73 35.63 70.98 -4.29
CA CYS E 73 36.28 69.66 -4.25
C CYS E 73 37.80 69.77 -4.14
N THR E 74 38.38 70.80 -4.77
CA THR E 74 39.82 70.97 -4.72
C THR E 74 40.27 71.34 -3.31
N HIS E 75 39.43 72.11 -2.63
CA HIS E 75 39.73 72.49 -1.26
C HIS E 75 39.70 71.27 -0.34
N ILE E 76 38.72 70.40 -0.53
CA ILE E 76 38.59 69.19 0.27
C ILE E 76 39.81 68.29 0.06
N VAL E 77 40.17 68.06 -1.20
CA VAL E 77 41.32 67.23 -1.55
C VAL E 77 42.59 67.79 -0.91
N ASN E 78 42.79 69.09 -1.01
CA ASN E 78 43.95 69.71 -0.36
C ASN E 78 43.92 69.50 1.16
N ALA E 79 42.75 69.69 1.75
CA ALA E 79 42.57 69.43 3.19
C ALA E 79 42.94 67.98 3.53
N TYR E 80 42.48 67.04 2.71
CA TYR E 80 42.84 65.63 2.93
C TYR E 80 44.35 65.46 2.84
N ASP E 81 44.95 66.07 1.82
CA ASP E 81 46.40 65.98 1.61
C ASP E 81 47.16 66.56 2.79
N THR E 82 46.64 67.65 3.36
CA THR E 82 47.26 68.26 4.54
C THR E 82 47.16 67.33 5.75
N ALA E 83 45.97 66.81 6.04
CA ALA E 83 45.78 65.93 7.19
C ALA E 83 46.60 64.65 7.05
N ILE E 84 46.60 64.09 5.86
CA ILE E 84 47.40 62.88 5.60
C ILE E 84 48.87 63.14 5.89
N GLU E 85 49.40 64.23 5.34
CA GLU E 85 50.77 64.63 5.57
C GLU E 85 51.12 64.79 7.05
N ASP E 86 50.31 65.53 7.80
CA ASP E 86 50.60 65.77 9.21
C ASP E 86 50.07 64.67 10.15
N GLN E 87 49.47 63.63 9.56
CA GLN E 87 48.80 62.56 10.31
C GLN E 87 47.78 63.07 11.35
N SER E 88 46.89 63.94 10.90
CA SER E 88 45.89 64.55 11.75
C SER E 88 44.54 63.97 11.39
N PRO E 89 43.63 63.86 12.37
CA PRO E 89 42.26 63.48 12.01
C PRO E 89 41.59 64.54 11.14
N ILE E 90 40.61 64.13 10.36
CA ILE E 90 39.93 65.06 9.48
C ILE E 90 38.42 64.91 9.57
N VAL E 91 37.76 66.02 9.85
CA VAL E 91 36.32 66.05 10.07
C VAL E 91 35.64 66.83 8.94
N GLY E 92 34.66 66.22 8.29
CA GLY E 92 33.88 66.91 7.30
C GLY E 92 32.51 67.26 7.85
N ILE E 93 32.09 68.52 7.66
CA ILE E 93 30.74 68.93 8.02
C ILE E 93 29.92 69.09 6.73
N TRP E 94 28.84 68.33 6.63
CA TRP E 94 28.14 68.14 5.38
C TRP E 94 26.76 68.75 5.36
N HIS E 95 26.52 69.55 4.31
CA HIS E 95 25.24 70.12 3.99
C HIS E 95 25.29 70.50 2.51
N SER E 96 24.71 69.66 1.66
CA SER E 96 24.96 69.78 0.22
C SER E 96 24.00 68.96 -0.62
N GLY E 97 23.45 69.57 -1.66
CA GLY E 97 22.56 68.87 -2.58
C GLY E 97 23.33 68.01 -3.57
N GLY E 98 24.66 68.10 -3.54
CA GLY E 98 25.49 67.27 -4.39
C GLY E 98 26.32 68.05 -5.41
N ALA E 99 26.52 67.46 -6.58
CA ALA E 99 27.40 68.03 -7.59
C ALA E 99 26.76 69.22 -8.34
N ARG E 100 27.53 70.27 -8.57
CA ARG E 100 27.06 71.37 -9.42
C ARG E 100 26.85 70.92 -10.87
N LEU E 101 25.60 70.65 -11.20
CA LEU E 101 25.21 70.17 -12.51
C LEU E 101 25.71 71.01 -13.70
N ALA E 102 25.87 72.31 -13.49
CA ALA E 102 26.27 73.19 -14.60
C ALA E 102 27.75 73.01 -14.93
N GLU E 103 28.51 72.42 -14.02
CA GLU E 103 29.92 72.13 -14.28
C GLU E 103 30.08 70.82 -15.05
N GLY E 104 28.98 70.10 -15.25
CA GLY E 104 28.99 68.86 -16.01
C GLY E 104 30.00 67.85 -15.50
N VAL E 105 30.54 67.07 -16.44
CA VAL E 105 31.52 66.03 -16.18
C VAL E 105 32.70 66.48 -15.30
N ARG E 106 33.20 67.70 -15.48
CA ARG E 106 34.29 68.18 -14.63
C ARG E 106 33.97 68.05 -13.12
N ALA E 107 32.70 68.24 -12.76
CA ALA E 107 32.32 68.16 -11.36
C ALA E 107 32.24 66.70 -10.89
N LEU E 108 31.74 65.82 -11.75
CA LEU E 108 31.76 64.38 -11.50
C LEU E 108 33.18 63.92 -11.18
N HIS E 109 34.12 64.34 -12.03
CA HIS E 109 35.53 63.99 -11.86
C HIS E 109 36.10 64.49 -10.53
N ALA E 110 35.79 65.74 -10.19
CA ALA E 110 36.30 66.35 -8.96
C ALA E 110 35.74 65.66 -7.72
N VAL E 111 34.45 65.32 -7.77
CA VAL E 111 33.80 64.62 -6.69
C VAL E 111 34.49 63.26 -6.53
N GLY E 112 34.72 62.59 -7.67
CA GLY E 112 35.53 61.39 -7.72
C GLY E 112 36.84 61.53 -6.97
N GLN E 113 37.54 62.65 -7.20
CA GLN E 113 38.82 62.90 -6.55
C GLN E 113 38.68 63.06 -5.03
N VAL E 114 37.54 63.56 -4.58
CA VAL E 114 37.25 63.63 -3.16
C VAL E 114 37.15 62.19 -2.61
N PHE E 115 36.33 61.37 -3.25
CA PHE E 115 36.27 59.94 -2.92
C PHE E 115 37.68 59.32 -2.84
N GLU E 116 38.47 59.52 -3.89
CA GLU E 116 39.80 58.92 -3.99
C GLU E 116 40.73 59.36 -2.87
N ALA E 117 40.55 60.58 -2.38
CA ALA E 117 41.38 61.07 -1.27
C ALA E 117 40.94 60.43 0.05
N MET E 118 39.64 60.24 0.20
CA MET E 118 39.11 59.62 1.39
C MET E 118 39.54 58.16 1.47
N ILE E 119 39.73 57.57 0.28
CA ILE E 119 40.15 56.20 0.18
C ILE E 119 41.64 56.10 0.50
N ARG E 120 42.43 57.07 0.04
CA ARG E 120 43.84 57.15 0.41
C ARG E 120 43.99 57.30 1.93
N ALA E 121 43.08 58.05 2.56
CA ALA E 121 43.15 58.27 4.01
C ALA E 121 42.71 57.06 4.82
N SER E 122 41.90 56.20 4.22
CA SER E 122 41.25 55.09 4.92
C SER E 122 42.20 54.25 5.77
N GLY E 123 41.94 54.21 7.07
CA GLY E 123 42.75 53.41 7.97
C GLY E 123 44.11 54.03 8.24
N TYR E 124 44.34 55.22 7.69
CA TYR E 124 45.61 55.91 7.95
C TYR E 124 45.41 57.07 8.93
N ILE E 125 44.41 57.90 8.69
CA ILE E 125 43.97 58.91 9.67
C ILE E 125 42.48 58.73 9.95
N PRO E 126 42.05 59.06 11.16
CA PRO E 126 40.62 58.97 11.43
C PRO E 126 39.83 59.95 10.57
N GLN E 127 38.69 59.51 10.06
CA GLN E 127 37.80 60.38 9.30
C GLN E 127 36.40 60.39 9.90
N ILE E 128 35.98 61.59 10.32
CA ILE E 128 34.67 61.77 10.92
C ILE E 128 33.81 62.70 10.07
N SER E 129 32.59 62.30 9.77
CA SER E 129 31.65 63.15 9.08
C SER E 129 30.56 63.60 10.05
N VAL E 130 30.22 64.87 10.00
CA VAL E 130 29.09 65.42 10.75
C VAL E 130 28.09 65.95 9.73
N VAL E 131 26.96 65.28 9.61
CA VAL E 131 25.96 65.66 8.64
C VAL E 131 24.92 66.52 9.37
N VAL E 132 24.88 67.81 9.03
CA VAL E 132 24.07 68.77 9.75
C VAL E 132 22.97 69.33 8.88
N GLY E 133 22.86 68.83 7.66
CA GLY E 133 21.81 69.23 6.75
C GLY E 133 21.56 68.13 5.73
N PHE E 134 20.69 68.44 4.76
CA PHE E 134 20.45 67.57 3.62
C PHE E 134 21.79 67.23 2.97
N ALA E 135 21.98 65.94 2.65
CA ALA E 135 23.20 65.48 2.00
C ALA E 135 22.84 64.47 0.92
N ALA E 136 23.00 64.88 -0.34
CA ALA E 136 22.53 64.08 -1.47
C ALA E 136 23.60 63.90 -2.54
N GLY E 137 23.36 62.94 -3.43
CA GLY E 137 24.28 62.62 -4.52
C GLY E 137 25.67 62.28 -4.02
N GLY E 138 26.66 63.02 -4.50
CA GLY E 138 28.03 62.83 -4.05
C GLY E 138 28.20 63.16 -2.58
N ALA E 139 27.31 64.01 -2.06
CA ALA E 139 27.42 64.43 -0.67
C ALA E 139 26.86 63.38 0.27
N ALA E 140 26.16 62.40 -0.27
CA ALA E 140 25.73 61.27 0.54
C ALA E 140 26.86 60.24 0.63
N TYR E 141 27.53 59.99 -0.49
CA TYR E 141 28.56 58.95 -0.58
C TYR E 141 29.87 59.31 0.11
N GLY E 142 30.20 60.60 0.11
CA GLY E 142 31.38 61.08 0.81
C GLY E 142 31.46 60.56 2.24
N PRO E 143 30.50 60.96 3.08
CA PRO E 143 30.39 60.45 4.46
C PRO E 143 30.38 58.91 4.54
N ALA E 144 29.80 58.24 3.55
CA ALA E 144 29.74 56.77 3.55
C ALA E 144 31.13 56.13 3.44
N LEU E 145 32.12 56.94 3.04
CA LEU E 145 33.49 56.46 2.92
C LEU E 145 34.30 56.74 4.18
N THR E 146 33.74 57.51 5.11
CA THR E 146 34.49 57.86 6.30
C THR E 146 34.21 56.84 7.40
N ASP E 147 34.94 56.95 8.49
CA ASP E 147 34.91 55.91 9.52
C ASP E 147 33.69 56.03 10.42
N VAL E 148 33.39 57.26 10.85
CA VAL E 148 32.19 57.47 11.67
C VAL E 148 31.35 58.64 11.20
N VAL E 149 30.05 58.39 11.05
CA VAL E 149 29.13 59.41 10.62
C VAL E 149 28.17 59.82 11.75
N VAL E 150 28.25 61.10 12.15
CA VAL E 150 27.32 61.73 13.08
C VAL E 150 26.23 62.53 12.34
N MET E 151 24.96 62.23 12.60
CA MET E 151 23.86 62.96 11.98
C MET E 151 23.02 63.80 12.96
N ALA E 152 22.83 65.07 12.62
CA ALA E 152 21.89 65.94 13.33
C ALA E 152 20.50 65.69 12.77
N PRO E 153 19.47 65.77 13.64
CA PRO E 153 18.07 65.50 13.27
C PRO E 153 17.57 66.38 12.11
N GLU E 154 18.17 67.55 11.94
CA GLU E 154 17.85 68.38 10.78
C GLU E 154 18.58 67.90 9.52
N SER E 155 18.55 66.59 9.25
CA SER E 155 19.27 66.02 8.10
C SER E 155 18.77 64.63 7.64
N ARG E 156 19.17 64.26 6.43
CA ARG E 156 18.92 62.92 5.88
C ARG E 156 19.88 62.65 4.70
N VAL E 157 20.45 61.44 4.64
CA VAL E 157 21.36 61.06 3.54
C VAL E 157 20.58 60.42 2.39
N PHE E 158 20.64 61.04 1.21
CA PHE E 158 19.76 60.68 0.11
C PHE E 158 20.50 60.65 -1.23
N VAL E 159 19.96 59.96 -2.22
CA VAL E 159 20.58 59.98 -3.55
C VAL E 159 19.61 59.85 -4.72
N SER E 188 19.13 52.14 8.81
CA SER E 188 19.71 51.72 7.54
C SER E 188 21.07 51.08 7.72
N GLY E 189 21.95 51.73 8.49
CA GLY E 189 23.30 51.25 8.71
C GLY E 189 24.35 52.31 8.42
N VAL E 190 23.99 53.25 7.55
CA VAL E 190 24.90 54.29 7.08
C VAL E 190 25.28 55.26 8.19
N CYS E 191 24.29 55.64 8.99
CA CYS E 191 24.48 56.59 10.09
C CYS E 191 24.91 55.88 11.37
N HIS E 192 26.08 56.22 11.88
CA HIS E 192 26.58 55.61 13.12
C HIS E 192 25.97 56.24 14.36
N ILE E 193 25.94 57.57 14.38
CA ILE E 193 25.48 58.29 15.56
C ILE E 193 24.48 59.39 15.20
N VAL E 194 23.35 59.39 15.90
CA VAL E 194 22.33 60.41 15.76
C VAL E 194 22.39 61.37 16.94
N ALA E 195 22.61 62.65 16.67
CA ALA E 195 22.71 63.65 17.74
C ALA E 195 21.39 64.34 18.06
N ASP E 196 21.35 65.04 19.19
CA ASP E 196 20.15 65.77 19.62
C ASP E 196 19.90 66.99 18.75
N ASP E 197 20.97 67.69 18.39
CA ASP E 197 20.89 68.91 17.59
C ASP E 197 22.25 69.15 16.92
N GLU E 198 22.35 70.22 16.15
CA GLU E 198 23.59 70.55 15.47
C GLU E 198 24.75 70.73 16.46
N LEU E 199 24.48 71.34 17.61
CA LEU E 199 25.52 71.56 18.62
C LEU E 199 25.91 70.25 19.31
N ASP E 200 24.95 69.36 19.52
CA ASP E 200 25.23 68.07 20.11
C ASP E 200 26.05 67.24 19.12
N ALA E 201 25.78 67.43 17.84
CA ALA E 201 26.52 66.73 16.80
C ALA E 201 28.00 67.10 16.87
N TYR E 202 28.29 68.39 17.04
CA TYR E 202 29.67 68.84 17.14
C TYR E 202 30.31 68.26 18.39
N ASP E 203 29.52 68.12 19.44
CA ASP E 203 30.09 67.68 20.69
C ASP E 203 30.49 66.21 20.61
N ARG E 204 29.63 65.41 20.01
CA ARG E 204 29.91 64.00 19.75
C ARG E 204 31.05 63.84 18.76
N GLY E 205 31.08 64.70 17.75
CA GLY E 205 32.18 64.68 16.80
C GLY E 205 33.50 64.93 17.51
N ARG E 206 33.49 65.84 18.50
CA ARG E 206 34.68 66.19 19.24
C ARG E 206 35.12 65.04 20.15
N ARG E 207 34.15 64.36 20.74
CA ARG E 207 34.48 63.25 21.64
C ARG E 207 35.11 62.13 20.84
N LEU E 208 34.56 61.89 19.65
CA LEU E 208 35.09 60.89 18.73
C LEU E 208 36.56 61.13 18.35
N VAL E 209 36.95 62.37 18.04
CA VAL E 209 38.39 62.57 17.76
C VAL E 209 39.21 62.35 19.04
N GLY E 210 38.60 62.59 20.19
CA GLY E 210 39.24 62.27 21.45
C GLY E 210 39.47 60.78 21.62
N LEU E 211 38.48 59.98 21.20
CA LEU E 211 38.52 58.54 21.40
C LEU E 211 39.57 57.90 20.50
N PHE E 212 39.74 58.48 19.31
CA PHE E 212 40.69 58.00 18.30
C PHE E 212 42.09 58.54 18.48
N CYS E 213 42.21 59.78 18.93
CA CYS E 213 43.50 60.46 18.94
C CYS E 213 44.06 60.67 20.34
N GLN E 214 43.24 60.43 21.35
CA GLN E 214 43.72 60.41 22.74
C GLN E 214 43.23 59.12 23.38
N GLN E 215 43.83 58.01 22.97
CA GLN E 215 43.37 56.70 23.40
C GLN E 215 43.79 56.39 24.83
N GLY E 216 44.79 57.10 25.36
CA GLY E 216 45.24 56.90 26.72
C GLY E 216 45.92 55.56 26.99
N HIS E 217 45.86 55.12 28.23
CA HIS E 217 46.50 53.86 28.61
C HIS E 217 45.63 53.18 29.67
N PHE E 218 45.79 51.88 29.85
CA PHE E 218 45.03 51.20 30.90
C PHE E 218 45.58 51.58 32.28
N ASP E 219 44.70 51.61 33.29
CA ASP E 219 45.14 51.88 34.65
C ASP E 219 44.51 50.86 35.59
N ARG E 220 45.33 49.95 36.12
CA ARG E 220 44.86 48.90 37.01
C ARG E 220 44.14 49.42 38.25
N SER E 221 44.65 50.50 38.83
CA SER E 221 44.02 51.07 40.03
C SER E 221 42.61 51.50 39.70
N LYS E 222 42.48 52.22 38.58
CA LYS E 222 41.18 52.69 38.13
C LYS E 222 40.25 51.55 37.71
N ALA E 223 40.79 50.49 37.13
CA ALA E 223 39.94 49.37 36.73
C ALA E 223 39.31 48.74 37.97
N GLU E 224 40.14 48.49 38.99
CA GLU E 224 39.69 47.83 40.23
C GLU E 224 38.70 48.70 41.03
N ALA E 225 39.00 49.99 41.13
CA ALA E 225 38.08 50.92 41.78
C ALA E 225 36.67 50.90 41.16
N GLY E 226 36.58 50.64 39.85
CA GLY E 226 35.29 50.62 39.18
C GLY E 226 34.57 49.28 39.22
N ASP E 227 35.22 48.28 39.81
CA ASP E 227 34.66 46.92 39.89
C ASP E 227 33.33 46.87 40.65
N THR E 228 32.36 46.13 40.11
CA THR E 228 31.09 45.84 40.77
C THR E 228 30.66 44.45 40.33
N ASP E 229 29.63 43.89 40.97
CA ASP E 229 29.14 42.57 40.58
C ASP E 229 28.23 42.69 39.35
N ILE E 230 28.83 42.62 38.16
CA ILE E 230 28.08 42.74 36.92
C ILE E 230 27.00 41.65 36.80
N HIS E 231 27.28 40.46 37.33
CA HIS E 231 26.36 39.34 37.26
C HIS E 231 25.00 39.65 37.90
N ALA E 232 24.99 40.57 38.85
CA ALA E 232 23.74 40.99 39.49
C ALA E 232 22.79 41.69 38.52
N LEU E 233 23.31 42.15 37.38
CA LEU E 233 22.49 42.86 36.41
C LEU E 233 21.66 41.91 35.57
N LEU E 234 21.98 40.63 35.64
CA LEU E 234 21.24 39.63 34.87
C LEU E 234 19.95 39.29 35.60
N PRO E 235 18.93 38.84 34.86
CA PRO E 235 17.73 38.31 35.51
C PRO E 235 18.03 37.01 36.23
N GLU E 236 17.17 36.66 37.19
CA GLU E 236 17.31 35.41 37.96
C GLU E 236 17.20 34.17 37.06
N SER E 237 16.31 34.24 36.08
CA SER E 237 16.06 33.11 35.18
C SER E 237 16.91 33.17 33.91
N SER E 238 17.66 32.09 33.67
CA SER E 238 18.58 32.04 32.52
C SER E 238 17.87 32.03 31.17
N ARG E 239 16.55 31.82 31.19
CA ARG E 239 15.82 31.81 29.93
C ARG E 239 15.11 33.14 29.67
N ARG E 240 15.45 34.15 30.46
CA ARG E 240 14.83 35.47 30.30
C ARG E 240 15.71 36.49 29.57
N ALA E 241 15.12 37.22 28.64
CA ALA E 241 15.82 38.28 27.93
C ALA E 241 16.10 39.51 28.82
N TYR E 242 17.09 40.30 28.40
CA TYR E 242 17.48 41.53 29.10
C TYR E 242 18.29 42.36 28.10
N ASP E 243 18.33 43.66 28.33
CA ASP E 243 19.13 44.57 27.53
C ASP E 243 20.55 44.45 28.04
N VAL E 244 21.49 44.14 27.15
CA VAL E 244 22.88 43.97 27.53
C VAL E 244 23.56 45.31 27.82
N ARG E 245 22.94 46.41 27.39
CA ARG E 245 23.57 47.73 27.56
C ARG E 245 24.07 48.09 28.99
N PRO E 246 23.28 47.80 30.04
CA PRO E 246 23.76 48.05 31.41
C PRO E 246 24.96 47.18 31.83
N ILE E 247 25.07 45.98 31.28
CA ILE E 247 26.29 45.20 31.46
C ILE E 247 27.50 45.95 30.86
N VAL E 248 27.35 46.40 29.62
CA VAL E 248 28.39 47.14 28.96
C VAL E 248 28.79 48.39 29.74
N THR E 249 27.81 49.18 30.16
CA THR E 249 28.14 50.44 30.85
C THR E 249 28.72 50.20 32.23
N ALA E 250 28.41 49.06 32.83
CA ALA E 250 28.98 48.71 34.14
C ALA E 250 30.44 48.33 33.98
N ILE E 251 30.79 47.71 32.85
CA ILE E 251 32.19 47.43 32.55
C ILE E 251 32.99 48.71 32.25
N LEU E 252 32.39 49.61 31.48
CA LEU E 252 33.07 50.84 31.08
C LEU E 252 33.11 51.84 32.22
N ASP E 253 33.99 52.84 32.09
CA ASP E 253 34.14 53.85 33.14
C ASP E 253 32.82 54.58 33.39
N ALA E 254 32.45 54.61 34.66
CA ALA E 254 31.15 55.15 35.10
C ALA E 254 30.87 56.56 34.58
N ASP E 255 31.89 57.41 34.51
CA ASP E 255 31.63 58.79 34.14
C ASP E 255 32.11 59.15 32.73
N THR E 256 32.06 58.16 31.84
CA THR E 256 32.33 58.43 30.43
C THR E 256 31.19 57.89 29.59
N PRO E 257 30.73 58.67 28.61
CA PRO E 257 29.71 58.19 27.66
C PRO E 257 30.13 56.91 26.95
N PHE E 258 29.20 56.00 26.78
CA PHE E 258 29.38 54.90 25.86
C PHE E 258 28.83 55.38 24.53
N ASP E 259 29.68 55.49 23.52
CA ASP E 259 29.17 55.96 22.23
C ASP E 259 28.79 54.80 21.34
N GLU E 260 27.53 54.39 21.45
CA GLU E 260 27.04 53.26 20.70
C GLU E 260 26.89 53.65 19.24
N PHE E 261 27.24 52.72 18.33
CA PHE E 261 27.11 52.94 16.90
C PHE E 261 25.91 52.17 16.37
N GLN E 262 25.12 52.79 15.51
CA GLN E 262 24.08 52.09 14.74
C GLN E 262 23.07 51.37 15.62
N ALA E 263 22.67 52.02 16.70
CA ALA E 263 21.79 51.42 17.72
C ALA E 263 20.51 50.84 17.16
N ASN E 264 19.93 51.49 16.16
CA ASN E 264 18.66 51.01 15.61
C ASN E 264 18.78 50.04 14.46
N TRP E 265 20.01 49.79 14.03
CA TRP E 265 20.28 48.81 12.98
C TRP E 265 20.91 47.56 13.59
N ALA E 266 20.42 46.40 13.17
CA ALA E 266 20.87 45.11 13.72
C ALA E 266 20.89 45.12 15.25
N PRO E 267 19.70 45.21 15.87
CA PRO E 267 19.56 45.39 17.32
C PRO E 267 19.98 44.15 18.13
N SER E 268 20.25 43.02 17.48
CA SER E 268 20.67 41.83 18.22
C SER E 268 22.16 41.92 18.62
N MET E 269 22.80 42.98 18.13
CA MET E 269 24.24 43.18 18.34
C MET E 269 24.47 44.63 18.76
N VAL E 270 25.19 44.81 19.86
CA VAL E 270 25.55 46.15 20.27
C VAL E 270 27.04 46.40 20.00
N VAL E 271 27.36 47.52 19.37
CA VAL E 271 28.76 47.91 19.21
C VAL E 271 28.95 49.39 19.55
N GLY E 272 30.16 49.74 19.98
CA GLY E 272 30.50 51.14 20.15
C GLY E 272 31.78 51.37 20.90
N LEU E 273 32.12 52.65 21.07
CA LEU E 273 33.36 53.06 21.71
C LEU E 273 33.10 53.60 23.11
N GLY E 274 33.99 53.26 24.04
CA GLY E 274 33.92 53.76 25.40
C GLY E 274 35.32 53.79 25.98
N ARG E 275 35.41 54.03 27.28
CA ARG E 275 36.73 54.00 27.92
C ARG E 275 36.76 52.97 29.02
N LEU E 276 37.87 52.24 29.10
CA LEU E 276 38.05 51.23 30.11
C LEU E 276 39.32 51.58 30.88
N SER E 277 39.11 52.16 32.06
CA SER E 277 40.17 52.73 32.91
C SER E 277 40.91 53.84 32.18
N GLY E 278 40.17 54.55 31.32
CA GLY E 278 40.69 55.73 30.65
C GLY E 278 41.15 55.44 29.25
N ARG E 279 41.25 54.14 28.93
CA ARG E 279 41.75 53.71 27.64
C ARG E 279 40.58 53.49 26.67
N THR E 280 40.68 54.08 25.47
CA THR E 280 39.67 53.84 24.45
C THR E 280 39.55 52.35 24.11
N VAL E 281 38.34 51.79 24.26
CA VAL E 281 38.11 50.43 23.81
C VAL E 281 36.88 50.35 22.95
N GLY E 282 36.83 49.32 22.11
CA GLY E 282 35.62 49.01 21.34
C GLY E 282 34.92 47.87 22.04
N VAL E 283 33.59 47.90 22.05
CA VAL E 283 32.84 46.82 22.67
C VAL E 283 31.91 46.16 21.64
N LEU E 284 31.90 44.83 21.59
CA LEU E 284 30.85 44.12 20.87
C LEU E 284 30.13 43.22 21.83
N ALA E 285 28.80 43.22 21.77
CA ALA E 285 27.99 42.44 22.72
C ALA E 285 26.68 41.98 22.10
N ASN E 286 26.41 40.68 22.18
CA ASN E 286 25.10 40.20 21.78
C ASN E 286 24.09 40.77 22.76
N ASN E 287 22.95 41.19 22.20
CA ASN E 287 21.88 41.76 22.98
C ASN E 287 20.69 40.81 22.99
N PRO E 288 20.52 40.06 24.09
CA PRO E 288 19.50 39.02 24.18
C PRO E 288 18.07 39.57 24.09
N LEU E 289 17.90 40.88 24.28
CA LEU E 289 16.58 41.49 24.23
C LEU E 289 15.95 41.48 22.83
N ARG E 290 16.79 41.41 21.80
CA ARG E 290 16.32 41.43 20.42
C ARG E 290 16.77 40.13 19.74
N LEU E 291 15.84 39.42 19.11
CA LEU E 291 16.13 38.17 18.41
C LEU E 291 16.87 37.16 19.27
N GLY E 292 16.61 37.16 20.57
CA GLY E 292 17.25 36.24 21.49
C GLY E 292 18.75 36.43 21.61
N GLY E 293 19.26 37.51 21.02
CA GLY E 293 20.69 37.73 20.96
C GLY E 293 21.38 37.00 19.80
N CYS E 294 20.58 36.41 18.92
CA CYS E 294 21.12 35.64 17.80
C CYS E 294 21.86 36.50 16.80
N LEU E 295 22.84 35.89 16.13
CA LEU E 295 23.50 36.54 15.01
C LEU E 295 22.61 36.44 13.77
N ASN E 296 22.81 37.35 12.82
CA ASN E 296 22.15 37.25 11.53
C ASN E 296 22.92 38.09 10.54
N SER E 297 22.43 38.26 9.31
CA SER E 297 23.22 38.96 8.31
C SER E 297 23.64 40.34 8.80
N GLU E 298 22.69 41.14 9.28
CA GLU E 298 23.03 42.52 9.61
C GLU E 298 23.87 42.60 10.87
N SER E 299 23.60 41.74 11.85
CA SER E 299 24.41 41.77 13.07
C SER E 299 25.84 41.30 12.79
N ALA E 300 26.00 40.29 11.93
CA ALA E 300 27.33 39.86 11.52
C ALA E 300 28.08 41.00 10.80
N GLU E 301 27.40 41.68 9.87
CA GLU E 301 28.03 42.78 9.15
C GLU E 301 28.40 43.95 10.07
N LYS E 302 27.46 44.33 10.94
CA LYS E 302 27.69 45.35 11.96
C LYS E 302 28.94 45.05 12.79
N ALA E 303 29.05 43.82 13.28
CA ALA E 303 30.22 43.42 14.04
C ALA E 303 31.51 43.44 13.19
N ALA E 304 31.44 42.91 11.97
CA ALA E 304 32.65 42.83 11.13
C ALA E 304 33.21 44.21 10.80
N ARG E 305 32.32 45.13 10.43
CA ARG E 305 32.75 46.48 10.11
C ARG E 305 33.39 47.11 11.34
N PHE E 306 32.80 46.89 12.49
CA PHE E 306 33.30 47.53 13.70
C PHE E 306 34.65 46.96 14.13
N VAL E 307 34.83 45.65 13.97
CA VAL E 307 36.11 45.01 14.25
C VAL E 307 37.25 45.57 13.39
N ARG E 308 37.01 45.67 12.08
CA ARG E 308 38.01 46.21 11.13
CA ARG E 308 38.05 46.17 11.17
C ARG E 308 38.39 47.64 11.49
N LEU E 309 37.42 48.38 12.01
CA LEU E 309 37.64 49.79 12.32
C LEU E 309 38.55 49.93 13.53
N CYS E 310 38.22 49.21 14.60
CA CYS E 310 39.09 49.21 15.78
C CYS E 310 40.47 48.65 15.48
N ASP E 311 40.52 47.60 14.67
CA ASP E 311 41.79 47.01 14.30
C ASP E 311 42.67 48.00 13.56
N ALA E 312 42.06 48.81 12.71
CA ALA E 312 42.80 49.78 11.92
C ALA E 312 43.50 50.84 12.78
N PHE E 313 42.85 51.31 13.84
CA PHE E 313 43.41 52.41 14.63
C PHE E 313 43.98 52.01 15.99
N GLY E 314 44.19 50.70 16.18
CA GLY E 314 44.87 50.23 17.37
C GLY E 314 44.04 50.22 18.62
N ILE E 315 42.73 50.04 18.46
CA ILE E 315 41.76 50.08 19.56
C ILE E 315 41.35 48.68 20.00
N PRO E 316 41.74 48.28 21.22
CA PRO E 316 41.50 46.91 21.73
C PRO E 316 40.00 46.63 21.88
N LEU E 317 39.63 45.35 21.88
CA LEU E 317 38.22 44.96 21.85
C LEU E 317 37.81 44.15 23.06
N VAL E 318 36.62 44.46 23.56
CA VAL E 318 35.97 43.66 24.58
C VAL E 318 34.76 43.04 23.91
N VAL E 319 34.72 41.70 23.86
CA VAL E 319 33.61 41.00 23.25
C VAL E 319 32.77 40.27 24.31
N VAL E 320 31.58 40.78 24.58
CA VAL E 320 30.70 40.19 25.60
C VAL E 320 29.72 39.20 24.96
N VAL E 321 29.95 37.91 25.20
CA VAL E 321 29.18 36.87 24.53
C VAL E 321 28.01 36.27 25.33
N ASP E 322 26.83 36.36 24.71
CA ASP E 322 25.63 35.66 25.18
C ASP E 322 24.79 35.36 23.91
N VAL E 323 25.15 34.29 23.21
CA VAL E 323 24.57 34.02 21.89
C VAL E 323 24.19 32.55 21.73
N PRO E 324 22.91 32.30 21.42
CA PRO E 324 22.38 30.93 21.37
C PRO E 324 22.29 30.34 19.95
N GLY E 325 22.53 31.15 18.93
CA GLY E 325 22.52 30.66 17.57
C GLY E 325 22.45 31.79 16.56
N TYR E 326 22.11 31.45 15.33
CA TYR E 326 22.04 32.43 14.26
C TYR E 326 20.80 32.22 13.38
N LEU E 327 20.47 33.20 12.55
CA LEU E 327 19.17 33.23 11.91
C LEU E 327 19.26 33.64 10.46
N PRO E 328 18.33 33.14 9.63
CA PRO E 328 18.20 33.58 8.24
C PRO E 328 17.28 34.79 8.19
N GLY E 329 17.07 35.37 7.01
CA GLY E 329 16.00 36.32 6.82
C GLY E 329 14.67 35.62 7.02
N VAL E 330 13.60 36.39 7.20
CA VAL E 330 12.27 35.83 7.44
C VAL E 330 11.78 34.99 6.23
N ASP E 331 12.36 35.28 5.07
CA ASP E 331 12.11 34.52 3.84
C ASP E 331 12.87 33.19 3.81
N GLN E 332 13.56 32.85 4.90
CA GLN E 332 14.47 31.70 4.98
C GLN E 332 15.68 31.80 4.02
N GLU E 333 16.07 33.02 3.69
CA GLU E 333 17.29 33.24 2.91
C GLU E 333 18.54 33.21 3.81
N TRP E 334 19.35 32.16 3.65
CA TRP E 334 20.55 32.01 4.46
C TRP E 334 21.76 32.71 3.86
N GLY E 335 21.65 33.14 2.61
CA GLY E 335 22.78 33.70 1.90
C GLY E 335 23.42 34.88 2.59
N GLY E 336 22.60 35.69 3.25
CA GLY E 336 23.10 36.88 3.93
C GLY E 336 23.97 36.51 5.12
N VAL E 337 23.43 35.66 5.99
CA VAL E 337 24.17 35.32 7.21
C VAL E 337 25.44 34.53 6.87
N VAL E 338 25.39 33.73 5.82
CA VAL E 338 26.60 33.04 5.34
C VAL E 338 27.70 34.01 4.85
N ARG E 339 27.36 34.87 3.90
CA ARG E 339 28.33 35.83 3.36
C ARG E 339 28.83 36.78 4.44
N ARG E 340 27.92 37.30 5.26
CA ARG E 340 28.32 38.27 6.28
C ARG E 340 28.98 37.54 7.47
N GLY E 341 28.51 36.35 7.79
CA GLY E 341 29.13 35.57 8.84
C GLY E 341 30.56 35.26 8.49
N ALA E 342 30.80 34.92 7.22
CA ALA E 342 32.16 34.67 6.76
C ALA E 342 32.99 35.94 6.93
N LYS E 343 32.38 37.08 6.64
CA LYS E 343 33.11 38.36 6.74
C LYS E 343 33.53 38.59 8.19
N LEU E 344 32.68 38.19 9.13
CA LEU E 344 32.97 38.33 10.56
C LEU E 344 34.11 37.40 11.02
N LEU E 345 34.07 36.15 10.58
CA LEU E 345 35.18 35.21 10.78
C LEU E 345 36.48 35.84 10.30
N HIS E 346 36.45 36.38 9.10
CA HIS E 346 37.62 37.03 8.50
C HIS E 346 38.09 38.25 9.28
N ALA E 347 37.15 39.02 9.80
CA ALA E 347 37.51 40.22 10.56
C ALA E 347 38.23 39.87 11.87
N PHE E 348 37.67 38.94 12.64
CA PHE E 348 38.36 38.49 13.87
C PHE E 348 39.65 37.71 13.59
N GLY E 349 39.59 36.78 12.65
CA GLY E 349 40.76 36.02 12.22
C GLY E 349 41.96 36.87 11.86
N GLU E 350 41.75 37.97 11.16
CA GLU E 350 42.86 38.85 10.76
C GLU E 350 43.21 39.89 11.81
N CYS E 351 42.40 40.00 12.84
CA CYS E 351 42.56 41.07 13.81
C CYS E 351 43.86 40.92 14.61
N THR E 352 44.59 42.03 14.78
CA THR E 352 45.85 42.00 15.50
C THR E 352 45.85 42.80 16.82
N VAL E 353 44.86 43.65 17.04
CA VAL E 353 44.73 44.34 18.33
C VAL E 353 44.31 43.36 19.39
N PRO E 354 44.62 43.68 20.67
CA PRO E 354 44.13 42.80 21.73
C PRO E 354 42.61 42.75 21.70
N ARG E 355 42.05 41.57 21.90
CA ARG E 355 40.62 41.35 21.82
C ARG E 355 40.27 40.24 22.81
N VAL E 356 39.55 40.61 23.86
CA VAL E 356 39.28 39.67 24.92
C VAL E 356 37.81 39.29 24.86
N THR E 357 37.50 38.03 25.19
CA THR E 357 36.14 37.53 25.13
C THR E 357 35.61 37.18 26.52
N LEU E 358 34.35 37.54 26.78
CA LEU E 358 33.71 37.23 28.06
C LEU E 358 32.40 36.49 27.80
N VAL E 359 32.33 35.25 28.22
CA VAL E 359 31.07 34.54 28.13
C VAL E 359 30.29 34.78 29.42
N THR E 360 29.10 35.37 29.28
CA THR E 360 28.26 35.67 30.44
C THR E 360 27.31 34.51 30.75
N ARG E 361 26.36 34.24 29.85
CA ARG E 361 25.43 33.12 30.07
C ARG E 361 25.66 31.90 29.16
N LYS E 362 25.52 32.09 27.87
CA LYS E 362 25.67 30.97 26.94
C LYS E 362 26.37 31.36 25.64
N THR E 363 26.97 30.38 24.99
CA THR E 363 27.53 30.59 23.67
C THR E 363 27.45 29.22 23.00
N TYR E 364 26.76 29.18 21.84
CA TYR E 364 26.36 27.92 21.20
C TYR E 364 26.83 27.79 19.74
N GLY E 365 27.27 26.60 19.37
CA GLY E 365 27.49 26.24 17.98
C GLY E 365 28.32 27.20 17.16
N GLY E 366 27.90 27.44 15.92
CA GLY E 366 28.64 28.28 15.01
C GLY E 366 28.80 29.72 15.46
N ALA E 367 27.79 30.26 16.14
CA ALA E 367 27.86 31.63 16.64
C ALA E 367 28.95 31.74 17.70
N TYR E 368 29.16 30.66 18.44
CA TYR E 368 30.24 30.61 19.40
C TYR E 368 31.61 30.79 18.72
N ILE E 369 31.82 30.10 17.61
CA ILE E 369 33.10 30.19 16.91
C ILE E 369 33.35 31.62 16.45
N ALA E 370 32.30 32.21 15.89
CA ALA E 370 32.34 33.54 15.30
C ALA E 370 32.63 34.64 16.32
N MET E 371 32.06 34.53 17.52
CA MET E 371 32.20 35.58 18.53
C MET E 371 33.56 35.53 19.23
N ASN E 372 34.63 35.77 18.48
CA ASN E 372 35.97 35.85 19.03
C ASN E 372 36.38 34.63 19.88
N SER E 373 36.26 33.45 19.29
CA SER E 373 36.63 32.23 19.99
C SER E 373 38.14 32.05 20.01
N ARG E 374 38.58 31.12 20.85
CA ARG E 374 39.95 30.68 20.90
C ARG E 374 40.47 30.24 19.53
N SER E 375 39.60 29.58 18.74
CA SER E 375 40.03 29.11 17.42
C SER E 375 40.37 30.25 16.44
N LEU E 376 39.88 31.45 16.72
CA LEU E 376 40.20 32.61 15.87
C LEU E 376 41.27 33.49 16.55
N ASN E 377 41.94 32.90 17.54
CA ASN E 377 43.08 33.51 18.24
C ASN E 377 42.72 34.72 19.08
N ALA E 378 41.61 34.61 19.82
CA ALA E 378 41.28 35.63 20.79
C ALA E 378 42.44 35.77 21.79
N THR E 379 42.67 36.98 22.25
CA THR E 379 43.75 37.24 23.21
C THR E 379 43.54 36.40 24.48
N LYS E 380 42.32 36.43 24.99
CA LYS E 380 41.97 35.66 26.13
C LYS E 380 40.45 35.42 26.17
N VAL E 381 40.05 34.25 26.65
CA VAL E 381 38.63 33.95 26.83
C VAL E 381 38.28 33.76 28.30
N PHE E 382 37.36 34.58 28.77
CA PHE E 382 36.89 34.54 30.14
C PHE E 382 35.47 34.02 30.21
N ALA E 383 35.10 33.40 31.31
CA ALA E 383 33.72 32.97 31.51
C ALA E 383 33.28 33.16 32.96
N TRP E 384 32.06 33.63 33.15
CA TRP E 384 31.44 33.58 34.48
C TRP E 384 31.15 32.11 34.83
N PRO E 385 31.14 31.80 36.14
CA PRO E 385 31.12 30.39 36.57
C PRO E 385 29.92 29.57 36.09
N ASP E 386 28.74 30.19 36.00
CA ASP E 386 27.54 29.48 35.53
C ASP E 386 27.36 29.54 34.02
N ALA E 387 28.38 29.99 33.29
CA ALA E 387 28.27 30.13 31.84
C ALA E 387 28.21 28.78 31.12
N GLU E 388 27.60 28.80 29.96
CA GLU E 388 27.49 27.60 29.17
C GLU E 388 28.22 27.73 27.82
N VAL E 389 29.12 26.78 27.54
CA VAL E 389 29.80 26.72 26.25
C VAL E 389 29.54 25.35 25.63
N ALA E 390 28.72 25.32 24.59
CA ALA E 390 28.26 24.04 24.05
C ALA E 390 27.83 24.13 22.59
N VAL E 391 27.56 22.96 22.00
CA VAL E 391 27.03 22.94 20.63
C VAL E 391 25.65 23.53 20.61
N MET E 392 24.86 23.21 21.64
CA MET E 392 23.50 23.73 21.78
C MET E 392 23.04 23.38 23.18
N GLY E 393 21.82 23.80 23.54
CA GLY E 393 21.27 23.44 24.85
C GLY E 393 21.18 21.94 24.99
N ALA E 394 21.34 21.44 26.21
CA ALA E 394 21.42 20.01 26.47
C ALA E 394 20.18 19.28 25.99
N LYS E 395 19.03 19.83 26.34
CA LYS E 395 17.75 19.25 25.94
C LYS E 395 17.68 19.11 24.41
N ALA E 396 18.11 20.15 23.68
CA ALA E 396 18.08 20.10 22.22
C ALA E 396 19.08 19.10 21.66
N ALA E 397 20.24 19.03 22.31
CA ALA E 397 21.30 18.13 21.89
C ALA E 397 20.86 16.69 22.05
N VAL E 398 20.29 16.42 23.22
CA VAL E 398 19.91 15.07 23.57
C VAL E 398 18.68 14.64 22.76
N GLY E 399 17.87 15.62 22.37
CA GLY E 399 16.70 15.36 21.55
C GLY E 399 17.07 14.95 20.13
N ILE E 400 18.26 15.31 19.69
CA ILE E 400 18.78 14.87 18.39
C ILE E 400 19.54 13.54 18.50
N LEU E 401 20.46 13.47 19.45
CA LEU E 401 21.29 12.30 19.69
C LEU E 401 20.47 11.08 20.06
N HIS E 402 19.36 11.28 20.75
CA HIS E 402 18.53 10.16 21.17
C HIS E 402 17.10 10.24 20.66
N LYS E 403 16.94 10.82 19.46
CA LYS E 403 15.63 10.93 18.81
C LYS E 403 14.85 9.61 18.87
N LYS E 404 15.51 8.52 18.55
CA LYS E 404 14.84 7.21 18.48
C LYS E 404 14.39 6.69 19.86
N LYS E 405 15.25 6.80 20.87
CA LYS E 405 14.86 6.33 22.21
C LYS E 405 13.70 7.18 22.76
N LEU E 406 13.75 8.49 22.51
CA LEU E 406 12.70 9.38 22.99
C LEU E 406 11.36 9.07 22.31
N ALA E 407 11.39 8.85 21.00
CA ALA E 407 10.17 8.58 20.24
C ALA E 407 9.56 7.22 20.58
N ALA E 408 10.40 6.31 21.05
CA ALA E 408 9.94 4.98 21.41
C ALA E 408 9.35 4.96 22.81
N ALA E 409 9.67 5.99 23.59
CA ALA E 409 9.17 6.06 24.97
C ALA E 409 7.65 6.31 24.99
N PRO E 410 6.97 5.78 26.01
CA PRO E 410 5.53 6.03 26.21
C PRO E 410 5.26 7.52 26.37
N GLU E 411 4.23 8.03 25.69
CA GLU E 411 3.94 9.46 25.66
C GLU E 411 4.04 10.18 27.01
N HIS E 412 3.52 9.57 28.05
CA HIS E 412 3.48 10.22 29.36
C HIS E 412 4.77 10.03 30.14
N GLU E 413 5.72 9.32 29.55
CA GLU E 413 7.01 9.10 30.19
C GLU E 413 8.11 9.87 29.46
N ARG E 414 7.80 10.23 28.22
CA ARG E 414 8.77 10.82 27.30
C ARG E 414 9.47 12.05 27.87
N GLU E 415 8.73 12.91 28.55
CA GLU E 415 9.29 14.16 29.02
C GLU E 415 10.30 13.95 30.15
N ALA E 416 9.99 13.04 31.06
CA ALA E 416 10.88 12.75 32.17
C ALA E 416 12.15 12.09 31.64
N LEU E 417 12.00 11.28 30.60
CA LEU E 417 13.16 10.64 29.98
C LEU E 417 14.04 11.68 29.28
N HIS E 418 13.40 12.70 28.70
CA HIS E 418 14.14 13.78 28.02
C HIS E 418 15.00 14.53 29.03
N ASP E 419 14.42 14.83 30.19
CA ASP E 419 15.10 15.55 31.26
C ASP E 419 16.23 14.74 31.91
N GLN E 420 16.05 13.44 32.01
CA GLN E 420 17.07 12.59 32.61
C GLN E 420 18.27 12.49 31.69
N LEU E 421 17.99 12.37 30.39
CA LEU E 421 19.03 12.35 29.36
C LEU E 421 19.76 13.69 29.33
N ALA E 422 19.02 14.78 29.51
CA ALA E 422 19.61 16.12 29.47
C ALA E 422 20.53 16.37 30.66
N ALA E 423 20.09 15.97 31.85
CA ALA E 423 20.87 16.14 33.08
C ALA E 423 22.21 15.40 33.03
N GLU E 424 22.17 14.20 32.48
CA GLU E 424 23.37 13.38 32.29
C GLU E 424 24.29 14.00 31.25
N HIS E 425 23.71 14.51 30.16
CA HIS E 425 24.47 15.13 29.08
C HIS E 425 25.18 16.41 29.55
N GLU E 426 24.57 17.14 30.48
CA GLU E 426 25.20 18.36 30.98
C GLU E 426 26.11 18.10 32.18
N ARG E 427 26.07 16.88 32.72
CA ARG E 427 27.00 16.51 33.75
C ARG E 427 28.40 16.47 33.13
N ILE E 428 28.45 16.10 31.85
CA ILE E 428 29.71 15.81 31.17
C ILE E 428 30.10 16.86 30.11
N ALA E 429 29.18 17.78 29.80
CA ALA E 429 29.41 18.71 28.70
C ALA E 429 28.72 20.06 28.92
N GLY E 430 29.28 21.11 28.32
CA GLY E 430 28.63 22.42 28.32
C GLY E 430 29.05 23.40 29.41
N GLY E 431 29.67 22.92 30.48
CA GLY E 431 30.08 23.77 31.59
C GLY E 431 31.43 24.44 31.39
N VAL E 432 31.77 25.36 32.29
CA VAL E 432 33.03 26.09 32.18
C VAL E 432 34.25 25.22 32.52
N ASP E 433 34.11 24.35 33.53
CA ASP E 433 35.17 23.41 33.89
C ASP E 433 35.57 22.57 32.67
N SER E 434 34.58 22.01 31.99
CA SER E 434 34.82 21.25 30.78
C SER E 434 35.48 22.13 29.69
N ALA E 435 35.05 23.38 29.57
CA ALA E 435 35.64 24.28 28.57
C ALA E 435 37.08 24.64 28.92
N LEU E 436 37.39 24.68 30.22
CA LEU E 436 38.76 24.91 30.67
C LEU E 436 39.65 23.72 30.36
N ASP E 437 39.14 22.50 30.59
CA ASP E 437 39.89 21.28 30.28
C ASP E 437 40.19 21.20 28.79
N ILE E 438 39.19 21.49 27.97
CA ILE E 438 39.39 21.54 26.52
C ILE E 438 40.37 22.64 26.15
N GLY E 439 40.28 23.78 26.83
CA GLY E 439 41.17 24.89 26.56
C GLY E 439 40.56 25.96 25.64
N VAL E 440 39.23 25.98 25.54
CA VAL E 440 38.54 27.03 24.79
C VAL E 440 38.17 28.19 25.70
N VAL E 441 38.23 27.96 27.01
CA VAL E 441 38.14 29.04 27.98
C VAL E 441 39.44 29.09 28.76
N ASP E 442 40.02 30.27 28.89
CA ASP E 442 41.30 30.40 29.58
C ASP E 442 41.15 30.50 31.11
N GLU E 443 40.08 31.12 31.59
CA GLU E 443 39.88 31.34 33.00
C GLU E 443 38.45 31.62 33.45
N LYS E 444 38.00 30.92 34.45
CA LYS E 444 36.72 31.20 35.09
C LYS E 444 36.94 32.31 36.11
N ILE E 445 36.15 33.39 36.02
CA ILE E 445 36.34 34.51 36.93
C ILE E 445 35.12 34.82 37.79
N ASP E 446 35.39 35.41 38.94
CA ASP E 446 34.36 35.98 39.79
C ASP E 446 33.82 37.22 39.06
N PRO E 447 32.50 37.24 38.80
CA PRO E 447 31.91 38.36 38.06
C PRO E 447 32.18 39.73 38.70
N ALA E 448 32.48 39.75 39.98
CA ALA E 448 32.82 41.00 40.66
C ALA E 448 34.17 41.56 40.23
N HIS E 449 35.00 40.74 39.57
CA HIS E 449 36.28 41.26 39.04
C HIS E 449 36.31 41.36 37.50
N THR E 450 35.14 41.39 36.89
CA THR E 450 35.02 41.38 35.44
C THR E 450 35.80 42.52 34.82
N ARG E 451 35.48 43.72 35.26
CA ARG E 451 36.08 44.93 34.71
C ARG E 451 37.59 44.90 34.87
N SER E 452 38.07 44.47 36.02
CA SER E 452 39.50 44.49 36.24
C SER E 452 40.21 43.29 35.60
N LYS E 453 39.52 42.20 35.35
CA LYS E 453 40.12 41.07 34.69
C LYS E 453 40.23 41.28 33.23
N LEU E 454 39.22 41.84 32.63
CA LEU E 454 39.28 42.23 31.23
C LEU E 454 40.46 43.19 30.97
N THR E 455 40.55 44.22 31.81
CA THR E 455 41.59 45.22 31.71
C THR E 455 42.98 44.61 31.77
N GLU E 456 43.21 43.69 32.72
CA GLU E 456 44.51 43.06 32.86
C GLU E 456 44.93 42.32 31.59
N ALA E 457 44.02 41.52 31.02
CA ALA E 457 44.37 40.79 29.80
C ALA E 457 44.68 41.72 28.62
N LEU E 458 43.90 42.77 28.47
CA LEU E 458 44.10 43.67 27.34
C LEU E 458 45.42 44.44 27.50
N ALA E 459 45.68 44.90 28.72
CA ALA E 459 46.87 45.70 29.00
C ALA E 459 48.17 44.95 28.76
N GLN E 460 48.17 43.64 29.02
CA GLN E 460 49.39 42.86 29.00
C GLN E 460 49.61 42.10 27.69
N ALA E 461 48.60 42.17 26.82
CA ALA E 461 48.73 41.61 25.49
C ALA E 461 49.69 42.49 24.69
N PRO E 462 50.34 41.90 23.66
CA PRO E 462 51.13 42.70 22.71
C PRO E 462 50.21 43.66 21.95
N ALA E 463 50.70 44.85 21.60
CA ALA E 463 49.90 45.80 20.84
C ALA E 463 49.41 45.20 19.51
N ARG E 464 50.30 44.45 18.83
CA ARG E 464 49.97 43.77 17.57
C ARG E 464 50.31 42.26 17.60
N ARG E 465 49.88 41.53 16.60
CA ARG E 465 50.01 40.06 16.50
C ARG E 465 48.90 39.42 17.30
N GLY E 466 48.49 38.22 16.96
CA GLY E 466 47.29 37.62 17.50
C GLY E 466 46.14 37.64 16.48
N LEU F 13 32.49 0.22 -6.19
CA LEU F 13 32.92 1.35 -5.36
C LEU F 13 31.89 2.48 -5.29
N ASP F 14 31.64 2.98 -4.09
CA ASP F 14 30.65 4.05 -3.85
C ASP F 14 31.07 5.38 -4.49
N PRO F 15 30.11 6.08 -5.13
CA PRO F 15 30.32 7.39 -5.78
C PRO F 15 30.93 8.45 -4.84
N ARG F 16 30.56 8.39 -3.56
CA ARG F 16 30.99 9.38 -2.58
C ARG F 16 32.37 9.09 -2.03
N ASP F 17 32.97 7.99 -2.44
CA ASP F 17 34.32 7.65 -1.97
C ASP F 17 35.31 8.80 -2.22
N PRO F 18 36.01 9.23 -1.16
CA PRO F 18 36.89 10.42 -1.25
C PRO F 18 38.12 10.21 -2.15
N LEU F 19 38.76 9.04 -2.09
CA LEU F 19 39.82 8.71 -3.04
C LEU F 19 39.31 8.75 -4.49
N LEU F 20 38.12 8.20 -4.72
CA LEU F 20 37.54 8.24 -6.05
C LEU F 20 37.32 9.69 -6.49
N ARG F 21 36.74 10.49 -5.60
CA ARG F 21 36.49 11.90 -5.88
C ARG F 21 37.79 12.68 -6.14
N LEU F 22 38.78 12.50 -5.28
CA LEU F 22 40.09 13.13 -5.48
C LEU F 22 40.73 12.73 -6.82
N SER F 23 40.63 11.45 -7.15
CA SER F 23 41.25 10.90 -8.36
C SER F 23 40.56 11.39 -9.63
N ASN F 24 39.26 11.62 -9.55
CA ASN F 24 38.54 12.23 -10.65
C ASN F 24 38.96 13.68 -10.84
N PHE F 25 39.30 14.36 -9.74
CA PHE F 25 39.69 15.77 -9.81
C PHE F 25 41.11 15.96 -10.35
N PHE F 26 42.05 15.23 -9.77
CA PHE F 26 43.46 15.37 -10.10
C PHE F 26 43.81 14.78 -11.46
N ASP F 27 44.98 15.17 -11.99
CA ASP F 27 45.53 14.54 -13.20
C ASP F 27 45.66 13.05 -12.92
N ASP F 28 45.38 12.22 -13.91
CA ASP F 28 45.49 10.77 -13.74
C ASP F 28 46.88 10.34 -13.29
N GLY F 29 46.91 9.46 -12.29
CA GLY F 29 48.16 8.95 -11.75
C GLY F 29 48.94 9.88 -10.85
N SER F 30 48.43 11.09 -10.60
CA SER F 30 49.23 12.08 -9.86
C SER F 30 49.01 12.06 -8.35
N VAL F 31 47.94 11.42 -7.89
CA VAL F 31 47.56 11.43 -6.49
C VAL F 31 48.60 10.86 -5.54
N GLU F 32 48.92 11.63 -4.50
CA GLU F 32 49.74 11.19 -3.38
C GLU F 32 49.07 11.63 -2.07
N LEU F 33 48.64 10.68 -1.25
CA LEU F 33 47.95 11.01 -0.01
C LEU F 33 48.89 11.70 0.97
N LEU F 34 48.34 12.58 1.80
CA LEU F 34 49.15 13.34 2.76
C LEU F 34 49.09 12.69 4.14
N HIS F 35 48.22 11.71 4.28
CA HIS F 35 48.07 10.97 5.52
C HIS F 35 47.49 9.60 5.18
N GLU F 36 47.59 8.67 6.12
CA GLU F 36 46.96 7.36 6.01
C GLU F 36 45.44 7.49 6.01
N ARG F 37 44.79 6.83 5.06
CA ARG F 37 43.34 6.80 5.01
C ARG F 37 42.74 6.21 6.30
N ASP F 38 41.67 6.83 6.82
CA ASP F 38 41.12 6.47 8.13
C ASP F 38 39.61 6.72 8.25
N ARG F 39 39.09 6.72 9.47
CA ARG F 39 37.67 6.97 9.71
C ARG F 39 37.35 8.43 10.07
N SER F 40 38.29 9.34 9.87
CA SER F 40 38.12 10.73 10.28
C SER F 40 37.07 11.51 9.50
N GLY F 41 36.74 11.07 8.29
CA GLY F 41 35.78 11.80 7.46
C GLY F 41 36.43 12.80 6.50
N VAL F 42 37.76 12.79 6.45
CA VAL F 42 38.48 13.63 5.50
C VAL F 42 39.67 12.87 4.91
N LEU F 43 39.83 12.95 3.60
CA LEU F 43 41.06 12.48 2.97
C LEU F 43 41.69 13.66 2.22
N ALA F 44 42.98 13.88 2.47
CA ALA F 44 43.71 14.97 1.83
C ALA F 44 44.90 14.43 1.04
N ALA F 45 45.14 15.01 -0.13
CA ALA F 45 46.23 14.54 -1.00
C ALA F 45 46.91 15.67 -1.78
N ALA F 46 48.10 15.37 -2.29
CA ALA F 46 48.76 16.21 -3.29
C ALA F 46 48.54 15.60 -4.68
N GLY F 47 48.63 16.43 -5.71
CA GLY F 47 48.44 15.98 -7.09
C GLY F 47 48.82 17.08 -8.06
N THR F 48 48.42 16.95 -9.32
CA THR F 48 48.65 18.02 -10.28
C THR F 48 47.36 18.27 -11.04
N VAL F 49 47.15 19.53 -11.42
CA VAL F 49 46.05 19.88 -12.31
C VAL F 49 46.72 20.48 -13.54
N ASN F 50 46.72 19.74 -14.64
CA ASN F 50 47.44 20.16 -15.85
C ASN F 50 48.86 20.61 -15.55
N GLY F 51 49.56 19.85 -14.72
CA GLY F 51 50.95 20.14 -14.46
C GLY F 51 51.21 20.88 -13.16
N VAL F 52 50.31 21.75 -12.74
CA VAL F 52 50.56 22.52 -11.52
C VAL F 52 50.29 21.73 -10.22
N ARG F 53 51.26 21.72 -9.33
CA ARG F 53 51.15 21.06 -8.06
C ARG F 53 50.03 21.69 -7.27
N THR F 54 49.16 20.87 -6.78
CA THR F 54 47.93 21.34 -6.14
C THR F 54 47.69 20.48 -4.91
N ILE F 55 47.14 21.07 -3.86
CA ILE F 55 46.71 20.32 -2.71
C ILE F 55 45.20 20.20 -2.74
N ALA F 56 44.67 19.05 -2.38
CA ALA F 56 43.22 18.95 -2.26
C ALA F 56 42.80 18.11 -1.06
N PHE F 57 41.62 18.38 -0.51
CA PHE F 57 41.04 17.52 0.52
C PHE F 57 39.60 17.25 0.16
N CYS F 58 39.14 16.06 0.53
CA CYS F 58 37.76 15.66 0.27
C CYS F 58 37.09 15.18 1.54
N THR F 59 35.93 15.75 1.87
CA THR F 59 35.15 15.22 2.98
C THR F 59 34.56 13.86 2.60
N ASP F 60 34.50 12.94 3.56
CA ASP F 60 34.06 11.59 3.27
C ASP F 60 32.56 11.41 3.55
N GLY F 61 31.74 11.54 2.50
CA GLY F 61 30.30 11.40 2.64
C GLY F 61 29.82 10.01 3.05
N THR F 62 30.71 9.02 3.03
CA THR F 62 30.35 7.67 3.48
C THR F 62 30.45 7.50 5.00
N VAL F 63 31.14 8.43 5.68
CA VAL F 63 31.25 8.35 7.14
C VAL F 63 30.46 9.47 7.81
N MET F 64 29.41 9.10 8.55
CA MET F 64 28.58 10.06 9.28
C MET F 64 28.10 11.20 8.39
N GLY F 65 27.81 10.87 7.13
CA GLY F 65 27.37 11.86 6.15
C GLY F 65 28.43 12.92 5.85
N GLY F 66 29.68 12.65 6.22
CA GLY F 66 30.75 13.60 6.02
C GLY F 66 30.89 14.60 7.16
N ALA F 67 30.22 14.33 8.28
CA ALA F 67 30.25 15.28 9.38
C ALA F 67 31.69 15.54 9.83
N MET F 68 31.97 16.80 10.15
CA MET F 68 33.33 17.24 10.50
C MET F 68 33.71 16.97 11.94
N GLY F 69 34.82 16.30 12.16
CA GLY F 69 35.27 16.05 13.52
C GLY F 69 36.69 16.51 13.73
N VAL F 70 37.21 16.27 14.94
CA VAL F 70 38.52 16.75 15.33
C VAL F 70 39.63 16.25 14.42
N GLU F 71 39.63 14.95 14.11
CA GLU F 71 40.72 14.37 13.34
C GLU F 71 40.64 14.78 11.87
N GLY F 72 39.43 14.79 11.32
CA GLY F 72 39.20 15.24 9.97
C GLY F 72 39.65 16.69 9.80
N CYS F 73 39.21 17.56 10.71
CA CYS F 73 39.57 18.97 10.63
C CYS F 73 41.10 19.14 10.72
N THR F 74 41.73 18.26 11.48
CA THR F 74 43.17 18.30 11.61
C THR F 74 43.83 17.98 10.27
N HIS F 75 43.31 16.98 9.55
CA HIS F 75 43.81 16.71 8.21
C HIS F 75 43.67 17.92 7.30
N ILE F 76 42.53 18.61 7.40
CA ILE F 76 42.30 19.79 6.56
C ILE F 76 43.32 20.89 6.91
N VAL F 77 43.54 21.11 8.20
CA VAL F 77 44.48 22.14 8.63
C VAL F 77 45.91 21.84 8.16
N ASN F 78 46.29 20.57 8.28
CA ASN F 78 47.60 20.14 7.82
C ASN F 78 47.78 20.38 6.31
N ALA F 79 46.74 20.07 5.54
CA ALA F 79 46.75 20.33 4.10
C ALA F 79 46.90 21.82 3.80
N TYR F 80 46.16 22.67 4.52
CA TYR F 80 46.35 24.10 4.37
C TYR F 80 47.79 24.50 4.66
N ASP F 81 48.36 23.95 5.73
CA ASP F 81 49.73 24.33 6.11
C ASP F 81 50.73 23.86 5.06
N THR F 82 50.51 22.66 4.51
CA THR F 82 51.34 22.15 3.43
C THR F 82 51.21 23.04 2.19
N ALA F 83 49.99 23.43 1.87
CA ALA F 83 49.73 24.27 0.71
C ALA F 83 50.37 25.66 0.87
N ILE F 84 50.19 26.25 2.04
CA ILE F 84 50.76 27.56 2.33
C ILE F 84 52.29 27.53 2.19
N GLU F 85 52.89 26.46 2.69
CA GLU F 85 54.33 26.28 2.62
C GLU F 85 54.87 26.26 1.19
N ASP F 86 54.24 25.48 0.32
CA ASP F 86 54.72 25.29 -1.04
C ASP F 86 54.12 26.33 -1.97
N GLN F 87 53.32 27.23 -1.41
CA GLN F 87 52.47 28.14 -2.20
C GLN F 87 51.74 27.44 -3.35
N SER F 88 50.95 26.44 -3.00
CA SER F 88 50.18 25.70 -3.98
C SER F 88 48.73 26.10 -3.83
N PRO F 89 47.98 26.09 -4.93
CA PRO F 89 46.52 26.25 -4.79
C PRO F 89 45.97 25.07 -4.00
N ILE F 90 44.88 25.31 -3.27
CA ILE F 90 44.26 24.25 -2.49
C ILE F 90 42.77 24.16 -2.80
N VAL F 91 42.30 22.93 -3.00
CA VAL F 91 40.94 22.68 -3.46
C VAL F 91 40.19 21.79 -2.48
N GLY F 92 39.08 22.28 -1.94
CA GLY F 92 38.24 21.47 -1.09
C GLY F 92 37.05 20.88 -1.84
N ILE F 93 36.87 19.57 -1.69
CA ILE F 93 35.67 18.92 -2.23
C ILE F 93 34.70 18.61 -1.10
N TRP F 94 33.53 19.25 -1.13
CA TRP F 94 32.65 19.26 0.04
C TRP F 94 31.38 18.44 -0.09
N HIS F 95 31.13 17.66 0.96
CA HIS F 95 29.94 16.85 1.09
C HIS F 95 29.85 16.53 2.57
N SER F 96 29.02 17.27 3.29
CA SER F 96 29.08 17.22 4.75
C SER F 96 27.89 17.89 5.43
N GLY F 97 27.37 17.22 6.45
CA GLY F 97 26.30 17.79 7.24
C GLY F 97 26.80 18.81 8.24
N GLY F 98 28.12 18.96 8.34
CA GLY F 98 28.73 19.93 9.24
C GLY F 98 29.42 19.28 10.44
N ALA F 99 29.48 19.97 11.58
CA ALA F 99 30.22 19.46 12.73
C ALA F 99 29.57 18.21 13.33
N ARG F 100 30.38 17.25 13.77
CA ARG F 100 29.84 16.09 14.50
C ARG F 100 29.32 16.54 15.86
N LEU F 101 28.00 16.48 16.01
CA LEU F 101 27.32 16.88 17.23
C LEU F 101 27.89 16.18 18.48
N ALA F 102 28.20 14.89 18.34
CA ALA F 102 28.59 14.11 19.51
C ALA F 102 30.00 14.36 20.03
N GLU F 103 30.85 14.95 19.21
CA GLU F 103 32.19 15.31 19.66
C GLU F 103 32.14 16.64 20.42
N GLY F 104 30.99 17.31 20.38
CA GLY F 104 30.76 18.47 21.21
C GLY F 104 31.64 19.67 20.88
N VAL F 105 32.05 20.39 21.92
CA VAL F 105 32.81 21.63 21.74
C VAL F 105 34.16 21.42 21.06
N ARG F 106 34.82 20.29 21.33
CA ARG F 106 36.06 19.95 20.61
C ARG F 106 35.91 20.00 19.09
N ALA F 107 34.79 19.54 18.56
CA ALA F 107 34.60 19.55 17.11
C ALA F 107 34.39 20.98 16.61
N LEU F 108 33.56 21.74 17.32
CA LEU F 108 33.38 23.17 17.08
C LEU F 108 34.73 23.87 17.01
N HIS F 109 35.57 23.59 18.00
CA HIS F 109 36.88 24.23 18.07
C HIS F 109 37.71 23.89 16.83
N ALA F 110 37.69 22.62 16.46
CA ALA F 110 38.49 22.14 15.35
C ALA F 110 37.98 22.74 14.04
N VAL F 111 36.66 22.88 13.92
CA VAL F 111 36.08 23.56 12.77
C VAL F 111 36.55 25.00 12.68
N GLY F 112 36.59 25.69 13.82
CA GLY F 112 37.10 27.05 13.88
C GLY F 112 38.57 27.11 13.45
N GLN F 113 39.33 26.06 13.78
CA GLN F 113 40.71 25.99 13.33
C GLN F 113 40.84 25.84 11.81
N VAL F 114 39.82 25.27 11.18
CA VAL F 114 39.77 25.17 9.72
C VAL F 114 39.51 26.56 9.11
N PHE F 115 38.50 27.24 9.62
CA PHE F 115 38.24 28.63 9.30
C PHE F 115 39.52 29.48 9.38
N GLU F 116 40.25 29.32 10.47
CA GLU F 116 41.43 30.11 10.73
C GLU F 116 42.55 29.85 9.72
N ALA F 117 42.71 28.60 9.32
CA ALA F 117 43.67 28.23 8.29
C ALA F 117 43.28 28.84 6.95
N MET F 118 41.98 28.85 6.66
CA MET F 118 41.47 29.48 5.45
C MET F 118 41.69 31.00 5.47
N ILE F 119 41.53 31.63 6.63
CA ILE F 119 41.75 33.05 6.78
C ILE F 119 43.24 33.30 6.52
N ARG F 120 44.10 32.51 7.15
CA ARG F 120 45.55 32.64 6.95
C ARG F 120 45.92 32.48 5.48
N ALA F 121 45.20 31.64 4.75
CA ALA F 121 45.54 31.42 3.35
C ALA F 121 45.00 32.53 2.45
N SER F 122 44.04 33.30 2.95
CA SER F 122 43.30 34.23 2.10
C SER F 122 44.19 35.25 1.38
N GLY F 123 44.05 35.35 0.06
CA GLY F 123 44.86 36.25 -0.75
C GLY F 123 46.30 35.82 -0.95
N TYR F 124 46.66 34.65 -0.41
CA TYR F 124 48.02 34.15 -0.47
C TYR F 124 48.19 32.97 -1.45
N ILE F 125 47.33 31.96 -1.34
CA ILE F 125 47.24 30.91 -2.34
C ILE F 125 45.79 30.87 -2.76
N PRO F 126 45.52 30.51 -4.02
CA PRO F 126 44.12 30.41 -4.46
C PRO F 126 43.39 29.28 -3.71
N GLN F 127 42.13 29.51 -3.35
CA GLN F 127 41.30 28.50 -2.70
C GLN F 127 40.02 28.25 -3.51
N ILE F 128 39.91 27.04 -4.06
CA ILE F 128 38.71 26.65 -4.81
C ILE F 128 37.86 25.66 -3.98
N SER F 129 36.56 25.91 -3.93
CA SER F 129 35.64 24.97 -3.29
C SER F 129 34.78 24.27 -4.32
N VAL F 130 34.74 22.95 -4.24
CA VAL F 130 33.83 22.17 -5.08
C VAL F 130 32.81 21.43 -4.21
N VAL F 131 31.56 21.89 -4.26
CA VAL F 131 30.50 21.35 -3.43
C VAL F 131 29.70 20.32 -4.23
N VAL F 132 29.90 19.05 -3.92
CA VAL F 132 29.31 17.98 -4.73
C VAL F 132 28.19 17.24 -4.02
N GLY F 133 28.02 17.50 -2.73
CA GLY F 133 26.90 16.97 -1.98
C GLY F 133 26.38 18.00 -1.02
N PHE F 134 25.33 17.63 -0.29
CA PHE F 134 24.76 18.45 0.78
C PHE F 134 25.87 19.04 1.67
N ALA F 135 25.75 20.34 1.94
CA ALA F 135 26.76 21.08 2.69
C ALA F 135 26.09 22.04 3.64
N ALA F 136 26.27 21.82 4.94
CA ALA F 136 25.53 22.56 5.95
C ALA F 136 26.40 22.89 7.17
N GLY F 137 25.92 23.83 7.98
CA GLY F 137 26.64 24.29 9.15
C GLY F 137 28.04 24.76 8.80
N GLY F 138 29.03 24.22 9.51
CA GLY F 138 30.42 24.57 9.24
C GLY F 138 30.84 24.25 7.82
N ALA F 139 30.14 23.32 7.17
CA ALA F 139 30.53 22.90 5.84
C ALA F 139 29.91 23.83 4.79
N ALA F 140 29.01 24.68 5.22
CA ALA F 140 28.58 25.79 4.38
C ALA F 140 29.53 26.98 4.57
N TYR F 141 30.04 27.20 5.78
CA TYR F 141 30.89 28.37 6.01
C TYR F 141 32.31 28.18 5.49
N GLY F 142 32.81 26.96 5.51
CA GLY F 142 34.11 26.65 4.89
C GLY F 142 34.24 27.19 3.49
N PRO F 143 33.41 26.69 2.56
CA PRO F 143 33.43 27.17 1.17
C PRO F 143 33.25 28.69 1.09
N ALA F 144 32.41 29.22 1.96
CA ALA F 144 32.09 30.64 1.97
C ALA F 144 33.32 31.52 2.24
N LEU F 145 34.36 30.93 2.84
CA LEU F 145 35.60 31.63 3.09
C LEU F 145 36.63 31.46 1.96
N THR F 146 36.30 30.66 0.96
CA THR F 146 37.26 30.46 -0.12
C THR F 146 37.04 31.50 -1.22
N ASP F 147 37.85 31.43 -2.28
CA ASP F 147 37.78 32.45 -3.31
C ASP F 147 36.72 32.13 -4.37
N VAL F 148 36.63 30.88 -4.80
CA VAL F 148 35.63 30.51 -5.79
C VAL F 148 34.93 29.22 -5.38
N VAL F 149 33.60 29.26 -5.43
CA VAL F 149 32.79 28.12 -5.07
C VAL F 149 32.08 27.56 -6.30
N VAL F 150 32.34 26.29 -6.61
CA VAL F 150 31.68 25.60 -7.71
C VAL F 150 30.70 24.59 -7.13
N MET F 151 29.45 24.66 -7.56
CA MET F 151 28.40 23.79 -7.03
C MET F 151 27.86 22.82 -8.09
N ALA F 152 27.86 21.53 -7.78
CA ALA F 152 27.16 20.54 -8.60
C ALA F 152 25.69 20.47 -8.18
N PRO F 153 24.78 20.35 -9.17
CA PRO F 153 23.32 20.33 -8.94
C PRO F 153 22.86 19.35 -7.85
N GLU F 154 23.53 18.21 -7.73
CA GLU F 154 23.13 17.18 -6.79
C GLU F 154 23.49 17.49 -5.34
N SER F 155 23.95 18.71 -5.08
CA SER F 155 24.38 19.08 -3.74
C SER F 155 23.28 19.81 -2.98
N LYS F 186 17.11 29.08 0.30
CA LYS F 186 17.87 30.06 -0.47
C LYS F 186 19.24 30.41 0.14
N LYS F 187 20.28 30.34 -0.70
CA LYS F 187 21.62 30.79 -0.32
C LYS F 187 22.23 31.65 -1.46
N SER F 188 21.59 32.79 -1.73
CA SER F 188 21.93 33.63 -2.88
C SER F 188 23.30 34.31 -2.77
N GLY F 189 24.01 34.36 -3.89
CA GLY F 189 25.31 35.02 -3.95
C GLY F 189 26.48 34.21 -3.42
N VAL F 190 26.20 33.05 -2.83
CA VAL F 190 27.25 32.25 -2.18
C VAL F 190 27.94 31.34 -3.17
N CYS F 191 27.17 30.88 -4.15
CA CYS F 191 27.73 30.05 -5.19
C CYS F 191 28.20 30.93 -6.34
N HIS F 192 29.43 30.71 -6.79
CA HIS F 192 29.96 31.47 -7.92
C HIS F 192 29.63 30.81 -9.25
N ILE F 193 29.76 29.49 -9.28
CA ILE F 193 29.57 28.72 -10.50
C ILE F 193 28.70 27.48 -10.27
N VAL F 194 27.66 27.34 -11.11
CA VAL F 194 26.86 26.13 -11.11
C VAL F 194 27.28 25.23 -12.27
N ALA F 195 27.76 24.04 -11.95
CA ALA F 195 28.15 23.05 -12.96
C ALA F 195 26.95 22.24 -13.42
N ASP F 196 27.19 21.34 -14.38
CA ASP F 196 26.12 20.53 -14.93
C ASP F 196 25.90 19.29 -14.10
N ASP F 197 27.02 18.72 -13.63
CA ASP F 197 27.00 17.59 -12.73
C ASP F 197 28.35 17.51 -12.06
N GLU F 198 28.54 16.47 -11.26
CA GLU F 198 29.75 16.32 -10.46
C GLU F 198 31.05 16.34 -11.27
N LEU F 199 31.03 15.70 -12.44
CA LEU F 199 32.23 15.62 -13.24
C LEU F 199 32.54 16.94 -13.91
N ASP F 200 31.49 17.63 -14.35
CA ASP F 200 31.63 18.98 -14.89
C ASP F 200 32.19 19.91 -13.81
N ALA F 201 31.77 19.67 -12.56
CA ALA F 201 32.24 20.48 -11.45
C ALA F 201 33.75 20.36 -11.26
N TYR F 202 34.28 19.15 -11.39
CA TYR F 202 35.73 18.97 -11.30
C TYR F 202 36.42 19.63 -12.48
N ASP F 203 35.76 19.56 -13.64
CA ASP F 203 36.27 20.17 -14.85
C ASP F 203 36.40 21.68 -14.70
N ARG F 204 35.34 22.32 -14.19
CA ARG F 204 35.36 23.76 -13.95
C ARG F 204 36.36 24.16 -12.86
N GLY F 205 36.45 23.35 -11.81
CA GLY F 205 37.46 23.56 -10.79
C GLY F 205 38.89 23.44 -11.32
N ARG F 206 39.14 22.49 -12.20
CA ARG F 206 40.48 22.31 -12.78
C ARG F 206 40.84 23.55 -13.60
N ARG F 207 39.91 24.01 -14.42
CA ARG F 207 40.11 25.21 -15.20
C ARG F 207 40.40 26.44 -14.33
N LEU F 208 39.74 26.50 -13.17
CA LEU F 208 39.94 27.64 -12.25
C LEU F 208 41.37 27.66 -11.73
N VAL F 209 41.94 26.49 -11.51
CA VAL F 209 43.32 26.39 -11.06
C VAL F 209 44.25 26.96 -12.11
N GLY F 210 43.96 26.64 -13.37
CA GLY F 210 44.74 27.14 -14.48
C GLY F 210 44.62 28.65 -14.57
N LEU F 211 43.41 29.15 -14.37
CA LEU F 211 43.17 30.58 -14.44
C LEU F 211 43.99 31.33 -13.39
N PHE F 212 44.10 30.76 -12.20
CA PHE F 212 44.84 31.42 -11.13
C PHE F 212 46.34 31.15 -11.13
N CYS F 213 46.75 29.96 -11.60
CA CYS F 213 48.13 29.55 -11.43
C CYS F 213 48.92 29.44 -12.73
N GLN F 214 48.21 29.51 -13.85
CA GLN F 214 48.85 29.64 -15.14
C GLN F 214 48.26 30.86 -15.83
N GLN F 215 48.48 32.03 -15.22
CA GLN F 215 47.90 33.26 -15.72
C GLN F 215 48.43 33.67 -17.10
N GLY F 216 49.70 33.35 -17.37
CA GLY F 216 50.28 33.64 -18.67
C GLY F 216 50.66 35.10 -18.89
N HIS F 217 51.00 35.42 -20.13
CA HIS F 217 51.37 36.75 -20.53
C HIS F 217 50.38 37.21 -21.60
N PHE F 218 50.14 38.51 -21.68
CA PHE F 218 49.45 39.07 -22.85
C PHE F 218 50.30 38.83 -24.10
N ASP F 219 49.61 38.64 -25.23
CA ASP F 219 50.27 38.43 -26.51
C ASP F 219 49.63 39.35 -27.57
N ARG F 220 50.31 40.46 -27.86
CA ARG F 220 49.81 41.47 -28.81
C ARG F 220 49.44 40.89 -30.18
N SER F 221 50.18 39.90 -30.66
CA SER F 221 49.87 39.30 -31.94
C SER F 221 48.54 38.53 -31.89
N LYS F 222 48.34 37.76 -30.82
CA LYS F 222 47.06 37.07 -30.64
C LYS F 222 45.88 38.03 -30.44
N ALA F 223 46.11 39.14 -29.74
CA ALA F 223 45.08 40.18 -29.58
C ALA F 223 44.58 40.65 -30.93
N GLU F 224 45.52 41.02 -31.80
CA GLU F 224 45.21 41.50 -33.14
C GLU F 224 44.54 40.43 -34.01
N ALA F 225 45.04 39.20 -33.97
CA ALA F 225 44.46 38.12 -34.77
C ALA F 225 42.99 37.89 -34.44
N GLY F 226 42.59 38.20 -33.21
CA GLY F 226 41.22 38.05 -32.76
C GLY F 226 40.33 39.28 -32.89
N ASP F 227 40.88 40.39 -33.39
CA ASP F 227 40.08 41.60 -33.59
C ASP F 227 38.86 41.35 -34.50
N THR F 228 37.72 41.90 -34.10
CA THR F 228 36.50 41.94 -34.90
C THR F 228 35.79 43.26 -34.61
N ASP F 229 34.79 43.60 -35.42
CA ASP F 229 33.96 44.78 -35.16
C ASP F 229 32.94 44.45 -34.08
N ILE F 230 33.34 44.68 -32.84
CA ILE F 230 32.51 44.32 -31.70
C ILE F 230 31.28 45.24 -31.65
N HIS F 231 31.45 46.49 -32.08
CA HIS F 231 30.35 47.46 -32.14
C HIS F 231 29.15 46.95 -32.94
N ALA F 232 29.40 46.06 -33.88
CA ALA F 232 28.33 45.53 -34.72
C ALA F 232 27.35 44.67 -33.92
N LEU F 233 27.71 44.31 -32.70
CA LEU F 233 26.86 43.50 -31.83
C LEU F 233 25.87 44.35 -31.05
N LEU F 234 26.04 45.67 -31.11
CA LEU F 234 25.13 46.59 -30.47
C LEU F 234 23.84 46.76 -31.29
N PRO F 235 22.72 47.03 -30.60
CA PRO F 235 21.46 47.36 -31.27
C PRO F 235 21.58 48.63 -32.10
N GLU F 236 20.77 48.74 -33.16
CA GLU F 236 20.75 49.93 -33.98
C GLU F 236 20.35 51.15 -33.14
N SER F 237 19.24 51.03 -32.41
CA SER F 237 18.77 52.09 -31.52
C SER F 237 19.58 52.09 -30.24
N SER F 238 19.98 53.28 -29.79
CA SER F 238 20.81 53.39 -28.60
C SER F 238 19.99 53.41 -27.31
N ARG F 239 18.67 53.35 -27.45
CA ARG F 239 17.81 53.24 -26.26
C ARG F 239 17.21 51.85 -26.14
N ARG F 240 17.69 50.95 -26.99
CA ARG F 240 17.31 49.55 -26.93
C ARG F 240 18.24 48.79 -25.97
N ALA F 241 17.67 47.86 -25.20
CA ALA F 241 18.46 47.05 -24.27
C ALA F 241 18.99 45.80 -24.96
N TYR F 242 20.10 45.27 -24.44
CA TYR F 242 20.73 44.08 -25.02
C TYR F 242 21.47 43.32 -23.92
N ASP F 243 21.74 42.03 -24.19
CA ASP F 243 22.61 41.24 -23.32
C ASP F 243 24.06 41.59 -23.65
N VAL F 244 24.81 42.00 -22.63
CA VAL F 244 26.19 42.44 -22.82
C VAL F 244 27.13 41.24 -23.00
N ARG F 245 26.64 40.04 -22.71
CA ARG F 245 27.49 38.86 -22.75
C ARG F 245 28.17 38.53 -24.09
N PRO F 246 27.45 38.64 -25.22
CA PRO F 246 28.16 38.47 -26.49
C PRO F 246 29.27 39.51 -26.71
N ILE F 247 29.13 40.71 -26.17
CA ILE F 247 30.21 41.71 -26.28
C ILE F 247 31.44 41.21 -25.52
N VAL F 248 31.23 40.76 -24.29
CA VAL F 248 32.30 40.23 -23.43
C VAL F 248 33.00 39.06 -24.12
N THR F 249 32.19 38.21 -24.74
CA THR F 249 32.64 37.01 -25.44
C THR F 249 33.49 37.34 -26.67
N ALA F 250 33.17 38.44 -27.33
CA ALA F 250 33.87 38.83 -28.54
C ALA F 250 35.23 39.39 -28.18
N ILE F 251 35.28 40.08 -27.04
CA ILE F 251 36.53 40.63 -26.52
C ILE F 251 37.47 39.52 -26.06
N LEU F 252 36.96 38.56 -25.30
CA LEU F 252 37.78 37.46 -24.80
C LEU F 252 38.16 36.48 -25.91
N ASP F 253 39.15 35.64 -25.62
CA ASP F 253 39.64 34.67 -26.61
C ASP F 253 38.55 33.71 -27.07
N ALA F 254 38.46 33.56 -28.39
CA ALA F 254 37.38 32.84 -29.05
C ALA F 254 37.26 31.41 -28.56
N ASP F 255 38.40 30.78 -28.32
CA ASP F 255 38.39 29.37 -27.94
C ASP F 255 38.79 29.13 -26.49
N THR F 256 38.40 30.06 -25.63
CA THR F 256 38.49 29.89 -24.20
C THR F 256 37.13 30.22 -23.63
N PRO F 257 36.64 29.40 -22.70
CA PRO F 257 35.33 29.73 -22.14
C PRO F 257 35.37 30.97 -21.23
N PHE F 258 34.22 31.58 -21.01
CA PHE F 258 34.08 32.67 -20.06
C PHE F 258 33.50 32.12 -18.77
N ASP F 259 34.30 32.02 -17.71
CA ASP F 259 33.79 31.54 -16.43
C ASP F 259 33.02 32.63 -15.67
N GLU F 260 31.73 32.78 -15.95
CA GLU F 260 30.91 33.80 -15.32
C GLU F 260 30.65 33.47 -13.86
N PHE F 261 30.82 34.46 -12.98
CA PHE F 261 30.51 34.27 -11.56
C PHE F 261 29.11 34.78 -11.25
N GLN F 262 28.36 34.00 -10.47
CA GLN F 262 27.07 34.44 -9.91
C GLN F 262 26.13 35.01 -10.97
N ALA F 263 25.95 34.28 -12.07
CA ALA F 263 25.13 34.79 -13.16
C ALA F 263 23.71 35.17 -12.73
N ASN F 264 23.14 34.44 -11.78
CA ASN F 264 21.75 34.71 -11.39
C ASN F 264 21.55 35.66 -10.21
N TRP F 265 22.64 36.09 -9.59
CA TRP F 265 22.58 37.07 -8.53
C TRP F 265 23.04 38.44 -9.05
N ALA F 266 22.27 39.49 -8.75
CA ALA F 266 22.54 40.85 -9.25
C ALA F 266 22.74 40.92 -10.78
N PRO F 267 21.70 40.57 -11.54
CA PRO F 267 21.89 40.37 -12.99
C PRO F 267 22.16 41.65 -13.81
N SER F 268 22.08 42.83 -13.22
CA SER F 268 22.47 44.04 -13.96
C SER F 268 23.99 44.17 -14.06
N MET F 269 24.70 43.28 -13.37
CA MET F 269 26.15 43.27 -13.36
C MET F 269 26.63 41.90 -13.83
N VAL F 270 27.61 41.90 -14.72
CA VAL F 270 28.20 40.66 -15.20
C VAL F 270 29.67 40.68 -14.85
N VAL F 271 30.11 39.68 -14.09
CA VAL F 271 31.54 39.51 -13.83
C VAL F 271 31.98 38.07 -14.04
N GLY F 272 33.28 37.89 -14.30
CA GLY F 272 33.83 36.56 -14.41
C GLY F 272 35.25 36.55 -14.94
N LEU F 273 35.83 35.36 -15.01
CA LEU F 273 37.20 35.21 -15.47
C LEU F 273 37.24 34.63 -16.88
N GLY F 274 38.28 34.99 -17.61
CA GLY F 274 38.48 34.50 -18.96
C GLY F 274 39.90 34.79 -19.37
N ARG F 275 40.19 34.68 -20.65
CA ARG F 275 41.52 34.99 -21.14
C ARG F 275 41.45 36.01 -22.27
N LEU F 276 42.36 36.97 -22.22
CA LEU F 276 42.49 37.99 -23.24
C LEU F 276 43.89 37.83 -23.81
N SER F 277 43.96 37.41 -25.07
CA SER F 277 45.23 37.12 -25.75
C SER F 277 46.07 36.12 -24.97
N GLY F 278 45.40 35.17 -24.33
CA GLY F 278 46.07 34.10 -23.60
C GLY F 278 46.29 34.37 -22.13
N ARG F 279 46.11 35.62 -21.69
CA ARG F 279 46.36 35.95 -20.28
C ARG F 279 45.04 36.03 -19.48
N THR F 280 45.06 35.50 -18.26
CA THR F 280 43.88 35.53 -17.39
C THR F 280 43.49 36.97 -17.11
N VAL F 281 42.26 37.33 -17.43
CA VAL F 281 41.77 38.65 -17.06
C VAL F 281 40.43 38.53 -16.34
N GLY F 282 40.09 39.55 -15.54
CA GLY F 282 38.79 39.64 -14.94
C GLY F 282 37.95 40.61 -15.73
N VAL F 283 36.67 40.31 -15.91
CA VAL F 283 35.78 41.21 -16.64
C VAL F 283 34.61 41.65 -15.76
N LEU F 284 34.33 42.94 -15.74
CA LEU F 284 33.07 43.47 -15.19
C LEU F 284 32.36 44.25 -16.28
N ALA F 285 31.05 44.02 -16.43
CA ALA F 285 30.29 44.69 -17.47
C ALA F 285 28.84 44.94 -17.03
N ASN F 286 28.42 46.20 -17.06
CA ASN F 286 27.00 46.49 -16.90
C ASN F 286 26.21 45.72 -17.93
N ASN F 287 25.07 45.19 -17.52
CA ASN F 287 24.22 44.45 -18.45
C ASN F 287 22.86 45.12 -18.69
N PRO F 288 22.74 45.90 -19.78
CA PRO F 288 21.56 46.69 -20.13
C PRO F 288 20.27 45.87 -20.19
N LEU F 289 20.40 44.56 -20.38
CA LEU F 289 19.26 43.66 -20.37
C LEU F 289 18.49 43.65 -19.03
N ARG F 290 19.17 43.90 -17.91
CA ARG F 290 18.50 43.84 -16.61
C ARG F 290 18.59 45.17 -15.88
N LEU F 291 17.46 45.63 -15.35
CA LEU F 291 17.36 46.93 -14.67
C LEU F 291 17.98 48.07 -15.49
N GLY F 292 17.90 47.97 -16.82
CA GLY F 292 18.51 48.98 -17.68
C GLY F 292 20.02 49.03 -17.59
N GLY F 293 20.60 48.02 -16.94
CA GLY F 293 22.04 47.96 -16.75
C GLY F 293 22.51 48.84 -15.60
N CYS F 294 21.56 49.33 -14.80
CA CYS F 294 21.87 50.21 -13.67
C CYS F 294 22.62 49.52 -12.54
N LEU F 295 23.38 50.30 -11.80
CA LEU F 295 23.94 49.85 -10.54
C LEU F 295 22.87 49.85 -9.45
N ASN F 296 22.98 48.91 -8.53
CA ASN F 296 22.16 48.91 -7.33
C ASN F 296 22.95 48.27 -6.21
N SER F 297 22.28 48.05 -5.07
CA SER F 297 22.93 47.54 -3.89
C SER F 297 23.68 46.24 -4.14
N GLU F 298 23.04 45.29 -4.81
CA GLU F 298 23.68 44.00 -4.99
C GLU F 298 24.65 43.95 -6.17
N SER F 299 24.38 44.73 -7.21
CA SER F 299 25.32 44.78 -8.34
C SER F 299 26.64 45.42 -7.91
N ALA F 300 26.56 46.44 -7.06
CA ALA F 300 27.77 47.06 -6.51
C ALA F 300 28.56 46.09 -5.62
N GLU F 301 27.86 45.32 -4.81
CA GLU F 301 28.53 44.34 -3.94
C GLU F 301 29.22 43.25 -4.77
N LYS F 302 28.54 42.81 -5.81
CA LYS F 302 29.05 41.77 -6.68
C LYS F 302 30.33 42.27 -7.38
N ALA F 303 30.26 43.47 -7.93
CA ALA F 303 31.44 44.05 -8.57
C ALA F 303 32.59 44.27 -7.56
N ALA F 304 32.28 44.80 -6.37
CA ALA F 304 33.31 45.05 -5.36
C ALA F 304 34.06 43.79 -4.92
N ARG F 305 33.33 42.72 -4.62
CA ARG F 305 33.96 41.48 -4.18
C ARG F 305 34.85 40.92 -5.28
N PHE F 306 34.38 41.01 -6.53
CA PHE F 306 35.13 40.50 -7.65
C PHE F 306 36.41 41.30 -7.89
N VAL F 307 36.30 42.63 -7.82
CA VAL F 307 37.48 43.48 -7.92
C VAL F 307 38.54 43.11 -6.89
N ARG F 308 38.13 42.92 -5.63
CA ARG F 308 39.06 42.55 -4.57
CA ARG F 308 39.08 42.57 -4.59
C ARG F 308 39.69 41.20 -4.82
N LEU F 309 38.93 40.30 -5.46
CA LEU F 309 39.48 38.97 -5.74
C LEU F 309 40.61 39.08 -6.76
N CYS F 310 40.31 39.71 -7.90
CA CYS F 310 41.31 39.88 -8.97
C CYS F 310 42.55 40.64 -8.52
N ASP F 311 42.34 41.66 -7.70
CA ASP F 311 43.45 42.44 -7.16
C ASP F 311 44.34 41.59 -6.27
N ALA F 312 43.72 40.70 -5.48
CA ALA F 312 44.50 39.83 -4.60
C ALA F 312 45.45 38.93 -5.37
N PHE F 313 45.06 38.51 -6.57
CA PHE F 313 45.83 37.51 -7.31
C PHE F 313 46.57 38.01 -8.55
N GLY F 314 46.62 39.33 -8.73
CA GLY F 314 47.41 39.91 -9.80
C GLY F 314 46.70 39.82 -11.13
N ILE F 315 45.38 39.67 -11.08
CA ILE F 315 44.59 39.54 -12.31
C ILE F 315 44.04 40.90 -12.77
N PRO F 316 44.47 41.36 -13.95
CA PRO F 316 44.10 42.66 -14.54
C PRO F 316 42.62 42.70 -14.86
N LEU F 317 42.01 43.89 -14.80
CA LEU F 317 40.58 44.02 -15.05
C LEU F 317 40.27 44.69 -16.37
N VAL F 318 39.18 44.26 -16.98
CA VAL F 318 38.61 44.93 -18.13
C VAL F 318 37.20 45.34 -17.72
N VAL F 319 36.94 46.63 -17.71
CA VAL F 319 35.65 47.14 -17.27
C VAL F 319 34.84 47.70 -18.43
N VAL F 320 33.79 46.99 -18.81
CA VAL F 320 32.95 47.36 -19.94
C VAL F 320 31.69 48.11 -19.48
N VAL F 321 31.65 49.40 -19.78
CA VAL F 321 30.73 50.31 -19.12
C VAL F 321 29.59 50.75 -20.00
N ASP F 322 28.36 50.49 -19.54
CA ASP F 322 27.16 50.96 -20.21
C ASP F 322 26.07 51.12 -19.17
N VAL F 323 26.15 52.24 -18.45
CA VAL F 323 25.35 52.43 -17.25
C VAL F 323 24.67 53.80 -17.30
N PRO F 324 23.35 53.81 -17.12
CA PRO F 324 22.53 55.04 -17.18
C PRO F 324 22.28 55.70 -15.82
N GLY F 325 22.60 55.00 -14.74
CA GLY F 325 22.44 55.53 -13.40
C GLY F 325 22.41 54.42 -12.37
N TYR F 326 21.89 54.73 -11.19
CA TYR F 326 21.78 53.73 -10.14
C TYR F 326 20.39 53.70 -9.52
N LEU F 327 20.08 52.62 -8.82
CA LEU F 327 18.75 52.37 -8.32
C LEU F 327 18.76 52.16 -6.82
N PRO F 328 17.69 52.61 -6.14
CA PRO F 328 17.49 52.32 -4.71
C PRO F 328 16.91 50.91 -4.53
N GLY F 329 16.82 50.45 -3.28
CA GLY F 329 16.35 49.10 -3.02
C GLY F 329 14.84 48.96 -2.93
N VAL F 330 14.40 48.20 -1.93
CA VAL F 330 13.00 47.79 -1.79
C VAL F 330 12.00 48.95 -1.73
N ASP F 331 12.00 49.68 -0.63
CA ASP F 331 11.02 50.74 -0.42
C ASP F 331 11.63 52.11 -0.71
N GLN F 332 12.24 52.24 -1.88
CA GLN F 332 13.00 53.45 -2.24
C GLN F 332 14.05 53.77 -1.17
N GLU F 333 14.62 52.73 -0.59
CA GLU F 333 15.65 52.85 0.45
C GLU F 333 17.05 52.97 -0.15
N TRP F 334 17.74 54.07 0.13
CA TRP F 334 19.06 54.28 -0.45
C TRP F 334 20.21 53.65 0.35
N GLY F 335 19.94 53.23 1.58
CA GLY F 335 20.99 52.71 2.45
C GLY F 335 21.88 51.62 1.85
N GLY F 336 21.28 50.71 1.10
CA GLY F 336 22.02 49.61 0.52
C GLY F 336 22.97 50.07 -0.58
N VAL F 337 22.44 50.86 -1.52
CA VAL F 337 23.27 51.32 -2.62
C VAL F 337 24.33 52.31 -2.15
N VAL F 338 24.03 53.08 -1.11
CA VAL F 338 25.02 54.00 -0.59
C VAL F 338 26.13 53.20 0.07
N ARG F 339 25.76 52.24 0.90
CA ARG F 339 26.76 51.45 1.62
C ARG F 339 27.55 50.55 0.68
N ARG F 340 26.85 49.75 -0.12
CA ARG F 340 27.57 48.84 -1.00
C ARG F 340 28.27 49.59 -2.17
N GLY F 341 27.68 50.70 -2.63
CA GLY F 341 28.35 51.55 -3.59
C GLY F 341 29.66 52.13 -3.09
N ALA F 342 29.67 52.60 -1.84
CA ALA F 342 30.89 53.07 -1.19
C ALA F 342 31.96 51.98 -1.22
N LYS F 343 31.53 50.76 -0.96
CA LYS F 343 32.44 49.62 -0.98
C LYS F 343 33.03 49.39 -2.37
N LEU F 344 32.21 49.57 -3.41
CA LEU F 344 32.70 49.54 -4.80
C LEU F 344 33.72 50.65 -5.09
N LEU F 345 33.44 51.88 -4.67
CA LEU F 345 34.44 52.96 -4.76
C LEU F 345 35.74 52.55 -4.10
N HIS F 346 35.61 52.00 -2.89
CA HIS F 346 36.78 51.58 -2.12
C HIS F 346 37.62 50.53 -2.85
N ALA F 347 36.94 49.52 -3.41
CA ALA F 347 37.62 48.46 -4.14
C ALA F 347 38.41 48.98 -5.35
N PHE F 348 37.76 49.73 -6.23
CA PHE F 348 38.47 50.35 -7.35
C PHE F 348 39.57 51.31 -6.87
N GLY F 349 39.23 52.22 -5.95
CA GLY F 349 40.21 53.16 -5.42
C GLY F 349 41.52 52.52 -4.98
N GLU F 350 41.42 51.46 -4.16
CA GLU F 350 42.56 50.76 -3.58
C GLU F 350 43.22 49.76 -4.54
N CYS F 351 42.58 49.49 -5.67
CA CYS F 351 43.06 48.45 -6.59
C CYS F 351 44.40 48.83 -7.24
N THR F 352 45.33 47.89 -7.30
CA THR F 352 46.65 48.16 -7.86
C THR F 352 47.00 47.37 -9.14
N VAL F 353 46.17 46.42 -9.53
CA VAL F 353 46.37 45.71 -10.79
C VAL F 353 45.92 46.61 -11.93
N PRO F 354 46.42 46.36 -13.14
CA PRO F 354 45.94 47.08 -14.31
C PRO F 354 44.43 46.97 -14.44
N ARG F 355 43.76 48.07 -14.78
CA ARG F 355 42.33 48.06 -14.92
C ARG F 355 41.91 49.13 -15.92
N VAL F 356 41.38 48.67 -17.03
CA VAL F 356 41.09 49.52 -18.16
C VAL F 356 39.59 49.57 -18.39
N THR F 357 39.08 50.77 -18.64
CA THR F 357 37.66 50.99 -18.84
C THR F 357 37.38 51.18 -20.33
N LEU F 358 36.28 50.60 -20.80
CA LEU F 358 35.80 50.81 -22.15
C LEU F 358 34.36 51.25 -22.09
N VAL F 359 34.10 52.50 -22.47
CA VAL F 359 32.73 52.97 -22.55
C VAL F 359 32.16 52.66 -23.92
N THR F 360 31.19 51.76 -23.98
CA THR F 360 30.57 51.38 -25.23
C THR F 360 29.50 52.39 -25.69
N ARG F 361 28.47 52.60 -24.88
CA ARG F 361 27.40 53.54 -25.23
C ARG F 361 27.30 54.72 -24.27
N LYS F 362 26.87 54.49 -23.04
CA LYS F 362 26.75 55.61 -22.10
C LYS F 362 27.29 55.34 -20.70
N THR F 363 27.60 56.42 -20.00
CA THR F 363 28.06 56.36 -18.62
C THR F 363 27.64 57.66 -17.92
N TYR F 364 26.64 57.58 -17.04
CA TYR F 364 26.02 58.78 -16.46
C TYR F 364 26.27 58.95 -14.96
N GLY F 365 26.54 60.19 -14.56
CA GLY F 365 26.48 60.59 -13.16
C GLY F 365 27.37 59.85 -12.18
N GLY F 366 26.83 59.62 -10.99
CA GLY F 366 27.53 58.91 -9.93
C GLY F 366 28.05 57.55 -10.37
N ALA F 367 27.24 56.80 -11.11
CA ALA F 367 27.64 55.46 -11.55
C ALA F 367 28.84 55.54 -12.50
N TYR F 368 28.93 56.64 -13.27
CA TYR F 368 30.12 56.88 -14.09
C TYR F 368 31.39 56.90 -13.24
N ILE F 369 31.33 57.54 -12.08
CA ILE F 369 32.47 57.65 -11.20
C ILE F 369 32.87 56.27 -10.68
N ALA F 370 31.85 55.49 -10.33
CA ALA F 370 32.03 54.19 -9.70
C ALA F 370 32.63 53.16 -10.65
N MET F 371 32.25 53.20 -11.92
CA MET F 371 32.68 52.20 -12.88
C MET F 371 34.10 52.49 -13.41
N ASN F 372 35.07 52.41 -12.51
CA ASN F 372 36.47 52.58 -12.86
C ASN F 372 36.77 53.86 -13.66
N SER F 373 36.47 55.01 -13.08
CA SER F 373 36.72 56.30 -13.74
C SER F 373 38.16 56.75 -13.53
N ARG F 374 38.58 57.72 -14.33
CA ARG F 374 39.90 58.33 -14.17
C ARG F 374 40.13 58.83 -12.74
N SER F 375 39.06 59.30 -12.08
CA SER F 375 39.24 59.87 -10.76
C SER F 375 39.66 58.80 -9.75
N LEU F 376 39.18 57.58 -9.95
CA LEU F 376 39.61 56.46 -9.14
C LEU F 376 40.87 55.76 -9.68
N ASN F 377 41.68 56.47 -10.48
CA ASN F 377 42.95 55.98 -10.99
C ASN F 377 42.86 54.78 -11.95
N ALA F 378 41.82 54.72 -12.77
CA ALA F 378 41.73 53.74 -13.86
C ALA F 378 43.01 53.75 -14.70
N THR F 379 43.54 52.59 -15.07
CA THR F 379 44.78 52.55 -15.85
C THR F 379 44.62 53.40 -17.11
N LYS F 380 43.49 53.23 -17.77
CA LYS F 380 43.22 53.92 -19.02
C LYS F 380 41.74 53.83 -19.28
N VAL F 381 41.18 54.88 -19.88
CA VAL F 381 39.79 54.88 -20.26
C VAL F 381 39.62 55.04 -21.77
N PHE F 382 38.92 54.10 -22.37
CA PHE F 382 38.66 54.11 -23.80
C PHE F 382 37.19 54.41 -24.02
N ALA F 383 36.88 54.94 -25.20
CA ALA F 383 35.48 55.12 -25.58
C ALA F 383 35.31 54.82 -27.06
N TRP F 384 34.22 54.14 -27.38
CA TRP F 384 33.78 53.99 -28.75
C TRP F 384 33.27 55.35 -29.20
N PRO F 385 33.20 55.59 -30.54
CA PRO F 385 32.95 56.95 -31.03
C PRO F 385 31.58 57.53 -30.64
N ASP F 386 30.52 56.73 -30.68
CA ASP F 386 29.18 57.23 -30.34
C ASP F 386 28.92 57.34 -28.83
N ALA F 387 29.92 56.99 -28.01
CA ALA F 387 29.72 56.91 -26.57
C ALA F 387 29.39 58.25 -25.89
N GLU F 388 28.47 58.20 -24.92
CA GLU F 388 28.16 59.37 -24.12
C GLU F 388 28.72 59.28 -22.70
N VAL F 389 29.49 60.29 -22.33
CA VAL F 389 30.01 60.46 -20.99
C VAL F 389 29.43 61.75 -20.46
N ALA F 390 28.44 61.66 -19.59
CA ALA F 390 27.63 62.83 -19.22
C ALA F 390 27.06 62.70 -17.81
N VAL F 391 26.47 63.77 -17.30
CA VAL F 391 25.82 63.71 -15.99
C VAL F 391 24.49 62.97 -16.06
N MET F 392 23.79 63.13 -17.18
CA MET F 392 22.56 62.37 -17.45
C MET F 392 22.20 62.67 -18.88
N GLY F 393 21.04 62.18 -19.33
CA GLY F 393 20.55 62.47 -20.67
C GLY F 393 20.38 63.96 -20.91
N ALA F 394 20.55 64.40 -22.17
CA ALA F 394 20.49 65.83 -22.49
C ALA F 394 19.14 66.45 -22.09
N LYS F 395 18.07 65.74 -22.43
CA LYS F 395 16.73 66.20 -22.09
C LYS F 395 16.57 66.34 -20.57
N ALA F 396 16.90 65.29 -19.83
CA ALA F 396 16.83 65.34 -18.37
C ALA F 396 17.74 66.43 -17.78
N ALA F 397 18.97 66.53 -18.29
CA ALA F 397 19.90 67.55 -17.79
C ALA F 397 19.35 68.96 -17.96
N VAL F 398 18.83 69.24 -19.15
CA VAL F 398 18.32 70.57 -19.49
C VAL F 398 17.10 70.93 -18.64
N GLY F 399 16.26 69.93 -18.35
CA GLY F 399 15.09 70.12 -17.51
C GLY F 399 15.41 70.66 -16.12
N ILE F 400 16.64 70.44 -15.66
CA ILE F 400 17.11 71.00 -14.39
C ILE F 400 17.92 72.30 -14.56
N LEU F 401 18.88 72.30 -15.48
CA LEU F 401 19.70 73.50 -15.73
C LEU F 401 18.90 74.72 -16.20
N HIS F 402 17.70 74.46 -16.70
CA HIS F 402 16.87 75.52 -17.26
C HIS F 402 15.45 75.41 -16.74
N LYS F 403 15.33 74.92 -15.52
CA LYS F 403 14.06 74.72 -14.84
C LYS F 403 13.22 76.00 -14.75
N LYS F 404 13.83 77.06 -14.26
CA LYS F 404 13.14 78.33 -14.04
C LYS F 404 12.75 78.92 -15.39
N LYS F 405 13.69 78.92 -16.32
CA LYS F 405 13.50 79.37 -17.69
C LYS F 405 12.38 78.58 -18.40
N LEU F 406 12.39 77.26 -18.25
CA LEU F 406 11.32 76.44 -18.84
C LEU F 406 9.97 76.73 -18.18
N ALA F 407 9.96 76.89 -16.86
CA ALA F 407 8.70 77.19 -16.17
C ALA F 407 8.11 78.54 -16.61
N ALA F 408 8.97 79.55 -16.75
CA ALA F 408 8.51 80.88 -17.15
C ALA F 408 7.94 80.97 -18.57
N ALA F 409 8.20 79.95 -19.38
CA ALA F 409 7.77 79.96 -20.78
C ALA F 409 6.31 79.54 -20.90
N PRO F 410 5.57 80.18 -21.83
CA PRO F 410 4.18 79.81 -22.14
C PRO F 410 4.01 78.30 -22.30
N GLU F 411 2.98 77.72 -21.68
CA GLU F 411 2.79 76.27 -21.69
C GLU F 411 2.78 75.62 -23.09
N HIS F 412 2.46 76.42 -24.11
CA HIS F 412 2.37 75.92 -25.48
C HIS F 412 3.68 76.08 -26.25
N GLU F 413 4.63 76.81 -25.66
CA GLU F 413 5.96 76.98 -26.27
C GLU F 413 7.05 76.29 -25.45
N ARG F 414 6.64 75.56 -24.41
CA ARG F 414 7.60 74.98 -23.48
C ARG F 414 8.26 73.73 -24.05
N GLU F 415 7.44 72.76 -24.46
CA GLU F 415 7.95 71.51 -25.03
C GLU F 415 8.85 71.71 -26.24
N ALA F 416 8.73 72.86 -26.90
CA ALA F 416 9.58 73.19 -28.04
C ALA F 416 10.88 73.86 -27.60
N LEU F 417 10.79 74.70 -26.57
CA LEU F 417 11.99 75.35 -26.02
C LEU F 417 12.89 74.30 -25.36
N HIS F 418 12.26 73.29 -24.75
CA HIS F 418 12.96 72.21 -24.07
C HIS F 418 13.83 71.47 -25.07
N ASP F 419 13.22 71.07 -26.17
CA ASP F 419 13.90 70.38 -27.26
C ASP F 419 15.02 71.21 -27.86
N GLN F 420 14.81 72.52 -27.96
CA GLN F 420 15.84 73.41 -28.49
C GLN F 420 17.06 73.41 -27.56
N LEU F 421 16.82 73.66 -26.28
CA LEU F 421 17.89 73.71 -25.28
C LEU F 421 18.63 72.38 -25.14
N ALA F 422 17.90 71.29 -25.24
CA ALA F 422 18.48 69.95 -25.15
C ALA F 422 19.42 69.71 -26.32
N ALA F 423 18.96 70.10 -27.51
CA ALA F 423 19.74 69.99 -28.73
C ALA F 423 21.04 70.79 -28.69
N GLU F 424 20.98 72.02 -28.17
CA GLU F 424 22.19 72.83 -28.04
C GLU F 424 23.14 72.25 -26.99
N HIS F 425 22.58 71.80 -25.88
CA HIS F 425 23.33 71.11 -24.82
C HIS F 425 24.05 69.88 -25.38
N GLU F 426 23.32 69.11 -26.18
CA GLU F 426 23.82 67.89 -26.81
C GLU F 426 25.05 68.17 -27.66
N ARG F 427 25.05 69.34 -28.29
CA ARG F 427 26.08 69.73 -29.23
C ARG F 427 27.40 70.10 -28.55
N ILE F 428 27.33 70.53 -27.30
CA ILE F 428 28.53 71.02 -26.62
C ILE F 428 28.95 70.18 -25.41
N ALA F 429 28.15 69.17 -25.07
CA ALA F 429 28.44 68.35 -23.90
C ALA F 429 28.05 66.88 -24.11
N GLY F 430 28.68 65.99 -23.35
CA GLY F 430 28.35 64.58 -23.40
C GLY F 430 29.13 63.74 -24.42
N GLY F 431 29.81 64.40 -25.35
CA GLY F 431 30.53 63.70 -26.40
C GLY F 431 31.90 63.20 -25.95
N VAL F 432 32.42 62.19 -26.64
CA VAL F 432 33.76 61.68 -26.32
C VAL F 432 34.79 62.79 -26.52
N ASP F 433 34.58 63.59 -27.56
CA ASP F 433 35.42 64.73 -27.88
C ASP F 433 35.47 65.69 -26.69
N SER F 434 34.30 65.95 -26.10
CA SER F 434 34.22 66.73 -24.88
C SER F 434 35.01 66.05 -23.76
N ALA F 435 34.73 64.77 -23.52
CA ALA F 435 35.39 64.00 -22.46
C ALA F 435 36.90 63.88 -22.67
N LEU F 436 37.31 63.74 -23.93
CA LEU F 436 38.73 63.75 -24.29
C LEU F 436 39.41 65.05 -23.87
N ASP F 437 38.73 66.17 -24.13
CA ASP F 437 39.26 67.49 -23.86
C ASP F 437 39.44 67.71 -22.36
N ILE F 438 38.41 67.32 -21.60
CA ILE F 438 38.47 67.37 -20.15
C ILE F 438 39.57 66.43 -19.61
N GLY F 439 39.68 65.24 -20.18
CA GLY F 439 40.73 64.31 -19.78
C GLY F 439 40.26 63.07 -19.03
N VAL F 440 38.94 62.84 -19.00
CA VAL F 440 38.40 61.67 -18.31
C VAL F 440 38.29 60.47 -19.25
N VAL F 441 38.44 60.72 -20.54
CA VAL F 441 38.68 59.65 -21.50
C VAL F 441 40.07 59.89 -22.10
N ASP F 442 40.85 58.84 -22.20
CA ASP F 442 42.20 58.94 -22.75
C ASP F 442 42.21 58.86 -24.27
N GLU F 443 41.34 58.03 -24.83
CA GLU F 443 41.40 57.76 -26.26
C GLU F 443 40.08 57.26 -26.82
N LYS F 444 39.63 57.89 -27.91
CA LYS F 444 38.52 57.35 -28.70
C LYS F 444 39.11 56.27 -29.59
N ILE F 445 38.46 55.11 -29.68
CA ILE F 445 39.01 54.00 -30.47
C ILE F 445 38.04 53.39 -31.47
N ASP F 446 38.61 52.86 -32.56
CA ASP F 446 37.85 52.11 -33.53
C ASP F 446 37.49 50.75 -32.92
N PRO F 447 36.18 50.49 -32.76
CA PRO F 447 35.70 49.25 -32.13
C PRO F 447 36.26 47.99 -32.76
N ALA F 448 36.71 48.07 -34.01
CA ALA F 448 37.32 46.90 -34.64
C ALA F 448 38.67 46.59 -34.00
N HIS F 449 39.23 47.56 -33.29
CA HIS F 449 40.53 47.38 -32.65
C HIS F 449 40.45 47.31 -31.13
N THR F 450 39.30 46.92 -30.61
CA THR F 450 39.09 46.86 -29.16
C THR F 450 40.10 45.97 -28.45
N ARG F 451 40.21 44.71 -28.90
CA ARG F 451 41.10 43.73 -28.28
C ARG F 451 42.52 44.23 -28.16
N SER F 452 43.07 44.73 -29.26
CA SER F 452 44.47 45.14 -29.28
C SER F 452 44.70 46.40 -28.46
N LYS F 453 43.73 47.31 -28.48
CA LYS F 453 43.81 48.51 -27.64
C LYS F 453 43.79 48.16 -26.16
N LEU F 454 42.83 47.34 -25.75
CA LEU F 454 42.76 46.89 -24.36
C LEU F 454 44.05 46.21 -23.98
N THR F 455 44.50 45.32 -24.86
CA THR F 455 45.69 44.53 -24.59
C THR F 455 46.90 45.42 -24.47
N GLU F 456 47.03 46.37 -25.40
CA GLU F 456 48.11 47.34 -25.32
C GLU F 456 48.09 48.12 -24.01
N ALA F 457 46.91 48.61 -23.61
CA ALA F 457 46.83 49.40 -22.37
C ALA F 457 47.17 48.56 -21.12
N LEU F 458 46.72 47.31 -21.11
CA LEU F 458 46.95 46.40 -19.98
C LEU F 458 48.41 45.99 -19.88
N ALA F 459 49.02 45.69 -21.02
CA ALA F 459 50.44 45.36 -21.11
C ALA F 459 51.38 46.49 -20.68
N GLN F 460 50.99 47.73 -20.97
CA GLN F 460 51.89 48.85 -20.67
C GLN F 460 51.84 49.32 -19.21
N ALA F 461 50.78 48.93 -18.50
CA ALA F 461 50.67 49.23 -17.07
C ALA F 461 51.62 48.39 -16.23
N PRO F 462 52.00 48.89 -15.06
CA PRO F 462 52.79 48.07 -14.14
C PRO F 462 51.92 46.99 -13.52
N ALA F 463 52.52 45.88 -13.09
CA ALA F 463 51.77 44.85 -12.39
C ALA F 463 51.07 45.41 -11.14
N ARG F 464 51.70 46.42 -10.51
CA ARG F 464 51.16 47.05 -9.30
C ARG F 464 51.24 48.58 -9.31
N ARG F 465 50.54 49.22 -8.36
CA ARG F 465 50.37 50.68 -8.24
C ARG F 465 49.43 51.31 -9.28
N GLY F 466 48.59 52.23 -8.81
CA GLY F 466 47.53 52.83 -9.61
C GLY F 466 46.25 53.00 -8.79
N LEU G 13 -27.74 -13.01 0.79
CA LEU G 13 -29.06 -13.29 0.23
C LEU G 13 -30.17 -12.65 1.08
N ASP G 14 -31.27 -13.38 1.23
CA ASP G 14 -32.38 -13.07 2.14
C ASP G 14 -32.05 -12.52 3.54
N PRO G 15 -30.94 -12.97 4.18
CA PRO G 15 -30.66 -12.32 5.48
C PRO G 15 -30.32 -10.82 5.38
N ARG G 16 -30.11 -10.32 4.17
CA ARG G 16 -29.86 -8.90 3.95
C ARG G 16 -31.14 -8.19 3.51
N ASP G 17 -32.26 -8.88 3.62
CA ASP G 17 -33.53 -8.30 3.16
C ASP G 17 -33.88 -7.14 4.09
N PRO G 18 -34.21 -5.98 3.53
CA PRO G 18 -34.36 -4.77 4.36
C PRO G 18 -35.57 -4.85 5.30
N LEU G 19 -36.67 -5.46 4.85
CA LEU G 19 -37.84 -5.63 5.73
C LEU G 19 -37.45 -6.51 6.91
N LEU G 20 -36.66 -7.54 6.64
CA LEU G 20 -36.21 -8.42 7.70
C LEU G 20 -35.36 -7.65 8.71
N ARG G 21 -34.39 -6.90 8.21
CA ARG G 21 -33.55 -6.09 9.09
C ARG G 21 -34.35 -5.06 9.89
N LEU G 22 -35.24 -4.32 9.22
CA LEU G 22 -36.10 -3.35 9.89
C LEU G 22 -36.98 -3.99 10.96
N SER G 23 -37.55 -5.15 10.63
CA SER G 23 -38.43 -5.86 11.56
C SER G 23 -37.67 -6.41 12.77
N ASN G 24 -36.43 -6.81 12.57
CA ASN G 24 -35.57 -7.21 13.67
C ASN G 24 -35.22 -6.05 14.62
N PHE G 25 -35.22 -4.82 14.12
CA PHE G 25 -34.85 -3.68 14.94
C PHE G 25 -36.04 -3.15 15.73
N PHE G 26 -37.14 -2.93 15.02
CA PHE G 26 -38.38 -2.43 15.60
C PHE G 26 -39.05 -3.41 16.55
N ASP G 27 -39.95 -2.89 17.37
CA ASP G 27 -40.84 -3.71 18.19
C ASP G 27 -41.66 -4.60 17.26
N ASP G 28 -41.81 -5.86 17.62
CA ASP G 28 -42.58 -6.81 16.81
C ASP G 28 -43.98 -6.27 16.55
N GLY G 29 -44.43 -6.41 15.30
CA GLY G 29 -45.75 -5.95 14.90
C GLY G 29 -45.87 -4.47 14.58
N SER G 30 -44.84 -3.67 14.90
CA SER G 30 -44.97 -2.20 14.81
C SER G 30 -44.63 -1.55 13.46
N VAL G 31 -43.95 -2.27 12.57
CA VAL G 31 -43.52 -1.74 11.27
C VAL G 31 -44.66 -1.20 10.40
N GLU G 32 -44.51 0.03 9.91
CA GLU G 32 -45.36 0.57 8.85
C GLU G 32 -44.43 1.17 7.80
N LEU G 33 -44.47 0.64 6.58
CA LEU G 33 -43.61 1.15 5.50
C LEU G 33 -43.97 2.59 5.19
N LEU G 34 -42.97 3.41 4.88
CA LEU G 34 -43.23 4.81 4.54
C LEU G 34 -43.50 5.01 3.05
N HIS G 35 -43.22 3.99 2.26
CA HIS G 35 -43.41 4.03 0.82
C HIS G 35 -43.59 2.60 0.35
N GLU G 36 -44.06 2.45 -0.89
CA GLU G 36 -44.14 1.14 -1.52
C GLU G 36 -42.74 0.57 -1.77
N ARG G 37 -42.60 -0.72 -1.51
CA ARG G 37 -41.35 -1.41 -1.73
C ARG G 37 -40.98 -1.38 -3.22
N ASP G 38 -39.68 -1.41 -3.52
CA ASP G 38 -39.20 -1.24 -4.90
C ASP G 38 -37.73 -1.65 -5.09
N ARG G 39 -37.10 -1.20 -6.17
CA ARG G 39 -35.71 -1.59 -6.42
C ARG G 39 -34.70 -0.45 -6.17
N SER G 40 -35.01 0.42 -5.21
CA SER G 40 -34.32 1.72 -5.03
C SER G 40 -32.81 1.82 -4.68
N GLY G 41 -32.20 0.99 -3.83
CA GLY G 41 -32.83 0.14 -2.85
C GLY G 41 -32.55 0.64 -1.42
N VAL G 42 -33.52 1.39 -0.90
CA VAL G 42 -33.65 1.52 0.51
C VAL G 42 -35.10 1.23 0.81
N LEU G 43 -35.38 0.81 2.03
CA LEU G 43 -36.74 0.72 2.50
C LEU G 43 -36.81 1.55 3.77
N ALA G 44 -37.77 2.45 3.85
CA ALA G 44 -37.96 3.26 5.05
C ALA G 44 -39.28 2.90 5.70
N ALA G 45 -39.30 2.88 7.05
CA ALA G 45 -40.54 2.60 7.77
C ALA G 45 -40.66 3.35 9.10
N ALA G 46 -41.89 3.48 9.60
CA ALA G 46 -42.08 3.91 10.98
C ALA G 46 -42.31 2.68 11.84
N GLY G 47 -42.01 2.79 13.13
CA GLY G 47 -42.25 1.70 14.05
C GLY G 47 -42.15 2.22 15.46
N THR G 48 -42.03 1.32 16.43
CA THR G 48 -41.76 1.75 17.79
C THR G 48 -40.58 0.99 18.33
N VAL G 49 -39.89 1.64 19.27
CA VAL G 49 -38.77 1.03 19.99
C VAL G 49 -39.10 1.19 21.47
N ASN G 50 -39.50 0.09 22.09
CA ASN G 50 -40.00 0.10 23.46
C ASN G 50 -41.03 1.19 23.66
N GLY G 51 -41.91 1.33 22.68
CA GLY G 51 -43.01 2.26 22.78
C GLY G 51 -42.74 3.58 22.11
N VAL G 52 -41.47 3.93 21.96
CA VAL G 52 -41.11 5.22 21.37
C VAL G 52 -41.26 5.21 19.85
N ARG G 53 -42.07 6.12 19.32
CA ARG G 53 -42.25 6.20 17.87
C ARG G 53 -40.95 6.61 17.18
N THR G 54 -40.50 5.78 16.24
CA THR G 54 -39.18 5.89 15.62
C THR G 54 -39.26 5.68 14.10
N ILE G 55 -38.46 6.46 13.36
CA ILE G 55 -38.35 6.28 11.92
C ILE G 55 -37.05 5.54 11.65
N ALA G 56 -37.07 4.64 10.68
CA ALA G 56 -35.83 3.96 10.28
C ALA G 56 -35.80 3.70 8.80
N PHE G 57 -34.59 3.55 8.26
CA PHE G 57 -34.39 3.21 6.86
C PHE G 57 -33.25 2.22 6.76
N CYS G 58 -33.38 1.31 5.80
CA CYS G 58 -32.37 0.26 5.60
C CYS G 58 -31.91 0.27 4.14
N THR G 59 -30.62 0.28 3.92
CA THR G 59 -30.13 0.18 2.56
C THR G 59 -30.30 -1.28 2.16
N ASP G 60 -30.72 -1.51 0.93
CA ASP G 60 -31.07 -2.87 0.49
C ASP G 60 -29.85 -3.57 -0.09
N GLY G 61 -29.19 -4.39 0.73
CA GLY G 61 -27.99 -5.10 0.32
C GLY G 61 -28.20 -6.09 -0.80
N THR G 62 -29.45 -6.39 -1.11
CA THR G 62 -29.78 -7.37 -2.15
C THR G 62 -29.88 -6.71 -3.52
N VAL G 63 -30.04 -5.39 -3.53
CA VAL G 63 -30.10 -4.65 -4.80
C VAL G 63 -28.82 -3.87 -5.05
N MET G 64 -28.03 -4.34 -6.02
CA MET G 64 -26.75 -3.71 -6.36
C MET G 64 -25.84 -3.50 -5.14
N GLY G 65 -25.82 -4.47 -4.24
CA GLY G 65 -25.02 -4.38 -3.04
C GLY G 65 -25.35 -3.15 -2.19
N GLY G 66 -26.60 -2.71 -2.27
CA GLY G 66 -27.04 -1.56 -1.50
C GLY G 66 -26.55 -0.22 -1.99
N ALA G 67 -26.05 -0.17 -3.22
CA ALA G 67 -25.52 1.08 -3.77
C ALA G 67 -26.58 2.19 -3.83
N MET G 68 -26.18 3.39 -3.43
CA MET G 68 -27.12 4.50 -3.30
C MET G 68 -27.43 5.20 -4.61
N GLY G 69 -28.70 5.35 -4.93
CA GLY G 69 -29.10 6.03 -6.15
C GLY G 69 -30.15 7.06 -5.88
N VAL G 70 -30.68 7.66 -6.95
CA VAL G 70 -31.57 8.80 -6.82
C VAL G 70 -32.86 8.48 -6.08
N GLU G 71 -33.49 7.36 -6.42
CA GLU G 71 -34.75 7.00 -5.78
C GLU G 71 -34.56 6.58 -4.33
N GLY G 72 -33.55 5.76 -4.08
CA GLY G 72 -33.23 5.35 -2.72
C GLY G 72 -32.97 6.53 -1.82
N CYS G 73 -32.10 7.43 -2.28
CA CYS G 73 -31.77 8.64 -1.53
C CYS G 73 -33.01 9.48 -1.24
N THR G 74 -33.92 9.54 -2.19
CA THR G 74 -35.15 10.30 -2.00
C THR G 74 -36.00 9.69 -0.90
N HIS G 75 -35.99 8.37 -0.79
CA HIS G 75 -36.71 7.71 0.28
C HIS G 75 -36.10 8.10 1.64
N ILE G 76 -34.78 8.23 1.69
CA ILE G 76 -34.11 8.62 2.93
C ILE G 76 -34.43 10.06 3.31
N VAL G 77 -34.34 10.97 2.33
CA VAL G 77 -34.72 12.36 2.56
C VAL G 77 -36.15 12.46 3.09
N ASN G 78 -37.08 11.75 2.45
CA ASN G 78 -38.47 11.73 2.93
C ASN G 78 -38.60 11.22 4.35
N ALA G 79 -37.82 10.20 4.68
CA ALA G 79 -37.81 9.64 6.01
C ALA G 79 -37.34 10.70 7.01
N TYR G 80 -36.27 11.42 6.64
CA TYR G 80 -35.76 12.49 7.49
C TYR G 80 -36.81 13.57 7.71
N ASP G 81 -37.49 13.97 6.63
CA ASP G 81 -38.49 15.03 6.71
C ASP G 81 -39.63 14.61 7.60
N THR G 82 -40.03 13.35 7.45
CA THR G 82 -41.07 12.77 8.27
C THR G 82 -40.61 12.79 9.75
N ALA G 83 -39.40 12.33 10.01
CA ALA G 83 -38.90 12.28 11.38
C ALA G 83 -38.74 13.67 11.98
N ILE G 84 -38.34 14.64 11.15
CA ILE G 84 -38.14 16.00 11.63
C ILE G 84 -39.48 16.60 12.05
N GLU G 85 -40.52 16.32 11.28
CA GLU G 85 -41.87 16.80 11.54
C GLU G 85 -42.48 16.21 12.83
N ASP G 86 -42.21 14.93 13.07
CA ASP G 86 -42.75 14.24 14.24
C ASP G 86 -41.87 14.44 15.47
N GLN G 87 -40.68 15.01 15.25
CA GLN G 87 -39.62 15.01 16.26
C GLN G 87 -39.34 13.60 16.75
N SER G 88 -39.23 12.67 15.81
CA SER G 88 -38.91 11.29 16.15
C SER G 88 -37.44 11.03 15.95
N PRO G 89 -36.87 10.11 16.75
CA PRO G 89 -35.50 9.69 16.46
C PRO G 89 -35.49 8.97 15.10
N ILE G 90 -34.36 9.01 14.41
CA ILE G 90 -34.25 8.29 13.14
C ILE G 90 -33.02 7.39 13.08
N VAL G 91 -33.25 6.13 12.74
CA VAL G 91 -32.20 5.12 12.72
C VAL G 91 -31.90 4.67 11.29
N GLY G 92 -30.62 4.67 10.93
CA GLY G 92 -30.18 4.17 9.64
C GLY G 92 -29.49 2.82 9.76
N ILE G 93 -29.95 1.86 8.96
CA ILE G 93 -29.29 0.53 8.90
C ILE G 93 -28.49 0.45 7.57
N TRP G 94 -27.17 0.37 7.69
CA TRP G 94 -26.29 0.59 6.56
C TRP G 94 -25.58 -0.66 6.05
N HIS G 95 -25.72 -0.87 4.74
CA HIS G 95 -25.05 -1.97 4.03
C HIS G 95 -25.00 -1.52 2.57
N SER G 96 -23.85 -0.97 2.16
CA SER G 96 -23.81 -0.24 0.91
C SER G 96 -22.39 0.06 0.41
N GLY G 97 -22.17 -0.13 -0.89
CA GLY G 97 -20.89 0.17 -1.48
C GLY G 97 -20.71 1.64 -1.84
N GLY G 98 -21.78 2.42 -1.70
CA GLY G 98 -21.71 3.85 -1.95
C GLY G 98 -22.62 4.27 -3.08
N ALA G 99 -22.30 5.38 -3.72
CA ALA G 99 -23.17 5.91 -4.76
C ALA G 99 -23.21 4.97 -5.96
N ARG G 100 -24.36 4.91 -6.63
CA ARG G 100 -24.48 4.17 -7.88
C ARG G 100 -23.74 4.91 -8.96
N LEU G 101 -22.54 4.42 -9.31
CA LEU G 101 -21.69 5.00 -10.34
C LEU G 101 -22.43 5.27 -11.66
N ALA G 102 -23.18 4.28 -12.14
CA ALA G 102 -23.92 4.38 -13.40
C ALA G 102 -24.98 5.49 -13.43
N GLU G 103 -25.37 6.01 -12.27
CA GLU G 103 -26.33 7.11 -12.27
C GLU G 103 -25.59 8.46 -12.34
N GLY G 104 -24.26 8.39 -12.28
CA GLY G 104 -23.42 9.56 -12.45
C GLY G 104 -23.62 10.67 -11.43
N VAL G 105 -23.53 11.90 -11.93
CA VAL G 105 -23.66 13.11 -11.13
C VAL G 105 -25.02 13.19 -10.45
N ARG G 106 -26.07 12.72 -11.12
CA ARG G 106 -27.40 12.67 -10.50
C ARG G 106 -27.38 11.91 -9.16
N ALA G 107 -26.54 10.88 -9.07
CA ALA G 107 -26.45 10.09 -7.86
C ALA G 107 -25.62 10.82 -6.80
N LEU G 108 -24.53 11.46 -7.22
CA LEU G 108 -23.73 12.27 -6.31
C LEU G 108 -24.63 13.32 -5.67
N HIS G 109 -25.40 14.00 -6.51
CA HIS G 109 -26.30 15.03 -6.04
C HIS G 109 -27.32 14.48 -5.03
N ALA G 110 -27.88 13.31 -5.31
CA ALA G 110 -28.85 12.71 -4.40
C ALA G 110 -28.20 12.33 -3.07
N VAL G 111 -26.97 11.84 -3.14
CA VAL G 111 -26.25 11.53 -1.93
C VAL G 111 -26.02 12.79 -1.09
N GLY G 112 -25.69 13.89 -1.75
CA GLY G 112 -25.46 15.15 -1.07
C GLY G 112 -26.71 15.61 -0.36
N GLN G 113 -27.85 15.36 -0.99
CA GLN G 113 -29.14 15.70 -0.41
C GLN G 113 -29.47 14.90 0.85
N VAL G 114 -28.94 13.69 0.93
CA VAL G 114 -29.06 12.90 2.15
C VAL G 114 -28.22 13.57 3.24
N PHE G 115 -26.96 13.86 2.92
CA PHE G 115 -26.11 14.62 3.81
C PHE G 115 -26.84 15.87 4.32
N GLU G 116 -27.46 16.59 3.39
CA GLU G 116 -28.11 17.84 3.73
C GLU G 116 -29.28 17.64 4.70
N ALA G 117 -30.00 16.53 4.54
CA ALA G 117 -31.08 16.17 5.46
C ALA G 117 -30.55 15.84 6.84
N MET G 118 -29.43 15.11 6.90
CA MET G 118 -28.79 14.80 8.18
C MET G 118 -28.32 16.05 8.90
N ILE G 119 -27.81 17.02 8.13
CA ILE G 119 -27.32 18.27 8.71
C ILE G 119 -28.47 19.10 9.27
N ARG G 120 -29.57 19.21 8.53
CA ARG G 120 -30.78 19.84 9.07
C ARG G 120 -31.28 19.17 10.37
N ALA G 121 -31.20 17.85 10.45
CA ALA G 121 -31.71 17.13 11.62
C ALA G 121 -30.77 17.25 12.82
N SER G 122 -29.54 17.66 12.54
CA SER G 122 -28.44 17.63 13.50
C SER G 122 -28.77 18.43 14.76
N GLY G 123 -28.69 17.78 15.92
CA GLY G 123 -29.02 18.43 17.17
C GLY G 123 -30.51 18.57 17.38
N TYR G 124 -31.32 18.17 16.40
CA TYR G 124 -32.75 18.41 16.51
C TYR G 124 -33.54 17.13 16.79
N ILE G 125 -33.14 16.05 16.13
CA ILE G 125 -33.65 14.74 16.50
C ILE G 125 -32.45 13.82 16.61
N PRO G 126 -32.53 12.84 17.51
CA PRO G 126 -31.44 11.87 17.63
C PRO G 126 -31.28 11.03 16.34
N GLN G 127 -30.04 10.90 15.90
CA GLN G 127 -29.72 10.12 14.71
C GLN G 127 -28.80 8.98 15.09
N ILE G 128 -29.28 7.75 14.91
CA ILE G 128 -28.49 6.55 15.22
C ILE G 128 -28.14 5.78 13.93
N SER G 129 -26.86 5.45 13.73
CA SER G 129 -26.51 4.61 12.61
C SER G 129 -26.15 3.19 13.06
N VAL G 130 -26.73 2.18 12.42
CA VAL G 130 -26.35 0.78 12.67
C VAL G 130 -25.70 0.17 11.42
N VAL G 131 -24.38 0.02 11.46
CA VAL G 131 -23.67 -0.47 10.29
C VAL G 131 -23.53 -1.99 10.37
N VAL G 132 -24.26 -2.69 9.50
CA VAL G 132 -24.33 -4.15 9.57
C VAL G 132 -23.63 -4.83 8.40
N GLY G 133 -23.47 -4.12 7.29
CA GLY G 133 -22.68 -4.62 6.18
C GLY G 133 -21.54 -3.67 5.87
N PHE G 134 -20.80 -3.95 4.81
CA PHE G 134 -19.79 -3.02 4.32
C PHE G 134 -20.41 -1.66 4.00
N ALA G 135 -19.68 -0.59 4.32
CA ALA G 135 -20.19 0.76 4.13
C ALA G 135 -19.09 1.66 3.61
N ALA G 136 -19.19 2.07 2.35
CA ALA G 136 -18.11 2.80 1.69
C ALA G 136 -18.60 4.01 0.89
N GLY G 137 -17.67 4.92 0.58
CA GLY G 137 -17.98 6.12 -0.17
C GLY G 137 -18.98 6.99 0.56
N GLY G 138 -20.03 7.39 -0.14
CA GLY G 138 -21.09 8.14 0.49
C GLY G 138 -21.77 7.39 1.62
N ALA G 139 -21.56 6.08 1.69
CA ALA G 139 -22.22 5.30 2.74
C ALA G 139 -21.34 5.20 3.99
N ALA G 140 -20.10 5.66 3.89
CA ALA G 140 -19.27 5.85 5.07
C ALA G 140 -19.52 7.24 5.67
N TYR G 141 -19.71 8.23 4.81
CA TYR G 141 -19.95 9.60 5.27
C TYR G 141 -21.32 9.82 5.92
N GLY G 142 -22.35 9.14 5.41
CA GLY G 142 -23.66 9.23 5.99
C GLY G 142 -23.65 8.99 7.49
N PRO G 143 -23.20 7.80 7.92
CA PRO G 143 -23.10 7.53 9.36
C PRO G 143 -22.23 8.56 10.07
N ALA G 144 -21.15 9.00 9.44
CA ALA G 144 -20.27 10.02 10.03
C ALA G 144 -21.00 11.33 10.40
N LEU G 145 -22.12 11.60 9.73
CA LEU G 145 -22.94 12.78 10.08
C LEU G 145 -23.92 12.55 11.25
N THR G 146 -24.14 11.30 11.64
CA THR G 146 -25.12 11.04 12.70
C THR G 146 -24.47 11.16 14.07
N ASP G 147 -25.25 10.93 15.13
CA ASP G 147 -24.81 11.18 16.50
C ASP G 147 -24.09 10.00 17.12
N VAL G 148 -24.64 8.80 16.92
CA VAL G 148 -23.98 7.59 17.40
C VAL G 148 -23.96 6.53 16.30
N VAL G 149 -22.77 5.97 16.07
CA VAL G 149 -22.60 4.88 15.13
C VAL G 149 -22.32 3.56 15.86
N VAL G 150 -23.14 2.55 15.57
CA VAL G 150 -22.94 1.21 16.10
C VAL G 150 -22.46 0.33 14.97
N MET G 151 -21.37 -0.40 15.16
CA MET G 151 -20.90 -1.29 14.09
C MET G 151 -20.91 -2.77 14.49
N ALA G 152 -21.55 -3.58 13.67
CA ALA G 152 -21.46 -5.02 13.80
C ALA G 152 -20.13 -5.46 13.21
N PRO G 153 -19.47 -6.46 13.84
CA PRO G 153 -18.15 -6.92 13.39
C PRO G 153 -18.19 -7.43 11.95
N GLU G 154 -19.34 -7.95 11.55
CA GLU G 154 -19.58 -8.40 10.18
C GLU G 154 -19.21 -7.34 9.11
N SER G 155 -19.28 -6.06 9.46
CA SER G 155 -18.96 -4.98 8.52
C SER G 155 -17.46 -4.83 8.24
N SER G 188 -9.53 5.07 13.69
CA SER G 188 -10.72 5.70 13.11
C SER G 188 -11.36 6.68 14.07
N GLY G 189 -12.04 6.15 15.10
CA GLY G 189 -12.81 6.98 16.01
C GLY G 189 -14.19 7.34 15.49
N VAL G 190 -14.48 6.94 14.24
CA VAL G 190 -15.78 7.20 13.62
C VAL G 190 -16.88 6.33 14.23
N CYS G 191 -16.53 5.09 14.50
CA CYS G 191 -17.44 4.15 15.15
C CYS G 191 -17.45 4.41 16.66
N HIS G 192 -18.66 4.59 17.22
CA HIS G 192 -18.78 4.84 18.66
C HIS G 192 -18.91 3.55 19.46
N ILE G 193 -19.63 2.59 18.90
CA ILE G 193 -19.93 1.36 19.61
C ILE G 193 -19.76 0.12 18.73
N VAL G 194 -19.00 -0.84 19.22
CA VAL G 194 -18.79 -2.11 18.54
C VAL G 194 -19.63 -3.20 19.19
N ALA G 195 -20.61 -3.72 18.46
CA ALA G 195 -21.49 -4.77 18.98
C ALA G 195 -20.89 -6.17 18.83
N ASP G 196 -21.55 -7.16 19.44
CA ASP G 196 -21.09 -8.56 19.34
C ASP G 196 -21.41 -9.20 17.99
N ASP G 197 -22.52 -8.77 17.40
CA ASP G 197 -22.93 -9.19 16.07
C ASP G 197 -24.16 -8.38 15.64
N GLU G 198 -24.80 -8.75 14.53
CA GLU G 198 -25.88 -7.93 13.98
C GLU G 198 -27.06 -7.76 14.94
N LEU G 199 -27.51 -8.85 15.55
CA LEU G 199 -28.65 -8.78 16.49
C LEU G 199 -28.32 -7.95 17.73
N ASP G 200 -27.10 -8.11 18.25
CA ASP G 200 -26.61 -7.28 19.35
C ASP G 200 -26.52 -5.80 18.93
N ALA G 201 -26.17 -5.57 17.66
CA ALA G 201 -26.08 -4.21 17.14
C ALA G 201 -27.44 -3.50 17.20
N TYR G 202 -28.48 -4.20 16.77
CA TYR G 202 -29.85 -3.72 16.91
C TYR G 202 -30.22 -3.49 18.37
N ASP G 203 -29.85 -4.42 19.24
CA ASP G 203 -30.17 -4.29 20.66
C ASP G 203 -29.56 -3.00 21.22
N ARG G 204 -28.28 -2.79 20.95
CA ARG G 204 -27.62 -1.57 21.40
CA ARG G 204 -27.61 -1.58 21.40
C ARG G 204 -28.20 -0.34 20.73
N GLY G 205 -28.59 -0.47 19.47
CA GLY G 205 -29.26 0.63 18.78
C GLY G 205 -30.54 0.99 19.52
N ARG G 206 -31.32 -0.03 19.92
CA ARG G 206 -32.57 0.18 20.63
C ARG G 206 -32.37 0.86 22.00
N ARG G 207 -31.35 0.43 22.73
CA ARG G 207 -31.04 1.04 24.02
C ARG G 207 -30.64 2.51 23.80
N LEU G 208 -29.93 2.78 22.71
CA LEU G 208 -29.54 4.16 22.42
C LEU G 208 -30.75 5.05 22.18
N VAL G 209 -31.74 4.59 21.43
CA VAL G 209 -32.93 5.45 21.30
C VAL G 209 -33.66 5.63 22.63
N GLY G 210 -33.58 4.62 23.49
CA GLY G 210 -34.08 4.73 24.84
C GLY G 210 -33.31 5.78 25.64
N LEU G 211 -31.99 5.78 25.52
CA LEU G 211 -31.20 6.77 26.26
C LEU G 211 -31.53 8.20 25.83
N PHE G 212 -31.80 8.39 24.54
CA PHE G 212 -32.06 9.71 24.01
C PHE G 212 -33.51 10.15 24.16
N CYS G 213 -34.44 9.20 24.04
CA CYS G 213 -35.85 9.54 23.93
C CYS G 213 -36.69 9.08 25.12
N GLN G 214 -36.08 8.30 26.01
CA GLN G 214 -36.64 8.04 27.33
C GLN G 214 -35.60 8.43 28.39
N GLN G 215 -35.26 9.71 28.43
CA GLN G 215 -34.29 10.22 29.38
C GLN G 215 -34.72 10.11 30.85
N GLY G 216 -36.03 10.08 31.11
CA GLY G 216 -36.52 9.94 32.45
C GLY G 216 -36.29 11.15 33.34
N HIS G 217 -36.47 10.95 34.65
CA HIS G 217 -36.24 12.00 35.64
C HIS G 217 -35.24 11.48 36.68
N PHE G 218 -34.59 12.40 37.38
CA PHE G 218 -33.84 12.03 38.58
C PHE G 218 -34.78 11.62 39.71
N ASP G 219 -34.39 10.57 40.43
CA ASP G 219 -35.17 10.06 41.54
C ASP G 219 -34.28 10.05 42.77
N ARG G 220 -34.46 11.00 43.67
CA ARG G 220 -33.53 11.16 44.78
C ARG G 220 -33.50 9.99 45.77
N SER G 221 -34.59 9.25 45.87
CA SER G 221 -34.63 8.07 46.73
C SER G 221 -33.87 6.89 46.11
N LYS G 222 -33.96 6.71 44.80
CA LYS G 222 -33.18 5.68 44.11
C LYS G 222 -31.69 5.95 44.26
N ALA G 223 -31.31 7.23 44.27
CA ALA G 223 -29.90 7.60 44.34
C ALA G 223 -29.31 7.22 45.68
N GLU G 224 -30.04 7.53 46.74
CA GLU G 224 -29.60 7.22 48.11
C GLU G 224 -29.54 5.70 48.33
N ALA G 225 -30.53 4.99 47.80
CA ALA G 225 -30.62 3.54 47.92
C ALA G 225 -29.41 2.85 47.31
N GLY G 226 -28.82 3.48 46.30
CA GLY G 226 -27.69 2.91 45.57
C GLY G 226 -26.34 3.43 46.02
N ASP G 227 -26.32 4.31 47.03
CA ASP G 227 -25.05 4.78 47.60
C ASP G 227 -24.13 3.63 48.04
N THR G 228 -22.83 3.78 47.77
CA THR G 228 -21.79 2.87 48.27
C THR G 228 -20.52 3.69 48.55
N ASP G 229 -19.50 3.04 49.09
CA ASP G 229 -18.19 3.70 49.20
C ASP G 229 -17.40 3.54 47.89
N ILE G 230 -17.47 4.58 47.05
CA ILE G 230 -16.79 4.55 45.77
C ILE G 230 -15.29 4.58 46.02
N HIS G 231 -14.90 5.28 47.08
CA HIS G 231 -13.51 5.50 47.44
C HIS G 231 -12.73 4.20 47.60
N ALA G 232 -13.44 3.17 48.03
CA ALA G 232 -12.85 1.86 48.28
C ALA G 232 -12.23 1.25 47.03
N LEU G 233 -12.73 1.65 45.86
CA LEU G 233 -12.22 1.16 44.58
C LEU G 233 -10.90 1.83 44.13
N LEU G 234 -10.50 2.91 44.80
CA LEU G 234 -9.20 3.55 44.56
C LEU G 234 -8.07 2.70 45.12
N PRO G 235 -6.91 2.70 44.45
CA PRO G 235 -5.76 1.97 44.99
C PRO G 235 -5.30 2.61 46.31
N GLU G 236 -4.66 1.83 47.18
CA GLU G 236 -4.16 2.34 48.45
C GLU G 236 -3.18 3.51 48.24
N SER G 237 -2.25 3.33 47.30
CA SER G 237 -1.24 4.34 47.00
C SER G 237 -1.74 5.42 46.04
N SER G 238 -1.60 6.68 46.42
CA SER G 238 -2.09 7.80 45.61
C SER G 238 -1.38 7.94 44.26
N ARG G 239 -0.36 7.12 44.03
CA ARG G 239 0.40 7.22 42.78
C ARG G 239 0.34 5.97 41.90
N ARG G 240 -0.51 5.00 42.24
CA ARG G 240 -0.70 3.84 41.36
C ARG G 240 -1.76 4.14 40.31
N ALA G 241 -1.52 3.72 39.07
CA ALA G 241 -2.55 3.80 38.04
C ALA G 241 -3.67 2.82 38.38
N TYR G 242 -4.90 3.13 37.94
CA TYR G 242 -6.05 2.23 38.07
C TYR G 242 -7.01 2.51 36.91
N ASP G 243 -7.87 1.53 36.59
CA ASP G 243 -8.94 1.73 35.62
C ASP G 243 -10.10 2.49 36.27
N VAL G 244 -10.52 3.59 35.64
CA VAL G 244 -11.55 4.45 36.23
C VAL G 244 -12.96 3.88 36.01
N ARG G 245 -13.10 2.93 35.08
CA ARG G 245 -14.43 2.41 34.74
C ARG G 245 -15.24 1.78 35.88
N PRO G 246 -14.60 1.01 36.78
CA PRO G 246 -15.40 0.54 37.92
C PRO G 246 -15.98 1.69 38.79
N ILE G 247 -15.21 2.75 38.95
CA ILE G 247 -15.69 3.93 39.66
C ILE G 247 -16.94 4.52 39.00
N VAL G 248 -16.89 4.67 37.68
CA VAL G 248 -18.05 5.09 36.90
C VAL G 248 -19.22 4.13 37.11
N THR G 249 -18.92 2.84 37.04
CA THR G 249 -19.91 1.77 37.21
C THR G 249 -20.61 1.83 38.56
N ALA G 250 -19.84 2.04 39.63
CA ALA G 250 -20.38 2.17 40.98
C ALA G 250 -21.32 3.36 41.13
N ILE G 251 -20.94 4.49 40.55
CA ILE G 251 -21.76 5.71 40.54
C ILE G 251 -23.10 5.49 39.83
N LEU G 252 -23.05 4.91 38.63
CA LEU G 252 -24.25 4.71 37.83
C LEU G 252 -25.13 3.59 38.38
N ASP G 253 -26.33 3.46 37.87
CA ASP G 253 -27.26 2.46 38.38
C ASP G 253 -26.72 1.03 38.15
N ALA G 254 -26.84 0.20 39.18
CA ALA G 254 -26.26 -1.15 39.20
C ALA G 254 -26.87 -2.08 38.16
N ASP G 255 -28.09 -1.77 37.76
CA ASP G 255 -28.83 -2.67 36.89
C ASP G 255 -28.67 -2.30 35.41
N THR G 256 -28.01 -1.17 35.16
CA THR G 256 -28.02 -0.54 33.85
C THR G 256 -26.65 -0.56 33.16
N PRO G 257 -26.63 -0.93 31.87
CA PRO G 257 -25.39 -0.92 31.10
C PRO G 257 -24.73 0.46 31.10
N PHE G 258 -23.41 0.51 31.11
CA PHE G 258 -22.72 1.75 30.79
C PHE G 258 -22.33 1.63 29.35
N ASP G 259 -22.90 2.48 28.51
CA ASP G 259 -22.62 2.43 27.09
C ASP G 259 -21.46 3.35 26.71
N GLU G 260 -20.25 2.80 26.79
CA GLU G 260 -19.03 3.55 26.54
C GLU G 260 -18.85 3.83 25.05
N PHE G 261 -18.47 5.06 24.73
CA PHE G 261 -18.25 5.45 23.34
C PHE G 261 -16.76 5.42 23.05
N GLN G 262 -16.39 4.90 21.88
CA GLN G 262 -15.02 4.98 21.36
C GLN G 262 -14.01 4.47 22.41
N ALA G 263 -14.27 3.28 22.96
CA ALA G 263 -13.45 2.75 24.05
C ALA G 263 -11.98 2.67 23.68
N ASN G 264 -11.68 2.36 22.42
CA ASN G 264 -10.29 2.16 22.01
C ASN G 264 -9.60 3.39 21.41
N TRP G 265 -10.36 4.46 21.21
CA TRP G 265 -9.84 5.72 20.73
C TRP G 265 -9.65 6.70 21.87
N ALA G 266 -8.45 7.28 21.98
CA ALA G 266 -8.10 8.17 23.09
C ALA G 266 -8.40 7.56 24.45
N PRO G 267 -7.73 6.45 24.78
CA PRO G 267 -8.08 5.69 25.99
C PRO G 267 -7.74 6.42 27.29
N SER G 268 -7.10 7.59 27.25
CA SER G 268 -6.85 8.33 28.49
C SER G 268 -8.14 8.98 29.00
N MET G 269 -9.15 8.99 28.13
CA MET G 269 -10.44 9.60 28.41
C MET G 269 -11.55 8.58 28.19
N VAL G 270 -12.47 8.50 29.17
CA VAL G 270 -13.63 7.61 29.05
C VAL G 270 -14.90 8.45 28.94
N VAL G 271 -15.68 8.22 27.90
CA VAL G 271 -17.00 8.85 27.76
C VAL G 271 -18.07 7.82 27.43
N GLY G 272 -19.30 8.11 27.83
CA GLY G 272 -20.41 7.24 27.51
C GLY G 272 -21.68 7.63 28.22
N LEU G 273 -22.77 6.99 27.83
CA LEU G 273 -24.06 7.29 28.40
C LEU G 273 -24.43 6.21 29.39
N GLY G 274 -25.16 6.60 30.43
CA GLY G 274 -25.68 5.64 31.39
C GLY G 274 -26.87 6.25 32.10
N ARG G 275 -27.32 5.59 33.15
CA ARG G 275 -28.43 6.09 33.96
C ARG G 275 -28.00 6.28 35.41
N LEU G 276 -28.38 7.42 35.96
CA LEU G 276 -28.15 7.76 37.36
C LEU G 276 -29.53 7.97 38.00
N SER G 277 -29.91 7.07 38.91
CA SER G 277 -31.27 7.04 39.47
C SER G 277 -32.32 7.02 38.34
N GLY G 278 -32.01 6.30 37.28
CA GLY G 278 -32.94 6.10 36.17
C GLY G 278 -32.82 7.13 35.06
N ARG G 279 -32.13 8.23 35.36
CA ARG G 279 -32.06 9.33 34.43
C ARG G 279 -30.82 9.20 33.53
N THR G 280 -31.00 9.41 32.23
CA THR G 280 -29.87 9.40 31.31
C THR G 280 -28.90 10.52 31.63
N VAL G 281 -27.65 10.17 31.90
CA VAL G 281 -26.58 11.14 32.03
C VAL G 281 -25.40 10.76 31.12
N GLY G 282 -24.56 11.73 30.82
CA GLY G 282 -23.30 11.45 30.17
C GLY G 282 -22.18 11.51 31.19
N VAL G 283 -21.17 10.68 31.00
CA VAL G 283 -20.04 10.66 31.91
C VAL G 283 -18.74 10.88 31.13
N LEU G 284 -17.91 11.83 31.60
CA LEU G 284 -16.54 11.95 31.10
C LEU G 284 -15.61 11.70 32.27
N ALA G 285 -14.62 10.83 32.08
CA ALA G 285 -13.71 10.48 33.16
C ALA G 285 -12.27 10.26 32.66
N ASN G 286 -11.33 11.03 33.20
CA ASN G 286 -9.92 10.75 32.97
C ASN G 286 -9.63 9.33 33.44
N ASN G 287 -8.88 8.58 32.63
CA ASN G 287 -8.57 7.21 33.01
C ASN G 287 -7.06 7.03 33.24
N PRO G 288 -6.64 7.03 34.51
CA PRO G 288 -5.21 6.95 34.87
C PRO G 288 -4.50 5.70 34.33
N LEU G 289 -5.28 4.69 33.96
CA LEU G 289 -4.73 3.45 33.44
C LEU G 289 -3.94 3.68 32.14
N ARG G 290 -4.33 4.69 31.38
CA ARG G 290 -3.68 4.99 30.11
C ARG G 290 -3.11 6.41 30.09
N LEU G 291 -1.85 6.53 29.68
CA LEU G 291 -1.15 7.82 29.60
C LEU G 291 -1.23 8.63 30.89
N GLY G 292 -1.25 7.95 32.03
CA GLY G 292 -1.34 8.62 33.32
C GLY G 292 -2.65 9.34 33.53
N GLY G 293 -3.58 9.17 32.60
CA GLY G 293 -4.85 9.87 32.64
C GLY G 293 -4.76 11.27 32.09
N CYS G 294 -3.65 11.57 31.44
CA CYS G 294 -3.40 12.90 30.87
C CYS G 294 -4.29 13.27 29.69
N LEU G 295 -4.60 14.55 29.59
CA LEU G 295 -5.20 15.05 28.38
C LEU G 295 -4.18 15.04 27.24
N ASN G 296 -4.67 14.95 26.02
CA ASN G 296 -3.83 15.14 24.85
C ASN G 296 -4.74 15.51 23.71
N SER G 297 -4.17 15.65 22.53
CA SER G 297 -4.93 16.06 21.37
C SER G 297 -6.20 15.22 21.20
N GLU G 298 -6.05 13.90 21.28
CA GLU G 298 -7.14 12.99 20.94
C GLU G 298 -8.23 12.94 22.01
N SER G 299 -7.83 12.81 23.27
CA SER G 299 -8.76 12.80 24.40
C SER G 299 -9.53 14.14 24.50
N ALA G 300 -8.86 15.27 24.25
CA ALA G 300 -9.57 16.56 24.22
C ALA G 300 -10.69 16.58 23.17
N GLU G 301 -10.39 16.09 21.97
CA GLU G 301 -11.40 16.08 20.90
C GLU G 301 -12.56 15.14 21.26
N LYS G 302 -12.23 13.99 21.84
CA LYS G 302 -13.22 12.98 22.22
C LYS G 302 -14.16 13.51 23.30
N ALA G 303 -13.59 14.19 24.28
CA ALA G 303 -14.40 14.86 25.30
C ALA G 303 -15.24 15.99 24.68
N ALA G 304 -14.61 16.84 23.87
CA ALA G 304 -15.31 17.98 23.29
C ALA G 304 -16.56 17.55 22.52
N ARG G 305 -16.39 16.62 21.59
CA ARG G 305 -17.51 16.13 20.78
C ARG G 305 -18.63 15.58 21.65
N PHE G 306 -18.26 14.91 22.75
CA PHE G 306 -19.23 14.21 23.58
C PHE G 306 -20.02 15.21 24.43
N VAL G 307 -19.33 16.23 24.92
CA VAL G 307 -20.00 17.34 25.60
C VAL G 307 -21.00 18.01 24.67
N ARG G 308 -20.60 18.29 23.43
CA ARG G 308 -21.52 18.94 22.49
CA ARG G 308 -21.49 18.91 22.45
C ARG G 308 -22.75 18.07 22.21
N LEU G 309 -22.56 16.75 22.18
CA LEU G 309 -23.67 15.82 21.95
C LEU G 309 -24.71 15.83 23.09
N CYS G 310 -24.24 15.75 24.33
CA CYS G 310 -25.16 15.74 25.47
C CYS G 310 -25.85 17.08 25.65
N ASP G 311 -25.09 18.16 25.48
CA ASP G 311 -25.64 19.50 25.58
C ASP G 311 -26.80 19.66 24.57
N ALA G 312 -26.62 19.17 23.35
CA ALA G 312 -27.70 19.30 22.36
C ALA G 312 -29.00 18.59 22.77
N PHE G 313 -28.90 17.46 23.47
CA PHE G 313 -30.11 16.71 23.76
C PHE G 313 -30.62 16.77 25.19
N GLY G 314 -30.08 17.71 25.97
CA GLY G 314 -30.56 17.92 27.33
C GLY G 314 -30.12 16.84 28.30
N ILE G 315 -28.97 16.22 28.04
CA ILE G 315 -28.44 15.15 28.89
C ILE G 315 -27.34 15.72 29.81
N PRO G 316 -27.61 15.72 31.13
CA PRO G 316 -26.69 16.26 32.14
C PRO G 316 -25.39 15.48 32.20
N LEU G 317 -24.33 16.15 32.64
CA LEU G 317 -22.99 15.56 32.62
C LEU G 317 -22.43 15.33 34.02
N VAL G 318 -21.78 14.19 34.19
CA VAL G 318 -20.97 13.90 35.35
C VAL G 318 -19.52 13.81 34.90
N VAL G 319 -18.68 14.66 35.47
CA VAL G 319 -17.27 14.72 35.08
C VAL G 319 -16.38 14.23 36.24
N VAL G 320 -15.76 13.07 36.04
CA VAL G 320 -14.94 12.46 37.09
C VAL G 320 -13.47 12.78 36.81
N VAL G 321 -12.91 13.67 37.62
CA VAL G 321 -11.59 14.24 37.32
C VAL G 321 -10.45 13.62 38.12
N ASP G 322 -9.45 13.11 37.39
CA ASP G 322 -8.18 12.69 37.98
C ASP G 322 -7.09 12.84 36.92
N VAL G 323 -6.62 14.07 36.72
CA VAL G 323 -5.74 14.39 35.60
C VAL G 323 -4.52 15.18 36.10
N PRO G 324 -3.32 14.73 35.71
CA PRO G 324 -2.07 15.30 36.23
C PRO G 324 -1.41 16.31 35.29
N GLY G 325 -1.93 16.39 34.07
CA GLY G 325 -1.34 17.29 33.09
C GLY G 325 -1.84 16.94 31.71
N TYR G 326 -1.15 17.47 30.72
CA TYR G 326 -1.49 17.22 29.32
C TYR G 326 -0.23 17.03 28.50
N LEU G 327 -0.38 16.48 27.31
CA LEU G 327 0.73 15.94 26.54
C LEU G 327 0.68 16.39 25.08
N PRO G 328 1.86 16.63 24.49
CA PRO G 328 2.01 16.95 23.05
C PRO G 328 1.98 15.68 22.22
N GLY G 329 2.01 15.81 20.90
CA GLY G 329 1.89 14.67 20.01
C GLY G 329 3.20 14.13 19.47
N VAL G 330 3.26 13.97 18.15
CA VAL G 330 4.37 13.33 17.43
C VAL G 330 5.76 13.74 17.88
N ASP G 331 6.23 14.86 17.34
CA ASP G 331 7.58 15.35 17.65
C ASP G 331 7.55 16.35 18.80
N GLN G 332 6.83 15.99 19.86
CA GLN G 332 6.49 16.93 20.94
C GLN G 332 5.86 18.20 20.37
N GLU G 333 4.91 18.00 19.43
CA GLU G 333 4.22 19.09 18.74
C GLU G 333 2.91 19.48 19.43
N TRP G 334 2.88 20.68 20.01
CA TRP G 334 1.77 21.12 20.86
C TRP G 334 0.52 21.58 20.10
N GLY G 335 0.65 21.79 18.79
CA GLY G 335 -0.44 22.32 17.98
C GLY G 335 -1.76 21.60 18.18
N GLY G 336 -1.70 20.26 18.26
CA GLY G 336 -2.90 19.47 18.37
C GLY G 336 -3.65 19.67 19.69
N VAL G 337 -2.93 19.58 20.80
CA VAL G 337 -3.58 19.66 22.09
C VAL G 337 -4.02 21.10 22.36
N VAL G 338 -3.36 22.06 21.72
CA VAL G 338 -3.76 23.45 21.83
C VAL G 338 -5.08 23.67 21.09
N ARG G 339 -5.11 23.27 19.83
CA ARG G 339 -6.32 23.38 19.03
C ARG G 339 -7.48 22.56 19.63
N ARG G 340 -7.23 21.28 19.95
CA ARG G 340 -8.29 20.44 20.49
C ARG G 340 -8.67 20.84 21.92
N GLY G 341 -7.67 21.16 22.72
CA GLY G 341 -7.90 21.66 24.06
C GLY G 341 -8.79 22.88 24.04
N ALA G 342 -8.56 23.76 23.07
CA ALA G 342 -9.35 24.98 22.95
C ALA G 342 -10.79 24.63 22.64
N LYS G 343 -10.98 23.65 21.75
CA LYS G 343 -12.33 23.17 21.43
C LYS G 343 -13.02 22.63 22.67
N LEU G 344 -12.26 21.95 23.53
CA LEU G 344 -12.82 21.39 24.75
C LEU G 344 -13.27 22.49 25.71
N LEU G 345 -12.42 23.50 25.89
CA LEU G 345 -12.78 24.67 26.67
C LEU G 345 -14.08 25.28 26.14
N HIS G 346 -14.19 25.37 24.82
CA HIS G 346 -15.35 25.98 24.21
C HIS G 346 -16.58 25.18 24.54
N ALA G 347 -16.47 23.86 24.40
CA ALA G 347 -17.59 22.96 24.66
C ALA G 347 -18.14 23.07 26.09
N PHE G 348 -17.26 23.06 27.09
CA PHE G 348 -17.74 23.21 28.46
C PHE G 348 -18.26 24.63 28.66
N GLY G 349 -17.44 25.62 28.30
CA GLY G 349 -17.81 27.02 28.42
C GLY G 349 -19.21 27.39 27.95
N GLU G 350 -19.62 26.93 26.78
CA GLU G 350 -20.96 27.31 26.34
C GLU G 350 -22.02 26.22 26.55
N CYS G 351 -21.64 25.16 27.26
CA CYS G 351 -22.59 24.13 27.68
C CYS G 351 -23.65 24.67 28.67
N THR G 352 -24.92 24.30 28.44
CA THR G 352 -26.03 24.80 29.24
C THR G 352 -26.82 23.72 29.99
N VAL G 353 -26.53 22.44 29.77
CA VAL G 353 -27.13 21.39 30.58
C VAL G 353 -26.40 21.35 31.92
N PRO G 354 -27.02 20.77 32.96
CA PRO G 354 -26.29 20.61 34.22
C PRO G 354 -25.03 19.79 34.02
N ARG G 355 -23.93 20.24 34.61
CA ARG G 355 -22.68 19.51 34.53
C ARG G 355 -21.94 19.62 35.85
N VAL G 356 -21.82 18.49 36.54
CA VAL G 356 -21.25 18.46 37.87
C VAL G 356 -19.88 17.80 37.83
N THR G 357 -18.90 18.42 38.51
CA THR G 357 -17.54 17.91 38.53
C THR G 357 -17.26 17.22 39.88
N LEU G 358 -16.58 16.07 39.81
CA LEU G 358 -16.15 15.36 40.99
C LEU G 358 -14.65 15.11 40.91
N VAL G 359 -13.89 15.75 41.80
CA VAL G 359 -12.45 15.50 41.89
C VAL G 359 -12.19 14.35 42.85
N THR G 360 -11.59 13.28 42.33
CA THR G 360 -11.35 12.09 43.14
C THR G 360 -9.97 12.11 43.78
N ARG G 361 -8.92 12.04 42.97
CA ARG G 361 -7.57 12.12 43.52
C ARG G 361 -6.92 13.47 43.26
N LYS G 362 -6.66 13.79 42.01
CA LYS G 362 -5.90 15.00 41.72
C LYS G 362 -6.37 15.73 40.47
N THR G 363 -6.12 17.02 40.44
CA THR G 363 -6.35 17.81 39.24
C THR G 363 -5.36 18.97 39.22
N TYR G 364 -4.52 19.01 38.19
CA TYR G 364 -3.40 19.95 38.12
C TYR G 364 -3.43 20.85 36.88
N GLY G 365 -3.03 22.10 37.06
CA GLY G 365 -2.70 22.99 35.95
C GLY G 365 -3.81 23.31 34.98
N GLY G 366 -3.44 23.48 33.71
CA GLY G 366 -4.40 23.80 32.66
C GLY G 366 -5.45 22.73 32.48
N ALA G 367 -5.04 21.47 32.67
CA ALA G 367 -5.99 20.37 32.59
C ALA G 367 -7.07 20.55 33.64
N TYR G 368 -6.68 21.03 34.82
CA TYR G 368 -7.67 21.28 35.85
C TYR G 368 -8.73 22.28 35.33
N ILE G 369 -8.27 23.36 34.68
CA ILE G 369 -9.18 24.34 34.13
C ILE G 369 -10.12 23.70 33.08
N ALA G 370 -9.54 22.86 32.23
CA ALA G 370 -10.26 22.26 31.12
C ALA G 370 -11.33 21.26 31.55
N MET G 371 -11.08 20.52 32.63
CA MET G 371 -12.03 19.49 33.08
C MET G 371 -13.22 20.08 33.86
N ASN G 372 -14.04 20.88 33.19
CA ASN G 372 -15.27 21.41 33.77
C ASN G 372 -15.08 22.10 35.14
N SER G 373 -14.14 23.04 35.17
CA SER G 373 -13.87 23.80 36.38
C SER G 373 -14.91 24.87 36.62
N ARG G 374 -14.88 25.40 37.84
CA ARG G 374 -15.71 26.53 38.25
C ARG G 374 -15.57 27.72 37.29
N SER G 375 -14.37 27.99 36.81
CA SER G 375 -14.15 29.12 35.90
C SER G 375 -14.90 28.96 34.56
N LEU G 376 -15.17 27.73 34.16
CA LEU G 376 -15.98 27.49 32.97
C LEU G 376 -17.45 27.26 33.32
N ASN G 377 -17.85 27.70 34.51
CA ASN G 377 -19.25 27.66 34.97
C ASN G 377 -19.86 26.29 35.24
N ALA G 378 -19.04 25.39 35.77
CA ALA G 378 -19.53 24.11 36.23
C ALA G 378 -20.71 24.32 37.21
N THR G 379 -21.73 23.49 37.08
CA THR G 379 -22.90 23.55 37.95
C THR G 379 -22.49 23.45 39.42
N LYS G 380 -21.65 22.46 39.72
CA LYS G 380 -21.17 22.28 41.09
C LYS G 380 -19.89 21.46 41.05
N VAL G 381 -18.91 21.82 41.86
CA VAL G 381 -17.67 21.05 41.95
C VAL G 381 -17.55 20.37 43.31
N PHE G 382 -17.48 19.04 43.29
CA PHE G 382 -17.32 18.25 44.49
C PHE G 382 -15.90 17.69 44.54
N ALA G 383 -15.39 17.43 45.74
CA ALA G 383 -14.11 16.73 45.90
C ALA G 383 -14.17 15.75 47.08
N TRP G 384 -13.58 14.56 46.90
CA TRP G 384 -13.34 13.66 48.01
C TRP G 384 -12.28 14.31 48.93
N PRO G 385 -12.29 13.97 50.23
CA PRO G 385 -11.44 14.63 51.25
C PRO G 385 -9.95 14.70 50.90
N ASP G 386 -9.38 13.58 50.45
CA ASP G 386 -7.95 13.53 50.15
C ASP G 386 -7.57 13.98 48.74
N ALA G 387 -8.48 14.67 48.04
CA ALA G 387 -8.21 15.11 46.68
C ALA G 387 -7.27 16.32 46.62
N GLU G 388 -6.51 16.41 45.54
CA GLU G 388 -5.51 17.46 45.38
C GLU G 388 -5.83 18.38 44.19
N VAL G 389 -6.08 19.66 44.48
CA VAL G 389 -6.29 20.67 43.46
C VAL G 389 -5.13 21.67 43.49
N ALA G 390 -4.23 21.59 42.51
CA ALA G 390 -3.05 22.46 42.54
C ALA G 390 -2.53 22.81 41.15
N VAL G 391 -1.50 23.63 41.12
CA VAL G 391 -0.81 23.96 39.87
C VAL G 391 -0.04 22.78 39.30
N MET G 392 0.58 22.01 40.19
CA MET G 392 1.31 20.78 39.82
C MET G 392 1.56 19.96 41.09
N GLY G 393 2.20 18.80 40.94
CA GLY G 393 2.54 18.00 42.11
C GLY G 393 3.54 18.71 43.01
N ALA G 394 3.46 18.47 44.31
CA ALA G 394 4.42 19.07 45.24
C ALA G 394 5.83 18.58 44.90
N LYS G 395 5.93 17.31 44.51
CA LYS G 395 7.20 16.71 44.10
C LYS G 395 7.90 17.47 42.98
N ALA G 396 7.10 18.15 42.15
CA ALA G 396 7.62 18.90 41.01
C ALA G 396 7.71 20.40 41.28
N ALA G 397 6.80 20.90 42.13
CA ALA G 397 6.71 22.33 42.41
C ALA G 397 7.84 22.78 43.33
N VAL G 398 8.51 21.82 43.97
CA VAL G 398 9.64 22.12 44.83
C VAL G 398 10.89 22.52 44.02
N GLY G 399 11.19 21.75 42.98
CA GLY G 399 12.35 22.01 42.13
C GLY G 399 12.39 23.42 41.57
N ILE G 400 11.22 23.97 41.25
CA ILE G 400 11.11 25.35 40.78
C ILE G 400 11.13 26.33 41.97
N LEU G 401 11.84 25.93 43.02
CA LEU G 401 12.06 26.77 44.21
C LEU G 401 13.50 26.68 44.69
N HIS G 402 14.45 26.82 43.76
CA HIS G 402 15.87 26.86 44.11
C HIS G 402 16.39 28.30 44.20
N LYS G 403 15.57 29.17 44.78
CA LYS G 403 15.98 30.52 45.16
C LYS G 403 16.42 30.50 46.62
N LYS G 404 15.90 29.50 47.35
CA LYS G 404 16.28 29.26 48.74
C LYS G 404 16.36 27.76 49.00
N LYS G 405 16.92 27.03 48.04
CA LYS G 405 17.05 25.57 48.15
C LYS G 405 18.07 25.00 47.16
N LEU G 406 18.65 23.86 47.54
CA LEU G 406 19.75 23.22 46.82
C LEU G 406 20.77 24.18 46.22
N ALA G 407 21.52 24.84 47.10
CA ALA G 407 22.66 25.65 46.70
C ALA G 407 23.90 25.03 47.33
N GLN G 420 12.75 13.71 48.53
CA GLN G 420 11.43 13.33 49.02
C GLN G 420 11.11 14.35 50.06
N LEU G 421 12.07 15.24 50.27
CA LEU G 421 11.90 16.42 51.09
C LEU G 421 11.06 17.45 50.35
N ALA G 422 9.78 17.13 50.16
CA ALA G 422 8.88 17.94 49.34
C ALA G 422 7.44 17.95 49.87
N ALA G 423 7.10 16.96 50.70
CA ALA G 423 5.77 16.87 51.31
C ALA G 423 5.49 18.06 52.23
N GLU G 424 6.49 18.91 52.39
CA GLU G 424 6.40 20.15 53.13
C GLU G 424 5.38 21.10 52.48
N HIS G 425 5.54 21.32 51.18
CA HIS G 425 4.60 22.15 50.41
C HIS G 425 3.24 21.48 50.28
N GLU G 426 3.25 20.15 50.15
CA GLU G 426 2.01 19.36 50.03
C GLU G 426 1.05 19.65 51.18
N ARG G 427 1.60 19.77 52.38
CA ARG G 427 0.81 20.09 53.56
C ARG G 427 0.50 21.58 53.65
N ILE G 428 1.38 22.41 53.09
CA ILE G 428 1.21 23.86 53.12
C ILE G 428 -0.12 24.30 52.52
N ALA G 429 -0.36 23.90 51.27
CA ALA G 429 -1.63 24.15 50.58
C ALA G 429 -1.81 23.13 49.45
N GLY G 430 -2.84 23.32 48.63
CA GLY G 430 -3.12 22.37 47.55
C GLY G 430 -4.20 21.35 47.91
N GLY G 431 -4.67 21.40 49.15
CA GLY G 431 -5.73 20.51 49.59
C GLY G 431 -7.11 21.05 49.26
N VAL G 432 -8.13 20.26 49.56
CA VAL G 432 -9.52 20.65 49.35
C VAL G 432 -9.92 21.85 50.22
N ASP G 433 -9.45 21.84 51.47
CA ASP G 433 -9.70 22.94 52.41
C ASP G 433 -9.35 24.31 51.84
N SER G 434 -8.18 24.43 51.20
CA SER G 434 -7.82 25.70 50.56
C SER G 434 -8.64 25.91 49.29
N ALA G 435 -8.91 24.84 48.55
CA ALA G 435 -9.72 24.94 47.33
C ALA G 435 -11.13 25.46 47.64
N LEU G 436 -11.70 24.98 48.74
CA LEU G 436 -12.98 25.49 49.26
C LEU G 436 -12.88 26.96 49.62
N ASP G 437 -11.79 27.33 50.30
CA ASP G 437 -11.55 28.71 50.71
C ASP G 437 -11.44 29.64 49.50
N ILE G 438 -10.75 29.17 48.47
CA ILE G 438 -10.63 29.91 47.23
C ILE G 438 -11.98 29.95 46.51
N GLY G 439 -12.72 28.84 46.57
CA GLY G 439 -14.03 28.78 45.94
C GLY G 439 -14.07 28.00 44.63
N VAL G 440 -13.03 27.25 44.33
CA VAL G 440 -13.01 26.49 43.08
C VAL G 440 -13.57 25.09 43.29
N VAL G 441 -13.79 24.75 44.55
CA VAL G 441 -14.52 23.54 44.92
C VAL G 441 -15.65 24.02 45.81
N ASP G 442 -16.84 23.47 45.65
CA ASP G 442 -18.02 23.95 46.38
C ASP G 442 -18.27 23.16 47.66
N GLU G 443 -17.86 21.90 47.66
CA GLU G 443 -18.14 21.01 48.78
C GLU G 443 -17.24 19.78 48.81
N LYS G 444 -16.65 19.52 49.97
CA LYS G 444 -15.96 18.25 50.20
C LYS G 444 -17.02 17.27 50.66
N ILE G 445 -17.05 16.07 50.09
CA ILE G 445 -18.11 15.13 50.42
C ILE G 445 -17.59 13.78 50.89
N ASP G 446 -18.45 13.05 51.59
CA ASP G 446 -18.19 11.68 51.96
C ASP G 446 -18.34 10.83 50.71
N PRO G 447 -17.28 10.12 50.31
CA PRO G 447 -17.33 9.36 49.06
C PRO G 447 -18.41 8.28 49.08
N ALA G 448 -18.91 7.96 50.27
CA ALA G 448 -20.01 7.01 50.42
C ALA G 448 -21.34 7.64 50.02
N HIS G 449 -21.33 8.96 49.85
CA HIS G 449 -22.54 9.67 49.44
C HIS G 449 -22.44 10.27 48.04
N THR G 450 -21.40 9.87 47.30
CA THR G 450 -21.09 10.43 45.97
C THR G 450 -22.34 10.47 45.09
N ARG G 451 -22.92 9.31 44.90
CA ARG G 451 -24.10 9.12 44.08
C ARG G 451 -25.31 10.00 44.51
N SER G 452 -25.60 10.05 45.80
CA SER G 452 -26.74 10.88 46.21
C SER G 452 -26.46 12.40 46.09
N LYS G 453 -25.23 12.80 46.41
CA LYS G 453 -24.80 14.19 46.24
C LYS G 453 -24.80 14.66 44.78
N LEU G 454 -24.32 13.82 43.87
CA LEU G 454 -24.29 14.18 42.46
C LEU G 454 -25.71 14.34 41.95
N THR G 455 -26.59 13.42 42.36
CA THR G 455 -27.97 13.41 41.91
C THR G 455 -28.72 14.62 42.47
N GLU G 456 -28.38 15.00 43.69
CA GLU G 456 -29.05 16.15 44.28
C GLU G 456 -28.65 17.42 43.52
N ALA G 457 -27.35 17.56 43.23
CA ALA G 457 -26.88 18.74 42.49
C ALA G 457 -27.48 18.83 41.10
N LEU G 458 -27.60 17.69 40.42
CA LEU G 458 -28.12 17.66 39.05
C LEU G 458 -29.62 17.93 38.95
N ALA G 459 -30.38 17.41 39.93
CA ALA G 459 -31.82 17.63 40.01
C ALA G 459 -32.15 19.09 40.32
N GLN G 460 -31.31 19.72 41.12
CA GLN G 460 -31.57 21.09 41.57
C GLN G 460 -31.21 22.15 40.56
N ALA G 461 -30.32 21.80 39.62
CA ALA G 461 -29.91 22.72 38.58
C ALA G 461 -31.04 22.87 37.57
N PRO G 462 -31.09 24.01 36.87
CA PRO G 462 -32.02 24.19 35.75
C PRO G 462 -31.73 23.17 34.65
N ALA G 463 -32.76 22.64 34.01
CA ALA G 463 -32.53 21.86 32.80
C ALA G 463 -31.63 22.63 31.79
N ARG G 464 -31.68 23.98 31.83
CA ARG G 464 -30.84 24.86 30.97
C ARG G 464 -30.26 26.13 31.61
N ARG G 465 -29.07 26.48 31.19
CA ARG G 465 -28.38 27.68 31.59
C ARG G 465 -27.25 27.52 32.59
N GLY G 466 -26.02 27.84 32.24
CA GLY G 466 -24.91 27.69 33.17
C GLY G 466 -23.56 27.80 32.46
N LEU H 13 13.73 53.19 27.08
CA LEU H 13 12.37 52.70 26.92
C LEU H 13 12.33 51.24 26.44
N ASP H 14 12.03 50.32 27.35
CA ASP H 14 11.96 48.88 27.04
C ASP H 14 10.98 48.63 25.87
N PRO H 15 11.42 47.89 24.84
CA PRO H 15 10.57 47.68 23.67
C PRO H 15 9.40 46.71 23.94
N ARG H 16 9.35 46.15 25.13
CA ARG H 16 8.21 45.32 25.54
C ARG H 16 7.22 46.12 26.39
N ASP H 17 7.50 47.41 26.60
CA ASP H 17 6.58 48.25 27.35
C ASP H 17 5.20 48.21 26.70
N PRO H 18 4.17 47.82 27.48
CA PRO H 18 2.83 47.59 26.93
C PRO H 18 2.18 48.85 26.38
N LEU H 19 2.42 50.01 27.00
CA LEU H 19 1.89 51.26 26.46
C LEU H 19 2.51 51.56 25.10
N LEU H 20 3.83 51.38 24.98
CA LEU H 20 4.49 51.51 23.67
C LEU H 20 3.84 50.59 22.62
N ARG H 21 3.69 49.31 22.96
CA ARG H 21 3.05 48.34 22.07
C ARG H 21 1.62 48.74 21.66
N LEU H 22 0.80 49.14 22.62
CA LEU H 22 -0.56 49.62 22.32
C LEU H 22 -0.58 50.87 21.42
N SER H 23 0.33 51.81 21.70
CA SER H 23 0.41 53.06 20.91
C SER H 23 0.81 52.77 19.48
N ASN H 24 1.71 51.80 19.32
CA ASN H 24 2.10 51.34 18.00
C ASN H 24 0.94 50.70 17.22
N PHE H 25 0.04 50.04 17.94
CA PHE H 25 -1.09 49.38 17.31
C PHE H 25 -2.23 50.34 16.99
N PHE H 26 -2.62 51.16 17.96
CA PHE H 26 -3.74 52.08 17.74
C PHE H 26 -3.36 53.24 16.82
N ASP H 27 -4.38 53.89 16.25
CA ASP H 27 -4.19 55.15 15.54
C ASP H 27 -3.48 56.12 16.48
N ASP H 28 -2.62 56.96 15.93
CA ASP H 28 -1.88 57.92 16.75
C ASP H 28 -2.84 58.81 17.55
N GLY H 29 -2.60 58.92 18.85
CA GLY H 29 -3.37 59.80 19.71
C GLY H 29 -4.72 59.28 20.17
N SER H 30 -5.03 58.02 19.88
CA SER H 30 -6.36 57.50 20.19
C SER H 30 -6.45 56.80 21.55
N VAL H 31 -5.29 56.47 22.13
CA VAL H 31 -5.23 55.60 23.29
C VAL H 31 -5.89 56.18 24.55
N GLU H 32 -6.81 55.41 25.14
CA GLU H 32 -7.39 55.77 26.43
C GLU H 32 -7.34 54.54 27.29
N LEU H 33 -6.47 54.55 28.30
CA LEU H 33 -6.33 53.42 29.22
C LEU H 33 -7.65 53.12 29.91
N LEU H 34 -7.87 51.85 30.25
CA LEU H 34 -9.15 51.41 30.83
C LEU H 34 -9.03 51.27 32.34
N HIS H 35 -7.80 51.45 32.83
CA HIS H 35 -7.50 51.34 34.25
C HIS H 35 -6.13 51.96 34.46
N GLU H 36 -5.75 52.18 35.72
CA GLU H 36 -4.45 52.75 36.05
C GLU H 36 -3.35 51.73 35.80
N ARG H 37 -2.23 52.18 35.25
CA ARG H 37 -1.07 51.31 35.07
C ARG H 37 -0.63 50.77 36.42
N ASP H 38 -0.24 49.50 36.45
CA ASP H 38 0.22 48.85 37.66
C ASP H 38 1.25 47.84 37.24
N ARG H 39 1.53 46.87 38.11
CA ARG H 39 2.43 45.78 37.76
C ARG H 39 1.72 44.41 37.76
N SER H 40 0.43 44.44 37.44
CA SER H 40 -0.39 43.25 37.32
C SER H 40 0.06 42.39 36.16
N GLY H 41 0.75 43.00 35.18
CA GLY H 41 1.23 42.26 34.03
C GLY H 41 0.36 42.43 32.81
N VAL H 42 -0.65 43.31 32.91
CA VAL H 42 -1.55 43.59 31.80
C VAL H 42 -1.91 45.06 31.74
N LEU H 43 -1.85 45.63 30.55
CA LEU H 43 -2.40 46.96 30.31
C LEU H 43 -3.48 46.89 29.23
N ALA H 44 -4.65 47.42 29.53
CA ALA H 44 -5.77 47.37 28.60
C ALA H 44 -6.20 48.79 28.25
N ALA H 45 -6.55 49.04 26.99
CA ALA H 45 -6.99 50.36 26.57
C ALA H 45 -8.06 50.33 25.49
N ALA H 46 -8.79 51.45 25.36
CA ALA H 46 -9.62 51.70 24.17
C ALA H 46 -8.85 52.58 23.19
N GLY H 47 -9.25 52.56 21.92
CA GLY H 47 -8.58 53.32 20.89
C GLY H 47 -9.31 53.16 19.57
N THR H 48 -8.69 53.62 18.48
CA THR H 48 -9.27 53.43 17.16
C THR H 48 -8.26 52.78 16.25
N VAL H 49 -8.78 52.03 15.28
CA VAL H 49 -7.97 51.45 14.24
C VAL H 49 -8.64 51.92 12.97
N ASN H 50 -7.98 52.83 12.25
CA ASN H 50 -8.58 53.48 11.09
C ASN H 50 -10.01 53.97 11.37
N GLY H 51 -10.22 54.55 12.55
CA GLY H 51 -11.52 55.12 12.87
C GLY H 51 -12.47 54.23 13.64
N VAL H 52 -12.40 52.90 13.47
CA VAL H 52 -13.30 52.06 14.27
C VAL H 52 -12.81 51.90 15.70
N ARG H 53 -13.71 52.17 16.64
CA ARG H 53 -13.38 52.04 18.07
C ARG H 53 -13.04 50.59 18.43
N THR H 54 -11.92 50.41 19.12
CA THR H 54 -11.40 49.08 19.33
C THR H 54 -10.85 48.89 20.73
N ILE H 55 -11.18 47.78 21.37
CA ILE H 55 -10.57 47.47 22.65
C ILE H 55 -9.30 46.65 22.44
N ALA H 56 -8.26 46.94 23.20
CA ALA H 56 -7.07 46.10 23.17
C ALA H 56 -6.44 45.93 24.55
N PHE H 57 -5.73 44.83 24.71
CA PHE H 57 -4.95 44.60 25.91
C PHE H 57 -3.56 44.08 25.54
N CYS H 58 -2.59 44.35 26.39
CA CYS H 58 -1.23 43.91 26.16
C CYS H 58 -0.68 43.25 27.42
N THR H 59 -0.25 41.99 27.32
CA THR H 59 0.48 41.40 28.44
C THR H 59 1.82 42.12 28.55
N ASP H 60 2.36 42.20 29.75
CA ASP H 60 3.50 43.07 30.00
C ASP H 60 4.80 42.28 30.11
N GLY H 61 5.59 42.27 29.03
CA GLY H 61 6.84 41.55 29.02
C GLY H 61 7.90 42.04 30.01
N THR H 62 7.72 43.25 30.56
CA THR H 62 8.72 43.80 31.47
C THR H 62 8.46 43.40 32.91
N VAL H 63 7.36 42.71 33.14
CA VAL H 63 7.05 42.24 34.48
C VAL H 63 6.86 40.73 34.46
N MET H 64 7.73 40.04 35.19
CA MET H 64 7.73 38.57 35.30
C MET H 64 7.53 37.85 33.97
N GLY H 65 8.18 38.35 32.93
CA GLY H 65 8.06 37.77 31.61
C GLY H 65 6.66 37.83 31.01
N GLY H 66 5.79 38.66 31.59
CA GLY H 66 4.41 38.74 31.15
C GLY H 66 3.51 37.70 31.78
N ALA H 67 4.05 36.98 32.76
CA ALA H 67 3.27 35.93 33.45
C ALA H 67 1.94 36.47 33.97
N MET H 68 0.89 35.67 33.78
CA MET H 68 -0.47 36.09 34.10
C MET H 68 -0.85 35.82 35.56
N GLY H 69 -1.37 36.83 36.23
CA GLY H 69 -1.85 36.67 37.59
C GLY H 69 -3.28 37.14 37.70
N VAL H 70 -3.83 37.06 38.90
CA VAL H 70 -5.24 37.40 39.14
C VAL H 70 -5.61 38.80 38.65
N GLU H 71 -4.82 39.80 39.05
CA GLU H 71 -5.12 41.19 38.70
C GLU H 71 -5.04 41.45 37.20
N GLY H 72 -4.00 40.92 36.55
CA GLY H 72 -3.85 41.10 35.12
C GLY H 72 -5.01 40.45 34.39
N CYS H 73 -5.32 39.23 34.79
CA CYS H 73 -6.46 38.49 34.23
C CYS H 73 -7.75 39.26 34.41
N THR H 74 -7.88 39.90 35.55
CA THR H 74 -9.08 40.70 35.83
C THR H 74 -9.18 41.89 34.86
N HIS H 75 -8.04 42.52 34.57
CA HIS H 75 -8.04 43.60 33.59
C HIS H 75 -8.49 43.12 32.22
N ILE H 76 -8.12 41.90 31.85
CA ILE H 76 -8.52 41.33 30.55
C ILE H 76 -10.01 41.01 30.53
N VAL H 77 -10.50 40.38 31.58
CA VAL H 77 -11.94 40.11 31.69
C VAL H 77 -12.72 41.40 31.58
N ASN H 78 -12.33 42.39 32.37
CA ASN H 78 -12.94 43.72 32.30
C ASN H 78 -12.94 44.30 30.89
N ALA H 79 -11.81 44.16 30.19
CA ALA H 79 -11.70 44.63 28.82
C ALA H 79 -12.66 43.83 27.90
N TYR H 80 -12.76 42.53 28.11
CA TYR H 80 -13.77 41.76 27.37
C TYR H 80 -15.19 42.29 27.62
N ASP H 81 -15.52 42.56 28.88
CA ASP H 81 -16.87 43.04 29.21
C ASP H 81 -17.19 44.36 28.50
N THR H 82 -16.23 45.27 28.52
CA THR H 82 -16.32 46.54 27.81
C THR H 82 -16.57 46.36 26.30
N ALA H 83 -15.71 45.57 25.65
CA ALA H 83 -15.82 45.33 24.22
C ALA H 83 -17.17 44.69 23.86
N ILE H 84 -17.59 43.71 24.66
CA ILE H 84 -18.85 43.01 24.43
C ILE H 84 -20.00 43.99 24.53
N GLU H 85 -20.00 44.79 25.58
CA GLU H 85 -21.02 45.80 25.81
C GLU H 85 -21.16 46.80 24.65
N ASP H 86 -20.03 47.25 24.12
CA ASP H 86 -20.05 48.29 23.09
C ASP H 86 -20.04 47.66 21.71
N GLN H 87 -20.04 46.33 21.70
CA GLN H 87 -19.84 45.57 20.48
C GLN H 87 -18.61 46.04 19.69
N SER H 88 -17.48 46.14 20.37
CA SER H 88 -16.23 46.51 19.69
C SER H 88 -15.35 45.30 19.41
N PRO H 89 -14.54 45.35 18.34
CA PRO H 89 -13.55 44.29 18.19
C PRO H 89 -12.55 44.36 19.34
N ILE H 90 -12.02 43.22 19.76
CA ILE H 90 -11.00 43.21 20.81
C ILE H 90 -9.69 42.53 20.37
N VAL H 91 -8.57 43.24 20.49
CA VAL H 91 -7.26 42.74 20.10
C VAL H 91 -6.36 42.50 21.31
N GLY H 92 -5.82 41.28 21.39
CA GLY H 92 -4.87 40.96 22.43
C GLY H 92 -3.46 40.92 21.86
N ILE H 93 -2.54 41.59 22.56
CA ILE H 93 -1.12 41.57 22.19
C ILE H 93 -0.43 40.73 23.25
N TRP H 94 0.27 39.69 22.82
CA TRP H 94 0.66 38.61 23.73
C TRP H 94 2.16 38.41 23.84
N HIS H 95 2.63 38.37 25.08
CA HIS H 95 4.04 38.12 25.41
C HIS H 95 4.05 37.65 26.86
N SER H 96 4.04 36.34 27.05
CA SER H 96 3.79 35.79 28.37
C SER H 96 4.18 34.33 28.47
N GLY H 97 4.80 33.95 29.58
CA GLY H 97 5.20 32.57 29.80
C GLY H 97 4.12 31.75 30.48
N GLY H 98 2.93 32.33 30.65
CA GLY H 98 1.83 31.62 31.26
C GLY H 98 1.44 32.09 32.65
N ALA H 99 0.75 31.25 33.38
CA ALA H 99 0.25 31.61 34.69
C ALA H 99 1.39 31.85 35.68
N ARG H 100 1.18 32.80 36.58
CA ARG H 100 2.14 33.06 37.67
C ARG H 100 2.08 31.90 38.65
N LEU H 101 3.11 31.04 38.63
CA LEU H 101 3.17 29.86 39.50
C LEU H 101 2.86 30.20 40.96
N ALA H 102 3.48 31.26 41.47
CA ALA H 102 3.39 31.60 42.89
C ALA H 102 1.99 31.96 43.38
N GLU H 103 1.11 32.37 42.47
CA GLU H 103 -0.27 32.68 42.87
C GLU H 103 -1.14 31.42 42.95
N GLY H 104 -0.60 30.29 42.54
CA GLY H 104 -1.28 29.01 42.70
C GLY H 104 -2.64 28.86 42.01
N VAL H 105 -3.54 28.11 42.65
CA VAL H 105 -4.85 27.82 42.11
C VAL H 105 -5.64 29.08 41.75
N ARG H 106 -5.51 30.12 42.57
CA ARG H 106 -6.10 31.43 42.26
C ARG H 106 -5.79 31.97 40.85
N ALA H 107 -4.56 31.80 40.37
CA ALA H 107 -4.21 32.30 39.05
C ALA H 107 -4.76 31.37 37.97
N LEU H 108 -4.80 30.08 38.28
CA LEU H 108 -5.43 29.10 37.41
C LEU H 108 -6.88 29.50 37.16
N HIS H 109 -7.59 29.83 38.24
CA HIS H 109 -8.99 30.24 38.15
C HIS H 109 -9.15 31.49 37.31
N ALA H 110 -8.30 32.47 37.56
CA ALA H 110 -8.37 33.73 36.82
C ALA H 110 -8.09 33.49 35.34
N VAL H 111 -7.14 32.62 35.03
CA VAL H 111 -6.82 32.30 33.65
C VAL H 111 -8.08 31.70 33.00
N GLY H 112 -8.71 30.77 33.71
CA GLY H 112 -9.97 30.18 33.29
C GLY H 112 -11.03 31.24 33.02
N GLN H 113 -11.04 32.30 33.82
CA GLN H 113 -12.01 33.36 33.61
C GLN H 113 -11.73 34.19 32.35
N VAL H 114 -10.46 34.30 31.98
CA VAL H 114 -10.13 34.89 30.70
C VAL H 114 -10.71 34.04 29.56
N PHE H 115 -10.44 32.73 29.59
CA PHE H 115 -10.98 31.82 28.58
C PHE H 115 -12.50 31.98 28.46
N GLU H 116 -13.16 32.02 29.60
CA GLU H 116 -14.62 32.12 29.64
C GLU H 116 -15.12 33.45 29.04
N ALA H 117 -14.41 34.54 29.29
CA ALA H 117 -14.74 35.81 28.61
C ALA H 117 -14.62 35.66 27.10
N MET H 118 -13.57 34.99 26.64
CA MET H 118 -13.36 34.79 25.20
C MET H 118 -14.45 33.89 24.59
N ILE H 119 -14.88 32.89 25.32
CA ILE H 119 -15.95 32.04 24.83
C ILE H 119 -17.27 32.84 24.75
N ARG H 120 -17.54 33.65 25.76
CA ARG H 120 -18.69 34.57 25.72
C ARG H 120 -18.60 35.49 24.49
N ALA H 121 -17.42 36.00 24.16
CA ALA H 121 -17.28 36.90 22.99
C ALA H 121 -17.35 36.15 21.67
N SER H 122 -17.26 34.83 21.72
CA SER H 122 -17.05 34.05 20.50
C SER H 122 -18.22 34.19 19.53
N GLY H 123 -17.91 34.66 18.32
CA GLY H 123 -18.91 34.79 17.28
C GLY H 123 -19.75 36.04 17.46
N TYR H 124 -19.51 36.76 18.55
CA TYR H 124 -20.27 37.97 18.85
C TYR H 124 -19.47 39.23 18.51
N ILE H 125 -18.21 39.29 18.89
CA ILE H 125 -17.33 40.36 18.44
C ILE H 125 -16.04 39.76 17.87
N PRO H 126 -15.41 40.45 16.91
CA PRO H 126 -14.18 39.88 16.38
C PRO H 126 -13.07 39.85 17.45
N GLN H 127 -12.37 38.73 17.56
CA GLN H 127 -11.20 38.63 18.43
C GLN H 127 -9.92 38.40 17.62
N ILE H 128 -8.96 39.32 17.77
CA ILE H 128 -7.69 39.21 17.05
C ILE H 128 -6.53 39.13 18.04
N SER H 129 -5.60 38.23 17.80
CA SER H 129 -4.45 38.02 18.68
C SER H 129 -3.18 38.36 17.91
N VAL H 130 -2.38 39.25 18.47
CA VAL H 130 -1.07 39.52 17.89
C VAL H 130 0.00 39.01 18.86
N VAL H 131 0.63 37.89 18.51
CA VAL H 131 1.63 37.29 19.36
C VAL H 131 3.01 37.84 18.99
N VAL H 132 3.58 38.66 19.89
CA VAL H 132 4.79 39.41 19.58
C VAL H 132 6.02 38.87 20.32
N GLY H 133 5.79 37.98 21.26
CA GLY H 133 6.87 37.35 21.99
C GLY H 133 6.48 35.95 22.45
N PHE H 134 7.34 35.33 23.23
CA PHE H 134 7.11 34.04 23.88
C PHE H 134 5.68 33.93 24.43
N ALA H 135 4.97 32.85 24.09
CA ALA H 135 3.59 32.65 24.54
C ALA H 135 3.34 31.19 24.93
N ALA H 136 3.27 30.92 26.23
CA ALA H 136 3.21 29.54 26.70
C ALA H 136 2.12 29.33 27.74
N GLY H 137 1.73 28.07 27.95
CA GLY H 137 0.71 27.73 28.93
C GLY H 137 -0.62 28.38 28.62
N GLY H 138 -1.15 29.12 29.58
CA GLY H 138 -2.39 29.82 29.37
C GLY H 138 -2.27 30.86 28.28
N ALA H 139 -1.07 31.38 28.08
CA ALA H 139 -0.87 32.40 27.06
C ALA H 139 -0.80 31.78 25.67
N ALA H 140 -0.81 30.45 25.60
CA ALA H 140 -0.95 29.79 24.31
C ALA H 140 -2.43 29.52 24.02
N TYR H 141 -3.19 29.10 25.03
CA TYR H 141 -4.61 28.84 24.81
C TYR H 141 -5.47 30.09 24.62
N GLY H 142 -5.05 31.22 25.19
CA GLY H 142 -5.71 32.50 24.93
C GLY H 142 -5.90 32.73 23.44
N PRO H 143 -4.79 32.98 22.71
CA PRO H 143 -4.85 33.19 21.26
C PRO H 143 -5.64 32.10 20.54
N ALA H 144 -5.51 30.85 20.99
CA ALA H 144 -6.19 29.74 20.35
C ALA H 144 -7.72 29.83 20.42
N LEU H 145 -8.23 30.58 21.39
CA LEU H 145 -9.67 30.82 21.50
C LEU H 145 -10.17 32.00 20.68
N THR H 146 -9.25 32.71 20.01
CA THR H 146 -9.65 33.90 19.26
C THR H 146 -9.89 33.54 17.79
N ASP H 147 -10.32 34.51 16.99
CA ASP H 147 -10.74 34.20 15.62
C ASP H 147 -9.59 34.22 14.62
N VAL H 148 -8.66 35.16 14.76
CA VAL H 148 -7.47 35.19 13.91
C VAL H 148 -6.22 35.43 14.75
N VAL H 149 -5.18 34.62 14.52
CA VAL H 149 -3.90 34.80 15.22
C VAL H 149 -2.76 35.28 14.28
N VAL H 150 -2.17 36.43 14.62
CA VAL H 150 -1.02 36.96 13.89
C VAL H 150 0.23 36.77 14.74
N MET H 151 1.26 36.13 14.18
CA MET H 151 2.51 35.94 14.90
C MET H 151 3.64 36.78 14.30
N ALA H 152 4.32 37.53 15.17
CA ALA H 152 5.58 38.19 14.82
C ALA H 152 6.71 37.17 14.90
N PRO H 153 7.70 37.27 14.02
CA PRO H 153 8.79 36.28 13.90
C PRO H 153 9.57 36.11 15.20
N GLU H 154 9.69 37.18 15.99
CA GLU H 154 10.47 37.12 17.23
C GLU H 154 9.76 36.32 18.35
N SER H 155 8.53 35.92 18.12
CA SER H 155 7.85 35.04 19.05
C SER H 155 8.35 33.58 18.88
N ARG H 156 9.06 33.33 17.80
CA ARG H 156 9.59 32.00 17.53
C ARG H 156 11.12 31.92 17.72
N VAL H 157 11.66 32.84 18.52
CA VAL H 157 13.11 32.89 18.78
C VAL H 157 13.40 33.17 20.26
N PHE H 158 13.86 32.14 20.97
CA PHE H 158 14.09 32.23 22.40
C PHE H 158 15.55 32.60 22.75
N VAL H 159 15.77 33.14 23.94
CA VAL H 159 17.13 33.39 24.44
C VAL H 159 17.81 32.06 24.78
N THR H 160 17.04 30.97 24.68
CA THR H 160 17.54 29.61 24.92
C THR H 160 17.90 28.89 23.62
N GLY H 161 17.37 29.37 22.50
CA GLY H 161 17.63 28.76 21.20
C GLY H 161 16.68 29.27 20.11
N SER H 188 1.38 23.14 12.97
CA SER H 188 0.40 23.37 14.03
C SER H 188 -0.99 23.65 13.45
N GLY H 189 -1.17 24.83 12.86
CA GLY H 189 -2.47 25.27 12.38
C GLY H 189 -3.06 26.35 13.29
N VAL H 190 -2.38 26.62 14.40
CA VAL H 190 -2.86 27.58 15.39
C VAL H 190 -2.67 29.02 14.92
N CYS H 191 -1.49 29.28 14.38
CA CYS H 191 -1.19 30.59 13.83
C CYS H 191 -1.79 30.74 12.41
N HIS H 192 -2.48 31.84 12.17
CA HIS H 192 -3.11 32.11 10.88
C HIS H 192 -2.21 32.92 9.98
N ILE H 193 -1.56 33.90 10.57
CA ILE H 193 -0.75 34.83 9.79
C ILE H 193 0.63 35.00 10.39
N VAL H 194 1.64 34.87 9.53
CA VAL H 194 3.03 35.13 9.92
C VAL H 194 3.46 36.48 9.36
N ALA H 195 3.85 37.38 10.25
CA ALA H 195 4.26 38.73 9.86
C ALA H 195 5.78 38.79 9.62
N ASP H 196 6.25 39.94 9.12
CA ASP H 196 7.67 40.11 8.80
C ASP H 196 8.43 40.64 10.01
N ASP H 197 7.74 41.43 10.83
CA ASP H 197 8.28 41.92 12.10
C ASP H 197 7.15 42.44 12.98
N GLU H 198 7.49 43.03 14.11
CA GLU H 198 6.48 43.42 15.08
C GLU H 198 5.56 44.50 14.52
N LEU H 199 6.13 45.52 13.90
CA LEU H 199 5.34 46.58 13.29
C LEU H 199 4.43 46.05 12.18
N ASP H 200 4.96 45.13 11.38
CA ASP H 200 4.16 44.55 10.32
C ASP H 200 3.06 43.69 10.93
N ALA H 201 3.36 43.09 12.09
CA ALA H 201 2.37 42.33 12.82
C ALA H 201 1.19 43.21 13.22
N TYR H 202 1.48 44.44 13.64
CA TYR H 202 0.42 45.35 14.05
C TYR H 202 -0.34 45.79 12.83
N ASP H 203 0.35 45.84 11.70
CA ASP H 203 -0.29 46.33 10.50
C ASP H 203 -1.25 45.28 9.93
N ARG H 204 -0.88 44.00 10.03
CA ARG H 204 -1.77 42.90 9.66
C ARG H 204 -2.98 42.93 10.56
N GLY H 205 -2.73 43.05 11.86
CA GLY H 205 -3.78 43.07 12.86
C GLY H 205 -4.76 44.21 12.63
N ARG H 206 -4.23 45.38 12.26
CA ARG H 206 -5.06 46.55 11.96
C ARG H 206 -5.93 46.30 10.73
N ARG H 207 -5.34 45.72 9.70
CA ARG H 207 -6.07 45.43 8.47
C ARG H 207 -7.16 44.39 8.71
N LEU H 208 -6.90 43.44 9.62
CA LEU H 208 -7.88 42.43 9.97
C LEU H 208 -9.09 43.08 10.68
N VAL H 209 -8.83 44.03 11.57
CA VAL H 209 -9.94 44.78 12.19
C VAL H 209 -10.82 45.43 11.11
N GLY H 210 -10.19 45.94 10.06
CA GLY H 210 -10.92 46.58 8.98
C GLY H 210 -11.75 45.60 8.19
N LEU H 211 -11.20 44.41 7.95
CA LEU H 211 -11.86 43.38 7.20
C LEU H 211 -13.13 42.92 7.92
N PHE H 212 -13.10 42.91 9.25
CA PHE H 212 -14.25 42.44 10.05
C PHE H 212 -15.25 43.52 10.39
N CYS H 213 -14.77 44.76 10.53
CA CYS H 213 -15.61 45.86 11.04
C CYS H 213 -15.92 46.93 10.02
N GLN H 214 -15.25 46.89 8.87
CA GLN H 214 -15.60 47.76 7.75
C GLN H 214 -15.72 46.90 6.50
N GLN H 215 -16.77 46.09 6.46
CA GLN H 215 -16.92 45.08 5.44
C GLN H 215 -17.27 45.67 4.08
N GLY H 216 -17.82 46.88 4.10
CA GLY H 216 -18.12 47.58 2.86
C GLY H 216 -19.38 47.06 2.19
N HIS H 217 -19.47 47.29 0.88
CA HIS H 217 -20.64 46.88 0.09
C HIS H 217 -20.12 46.46 -1.25
N PHE H 218 -20.90 45.67 -1.98
CA PHE H 218 -20.53 45.31 -3.34
C PHE H 218 -20.81 46.47 -4.28
N ASP H 219 -20.01 46.57 -5.34
CA ASP H 219 -20.19 47.62 -6.33
C ASP H 219 -20.05 47.05 -7.74
N ARG H 220 -21.16 47.07 -8.48
CA ARG H 220 -21.18 46.53 -9.83
C ARG H 220 -20.15 47.16 -10.78
N SER H 221 -20.06 48.47 -10.82
CA SER H 221 -19.09 49.12 -11.70
C SER H 221 -17.68 48.76 -11.38
N LYS H 222 -17.33 48.82 -10.13
CA LYS H 222 -15.98 48.44 -9.72
C LYS H 222 -15.68 46.98 -10.00
N ALA H 223 -16.69 46.12 -9.90
CA ALA H 223 -16.48 44.70 -10.19
C ALA H 223 -16.15 44.52 -11.66
N GLU H 224 -16.97 45.09 -12.53
CA GLU H 224 -16.77 45.03 -13.97
C GLU H 224 -15.45 45.68 -14.41
N ALA H 225 -15.12 46.84 -13.84
CA ALA H 225 -13.86 47.50 -14.22
C ALA H 225 -12.67 46.58 -13.99
N GLY H 226 -12.75 45.74 -12.97
CA GLY H 226 -11.64 44.86 -12.62
C GLY H 226 -11.58 43.55 -13.39
N ASP H 227 -12.58 43.26 -14.23
CA ASP H 227 -12.62 42.01 -14.99
C ASP H 227 -11.38 41.77 -15.86
N THR H 228 -10.99 40.50 -15.97
CA THR H 228 -9.89 40.05 -16.84
C THR H 228 -10.16 38.59 -17.22
N ASP H 229 -9.42 38.10 -18.20
CA ASP H 229 -9.55 36.70 -18.62
C ASP H 229 -8.78 35.81 -17.67
N ILE H 230 -9.42 35.45 -16.57
CA ILE H 230 -8.81 34.66 -15.53
C ILE H 230 -8.43 33.26 -16.04
N HIS H 231 -9.10 32.82 -17.10
CA HIS H 231 -8.81 31.51 -17.69
C HIS H 231 -7.42 31.43 -18.34
N ALA H 232 -6.87 32.58 -18.73
CA ALA H 232 -5.54 32.61 -19.33
C ALA H 232 -4.45 32.25 -18.32
N LEU H 233 -4.76 32.39 -17.03
CA LEU H 233 -3.81 32.04 -15.97
C LEU H 233 -3.64 30.54 -15.80
N LEU H 234 -4.50 29.75 -16.44
CA LEU H 234 -4.41 28.29 -16.34
C LEU H 234 -3.33 27.70 -17.24
N PRO H 235 -2.72 26.58 -16.83
CA PRO H 235 -1.76 25.92 -17.73
C PRO H 235 -2.38 25.49 -19.06
N GLU H 236 -1.54 25.12 -20.01
CA GLU H 236 -2.00 24.72 -21.33
C GLU H 236 -2.67 23.35 -21.26
N SER H 237 -2.02 22.42 -20.58
CA SER H 237 -2.56 21.07 -20.40
C SER H 237 -3.42 20.94 -19.14
N SER H 238 -4.55 20.25 -19.28
CA SER H 238 -5.51 20.09 -18.19
C SER H 238 -5.01 19.09 -17.14
N ARG H 239 -3.89 18.45 -17.45
CA ARG H 239 -3.27 17.51 -16.52
C ARG H 239 -2.12 18.17 -15.76
N ARG H 240 -1.85 19.44 -16.04
CA ARG H 240 -0.73 20.12 -15.41
C ARG H 240 -1.16 20.81 -14.11
N ALA H 241 -0.40 20.58 -13.05
CA ALA H 241 -0.58 21.29 -11.79
C ALA H 241 -0.26 22.77 -11.96
N TYR H 242 -0.67 23.58 -10.97
CA TYR H 242 -0.47 25.02 -11.00
C TYR H 242 -0.91 25.58 -9.66
N ASP H 243 -0.39 26.76 -9.32
CA ASP H 243 -0.78 27.47 -8.11
C ASP H 243 -2.06 28.25 -8.38
N VAL H 244 -3.08 28.00 -7.57
CA VAL H 244 -4.36 28.66 -7.76
C VAL H 244 -4.34 30.10 -7.26
N ARG H 245 -3.34 30.44 -6.44
CA ARG H 245 -3.30 31.80 -5.85
C ARG H 245 -3.42 32.99 -6.82
N PRO H 246 -2.77 32.93 -8.00
CA PRO H 246 -2.98 33.98 -9.01
C PRO H 246 -4.42 34.08 -9.51
N ILE H 247 -5.11 32.94 -9.62
CA ILE H 247 -6.53 32.95 -9.96
C ILE H 247 -7.28 33.76 -8.90
N VAL H 248 -7.01 33.45 -7.63
CA VAL H 248 -7.65 34.14 -6.50
C VAL H 248 -7.37 35.64 -6.53
N THR H 249 -6.09 35.95 -6.68
CA THR H 249 -5.62 37.32 -6.82
C THR H 249 -6.25 38.06 -8.01
N ALA H 250 -6.42 37.37 -9.14
CA ALA H 250 -7.08 37.97 -10.30
C ALA H 250 -8.53 38.36 -10.01
N ILE H 251 -9.22 37.52 -9.23
CA ILE H 251 -10.62 37.75 -8.87
C ILE H 251 -10.80 38.91 -7.89
N LEU H 252 -9.93 38.94 -6.87
CA LEU H 252 -9.99 39.98 -5.85
C LEU H 252 -9.47 41.33 -6.33
N ASP H 253 -9.78 42.39 -5.59
CA ASP H 253 -9.37 43.75 -5.97
C ASP H 253 -7.84 43.85 -6.09
N ALA H 254 -7.37 44.37 -7.22
CA ALA H 254 -5.93 44.41 -7.52
C ALA H 254 -5.16 45.29 -6.53
N ASP H 255 -5.85 46.28 -6.00
CA ASP H 255 -5.27 47.24 -5.06
C ASP H 255 -5.27 46.78 -3.60
N THR H 256 -5.75 45.56 -3.35
CA THR H 256 -5.92 45.14 -1.97
C THR H 256 -5.20 43.84 -1.65
N PRO H 257 -4.53 43.77 -0.49
CA PRO H 257 -3.85 42.53 -0.06
C PRO H 257 -4.82 41.37 0.12
N PHE H 258 -4.40 40.17 -0.27
CA PHE H 258 -5.14 38.97 0.04
C PHE H 258 -4.52 38.35 1.26
N ASP H 259 -5.25 38.35 2.37
CA ASP H 259 -4.70 37.90 3.61
C ASP H 259 -4.97 36.41 3.83
N GLU H 260 -4.05 35.60 3.33
CA GLU H 260 -4.15 34.15 3.40
C GLU H 260 -3.97 33.64 4.83
N PHE H 261 -4.81 32.68 5.23
CA PHE H 261 -4.66 32.06 6.55
C PHE H 261 -3.93 30.73 6.42
N GLN H 262 -3.00 30.45 7.34
CA GLN H 262 -2.40 29.12 7.48
C GLN H 262 -1.84 28.59 6.15
N ALA H 263 -1.03 29.44 5.50
CA ALA H 263 -0.51 29.14 4.18
C ALA H 263 0.28 27.84 4.13
N ASN H 264 0.95 27.51 5.24
CA ASN H 264 1.83 26.34 5.31
C ASN H 264 1.18 25.08 5.87
N TRP H 265 -0.01 25.21 6.42
CA TRP H 265 -0.76 24.06 6.90
C TRP H 265 -1.79 23.66 5.85
N ALA H 266 -1.92 22.34 5.62
CA ALA H 266 -2.83 21.79 4.63
C ALA H 266 -2.80 22.56 3.31
N PRO H 267 -1.66 22.53 2.62
CA PRO H 267 -1.47 23.41 1.46
C PRO H 267 -2.26 23.00 0.20
N SER H 268 -2.98 21.89 0.23
CA SER H 268 -3.85 21.53 -0.90
C SER H 268 -5.12 22.39 -0.90
N MET H 269 -5.32 23.11 0.21
CA MET H 269 -6.46 24.01 0.34
C MET H 269 -5.97 25.40 0.69
N VAL H 270 -6.41 26.39 -0.09
CA VAL H 270 -6.08 27.79 0.18
C VAL H 270 -7.31 28.55 0.71
N VAL H 271 -7.15 29.25 1.83
CA VAL H 271 -8.22 30.12 2.36
C VAL H 271 -7.71 31.49 2.83
N GLY H 272 -8.59 32.46 2.94
CA GLY H 272 -8.19 33.79 3.39
C GLY H 272 -9.22 34.88 3.11
N LEU H 273 -8.94 36.08 3.62
CA LEU H 273 -9.85 37.20 3.45
C LEU H 273 -9.29 38.21 2.46
N GLY H 274 -10.17 38.85 1.71
CA GLY H 274 -9.79 39.84 0.73
C GLY H 274 -10.96 40.76 0.45
N ARG H 275 -10.89 41.52 -0.63
CA ARG H 275 -12.00 42.41 -0.96
C ARG H 275 -12.44 42.25 -2.39
N LEU H 276 -13.75 42.23 -2.58
CA LEU H 276 -14.32 42.04 -3.90
C LEU H 276 -15.18 43.25 -4.21
N SER H 277 -14.65 44.11 -5.06
CA SER H 277 -15.24 45.42 -5.35
C SER H 277 -15.45 46.21 -4.05
N GLY H 278 -14.51 46.05 -3.12
CA GLY H 278 -14.53 46.79 -1.87
C GLY H 278 -15.11 46.00 -0.69
N ARG H 279 -15.86 44.95 -0.99
CA ARG H 279 -16.56 44.19 0.03
C ARG H 279 -15.69 43.07 0.60
N THR H 280 -15.59 42.96 1.92
CA THR H 280 -14.85 41.86 2.54
C THR H 280 -15.45 40.50 2.14
N VAL H 281 -14.63 39.62 1.58
CA VAL H 281 -15.08 38.29 1.24
C VAL H 281 -14.05 37.26 1.69
N GLY H 282 -14.50 36.03 1.90
CA GLY H 282 -13.61 34.92 2.19
C GLY H 282 -13.50 34.08 0.95
N VAL H 283 -12.30 33.54 0.71
CA VAL H 283 -12.09 32.68 -0.43
C VAL H 283 -11.59 31.32 0.03
N LEU H 284 -12.12 30.25 -0.57
CA LEU H 284 -11.57 28.92 -0.41
C LEU H 284 -11.28 28.35 -1.78
N ALA H 285 -10.09 27.79 -1.95
CA ALA H 285 -9.69 27.29 -3.27
C ALA H 285 -8.78 26.09 -3.13
N ASN H 286 -9.18 24.98 -3.76
CA ASN H 286 -8.28 23.83 -3.91
C ASN H 286 -7.02 24.31 -4.61
N ASN H 287 -5.87 23.90 -4.11
CA ASN H 287 -4.61 24.21 -4.78
C ASN H 287 -4.01 22.98 -5.47
N PRO H 288 -4.19 22.88 -6.79
CA PRO H 288 -3.72 21.71 -7.58
C PRO H 288 -2.19 21.54 -7.52
N LEU H 289 -1.49 22.59 -7.11
CA LEU H 289 -0.06 22.55 -6.92
C LEU H 289 0.39 21.57 -5.82
N ARG H 290 -0.48 21.32 -4.85
CA ARG H 290 -0.14 20.44 -3.73
C ARG H 290 -1.14 19.27 -3.62
N LEU H 291 -0.61 18.07 -3.43
CA LEU H 291 -1.43 16.85 -3.38
C LEU H 291 -2.49 16.77 -4.48
N GLY H 292 -2.15 17.25 -5.67
CA GLY H 292 -3.08 17.24 -6.79
C GLY H 292 -4.31 18.11 -6.57
N GLY H 293 -4.29 18.91 -5.52
CA GLY H 293 -5.46 19.71 -5.16
C GLY H 293 -6.51 18.90 -4.43
N CYS H 294 -6.14 17.72 -3.95
CA CYS H 294 -7.10 16.83 -3.32
C CYS H 294 -7.52 17.29 -1.93
N LEU H 295 -8.75 16.97 -1.56
CA LEU H 295 -9.14 17.07 -0.16
C LEU H 295 -8.46 15.98 0.65
N ASN H 296 -8.18 16.27 1.90
CA ASN H 296 -7.74 15.26 2.83
C ASN H 296 -8.15 15.71 4.22
N SER H 297 -7.64 15.04 5.23
CA SER H 297 -8.01 15.31 6.62
C SER H 297 -7.74 16.77 7.05
N GLU H 298 -6.55 17.28 6.73
CA GLU H 298 -6.16 18.61 7.20
C GLU H 298 -6.80 19.73 6.38
N SER H 299 -6.95 19.49 5.07
CA SER H 299 -7.54 20.51 4.22
C SER H 299 -9.04 20.62 4.49
N ALA H 300 -9.71 19.49 4.75
CA ALA H 300 -11.12 19.51 5.13
C ALA H 300 -11.31 20.34 6.39
N GLU H 301 -10.47 20.11 7.38
CA GLU H 301 -10.57 20.84 8.64
C GLU H 301 -10.28 22.33 8.45
N LYS H 302 -9.19 22.62 7.76
CA LYS H 302 -8.81 24.00 7.44
C LYS H 302 -9.97 24.76 6.77
N ALA H 303 -10.64 24.11 5.83
CA ALA H 303 -11.80 24.73 5.18
C ALA H 303 -13.02 24.86 6.10
N ALA H 304 -13.29 23.84 6.91
CA ALA H 304 -14.46 23.86 7.80
C ALA H 304 -14.39 24.99 8.83
N ARG H 305 -13.22 25.19 9.43
CA ARG H 305 -13.04 26.24 10.41
C ARG H 305 -13.19 27.61 9.77
N PHE H 306 -12.67 27.76 8.55
CA PHE H 306 -12.79 29.03 7.84
C PHE H 306 -14.25 29.35 7.49
N VAL H 307 -14.95 28.37 6.93
CA VAL H 307 -16.38 28.55 6.65
C VAL H 307 -17.14 29.02 7.88
N ARG H 308 -16.87 28.41 9.03
CA ARG H 308 -17.56 28.76 10.29
C ARG H 308 -17.22 30.19 10.74
N LEU H 309 -15.96 30.57 10.54
CA LEU H 309 -15.55 31.93 10.87
C LEU H 309 -16.31 32.93 10.01
N CYS H 310 -16.38 32.72 8.70
CA CYS H 310 -17.05 33.70 7.83
C CYS H 310 -18.56 33.75 8.06
N ASP H 311 -19.16 32.59 8.26
CA ASP H 311 -20.59 32.52 8.56
C ASP H 311 -20.93 33.34 9.80
N ALA H 312 -20.12 33.21 10.84
CA ALA H 312 -20.35 33.91 12.10
C ALA H 312 -20.39 35.43 11.91
N PHE H 313 -19.48 35.97 11.11
CA PHE H 313 -19.38 37.41 11.00
C PHE H 313 -19.99 38.02 9.73
N GLY H 314 -20.77 37.25 9.00
CA GLY H 314 -21.54 37.81 7.89
C GLY H 314 -20.70 38.05 6.63
N ILE H 315 -19.67 37.23 6.45
CA ILE H 315 -18.70 37.41 5.37
C ILE H 315 -18.97 36.39 4.27
N PRO H 316 -19.33 36.88 3.07
CA PRO H 316 -19.67 36.00 1.93
C PRO H 316 -18.47 35.17 1.46
N LEU H 317 -18.75 34.04 0.83
CA LEU H 317 -17.71 33.09 0.43
C LEU H 317 -17.61 32.93 -1.06
N VAL H 318 -16.38 32.96 -1.56
CA VAL H 318 -16.11 32.56 -2.94
C VAL H 318 -15.39 31.23 -2.88
N VAL H 319 -15.96 30.21 -3.52
CA VAL H 319 -15.37 28.88 -3.48
C VAL H 319 -14.85 28.47 -4.87
N VAL H 320 -13.53 28.38 -5.02
CA VAL H 320 -12.93 28.11 -6.32
C VAL H 320 -12.52 26.64 -6.41
N VAL H 321 -13.30 25.86 -7.14
CA VAL H 321 -13.17 24.40 -7.11
C VAL H 321 -12.35 23.83 -8.29
N ASP H 322 -11.33 23.05 -7.95
CA ASP H 322 -10.59 22.24 -8.91
C ASP H 322 -10.08 21.02 -8.14
N VAL H 323 -10.98 20.08 -7.84
CA VAL H 323 -10.64 19.00 -6.92
C VAL H 323 -10.95 17.62 -7.52
N PRO H 324 -9.91 16.79 -7.67
CA PRO H 324 -9.98 15.50 -8.38
C PRO H 324 -10.35 14.33 -7.47
N GLY H 325 -10.30 14.53 -6.16
CA GLY H 325 -10.68 13.47 -5.22
C GLY H 325 -10.20 13.75 -3.81
N TYR H 326 -10.13 12.71 -2.99
CA TYR H 326 -9.68 12.89 -1.61
C TYR H 326 -8.81 11.73 -1.16
N LEU H 327 -8.00 11.97 -0.17
CA LEU H 327 -7.03 11.02 0.28
C LEU H 327 -6.96 10.70 1.74
N PRO H 328 -6.62 9.46 2.06
CA PRO H 328 -6.45 9.07 3.46
C PRO H 328 -5.09 9.61 3.97
N GLY H 329 -4.70 9.34 5.20
CA GLY H 329 -3.41 9.90 5.57
C GLY H 329 -2.29 8.89 5.52
N VAL H 330 -1.99 8.39 6.71
CA VAL H 330 -0.87 7.47 6.91
C VAL H 330 -0.88 6.15 6.13
N ASP H 331 -1.21 5.09 6.86
CA ASP H 331 -1.18 3.71 6.38
C ASP H 331 -2.63 3.44 6.08
N GLN H 332 -3.16 4.26 5.18
CA GLN H 332 -4.56 4.22 4.84
C GLN H 332 -5.43 4.67 6.00
N GLU H 333 -5.05 5.60 6.82
CA GLU H 333 -6.01 5.96 7.81
C GLU H 333 -7.16 6.75 7.20
N TRP H 334 -8.34 6.20 6.94
CA TRP H 334 -9.41 7.06 6.42
C TRP H 334 -10.18 7.84 7.50
N GLY H 335 -10.01 7.43 8.76
CA GLY H 335 -10.77 8.03 9.85
C GLY H 335 -10.75 9.54 9.89
N GLY H 336 -9.60 10.12 9.56
CA GLY H 336 -9.45 11.57 9.63
C GLY H 336 -10.24 12.30 8.56
N VAL H 337 -10.11 11.85 7.32
CA VAL H 337 -10.79 12.53 6.23
C VAL H 337 -12.30 12.30 6.32
N VAL H 338 -12.69 11.18 6.91
CA VAL H 338 -14.10 10.91 7.14
C VAL H 338 -14.66 11.86 8.19
N ARG H 339 -14.05 11.85 9.37
CA ARG H 339 -14.49 12.70 10.46
C ARG H 339 -14.37 14.20 10.12
N ARG H 340 -13.24 14.60 9.55
CA ARG H 340 -13.03 16.00 9.20
C ARG H 340 -13.86 16.38 7.99
N GLY H 341 -13.96 15.45 7.02
CA GLY H 341 -14.80 15.65 5.86
C GLY H 341 -16.26 15.86 6.23
N ALA H 342 -16.73 15.11 7.23
CA ALA H 342 -18.10 15.28 7.72
C ALA H 342 -18.32 16.69 8.29
N LYS H 343 -17.33 17.17 9.04
CA LYS H 343 -17.38 18.52 9.59
C LYS H 343 -17.46 19.58 8.47
N LEU H 344 -16.74 19.36 7.38
CA LEU H 344 -16.82 20.27 6.23
C LEU H 344 -18.21 20.27 5.60
N LEU H 345 -18.83 19.10 5.51
CA LEU H 345 -20.20 18.99 5.00
C LEU H 345 -21.09 19.84 5.89
N HIS H 346 -20.87 19.68 7.18
CA HIS H 346 -21.68 20.31 8.19
C HIS H 346 -21.53 21.82 8.14
N ALA H 347 -20.31 22.29 7.93
CA ALA H 347 -20.03 23.72 7.90
C ALA H 347 -20.73 24.39 6.71
N PHE H 348 -20.60 23.81 5.52
CA PHE H 348 -21.36 24.33 4.36
C PHE H 348 -22.87 24.13 4.48
N GLY H 349 -23.29 22.96 4.94
CA GLY H 349 -24.72 22.67 5.09
C GLY H 349 -25.44 23.74 5.91
N GLU H 350 -24.86 24.11 7.04
CA GLU H 350 -25.46 25.05 8.00
C GLU H 350 -25.19 26.51 7.67
N CYS H 351 -24.28 26.75 6.73
CA CYS H 351 -23.86 28.10 6.40
C CYS H 351 -25.05 28.90 5.86
N THR H 352 -25.17 30.16 6.29
CA THR H 352 -26.29 31.01 5.88
C THR H 352 -25.87 32.28 5.13
N VAL H 353 -24.55 32.54 5.08
CA VAL H 353 -24.03 33.69 4.33
C VAL H 353 -23.96 33.28 2.86
N PRO H 354 -23.96 34.27 1.95
CA PRO H 354 -23.87 33.90 0.53
C PRO H 354 -22.57 33.13 0.26
N ARG H 355 -22.65 32.16 -0.64
CA ARG H 355 -21.49 31.35 -0.93
C ARG H 355 -21.62 30.82 -2.36
N VAL H 356 -20.73 31.31 -3.22
CA VAL H 356 -20.79 31.02 -4.65
C VAL H 356 -19.63 30.12 -5.02
N THR H 357 -19.93 29.10 -5.80
CA THR H 357 -18.94 28.12 -6.23
C THR H 357 -18.56 28.41 -7.68
N LEU H 358 -17.26 28.37 -7.99
CA LEU H 358 -16.80 28.45 -9.37
C LEU H 358 -15.97 27.22 -9.66
N VAL H 359 -16.47 26.39 -10.58
CA VAL H 359 -15.71 25.24 -11.04
C VAL H 359 -14.85 25.67 -12.22
N THR H 360 -13.53 25.56 -12.07
CA THR H 360 -12.60 25.97 -13.11
C THR H 360 -12.23 24.84 -14.08
N ARG H 361 -11.57 23.80 -13.57
CA ARG H 361 -11.24 22.65 -14.42
C ARG H 361 -12.06 21.40 -14.11
N LYS H 362 -11.86 20.81 -12.93
CA LYS H 362 -12.53 19.57 -12.60
C LYS H 362 -13.08 19.53 -11.18
N THR H 363 -14.14 18.76 -10.99
CA THR H 363 -14.66 18.47 -9.67
C THR H 363 -15.31 17.09 -9.71
N TYR H 364 -14.76 16.17 -8.92
CA TYR H 364 -15.08 14.75 -9.01
C TYR H 364 -15.59 14.15 -7.70
N GLY H 365 -16.61 13.30 -7.81
CA GLY H 365 -16.95 12.39 -6.75
C GLY H 365 -17.42 13.02 -5.46
N GLY H 366 -17.06 12.40 -4.34
CA GLY H 366 -17.41 12.89 -3.02
C GLY H 366 -16.90 14.29 -2.77
N ALA H 367 -15.70 14.58 -3.27
CA ALA H 367 -15.10 15.89 -3.05
C ALA H 367 -15.94 16.97 -3.73
N TYR H 368 -16.50 16.65 -4.90
CA TYR H 368 -17.45 17.55 -5.55
C TYR H 368 -18.60 17.97 -4.62
N ILE H 369 -19.18 17.00 -3.91
CA ILE H 369 -20.30 17.27 -3.01
C ILE H 369 -19.93 18.24 -1.88
N ALA H 370 -18.74 18.01 -1.33
CA ALA H 370 -18.25 18.75 -0.18
C ALA H 370 -17.86 20.18 -0.54
N MET H 371 -17.32 20.38 -1.74
CA MET H 371 -16.87 21.71 -2.13
C MET H 371 -18.05 22.59 -2.52
N ASN H 372 -18.91 22.86 -1.54
CA ASN H 372 -20.05 23.79 -1.70
C ASN H 372 -20.93 23.49 -2.92
N SER H 373 -21.34 22.23 -3.05
CA SER H 373 -22.20 21.84 -4.15
C SER H 373 -23.62 22.37 -3.93
N ARG H 374 -24.44 22.27 -4.98
CA ARG H 374 -25.83 22.67 -4.92
C ARG H 374 -26.61 21.82 -3.90
N SER H 375 -26.18 20.57 -3.70
CA SER H 375 -26.85 19.73 -2.70
C SER H 375 -26.65 20.27 -1.28
N LEU H 376 -25.61 21.06 -1.07
CA LEU H 376 -25.41 21.67 0.24
C LEU H 376 -25.98 23.09 0.29
N ASN H 377 -26.81 23.44 -0.70
CA ASN H 377 -27.47 24.73 -0.76
C ASN H 377 -26.54 25.89 -1.12
N ALA H 378 -25.53 25.62 -1.95
CA ALA H 378 -24.73 26.70 -2.55
C ALA H 378 -25.62 27.82 -3.10
N THR H 379 -25.21 29.07 -2.91
CA THR H 379 -25.99 30.20 -3.39
C THR H 379 -26.14 30.13 -4.92
N LYS H 380 -25.02 29.97 -5.60
CA LYS H 380 -24.98 29.80 -7.05
C LYS H 380 -23.81 28.89 -7.31
N VAL H 381 -23.89 28.13 -8.42
CA VAL H 381 -22.77 27.32 -8.89
C VAL H 381 -22.45 27.72 -10.34
N PHE H 382 -21.22 28.20 -10.56
CA PHE H 382 -20.77 28.65 -11.88
C PHE H 382 -19.71 27.69 -12.40
N ALA H 383 -19.63 27.57 -13.71
CA ALA H 383 -18.58 26.76 -14.33
C ALA H 383 -18.01 27.43 -15.57
N TRP H 384 -16.70 27.28 -15.77
CA TRP H 384 -16.04 27.66 -17.02
C TRP H 384 -16.36 26.60 -18.08
N PRO H 385 -16.39 27.01 -19.37
CA PRO H 385 -16.79 26.16 -20.50
C PRO H 385 -16.19 24.74 -20.55
N ASP H 386 -14.90 24.61 -20.27
CA ASP H 386 -14.27 23.30 -20.38
C ASP H 386 -14.20 22.58 -19.03
N ALA H 387 -15.00 23.04 -18.07
CA ALA H 387 -15.01 22.43 -16.75
C ALA H 387 -15.64 21.04 -16.78
N GLU H 388 -15.07 20.13 -15.99
CA GLU H 388 -15.60 18.79 -15.88
C GLU H 388 -16.25 18.55 -14.51
N VAL H 389 -17.51 18.13 -14.53
CA VAL H 389 -18.23 17.73 -13.33
C VAL H 389 -18.66 16.28 -13.45
N ALA H 390 -17.98 15.38 -12.75
CA ALA H 390 -18.17 13.94 -12.95
C ALA H 390 -17.95 13.09 -11.68
N VAL H 391 -18.34 11.82 -11.76
CA VAL H 391 -18.06 10.87 -10.69
C VAL H 391 -16.56 10.56 -10.61
N MET H 392 -15.88 10.67 -11.75
CA MET H 392 -14.42 10.50 -11.85
C MET H 392 -14.01 10.77 -13.29
N GLY H 393 -12.71 10.75 -13.56
CA GLY H 393 -12.21 10.92 -14.92
C GLY H 393 -12.54 9.73 -15.80
N ALA H 394 -12.86 9.99 -17.07
CA ALA H 394 -13.44 9.00 -17.99
C ALA H 394 -12.75 7.63 -18.05
N LYS H 395 -11.43 7.62 -18.17
CA LYS H 395 -10.66 6.38 -18.21
C LYS H 395 -10.99 5.54 -16.97
N ALA H 396 -10.89 6.17 -15.81
CA ALA H 396 -11.16 5.48 -14.55
C ALA H 396 -12.59 4.97 -14.51
N ALA H 397 -13.54 5.74 -15.06
CA ALA H 397 -14.95 5.36 -15.02
C ALA H 397 -15.26 4.16 -15.92
N VAL H 398 -14.59 4.13 -17.06
CA VAL H 398 -14.77 3.04 -18.02
C VAL H 398 -14.21 1.73 -17.48
N GLY H 399 -12.99 1.79 -16.94
CA GLY H 399 -12.34 0.63 -16.38
C GLY H 399 -13.10 -0.03 -15.24
N ILE H 400 -14.11 0.66 -14.72
CA ILE H 400 -14.95 0.11 -13.66
C ILE H 400 -16.28 -0.40 -14.22
N LEU H 401 -16.96 0.45 -14.97
CA LEU H 401 -18.26 0.11 -15.58
C LEU H 401 -18.12 -0.98 -16.64
N HIS H 402 -16.97 -1.00 -17.31
CA HIS H 402 -16.70 -1.98 -18.35
C HIS H 402 -15.54 -2.90 -17.99
N LYS H 403 -15.43 -3.22 -16.70
CA LYS H 403 -14.43 -4.18 -16.21
C LYS H 403 -14.56 -5.51 -16.96
N LYS H 404 -15.80 -5.93 -17.22
CA LYS H 404 -16.06 -7.16 -17.96
C LYS H 404 -15.69 -7.06 -19.45
N LYS H 405 -16.23 -6.05 -20.15
CA LYS H 405 -15.93 -5.85 -21.58
C LYS H 405 -14.43 -5.64 -21.86
N LEU H 406 -13.75 -4.95 -20.95
CA LEU H 406 -12.32 -4.68 -21.09
C LEU H 406 -11.45 -5.91 -20.85
N ALA H 407 -11.82 -6.71 -19.86
CA ALA H 407 -11.02 -7.87 -19.46
C ALA H 407 -11.22 -9.11 -20.33
N ALA H 408 -12.35 -9.15 -21.06
CA ALA H 408 -12.64 -10.28 -21.94
C ALA H 408 -11.98 -10.11 -23.30
N ALA H 409 -11.52 -8.88 -23.58
CA ALA H 409 -10.84 -8.56 -24.83
C ALA H 409 -9.39 -9.06 -24.82
N PRO H 410 -8.88 -9.43 -26.01
CA PRO H 410 -7.48 -9.84 -26.17
C PRO H 410 -6.51 -8.74 -25.72
N GLU H 411 -5.46 -9.12 -24.99
CA GLU H 411 -4.47 -8.18 -24.45
C GLU H 411 -3.98 -7.14 -25.48
N HIS H 412 -3.91 -7.55 -26.74
CA HIS H 412 -3.50 -6.68 -27.84
C HIS H 412 -4.46 -5.50 -28.03
N GLU H 413 -5.73 -5.72 -27.69
CA GLU H 413 -6.76 -4.68 -27.84
C GLU H 413 -7.45 -4.31 -26.52
N ARG H 414 -6.99 -4.89 -25.40
CA ARG H 414 -7.54 -4.60 -24.08
C ARG H 414 -7.15 -3.19 -23.63
N GLU H 415 -6.16 -2.62 -24.32
CA GLU H 415 -5.72 -1.25 -24.10
C GLU H 415 -6.31 -0.28 -25.13
N ALA H 416 -6.59 -0.79 -26.33
CA ALA H 416 -7.16 0.02 -27.40
C ALA H 416 -8.66 0.22 -27.21
N LEU H 417 -9.31 -0.78 -26.61
CA LEU H 417 -10.75 -0.74 -26.35
C LEU H 417 -11.13 0.31 -25.29
N HIS H 418 -10.20 0.56 -24.36
CA HIS H 418 -10.45 1.53 -23.29
C HIS H 418 -10.47 2.97 -23.80
N ASP H 419 -9.47 3.35 -24.59
CA ASP H 419 -9.37 4.71 -25.13
C ASP H 419 -10.58 5.07 -26.01
N GLN H 420 -11.27 4.05 -26.51
CA GLN H 420 -12.46 4.23 -27.34
C GLN H 420 -13.71 4.31 -26.46
N LEU H 421 -13.74 3.44 -25.44
CA LEU H 421 -14.82 3.43 -24.46
C LEU H 421 -14.77 4.72 -23.63
N ALA H 422 -13.56 5.23 -23.43
CA ALA H 422 -13.33 6.46 -22.66
C ALA H 422 -13.76 7.70 -23.43
N ALA H 423 -13.24 7.84 -24.65
CA ALA H 423 -13.59 8.97 -25.52
C ALA H 423 -15.10 9.04 -25.76
N GLU H 424 -15.76 7.87 -25.72
CA GLU H 424 -17.21 7.79 -25.87
C GLU H 424 -17.94 8.16 -24.58
N HIS H 425 -17.45 7.64 -23.45
CA HIS H 425 -18.01 7.95 -22.14
C HIS H 425 -17.92 9.45 -21.85
N GLU H 426 -16.88 10.09 -22.39
CA GLU H 426 -16.68 11.52 -22.22
C GLU H 426 -17.71 12.34 -22.99
N ARG H 427 -18.05 11.87 -24.19
CA ARG H 427 -19.03 12.57 -25.03
C ARG H 427 -20.44 12.48 -24.44
N ILE H 428 -20.73 11.35 -23.80
CA ILE H 428 -22.04 11.12 -23.17
C ILE H 428 -22.25 12.05 -21.98
N ALA H 429 -21.49 11.81 -20.91
CA ALA H 429 -21.63 12.59 -19.67
C ALA H 429 -20.27 13.06 -19.14
N GLY H 430 -20.25 14.28 -18.60
CA GLY H 430 -19.06 14.81 -17.96
C GLY H 430 -18.91 16.32 -18.11
N GLY H 431 -19.45 16.86 -19.19
CA GLY H 431 -19.33 18.29 -19.47
C GLY H 431 -20.24 19.15 -18.63
N VAL H 432 -20.15 20.46 -18.84
CA VAL H 432 -20.98 21.41 -18.11
C VAL H 432 -22.41 21.34 -18.63
N ASP H 433 -22.54 20.97 -19.90
CA ASP H 433 -23.86 20.85 -20.53
C ASP H 433 -24.77 19.85 -19.81
N SER H 434 -24.29 18.64 -19.54
CA SER H 434 -25.11 17.70 -18.77
C SER H 434 -25.33 18.19 -17.34
N ALA H 435 -24.32 18.85 -16.78
CA ALA H 435 -24.41 19.41 -15.43
C ALA H 435 -25.53 20.45 -15.34
N LEU H 436 -25.64 21.28 -16.37
CA LEU H 436 -26.73 22.26 -16.44
C LEU H 436 -28.08 21.57 -16.56
N ASP H 437 -28.14 20.49 -17.33
CA ASP H 437 -29.38 19.74 -17.49
C ASP H 437 -29.83 19.13 -16.16
N ILE H 438 -28.90 18.46 -15.49
CA ILE H 438 -29.16 17.86 -14.19
C ILE H 438 -29.59 18.94 -13.23
N GLY H 439 -28.93 20.10 -13.33
CA GLY H 439 -29.27 21.24 -12.50
C GLY H 439 -28.26 21.50 -11.38
N VAL H 440 -27.10 20.84 -11.41
CA VAL H 440 -26.12 21.04 -10.34
C VAL H 440 -25.16 22.20 -10.64
N VAL H 441 -25.26 22.74 -11.85
CA VAL H 441 -24.59 23.98 -12.20
C VAL H 441 -25.65 24.95 -12.68
N ASP H 442 -25.61 26.18 -12.19
CA ASP H 442 -26.68 27.12 -12.50
C ASP H 442 -26.38 27.85 -13.80
N GLU H 443 -25.10 28.00 -14.10
CA GLU H 443 -24.70 28.75 -15.28
C GLU H 443 -23.25 28.52 -15.68
N LYS H 444 -23.03 28.36 -16.98
CA LYS H 444 -21.67 28.31 -17.54
C LYS H 444 -21.29 29.74 -17.92
N ILE H 445 -20.10 30.19 -17.54
CA ILE H 445 -19.76 31.60 -17.75
C ILE H 445 -18.51 31.83 -18.58
N ASP H 446 -18.52 32.94 -19.30
CA ASP H 446 -17.33 33.46 -19.93
C ASP H 446 -16.31 33.80 -18.83
N PRO H 447 -15.15 33.13 -18.85
CA PRO H 447 -14.15 33.34 -17.79
C PRO H 447 -13.67 34.80 -17.71
N ALA H 448 -13.92 35.57 -18.77
CA ALA H 448 -13.57 36.99 -18.78
C ALA H 448 -14.46 37.81 -17.85
N HIS H 449 -15.58 37.22 -17.42
CA HIS H 449 -16.48 37.92 -16.50
C HIS H 449 -16.59 37.19 -15.17
N THR H 450 -15.58 36.37 -14.84
CA THR H 450 -15.55 35.61 -13.59
C THR H 450 -15.76 36.52 -12.39
N ARG H 451 -14.99 37.60 -12.33
CA ARG H 451 -15.03 38.51 -11.19
C ARG H 451 -16.38 39.22 -11.03
N SER H 452 -16.95 39.72 -12.12
CA SER H 452 -18.18 40.48 -12.00
C SER H 452 -19.40 39.56 -11.80
N LYS H 453 -19.30 38.32 -12.31
CA LYS H 453 -20.34 37.30 -12.09
C LYS H 453 -20.44 36.86 -10.63
N LEU H 454 -19.29 36.46 -10.06
CA LEU H 454 -19.21 36.11 -8.65
C LEU H 454 -19.76 37.23 -7.79
N THR H 455 -19.34 38.46 -8.07
CA THR H 455 -19.79 39.63 -7.33
C THR H 455 -21.30 39.79 -7.32
N GLU H 456 -21.89 39.67 -8.51
CA GLU H 456 -23.34 39.76 -8.67
C GLU H 456 -24.08 38.65 -7.92
N ALA H 457 -23.60 37.42 -8.01
CA ALA H 457 -24.24 36.32 -7.28
C ALA H 457 -24.20 36.54 -5.75
N LEU H 458 -23.10 37.09 -5.25
CA LEU H 458 -22.99 37.34 -3.83
C LEU H 458 -23.82 38.54 -3.42
N ALA H 459 -23.81 39.58 -4.26
CA ALA H 459 -24.50 40.83 -3.91
C ALA H 459 -26.00 40.61 -3.86
N GLN H 460 -26.50 39.70 -4.68
CA GLN H 460 -27.95 39.58 -4.87
C GLN H 460 -28.58 38.49 -3.99
N ALA H 461 -27.72 37.73 -3.34
CA ALA H 461 -28.15 36.74 -2.35
C ALA H 461 -28.76 37.40 -1.11
N PRO H 462 -29.64 36.67 -0.42
CA PRO H 462 -30.08 37.14 0.90
C PRO H 462 -28.87 37.13 1.82
N ALA H 463 -28.74 38.09 2.73
CA ALA H 463 -27.58 38.09 3.63
C ALA H 463 -27.61 36.86 4.54
N ARG H 464 -28.82 36.42 4.91
CA ARG H 464 -28.98 35.17 5.64
C ARG H 464 -30.07 34.28 5.04
N ARG H 465 -29.66 33.14 4.48
CA ARG H 465 -30.49 31.93 4.27
C ARG H 465 -29.66 30.94 3.44
N GLY H 466 -30.30 29.96 2.81
CA GLY H 466 -29.57 28.93 2.06
C GLY H 466 -28.60 28.11 2.90
N12 ORJ I . -19.07 -47.09 -38.90
C13 ORJ I . -19.24 -45.75 -38.33
C15 ORJ I . -18.37 -43.59 -37.64
C21 ORJ I . -18.07 -49.67 -39.65
C22 ORJ I . -17.09 -50.29 -40.38
C01 ORJ I . -14.35 -54.89 -41.49
N02 ORJ I . -14.68 -53.58 -41.93
C03 ORJ I . -16.03 -53.09 -41.89
O04 ORJ I . -16.91 -53.79 -41.47
C05 ORJ I . -16.33 -51.69 -42.37
C06 ORJ I . -17.41 -51.00 -41.57
C07 ORJ I . -18.72 -51.06 -41.98
C08 ORJ I . -19.72 -50.41 -41.23
C09 ORJ I . -19.42 -49.71 -40.08
O10 ORJ I . -20.51 -49.09 -39.39
C11 ORJ I . -20.29 -47.77 -38.92
C14 ORJ I . -18.14 -44.82 -38.19
C16 ORJ I . -19.67 -43.24 -37.24
F17 ORJ I . -19.89 -42.00 -36.69
C18 ORJ I . -20.74 -44.17 -37.39
C19 ORJ I . -20.50 -45.43 -37.95
S20 ORJ I . -21.47 -46.77 -38.28
O23 ORJ I . -15.73 -50.22 -39.94
N12 ORJ J . -28.54 -29.91 -11.79
C13 ORJ J . -28.28 -31.24 -12.33
C15 ORJ J . -27.07 -33.37 -12.38
C21 ORJ J . -28.42 -27.18 -10.65
C22 ORJ J . -28.15 -26.47 -9.50
C01 ORJ J . -26.54 -22.12 -7.11
N02 ORJ J . -27.18 -23.38 -6.90
C03 ORJ J . -28.26 -23.75 -7.78
O04 ORJ J . -28.62 -23.04 -8.67
C05 ORJ J . -28.93 -25.08 -7.52
C06 ORJ J . -29.21 -25.84 -8.78
C07 ORJ J . -30.49 -25.94 -9.23
C08 ORJ J . -30.76 -26.66 -10.41
C09 ORJ J . -29.76 -27.30 -11.10
O10 ORJ J . -30.11 -28.01 -12.28
C11 ORJ J . -29.57 -29.30 -12.49
C14 ORJ J . -27.26 -32.12 -11.82
C16 ORJ J . -27.85 -33.77 -13.44
F17 ORJ J . -27.63 -35.03 -13.99
C18 ORJ J . -28.86 -32.91 -13.95
C19 ORJ J . -29.06 -31.65 -13.38
S20 ORJ J . -30.10 -30.35 -13.70
O23 ORJ J . -26.79 -26.37 -9.05
N12 ORJ K . 16.60 -12.81 0.54
C13 ORJ K . 15.70 -13.95 0.38
C15 ORJ K . 13.73 -15.09 -0.52
C21 ORJ K . 17.80 -10.14 1.03
C22 ORJ K . 18.01 -8.93 0.42
C01 ORJ K . 18.63 -3.80 0.72
N02 ORJ K . 18.68 -4.93 -0.15
C03 ORJ K . 19.49 -6.08 0.18
O04 ORJ K . 20.13 -6.09 1.20
C05 ORJ K . 19.51 -7.25 -0.78
C06 ORJ K . 19.29 -8.58 -0.08
C07 ORJ K . 20.33 -9.47 0.05
C08 ORJ K . 20.13 -10.71 0.69
C09 ORJ K . 18.87 -11.05 1.17
O10 ORJ K . 18.72 -12.30 1.81
C11 ORJ K . 17.65 -13.13 1.39
C14 ORJ K . 14.51 -13.96 -0.45
C16 ORJ K . 14.09 -16.23 0.19
F17 ORJ K . 13.31 -17.38 0.12
C18 ORJ K . 15.24 -16.22 1.00
C19 ORJ K . 16.04 -15.08 1.08
S20 ORJ K . 17.47 -14.71 1.91
O23 ORJ K . 16.91 -8.01 0.29
N12 ORJ L . -3.77 -34.22 16.39
C13 ORJ L . -2.93 -33.04 16.52
C15 ORJ L . -2.61 -30.69 17.07
C21 ORJ L . -5.90 -36.13 15.80
C22 ORJ L . -7.15 -36.54 16.21
C01 ORJ L . -11.68 -39.04 15.07
N02 ORJ L . -10.92 -38.52 16.17
C03 ORJ L . -9.50 -38.74 16.19
O04 ORJ L . -8.98 -39.34 15.30
C05 ORJ L . -8.69 -38.21 17.34
C06 ORJ L . -7.32 -37.76 16.90
C07 ORJ L . -6.23 -38.55 17.16
C08 ORJ L . -4.95 -38.13 16.74
C09 ORJ L . -4.77 -36.94 16.08
O10 ORJ L . -3.45 -36.61 15.68
C11 ORJ L . -3.00 -35.30 15.95
C14 ORJ L . -3.45 -31.76 16.96
C16 ORJ L . -1.27 -30.82 16.76
F17 ORJ L . -0.45 -29.71 16.88
C18 ORJ L . -0.75 -32.08 16.32
C19 ORJ L . -1.60 -33.18 16.21
S20 ORJ L . -1.40 -34.81 15.74
O23 ORJ L . -8.29 -35.70 15.93
N12 ORJ M . 27.36 57.40 -6.89
C13 ORJ M . 27.43 55.95 -6.91
C15 ORJ M . 26.57 53.76 -7.52
C21 ORJ M . 26.55 60.20 -6.76
C22 ORJ M . 25.88 61.14 -7.50
C01 ORJ M . 23.98 65.53 -6.79
N02 ORJ M . 25.14 64.79 -7.14
C03 ORJ M . 24.94 64.10 -8.37
O04 ORJ M . 23.90 64.25 -8.92
C05 ORJ M . 25.98 63.25 -9.01
C06 ORJ M . 26.61 62.18 -8.16
C07 ORJ M . 27.98 62.20 -8.07
C08 ORJ M . 28.65 61.24 -7.32
C09 ORJ M . 27.97 60.24 -6.68
O10 ORJ M . 28.74 59.29 -5.94
C11 ORJ M . 28.46 57.93 -6.19
C14 ORJ M . 26.43 55.11 -7.55
C16 ORJ M . 27.67 53.18 -6.88
F17 ORJ M . 27.81 51.80 -6.85
C18 ORJ M . 28.65 54.00 -6.26
C19 ORJ M . 28.50 55.40 -6.28
S20 ORJ M . 29.44 56.67 -5.68
O23 ORJ M . 24.46 61.06 -7.57
N12 ORJ N . 28.47 29.82 11.93
C13 ORJ N . 28.31 31.27 11.98
C15 ORJ N . 27.02 33.27 12.44
C21 ORJ N . 28.20 26.87 11.75
C22 ORJ N . 27.66 25.78 12.41
C01 ORJ N . 26.77 21.48 11.24
N02 ORJ N . 27.80 22.26 11.83
C03 ORJ N . 27.22 22.82 13.01
O04 ORJ N . 26.08 22.56 13.24
C05 ORJ N . 28.01 23.71 13.90
C06 ORJ N . 28.51 24.91 13.15
C07 ORJ N . 29.85 25.14 13.22
C08 ORJ N . 30.39 26.25 12.55
C09 ORJ N . 29.59 27.12 11.86
O10 ORJ N . 30.25 28.21 11.23
C11 ORJ N . 29.72 29.50 11.45
C14 ORJ N . 27.10 31.90 12.43
C16 ORJ N . 28.10 34.05 12.02
F17 ORJ N . 27.98 35.43 12.04
C18 ORJ N . 29.29 33.43 11.58
C19 ORJ N . 29.37 32.02 11.57
S20 ORJ N . 30.57 30.93 11.11
O23 ORJ N . 26.25 25.55 12.32
N12 ORJ O . -4.58 23.90 29.41
C13 ORJ O . -5.30 22.82 28.74
C15 ORJ O . -5.60 20.48 28.13
C21 ORJ O . -2.54 25.75 30.38
C22 ORJ O . -1.53 25.86 31.30
C01 ORJ O . 2.94 28.13 32.76
N02 ORJ O . 1.91 27.28 33.24
C03 ORJ O . 0.54 27.64 32.98
O04 ORJ O . 0.30 28.64 32.37
C05 ORJ O . -0.56 26.74 33.47
C06 ORJ O . -1.68 26.64 32.47
C07 ORJ O . -2.86 27.32 32.69
C08 ORJ O . -3.90 27.21 31.73
C09 ORJ O . -3.77 26.43 30.60
O10 ORJ O . -4.85 26.39 29.68
C11 ORJ O . -5.25 25.11 29.22
C14 ORJ O . -4.85 21.44 28.76
C16 ORJ O . -6.76 20.83 27.46
F17 ORJ O . -7.49 19.86 26.81
C18 ORJ O . -7.19 22.19 27.43
C19 ORJ O . -6.45 23.16 28.09
S20 ORJ O . -6.62 24.84 28.30
O23 ORJ O . -0.30 25.15 31.06
N12 ORJ P . -16.74 12.60 0.32
C13 ORJ P . -15.95 13.66 0.95
C15 ORJ P . -13.88 14.91 1.29
C21 ORJ P . -17.87 10.07 -0.79
C22 ORJ P . -17.77 9.27 -1.91
C01 ORJ P . -18.32 4.61 -4.14
N02 ORJ P . -18.07 5.97 -4.45
C03 ORJ P . -18.91 6.96 -3.83
O04 ORJ P . -19.76 6.61 -3.07
C05 ORJ P . -18.68 8.43 -4.14
C06 ORJ P . -18.78 9.31 -2.92
C07 ORJ P . -19.85 10.14 -2.77
C08 ORJ P . -19.95 10.96 -1.62
C09 ORJ P . -18.98 10.94 -0.65
O10 ORJ P . -19.13 11.77 0.49
C11 ORJ P . -18.04 12.63 0.82
C14 ORJ P . -14.55 13.89 0.65
C16 ORJ P . -14.53 15.71 2.24
F17 ORJ P . -13.85 16.72 2.87
C18 ORJ P . -15.90 15.45 2.53
C19 ORJ P . -16.58 14.43 1.87
S20 ORJ P . -18.17 13.86 1.95
O23 ORJ P . -16.64 8.40 -2.04
#